data_4B7C
#
_entry.id   4B7C
#
_cell.length_a   170.930
_cell.length_b   177.090
_cell.length_c   181.660
_cell.angle_alpha   90.00
_cell.angle_beta   90.00
_cell.angle_gamma   90.00
#
_symmetry.space_group_name_H-M   'P 21 21 21'
#
loop_
_entity.id
_entity.type
_entity.pdbx_description
1 polymer 'PROBABLE OXIDOREDUCTASE'
2 non-polymer '2-(N-MORPHOLINO)-ETHANESULFONIC ACID'
3 water water
#
_entity_poly.entity_id   1
_entity_poly.type   'polypeptide(L)'
_entity_poly.pdbx_seq_one_letter_code
;GAMTSQINRQYQLAQRPSGLPGRDTFSFVETPLGEPAEGQILVKNEYLSLDPAMRGWMNDARSYIPPVGIGEVMRALGVG
KVLVSKHPGFQAGDYVNGALGVQDYFIGEPKGFYKVDPSRAPLPRYLSALGMTGMTAYFALLDVGQPKNGETVVISGAAG
AVGSVAGQIARLKGCRVVGIAGGAEKCRFLVEELGFDGAIDYKNEDLAAGLKRECPKGIDVFFDNVGGEILDTVLTRIAF
KARIVLCGAISQYNNKEAVRGPANYLSLLVNRARMEGMVVMDYAQRFPEGLKEMATWLAEGKLQSREDIVEGLETFPETL
LKLFSGENFGKLVLKV
;
_entity_poly.pdbx_strand_id   A,B,C,D,E,F,G,H,I,J,K,L
#
loop_
_chem_comp.id
_chem_comp.type
_chem_comp.name
_chem_comp.formula
MES non-polymer '2-(N-MORPHOLINO)-ETHANESULFONIC ACID' 'C6 H13 N O4 S'
#
# COMPACT_ATOMS: atom_id res chain seq x y z
N GLN A 6 -5.35 6.06 -58.11
CA GLN A 6 -5.79 5.80 -56.70
C GLN A 6 -6.82 6.86 -56.30
N ILE A 7 -7.76 6.47 -55.45
CA ILE A 7 -8.87 7.34 -55.05
C ILE A 7 -8.76 7.80 -53.60
N ASN A 8 -8.97 9.09 -53.39
CA ASN A 8 -9.09 9.65 -52.04
C ASN A 8 -10.56 9.96 -51.76
N ARG A 9 -11.17 9.17 -50.88
CA ARG A 9 -12.55 9.44 -50.45
C ARG A 9 -12.54 10.53 -49.39
N GLN A 10 -13.46 11.47 -49.52
CA GLN A 10 -13.54 12.63 -48.63
C GLN A 10 -14.97 12.92 -48.20
N TYR A 11 -15.14 13.30 -46.94
CA TYR A 11 -16.40 13.89 -46.47
C TYR A 11 -16.25 15.40 -46.42
N GLN A 12 -17.06 16.08 -47.21
CA GLN A 12 -17.08 17.53 -47.23
C GLN A 12 -18.27 18.03 -46.43
N LEU A 13 -18.14 19.23 -45.87
CA LEU A 13 -19.27 19.92 -45.27
C LEU A 13 -20.19 20.49 -46.36
N ALA A 14 -21.42 20.00 -46.40
CA ALA A 14 -22.36 20.31 -47.49
C ALA A 14 -23.32 21.43 -47.09
N GLN A 15 -23.81 21.37 -45.86
CA GLN A 15 -24.62 22.45 -45.29
C GLN A 15 -24.47 22.49 -43.77
N ARG A 16 -24.54 23.71 -43.23
CA ARG A 16 -24.42 23.91 -41.79
C ARG A 16 -25.70 23.41 -41.14
N PRO A 17 -25.57 22.49 -40.17
CA PRO A 17 -26.76 21.90 -39.58
C PRO A 17 -27.48 22.83 -38.61
N SER A 18 -28.80 22.71 -38.58
CA SER A 18 -29.63 23.27 -37.53
C SER A 18 -29.83 22.12 -36.51
N GLY A 19 -29.37 22.35 -35.28
CA GLY A 19 -29.30 21.31 -34.27
C GLY A 19 -28.22 20.28 -34.58
N LEU A 20 -28.57 19.01 -34.52
CA LEU A 20 -27.59 17.92 -34.74
C LEU A 20 -27.33 17.72 -36.23
N PRO A 21 -26.14 17.22 -36.57
CA PRO A 21 -25.88 16.89 -37.96
C PRO A 21 -26.70 15.70 -38.45
N GLY A 22 -27.08 15.76 -39.71
CA GLY A 22 -28.04 14.84 -40.30
C GLY A 22 -27.56 14.34 -41.64
N ARG A 23 -28.50 13.91 -42.47
CA ARG A 23 -28.19 13.22 -43.71
C ARG A 23 -27.60 14.04 -44.86
N ASP A 24 -27.97 15.30 -44.86
CA ASP A 24 -27.58 16.21 -45.90
C ASP A 24 -26.43 17.07 -45.44
N THR A 25 -25.96 16.87 -44.20
CA THR A 25 -24.92 17.74 -43.65
C THR A 25 -23.61 17.57 -44.41
N PHE A 26 -23.27 16.32 -44.72
CA PHE A 26 -22.01 16.01 -45.38
C PHE A 26 -22.23 15.42 -46.76
N SER A 27 -21.27 15.68 -47.64
CA SER A 27 -21.20 15.06 -48.97
C SER A 27 -20.00 14.12 -49.08
N PHE A 28 -20.27 12.87 -49.47
CA PHE A 28 -19.23 11.88 -49.65
C PHE A 28 -18.74 11.94 -51.09
N VAL A 29 -17.49 12.38 -51.28
CA VAL A 29 -16.94 12.57 -52.63
C VAL A 29 -15.68 11.74 -52.85
N GLU A 30 -15.51 11.30 -54.10
CA GLU A 30 -14.31 10.58 -54.52
C GLU A 30 -13.44 11.49 -55.37
N THR A 31 -12.20 11.67 -54.96
CA THR A 31 -11.26 12.57 -55.64
C THR A 31 -10.02 11.78 -56.03
N PRO A 32 -9.46 12.04 -57.23
CA PRO A 32 -8.23 11.33 -57.60
C PRO A 32 -7.07 11.74 -56.71
N LEU A 33 -6.30 10.76 -56.24
CA LEU A 33 -5.20 11.04 -55.34
C LEU A 33 -4.04 11.65 -56.13
N GLY A 34 -3.63 12.85 -55.76
CA GLY A 34 -2.52 13.51 -56.42
C GLY A 34 -1.17 13.08 -55.86
N GLU A 35 -0.17 13.91 -56.12
CA GLU A 35 1.10 13.84 -55.43
C GLU A 35 1.38 15.18 -54.76
N PRO A 36 2.17 15.13 -53.69
CA PRO A 36 2.50 16.35 -52.99
C PRO A 36 3.42 17.25 -53.83
N ALA A 37 3.15 18.54 -53.77
CA ALA A 37 4.07 19.52 -54.34
C ALA A 37 5.14 19.85 -53.33
N GLU A 38 6.08 20.67 -53.75
CA GLU A 38 7.12 21.13 -52.87
C GLU A 38 6.57 21.79 -51.59
N GLY A 39 7.20 21.49 -50.45
CA GLY A 39 6.75 21.97 -49.15
C GLY A 39 5.52 21.24 -48.61
N GLN A 40 5.10 20.18 -49.30
CA GLN A 40 3.94 19.40 -48.87
C GLN A 40 4.32 17.95 -48.52
N ILE A 41 3.42 17.29 -47.81
CA ILE A 41 3.53 15.87 -47.54
C ILE A 41 2.27 15.15 -47.96
N LEU A 42 2.43 13.86 -48.22
CA LEU A 42 1.33 12.95 -48.48
C LEU A 42 1.24 11.93 -47.35
N VAL A 43 0.08 11.92 -46.70
CA VAL A 43 -0.14 11.08 -45.50
C VAL A 43 -1.29 10.13 -45.72
N LYS A 44 -1.06 8.86 -45.40
CA LYS A 44 -2.16 7.90 -45.33
C LYS A 44 -2.80 8.03 -43.96
N ASN A 45 -4.04 8.49 -43.93
CA ASN A 45 -4.75 8.66 -42.68
C ASN A 45 -5.13 7.31 -42.09
N GLU A 46 -4.82 7.11 -40.80
CA GLU A 46 -5.07 5.84 -40.13
C GLU A 46 -6.18 5.90 -39.10
N TYR A 47 -6.12 6.93 -38.26
CA TYR A 47 -7.13 7.16 -37.24
C TYR A 47 -7.50 8.61 -37.18
N LEU A 48 -8.80 8.87 -37.03
CA LEU A 48 -9.31 10.22 -36.92
C LEU A 48 -9.97 10.45 -35.58
N SER A 49 -9.81 11.66 -35.06
CA SER A 49 -10.45 12.07 -33.83
C SER A 49 -11.84 12.62 -34.10
N LEU A 50 -12.83 12.00 -33.48
CA LEU A 50 -14.18 12.53 -33.50
C LEU A 50 -14.42 13.25 -32.18
N ASP A 51 -14.67 14.55 -32.25
CA ASP A 51 -14.73 15.46 -31.09
C ASP A 51 -15.97 16.32 -31.09
N PRO A 52 -16.56 16.57 -29.90
CA PRO A 52 -17.74 17.45 -29.82
C PRO A 52 -17.50 18.84 -30.37
N ALA A 53 -16.25 19.30 -30.28
CA ALA A 53 -15.85 20.57 -30.88
C ALA A 53 -16.16 20.65 -32.38
N MET A 54 -16.31 19.50 -33.03
CA MET A 54 -16.66 19.45 -34.47
C MET A 54 -17.98 20.17 -34.75
N ARG A 55 -18.87 20.15 -33.78
CA ARG A 55 -20.18 20.82 -33.90
C ARG A 55 -19.96 22.34 -34.04
N GLY A 56 -19.05 22.89 -33.23
CA GLY A 56 -18.69 24.30 -33.31
C GLY A 56 -18.00 24.65 -34.62
N TRP A 57 -17.16 23.75 -35.11
CA TRP A 57 -16.43 23.97 -36.35
C TRP A 57 -17.36 24.06 -37.53
N MET A 58 -18.53 23.45 -37.41
CA MET A 58 -19.52 23.46 -38.48
C MET A 58 -20.40 24.72 -38.47
N ASN A 59 -20.51 25.35 -37.31
CA ASN A 59 -21.30 26.58 -37.14
C ASN A 59 -20.62 27.85 -37.63
N ASP A 60 -21.44 28.77 -38.14
CA ASP A 60 -21.01 30.06 -38.65
C ASP A 60 -21.14 31.08 -37.53
N ALA A 61 -20.10 31.22 -36.72
CA ALA A 61 -20.20 31.94 -35.47
C ALA A 61 -18.78 32.16 -35.04
N ARG A 62 -18.52 33.32 -34.45
CA ARG A 62 -17.16 33.71 -34.11
C ARG A 62 -16.63 32.84 -32.97
N SER A 63 -15.42 32.32 -33.15
CA SER A 63 -14.78 31.48 -32.16
C SER A 63 -13.26 31.68 -32.24
N TYR A 64 -12.53 30.86 -31.50
CA TYR A 64 -11.07 30.92 -31.52
C TYR A 64 -10.49 30.23 -32.77
N ILE A 65 -11.27 29.33 -33.37
CA ILE A 65 -10.97 28.71 -34.68
C ILE A 65 -12.01 29.09 -35.73
N PRO A 66 -11.57 29.47 -36.94
CA PRO A 66 -12.55 29.72 -38.01
C PRO A 66 -13.46 28.52 -38.36
N PRO A 67 -14.71 28.79 -38.74
CA PRO A 67 -15.59 27.69 -39.17
C PRO A 67 -15.06 26.95 -40.40
N VAL A 68 -15.44 25.68 -40.53
CA VAL A 68 -15.20 24.91 -41.74
C VAL A 68 -16.04 25.52 -42.86
N GLY A 69 -15.42 25.72 -44.01
CA GLY A 69 -16.13 26.25 -45.17
C GLY A 69 -17.05 25.21 -45.80
N ILE A 70 -18.13 25.70 -46.42
CA ILE A 70 -18.99 24.85 -47.23
C ILE A 70 -18.20 24.32 -48.42
N GLY A 71 -18.28 23.01 -48.67
CA GLY A 71 -17.52 22.36 -49.75
C GLY A 71 -16.11 21.94 -49.37
N GLU A 72 -15.66 22.36 -48.19
CA GLU A 72 -14.33 21.99 -47.69
C GLU A 72 -14.39 20.61 -47.05
N VAL A 73 -13.29 19.87 -47.14
CA VAL A 73 -13.14 18.60 -46.45
C VAL A 73 -13.34 18.85 -44.95
N MET A 74 -14.18 18.05 -44.32
CA MET A 74 -14.50 18.25 -42.90
C MET A 74 -13.23 18.17 -42.07
N ARG A 75 -13.12 19.13 -41.15
CA ARG A 75 -11.95 19.25 -40.29
C ARG A 75 -11.91 18.10 -39.31
N ALA A 76 -10.71 17.51 -39.16
CA ALA A 76 -10.51 16.47 -38.17
C ALA A 76 -9.04 16.32 -37.85
N LEU A 77 -8.73 16.22 -36.57
CA LEU A 77 -7.43 15.81 -36.14
C LEU A 77 -7.29 14.32 -36.34
N GLY A 78 -6.10 13.90 -36.68
CA GLY A 78 -5.85 12.50 -36.93
C GLY A 78 -4.40 12.10 -36.81
N VAL A 79 -4.19 10.80 -36.83
CA VAL A 79 -2.86 10.22 -36.88
C VAL A 79 -2.72 9.42 -38.16
N GLY A 80 -1.56 9.56 -38.79
CA GLY A 80 -1.32 8.91 -40.10
C GLY A 80 0.15 8.70 -40.38
N LYS A 81 0.40 7.96 -41.46
CA LYS A 81 1.73 7.61 -41.87
C LYS A 81 2.16 8.43 -43.10
N VAL A 82 3.34 9.04 -43.02
CA VAL A 82 3.87 9.80 -44.15
C VAL A 82 4.32 8.83 -45.24
N LEU A 83 3.72 8.91 -46.40
CA LEU A 83 4.08 8.07 -47.56
C LEU A 83 5.11 8.76 -48.46
N VAL A 84 4.90 10.05 -48.68
CA VAL A 84 5.85 10.87 -49.46
C VAL A 84 6.00 12.23 -48.79
N SER A 85 7.24 12.67 -48.65
CA SER A 85 7.53 14.00 -48.14
C SER A 85 8.39 14.85 -49.09
N LYS A 86 7.93 16.07 -49.32
CA LYS A 86 8.72 17.13 -49.97
C LYS A 86 8.87 18.31 -49.01
N HIS A 87 9.03 17.97 -47.73
CA HIS A 87 9.17 18.94 -46.63
C HIS A 87 10.29 18.48 -45.75
N PRO A 88 11.25 19.36 -45.43
CA PRO A 88 12.47 18.93 -44.71
C PRO A 88 12.22 18.43 -43.27
N GLY A 89 11.07 18.77 -42.73
CA GLY A 89 10.70 18.37 -41.36
C GLY A 89 10.13 16.97 -41.23
N PHE A 90 9.89 16.30 -42.35
CA PHE A 90 9.25 14.99 -42.36
C PHE A 90 9.84 14.05 -43.39
N GLN A 91 9.80 12.76 -43.07
CA GLN A 91 10.24 11.73 -43.98
C GLN A 91 9.24 10.64 -44.13
N ALA A 92 9.31 9.97 -45.25
CA ALA A 92 8.52 8.78 -45.51
C ALA A 92 8.72 7.77 -44.36
N GLY A 93 7.62 7.23 -43.83
CA GLY A 93 7.70 6.29 -42.70
C GLY A 93 7.38 6.94 -41.34
N ASP A 94 7.52 8.25 -41.26
CA ASP A 94 7.14 8.99 -40.05
C ASP A 94 5.65 8.84 -39.81
N TYR A 95 5.29 8.69 -38.53
CA TYR A 95 3.90 8.83 -38.11
C TYR A 95 3.68 10.23 -37.56
N VAL A 96 2.57 10.84 -37.96
CA VAL A 96 2.29 12.22 -37.58
C VAL A 96 0.91 12.39 -37.00
N ASN A 97 0.79 13.41 -36.15
CA ASN A 97 -0.48 13.95 -35.70
C ASN A 97 -0.70 15.31 -36.39
N GLY A 98 -1.91 15.53 -36.87
CA GLY A 98 -2.24 16.79 -37.51
C GLY A 98 -3.68 16.87 -37.92
N ALA A 99 -4.04 17.99 -38.53
CA ALA A 99 -5.38 18.21 -39.05
C ALA A 99 -5.43 17.48 -40.40
N LEU A 100 -5.71 16.18 -40.34
CA LEU A 100 -5.64 15.31 -41.51
C LEU A 100 -6.92 15.31 -42.33
N GLY A 101 -8.02 15.72 -41.71
CA GLY A 101 -9.30 15.84 -42.38
C GLY A 101 -10.03 14.51 -42.46
N VAL A 102 -11.33 14.58 -42.71
CA VAL A 102 -12.17 13.38 -42.80
C VAL A 102 -12.05 12.81 -44.21
N GLN A 103 -10.97 12.08 -44.42
CA GLN A 103 -10.61 11.57 -45.73
C GLN A 103 -9.59 10.44 -45.60
N ASP A 104 -9.36 9.73 -46.71
CA ASP A 104 -8.40 8.62 -46.76
C ASP A 104 -6.96 9.09 -46.68
N TYR A 105 -6.69 10.19 -47.39
CA TYR A 105 -5.35 10.70 -47.54
C TYR A 105 -5.33 12.20 -47.34
N PHE A 106 -4.27 12.66 -46.69
CA PHE A 106 -4.01 14.07 -46.57
C PHE A 106 -2.84 14.44 -47.48
N ILE A 107 -3.05 15.47 -48.29
CA ILE A 107 -1.97 16.08 -49.06
C ILE A 107 -1.99 17.58 -48.81
N GLY A 108 -0.85 18.09 -48.36
CA GLY A 108 -0.74 19.51 -48.09
C GLY A 108 0.43 19.88 -47.22
N GLU A 109 0.47 21.16 -46.86
CA GLU A 109 1.49 21.70 -45.98
C GLU A 109 1.23 21.17 -44.57
N PRO A 110 2.25 20.63 -43.89
CA PRO A 110 2.05 20.02 -42.57
C PRO A 110 2.02 21.06 -41.44
N LYS A 111 1.18 22.07 -41.60
CA LYS A 111 1.08 23.15 -40.65
C LYS A 111 0.48 22.65 -39.33
N GLY A 112 1.25 22.81 -38.25
CA GLY A 112 0.82 22.38 -36.91
C GLY A 112 0.98 20.88 -36.69
N PHE A 113 1.57 20.18 -37.66
CA PHE A 113 1.77 18.73 -37.57
C PHE A 113 2.98 18.44 -36.70
N TYR A 114 2.91 17.33 -35.96
CA TYR A 114 4.09 16.85 -35.24
C TYR A 114 4.23 15.35 -35.37
N LYS A 115 5.46 14.90 -35.34
CA LYS A 115 5.79 13.51 -35.38
C LYS A 115 5.44 12.82 -34.06
N VAL A 116 4.88 11.62 -34.15
CA VAL A 116 4.51 10.86 -32.95
C VAL A 116 5.29 9.58 -33.00
N ASP A 117 5.63 9.08 -31.82
CA ASP A 117 6.50 7.91 -31.66
C ASP A 117 5.68 6.64 -31.35
N PRO A 118 5.53 5.75 -32.33
CA PRO A 118 4.65 4.59 -32.13
C PRO A 118 5.21 3.55 -31.16
N SER A 119 6.47 3.71 -30.74
CA SER A 119 7.05 2.80 -29.74
C SER A 119 6.61 3.14 -28.34
N ARG A 120 6.10 4.35 -28.15
CA ARG A 120 5.77 4.86 -26.82
C ARG A 120 4.32 4.68 -26.43
N ALA A 121 3.46 4.46 -27.43
CA ALA A 121 2.03 4.31 -27.17
C ALA A 121 1.32 3.80 -28.40
N PRO A 122 0.15 3.18 -28.20
CA PRO A 122 -0.65 2.83 -29.36
C PRO A 122 -1.05 4.07 -30.13
N LEU A 123 -1.13 3.93 -31.46
CA LEU A 123 -1.40 5.06 -32.35
C LEU A 123 -2.63 5.87 -31.96
N PRO A 124 -3.76 5.21 -31.69
CA PRO A 124 -4.96 5.97 -31.37
C PRO A 124 -4.82 6.83 -30.12
N ARG A 125 -3.90 6.46 -29.25
CA ARG A 125 -3.71 7.18 -27.98
C ARG A 125 -3.12 8.57 -28.21
N TYR A 126 -2.50 8.76 -29.38
CA TYR A 126 -2.04 10.09 -29.81
C TYR A 126 -3.20 10.99 -30.23
N LEU A 127 -4.41 10.47 -30.12
CA LEU A 127 -5.61 11.30 -30.32
C LEU A 127 -6.38 11.51 -29.00
N SER A 128 -5.92 10.87 -27.93
CA SER A 128 -6.64 10.92 -26.64
C SER A 128 -5.72 11.50 -25.56
N ALA A 129 -5.24 10.66 -24.64
CA ALA A 129 -4.38 11.12 -23.52
C ALA A 129 -3.09 11.78 -24.02
N LEU A 130 -2.55 11.27 -25.13
CA LEU A 130 -1.35 11.84 -25.74
C LEU A 130 -1.70 12.71 -26.96
N GLY A 131 -2.96 13.11 -27.04
CA GLY A 131 -3.46 14.03 -28.06
C GLY A 131 -4.08 15.29 -27.47
N MET A 132 -4.97 15.93 -28.21
CA MET A 132 -5.53 17.22 -27.79
C MET A 132 -6.42 17.17 -26.53
N THR A 133 -7.16 16.08 -26.37
CA THR A 133 -8.03 15.97 -25.20
C THR A 133 -7.17 15.85 -23.94
N GLY A 134 -6.14 15.02 -24.03
CA GLY A 134 -5.24 14.82 -22.91
C GLY A 134 -4.44 16.05 -22.55
N MET A 135 -3.95 16.75 -23.57
CA MET A 135 -3.20 17.99 -23.37
C MET A 135 -4.09 19.13 -22.89
N THR A 136 -5.36 19.11 -23.27
CA THR A 136 -6.31 20.04 -22.70
C THR A 136 -6.39 19.84 -21.18
N ALA A 137 -6.60 18.60 -20.76
CA ALA A 137 -6.67 18.26 -19.34
C ALA A 137 -5.41 18.72 -18.61
N TYR A 138 -4.27 18.37 -19.20
CA TYR A 138 -2.96 18.58 -18.60
C TYR A 138 -2.71 20.07 -18.36
N PHE A 139 -2.84 20.86 -19.41
CA PHE A 139 -2.52 22.29 -19.29
C PHE A 139 -3.61 23.06 -18.56
N ALA A 140 -4.88 22.75 -18.83
CA ALA A 140 -5.96 23.46 -18.19
C ALA A 140 -5.92 23.25 -16.67
N LEU A 141 -5.77 22.00 -16.27
CA LEU A 141 -5.73 21.69 -14.84
C LEU A 141 -4.51 22.32 -14.18
N LEU A 142 -3.35 22.01 -14.72
CA LEU A 142 -2.09 22.34 -14.03
C LEU A 142 -1.69 23.81 -14.16
N ASP A 143 -1.92 24.40 -15.32
CA ASP A 143 -1.50 25.80 -15.52
C ASP A 143 -2.56 26.80 -15.06
N VAL A 144 -3.84 26.46 -15.25
CA VAL A 144 -4.91 27.37 -14.87
C VAL A 144 -5.56 27.03 -13.51
N GLY A 145 -5.89 25.76 -13.33
CA GLY A 145 -6.47 25.31 -12.05
C GLY A 145 -5.47 25.37 -10.90
N GLN A 146 -4.23 25.06 -11.20
CA GLN A 146 -3.13 25.00 -10.23
C GLN A 146 -3.53 24.26 -8.95
N PRO A 147 -3.97 23.00 -9.08
CA PRO A 147 -4.36 22.27 -7.90
C PRO A 147 -3.16 21.98 -6.98
N LYS A 148 -3.43 21.93 -5.68
CA LYS A 148 -2.41 21.62 -4.68
C LYS A 148 -2.81 20.40 -3.87
N ASN A 149 -1.81 19.75 -3.28
CA ASN A 149 -2.04 18.60 -2.44
C ASN A 149 -3.14 18.88 -1.41
N GLY A 150 -4.09 17.96 -1.30
CA GLY A 150 -5.14 18.05 -0.29
C GLY A 150 -6.34 18.89 -0.69
N GLU A 151 -6.24 19.60 -1.81
CA GLU A 151 -7.36 20.39 -2.29
C GLU A 151 -8.43 19.48 -2.90
N THR A 152 -9.65 19.98 -2.91
CA THR A 152 -10.77 19.29 -3.55
C THR A 152 -10.98 19.80 -4.96
N VAL A 153 -10.85 18.88 -5.92
CA VAL A 153 -10.99 19.16 -7.33
C VAL A 153 -12.27 18.49 -7.84
N VAL A 154 -13.16 19.29 -8.41
CA VAL A 154 -14.39 18.77 -9.04
C VAL A 154 -14.25 18.88 -10.55
N ILE A 155 -14.62 17.82 -11.24
CA ILE A 155 -14.58 17.77 -12.70
C ILE A 155 -15.96 17.48 -13.30
N SER A 156 -16.43 18.38 -14.15
CA SER A 156 -17.64 18.15 -14.94
C SER A 156 -17.27 17.46 -16.26
N GLY A 157 -18.26 16.82 -16.88
CA GLY A 157 -18.03 15.93 -18.05
C GLY A 157 -16.94 14.92 -17.75
N ALA A 158 -16.97 14.39 -16.53
CA ALA A 158 -15.82 13.68 -15.94
C ALA A 158 -15.52 12.34 -16.62
N ALA A 159 -16.52 11.77 -17.29
CA ALA A 159 -16.35 10.50 -18.02
C ALA A 159 -15.90 10.75 -19.46
N GLY A 160 -15.94 11.99 -19.90
CA GLY A 160 -15.40 12.37 -21.20
C GLY A 160 -13.88 12.28 -21.28
N ALA A 161 -13.37 12.43 -22.49
CA ALA A 161 -11.93 12.29 -22.76
C ALA A 161 -11.07 13.30 -22.01
N VAL A 162 -11.53 14.53 -21.93
CA VAL A 162 -10.80 15.57 -21.22
C VAL A 162 -10.89 15.38 -19.71
N GLY A 163 -12.12 15.27 -19.24
CA GLY A 163 -12.40 15.17 -17.82
C GLY A 163 -11.81 13.94 -17.13
N SER A 164 -11.87 12.80 -17.80
CA SER A 164 -11.36 11.55 -17.23
C SER A 164 -9.84 11.60 -17.02
N VAL A 165 -9.14 12.27 -17.93
CA VAL A 165 -7.71 12.49 -17.80
C VAL A 165 -7.41 13.51 -16.71
N ALA A 166 -8.16 14.61 -16.70
CA ALA A 166 -7.96 15.69 -15.70
C ALA A 166 -8.07 15.17 -14.29
N GLY A 167 -9.08 14.34 -14.03
CA GLY A 167 -9.31 13.78 -12.71
C GLY A 167 -8.18 12.89 -12.23
N GLN A 168 -7.61 12.13 -13.17
CA GLN A 168 -6.51 11.24 -12.84
C GLN A 168 -5.24 12.05 -12.54
N ILE A 169 -5.02 13.09 -13.31
CA ILE A 169 -3.88 13.98 -13.05
C ILE A 169 -4.02 14.61 -11.67
N ALA A 170 -5.22 15.08 -11.35
CA ALA A 170 -5.50 15.64 -10.03
C ALA A 170 -5.19 14.65 -8.91
N ARG A 171 -5.58 13.39 -9.09
CA ARG A 171 -5.30 12.34 -8.11
C ARG A 171 -3.78 12.22 -7.88
N LEU A 172 -3.04 12.24 -8.97
CA LEU A 172 -1.59 12.15 -8.92
C LEU A 172 -0.94 13.33 -8.20
N LYS A 173 -1.63 14.46 -8.15
CA LYS A 173 -1.13 15.67 -7.45
C LYS A 173 -1.54 15.68 -5.95
N GLY A 174 -2.23 14.63 -5.52
CA GLY A 174 -2.63 14.46 -4.12
C GLY A 174 -3.96 15.11 -3.75
N CYS A 175 -4.77 15.39 -4.76
CA CYS A 175 -6.05 16.02 -4.54
C CYS A 175 -7.15 15.02 -4.22
N ARG A 176 -8.18 15.51 -3.54
CA ARG A 176 -9.45 14.82 -3.46
C ARG A 176 -10.20 15.12 -4.77
N VAL A 177 -10.59 14.08 -5.48
CA VAL A 177 -11.13 14.20 -6.83
C VAL A 177 -12.54 13.69 -6.93
N VAL A 178 -13.45 14.60 -7.30
CA VAL A 178 -14.86 14.31 -7.42
C VAL A 178 -15.36 14.59 -8.82
N GLY A 179 -15.92 13.56 -9.44
CA GLY A 179 -16.40 13.66 -10.82
C GLY A 179 -17.89 13.87 -10.88
N ILE A 180 -18.33 14.60 -11.89
CA ILE A 180 -19.78 14.76 -12.18
C ILE A 180 -20.00 14.16 -13.56
N ALA A 181 -20.78 13.10 -13.61
CA ALA A 181 -21.02 12.37 -14.87
C ALA A 181 -22.44 11.81 -14.92
N GLY A 182 -22.90 11.51 -16.13
CA GLY A 182 -24.25 10.99 -16.36
C GLY A 182 -24.34 9.47 -16.47
N GLY A 183 -25.00 8.84 -15.50
CA GLY A 183 -25.24 7.39 -15.51
C GLY A 183 -24.43 6.63 -14.49
N ALA A 184 -24.99 5.54 -13.99
CA ALA A 184 -24.39 4.76 -12.92
C ALA A 184 -23.06 4.08 -13.33
N GLU A 185 -23.00 3.61 -14.56
CA GLU A 185 -21.83 2.85 -15.02
C GLU A 185 -20.62 3.79 -15.16
N LYS A 186 -20.82 4.95 -15.78
CA LYS A 186 -19.78 5.98 -15.90
C LYS A 186 -19.20 6.37 -14.55
N CYS A 187 -20.08 6.61 -13.59
CA CYS A 187 -19.68 7.00 -12.24
C CYS A 187 -18.90 5.88 -11.51
N ARG A 188 -19.37 4.64 -11.65
CA ARG A 188 -18.67 3.50 -11.08
C ARG A 188 -17.26 3.42 -11.67
N PHE A 189 -17.19 3.53 -13.00
CA PHE A 189 -15.93 3.45 -13.74
C PHE A 189 -14.93 4.50 -13.22
N LEU A 190 -15.40 5.72 -13.04
CA LEU A 190 -14.58 6.82 -12.50
C LEU A 190 -13.96 6.48 -11.16
N VAL A 191 -14.77 5.96 -10.25
CA VAL A 191 -14.30 5.65 -8.91
C VAL A 191 -13.48 4.37 -8.86
N GLU A 192 -14.03 3.28 -9.38
CA GLU A 192 -13.42 1.95 -9.21
C GLU A 192 -12.24 1.70 -10.14
N GLU A 193 -12.30 2.24 -11.35
CA GLU A 193 -11.22 2.03 -12.32
C GLU A 193 -10.21 3.18 -12.38
N LEU A 194 -10.70 4.42 -12.41
CA LEU A 194 -9.80 5.58 -12.55
C LEU A 194 -9.31 6.15 -11.23
N GLY A 195 -9.90 5.70 -10.12
CA GLY A 195 -9.45 6.10 -8.81
C GLY A 195 -9.94 7.47 -8.34
N PHE A 196 -11.00 7.97 -8.97
CA PHE A 196 -11.68 9.17 -8.44
C PHE A 196 -12.12 8.84 -7.00
N ASP A 197 -12.04 9.83 -6.11
CA ASP A 197 -12.51 9.65 -4.73
C ASP A 197 -14.03 9.54 -4.65
N GLY A 198 -14.69 10.24 -5.56
CA GLY A 198 -16.14 10.19 -5.64
C GLY A 198 -16.66 10.58 -6.99
N ALA A 199 -17.91 10.23 -7.23
CA ALA A 199 -18.56 10.54 -8.50
C ALA A 199 -20.03 10.79 -8.25
N ILE A 200 -20.54 11.89 -8.79
CA ILE A 200 -21.94 12.26 -8.62
C ILE A 200 -22.69 12.04 -9.94
N ASP A 201 -23.69 11.18 -9.89
CA ASP A 201 -24.51 10.87 -11.06
C ASP A 201 -25.65 11.88 -11.17
N TYR A 202 -25.43 12.95 -11.92
CA TYR A 202 -26.36 14.08 -11.96
C TYR A 202 -27.71 13.68 -12.60
N LYS A 203 -27.71 12.61 -13.39
CA LYS A 203 -28.93 12.11 -14.03
C LYS A 203 -29.81 11.33 -13.08
N ASN A 204 -29.23 10.76 -12.04
CA ASN A 204 -29.96 9.92 -11.08
C ASN A 204 -29.99 10.43 -9.65
N GLU A 205 -29.36 11.58 -9.42
CA GLU A 205 -29.29 12.14 -8.05
C GLU A 205 -29.09 13.64 -8.11
N ASP A 206 -29.55 14.30 -7.05
CA ASP A 206 -29.48 15.75 -6.97
C ASP A 206 -28.01 16.21 -6.83
N LEU A 207 -27.59 17.08 -7.73
CA LEU A 207 -26.18 17.52 -7.81
C LEU A 207 -25.74 18.23 -6.52
N ALA A 208 -26.55 19.17 -6.05
CA ALA A 208 -26.25 19.93 -4.83
C ALA A 208 -26.03 19.02 -3.63
N ALA A 209 -26.94 18.06 -3.47
CA ALA A 209 -26.84 17.08 -2.38
C ALA A 209 -25.56 16.25 -2.54
N GLY A 210 -25.28 15.85 -3.76
CA GLY A 210 -24.08 15.09 -4.07
C GLY A 210 -22.82 15.87 -3.71
N LEU A 211 -22.80 17.14 -4.08
CA LEU A 211 -21.66 18.02 -3.78
C LEU A 211 -21.46 18.21 -2.28
N LYS A 212 -22.58 18.38 -1.58
CA LYS A 212 -22.56 18.50 -0.13
C LYS A 212 -21.93 17.26 0.52
N ARG A 213 -22.31 16.09 0.05
CA ARG A 213 -21.77 14.82 0.54
C ARG A 213 -20.29 14.63 0.17
N GLU A 214 -19.98 14.84 -1.11
CA GLU A 214 -18.65 14.50 -1.64
C GLU A 214 -17.58 15.58 -1.40
N CYS A 215 -18.03 16.81 -1.19
CA CYS A 215 -17.12 17.96 -1.00
C CYS A 215 -17.38 18.70 0.32
N PRO A 216 -17.16 18.02 1.46
CA PRO A 216 -17.45 18.63 2.78
C PRO A 216 -16.65 19.90 3.10
N LYS A 217 -15.46 20.02 2.51
CA LYS A 217 -14.61 21.20 2.73
C LYS A 217 -14.68 22.22 1.58
N GLY A 218 -15.74 22.14 0.78
CA GLY A 218 -15.88 23.03 -0.36
C GLY A 218 -15.07 22.60 -1.57
N ILE A 219 -15.17 23.38 -2.64
CA ILE A 219 -14.52 23.07 -3.89
C ILE A 219 -13.40 24.08 -4.21
N ASP A 220 -12.17 23.59 -4.31
CA ASP A 220 -11.01 24.44 -4.57
C ASP A 220 -10.76 24.67 -6.04
N VAL A 221 -10.96 23.63 -6.84
CA VAL A 221 -10.79 23.71 -8.28
C VAL A 221 -11.96 23.07 -8.97
N PHE A 222 -12.58 23.82 -9.88
CA PHE A 222 -13.63 23.27 -10.73
C PHE A 222 -13.16 23.29 -12.18
N PHE A 223 -13.03 22.08 -12.73
CA PHE A 223 -12.65 21.87 -14.12
C PHE A 223 -13.96 21.69 -14.89
N ASP A 224 -14.33 22.71 -15.66
CA ASP A 224 -15.66 22.75 -16.31
C ASP A 224 -15.60 22.47 -17.81
N ASN A 225 -16.23 21.37 -18.19
CA ASN A 225 -16.39 20.99 -19.60
C ASN A 225 -17.81 21.15 -20.11
N VAL A 226 -18.76 21.43 -19.22
CA VAL A 226 -20.18 21.36 -19.56
C VAL A 226 -20.94 22.68 -19.40
N GLY A 227 -20.60 23.46 -18.38
CA GLY A 227 -21.25 24.72 -18.12
C GLY A 227 -22.67 24.58 -17.62
N GLY A 228 -23.52 25.54 -18.00
CA GLY A 228 -24.95 25.50 -17.68
C GLY A 228 -25.27 25.42 -16.21
N GLU A 229 -26.31 24.65 -15.90
CA GLU A 229 -26.79 24.50 -14.53
C GLU A 229 -25.77 23.81 -13.61
N ILE A 230 -25.01 22.88 -14.15
CA ILE A 230 -23.97 22.17 -13.37
C ILE A 230 -22.94 23.20 -12.83
N LEU A 231 -22.47 24.07 -13.71
CA LEU A 231 -21.56 25.16 -13.31
C LEU A 231 -22.19 26.05 -12.24
N ASP A 232 -23.44 26.43 -12.48
CA ASP A 232 -24.15 27.34 -11.56
C ASP A 232 -24.28 26.72 -10.17
N THR A 233 -24.56 25.42 -10.12
CA THR A 233 -24.69 24.72 -8.85
C THR A 233 -23.33 24.56 -8.14
N VAL A 234 -22.30 24.25 -8.91
CA VAL A 234 -20.93 24.13 -8.35
C VAL A 234 -20.46 25.45 -7.71
N LEU A 235 -20.83 26.57 -8.34
CA LEU A 235 -20.52 27.90 -7.82
C LEU A 235 -21.00 28.17 -6.39
N THR A 236 -22.11 27.54 -6.00
CA THR A 236 -22.62 27.67 -4.64
C THR A 236 -21.73 26.97 -3.59
N ARG A 237 -20.82 26.13 -4.03
CA ARG A 237 -20.02 25.32 -3.13
C ARG A 237 -18.50 25.57 -3.19
N ILE A 238 -18.09 26.56 -3.97
CA ILE A 238 -16.66 26.84 -4.11
C ILE A 238 -16.08 27.40 -2.81
N ALA A 239 -14.81 27.09 -2.58
CA ALA A 239 -14.10 27.59 -1.40
C ALA A 239 -13.48 28.94 -1.68
N PHE A 240 -13.00 29.54 -0.59
CA PHE A 240 -12.15 30.72 -0.64
C PHE A 240 -10.96 30.51 -1.57
N LYS A 241 -10.76 31.45 -2.49
CA LYS A 241 -9.67 31.43 -3.48
C LYS A 241 -9.75 30.25 -4.48
N ALA A 242 -10.96 29.78 -4.73
CA ALA A 242 -11.20 28.74 -5.71
C ALA A 242 -10.81 29.18 -7.11
N ARG A 243 -10.44 28.21 -7.94
CA ARG A 243 -10.15 28.44 -9.34
C ARG A 243 -11.12 27.61 -10.17
N ILE A 244 -11.82 28.29 -11.07
CA ILE A 244 -12.68 27.63 -12.03
C ILE A 244 -12.05 27.76 -13.41
N VAL A 245 -11.75 26.62 -14.03
CA VAL A 245 -11.17 26.62 -15.39
C VAL A 245 -12.25 26.20 -16.38
N LEU A 246 -12.51 27.08 -17.34
CA LEU A 246 -13.50 26.85 -18.39
C LEU A 246 -12.81 26.29 -19.62
N CYS A 247 -13.15 25.07 -19.98
CA CYS A 247 -12.60 24.41 -21.18
C CYS A 247 -13.64 24.22 -22.28
N GLY A 248 -14.91 24.23 -21.91
CA GLY A 248 -16.00 24.10 -22.86
C GLY A 248 -17.35 24.19 -22.17
N ALA A 249 -18.41 24.08 -22.96
CA ALA A 249 -19.79 24.10 -22.47
C ALA A 249 -20.68 23.36 -23.44
N ILE A 250 -21.68 22.62 -22.94
CA ILE A 250 -22.55 21.81 -23.81
C ILE A 250 -23.41 22.72 -24.71
N SER A 251 -23.77 23.90 -24.20
CA SER A 251 -24.56 24.89 -24.93
C SER A 251 -23.74 25.60 -26.00
N GLN A 252 -22.42 25.45 -25.91
CA GLN A 252 -21.45 26.31 -26.59
C GLN A 252 -21.55 26.23 -28.08
N TYR A 253 -22.09 25.13 -28.60
CA TYR A 253 -22.12 24.79 -30.00
C TYR A 253 -23.57 24.74 -30.47
N ASN A 254 -24.32 25.84 -30.30
CA ASN A 254 -25.71 25.92 -30.71
C ASN A 254 -26.04 27.19 -31.50
N GLY A 261 -26.69 31.88 -18.54
CA GLY A 261 -25.57 32.30 -17.71
C GLY A 261 -25.66 31.94 -16.24
N PRO A 262 -24.50 31.84 -15.55
CA PRO A 262 -24.50 31.45 -14.14
C PRO A 262 -25.02 32.55 -13.21
N ALA A 263 -26.22 32.34 -12.70
CA ALA A 263 -26.85 33.27 -11.77
C ALA A 263 -26.08 33.41 -10.46
N ASN A 264 -25.28 32.40 -10.12
CA ASN A 264 -24.50 32.39 -8.88
C ASN A 264 -23.07 32.92 -9.04
N TYR A 265 -22.82 33.66 -10.12
CA TYR A 265 -21.47 34.12 -10.44
C TYR A 265 -20.86 34.99 -9.33
N LEU A 266 -21.70 35.66 -8.55
CA LEU A 266 -21.22 36.52 -7.46
C LEU A 266 -20.57 35.72 -6.32
N SER A 267 -20.73 34.41 -6.36
CA SER A 267 -19.95 33.54 -5.49
C SER A 267 -18.44 33.80 -5.67
N LEU A 268 -18.06 34.20 -6.87
CA LEU A 268 -16.68 34.58 -7.15
C LEU A 268 -16.21 35.78 -6.31
N LEU A 269 -17.14 36.68 -6.02
CA LEU A 269 -16.89 37.84 -5.15
C LEU A 269 -16.83 37.40 -3.70
N VAL A 270 -17.89 36.74 -3.24
CA VAL A 270 -17.98 36.24 -1.85
C VAL A 270 -16.74 35.43 -1.45
N ASN A 271 -16.30 34.58 -2.37
CA ASN A 271 -15.16 33.68 -2.13
C ASN A 271 -13.84 34.15 -2.71
N ARG A 272 -13.86 35.34 -3.28
CA ARG A 272 -12.68 35.95 -3.87
C ARG A 272 -11.94 34.94 -4.72
N ALA A 273 -12.71 34.38 -5.65
CA ALA A 273 -12.31 33.28 -6.48
C ALA A 273 -12.15 33.74 -7.93
N ARG A 274 -11.56 32.87 -8.74
CA ARG A 274 -11.18 33.18 -10.11
C ARG A 274 -11.85 32.21 -11.11
N MET A 275 -12.41 32.77 -12.17
CA MET A 275 -12.95 31.99 -13.29
C MET A 275 -12.21 32.37 -14.56
N GLU A 276 -11.61 31.39 -15.20
CA GLU A 276 -10.70 31.64 -16.32
C GLU A 276 -10.84 30.62 -17.44
N GLY A 277 -10.85 31.14 -18.67
CA GLY A 277 -10.94 30.30 -19.86
C GLY A 277 -9.58 29.93 -20.41
N MET A 278 -9.53 28.79 -21.08
CA MET A 278 -8.30 28.37 -21.76
C MET A 278 -8.63 27.61 -23.04
N VAL A 279 -7.63 27.56 -23.91
CA VAL A 279 -7.70 26.82 -25.16
C VAL A 279 -6.37 26.11 -25.34
N VAL A 280 -6.42 24.81 -25.65
CA VAL A 280 -5.21 23.98 -25.63
C VAL A 280 -4.17 24.43 -26.62
N MET A 281 -4.60 24.96 -27.77
CA MET A 281 -3.64 25.37 -28.81
C MET A 281 -2.71 26.51 -28.35
N ASP A 282 -3.14 27.29 -27.34
CA ASP A 282 -2.25 28.30 -26.73
C ASP A 282 -1.01 27.68 -26.08
N TYR A 283 -1.06 26.38 -25.81
CA TYR A 283 0.06 25.67 -25.18
C TYR A 283 0.90 24.83 -26.15
N ALA A 284 0.67 25.02 -27.45
CA ALA A 284 1.34 24.22 -28.52
C ALA A 284 2.85 24.07 -28.33
N GLN A 285 3.52 25.15 -27.95
CA GLN A 285 4.97 25.13 -27.75
C GLN A 285 5.42 24.21 -26.63
N ARG A 286 4.52 23.90 -25.72
CA ARG A 286 4.84 23.08 -24.55
C ARG A 286 4.33 21.63 -24.70
N PHE A 287 3.73 21.32 -25.85
CA PHE A 287 3.24 19.94 -26.10
C PHE A 287 4.29 18.84 -25.90
N PRO A 288 5.51 19.01 -26.43
CA PRO A 288 6.50 17.95 -26.19
C PRO A 288 6.72 17.55 -24.72
N GLU A 289 6.84 18.52 -23.85
CA GLU A 289 7.05 18.26 -22.43
C GLU A 289 5.85 17.58 -21.79
N GLY A 290 4.70 18.09 -22.18
CA GLY A 290 3.43 17.61 -21.68
C GLY A 290 3.18 16.17 -22.11
N LEU A 291 3.41 15.91 -23.40
CA LEU A 291 3.27 14.55 -23.95
C LEU A 291 4.25 13.59 -23.29
N LYS A 292 5.47 14.04 -23.11
CA LYS A 292 6.51 13.22 -22.50
C LYS A 292 6.12 12.78 -21.09
N GLU A 293 5.66 13.71 -20.28
CA GLU A 293 5.23 13.35 -18.91
C GLU A 293 4.01 12.42 -18.92
N MET A 294 3.02 12.78 -19.73
CA MET A 294 1.81 11.97 -19.85
C MET A 294 2.14 10.53 -20.26
N ALA A 295 3.05 10.38 -21.20
CA ALA A 295 3.48 9.06 -21.66
C ALA A 295 4.04 8.19 -20.54
N THR A 296 4.82 8.78 -19.62
CA THR A 296 5.37 8.02 -18.50
C THR A 296 4.28 7.62 -17.50
N TRP A 297 3.33 8.51 -17.25
CA TRP A 297 2.21 8.17 -16.37
C TRP A 297 1.45 6.98 -16.94
N LEU A 298 1.21 7.02 -18.23
CA LEU A 298 0.51 5.92 -18.93
C LEU A 298 1.31 4.61 -18.83
N ALA A 299 2.60 4.69 -19.13
CA ALA A 299 3.49 3.53 -19.14
C ALA A 299 3.55 2.87 -17.78
N GLU A 300 3.56 3.69 -16.74
CA GLU A 300 3.68 3.20 -15.36
C GLU A 300 2.34 2.68 -14.81
N GLY A 301 1.27 2.86 -15.56
CA GLY A 301 -0.07 2.49 -15.11
C GLY A 301 -0.69 3.44 -14.09
N LYS A 302 -0.10 4.62 -13.93
CA LYS A 302 -0.61 5.64 -13.01
C LYS A 302 -1.83 6.35 -13.59
N LEU A 303 -1.94 6.33 -14.90
CA LEU A 303 -3.02 6.97 -15.61
C LEU A 303 -3.53 6.05 -16.71
N GLN A 304 -4.85 5.94 -16.82
CA GLN A 304 -5.50 5.09 -17.81
C GLN A 304 -6.25 5.93 -18.84
N SER A 305 -6.17 5.49 -20.07
CA SER A 305 -6.83 6.17 -21.16
C SER A 305 -7.66 5.17 -21.92
N ARG A 306 -8.91 5.50 -22.12
CA ARG A 306 -9.82 4.65 -22.84
C ARG A 306 -10.22 5.28 -24.21
N GLU A 307 -10.05 4.49 -25.28
CA GLU A 307 -10.47 4.90 -26.61
C GLU A 307 -11.59 3.98 -27.10
N ASP A 308 -12.60 4.60 -27.68
CA ASP A 308 -13.68 3.88 -28.34
C ASP A 308 -13.44 3.92 -29.85
N ILE A 309 -12.98 2.81 -30.41
CA ILE A 309 -12.56 2.75 -31.82
C ILE A 309 -13.63 2.14 -32.71
N VAL A 310 -14.13 2.95 -33.65
CA VAL A 310 -15.12 2.51 -34.63
C VAL A 310 -14.44 2.46 -35.99
N GLU A 311 -14.75 1.44 -36.78
CA GLU A 311 -14.06 1.18 -38.03
C GLU A 311 -14.83 1.65 -39.26
N GLY A 312 -14.12 2.29 -40.18
CA GLY A 312 -14.64 2.64 -41.50
C GLY A 312 -14.96 4.11 -41.70
N LEU A 313 -14.18 4.75 -42.58
CA LEU A 313 -14.37 6.14 -42.96
C LEU A 313 -15.81 6.43 -43.37
N GLU A 314 -16.37 5.50 -44.14
CA GLU A 314 -17.73 5.63 -44.71
C GLU A 314 -18.83 5.76 -43.65
N THR A 315 -18.55 5.26 -42.44
CA THR A 315 -19.52 5.36 -41.32
C THR A 315 -19.50 6.69 -40.60
N PHE A 316 -18.65 7.62 -41.05
CA PHE A 316 -18.45 8.89 -40.36
C PHE A 316 -19.74 9.62 -39.87
N PRO A 317 -20.70 9.92 -40.79
CA PRO A 317 -21.87 10.69 -40.38
C PRO A 317 -22.66 10.03 -39.25
N GLU A 318 -22.79 8.72 -39.31
CA GLU A 318 -23.52 7.96 -38.28
C GLU A 318 -22.71 7.91 -37.00
N THR A 319 -21.42 7.59 -37.13
CA THR A 319 -20.52 7.48 -35.99
C THR A 319 -20.42 8.80 -35.24
N LEU A 320 -20.44 9.90 -35.98
CA LEU A 320 -20.44 11.23 -35.38
C LEU A 320 -21.63 11.48 -34.43
N LEU A 321 -22.81 10.95 -34.78
CA LEU A 321 -24.00 11.07 -33.93
C LEU A 321 -23.84 10.39 -32.57
N LYS A 322 -23.05 9.31 -32.55
CA LYS A 322 -22.75 8.57 -31.32
C LYS A 322 -22.08 9.46 -30.27
N LEU A 323 -21.41 10.51 -30.74
CA LEU A 323 -20.77 11.53 -29.93
C LEU A 323 -21.80 12.49 -29.32
N PHE A 324 -22.65 13.07 -30.16
CA PHE A 324 -23.76 13.93 -29.60
C PHE A 324 -24.98 13.25 -29.01
N SER A 325 -25.00 11.95 -29.20
CA SER A 325 -25.98 11.09 -28.58
C SER A 325 -25.46 10.66 -27.20
N GLY A 326 -24.19 10.92 -26.94
CA GLY A 326 -23.58 10.57 -25.65
C GLY A 326 -23.46 9.07 -25.42
N GLU A 327 -23.46 8.30 -26.52
CA GLU A 327 -23.35 6.85 -26.47
C GLU A 327 -21.91 6.37 -26.55
N ASN A 328 -20.94 7.23 -26.87
CA ASN A 328 -19.56 6.74 -26.80
C ASN A 328 -19.12 6.41 -25.36
N PHE A 329 -18.27 5.39 -25.19
CA PHE A 329 -17.58 5.15 -23.93
C PHE A 329 -16.06 5.28 -24.07
N GLY A 330 -15.65 6.49 -23.78
CA GLY A 330 -14.29 6.92 -23.93
C GLY A 330 -14.10 7.69 -25.23
N LYS A 331 -12.88 8.15 -25.43
CA LYS A 331 -12.55 9.04 -26.56
C LYS A 331 -12.88 8.38 -27.89
N LEU A 332 -13.73 9.04 -28.66
CA LEU A 332 -14.22 8.44 -29.92
C LEU A 332 -13.18 8.62 -31.03
N VAL A 333 -12.77 7.48 -31.58
CA VAL A 333 -11.77 7.42 -32.62
C VAL A 333 -12.30 6.61 -33.82
N LEU A 334 -12.15 7.17 -35.03
CA LEU A 334 -12.57 6.51 -36.27
C LEU A 334 -11.37 5.94 -37.00
N LYS A 335 -11.32 4.61 -37.11
CA LYS A 335 -10.26 3.95 -37.85
C LYS A 335 -10.60 4.03 -39.33
N VAL A 336 -9.69 4.61 -40.11
CA VAL A 336 -9.93 4.84 -41.52
C VAL A 336 -9.40 3.63 -42.29
N GLN B 6 -26.08 59.70 29.48
CA GLN B 6 -26.02 60.13 28.05
C GLN B 6 -26.73 59.12 27.17
N ILE B 7 -27.26 59.59 26.04
CA ILE B 7 -28.05 58.76 25.13
C ILE B 7 -27.31 58.46 23.83
N ASN B 8 -27.34 57.20 23.43
CA ASN B 8 -26.86 56.77 22.12
C ASN B 8 -28.04 56.46 21.21
N ARG B 9 -28.27 57.32 20.22
CA ARG B 9 -29.32 57.05 19.24
C ARG B 9 -28.79 56.04 18.23
N GLN B 10 -29.63 55.08 17.89
CA GLN B 10 -29.25 53.99 16.99
C GLN B 10 -30.34 53.69 15.98
N TYR B 11 -29.93 53.38 14.77
CA TYR B 11 -30.83 52.75 13.80
C TYR B 11 -30.58 51.26 13.80
N GLN B 12 -31.61 50.51 14.21
CA GLN B 12 -31.54 49.06 14.21
C GLN B 12 -32.26 48.50 12.99
N LEU B 13 -31.81 47.34 12.53
CA LEU B 13 -32.50 46.63 11.46
C LEU B 13 -33.77 46.00 12.04
N ALA B 14 -34.92 46.43 11.53
CA ALA B 14 -36.22 46.07 12.12
C ALA B 14 -36.86 44.91 11.36
N GLN B 15 -36.79 44.96 10.03
CA GLN B 15 -37.27 43.87 9.18
C GLN B 15 -36.50 43.81 7.88
N ARG B 16 -36.36 42.58 7.36
CA ARG B 16 -35.65 42.37 6.10
C ARG B 16 -36.50 42.92 4.97
N PRO B 17 -35.94 43.83 4.16
CA PRO B 17 -36.72 44.42 3.09
C PRO B 17 -36.95 43.48 1.91
N SER B 18 -38.11 43.65 1.28
CA SER B 18 -38.40 43.13 -0.04
C SER B 18 -38.19 44.24 -1.00
N GLY B 19 -37.25 44.09 -1.92
CA GLY B 19 -36.92 45.13 -2.87
C GLY B 19 -36.25 46.32 -2.21
N LEU B 20 -36.78 47.51 -2.47
CA LEU B 20 -36.19 48.74 -1.95
C LEU B 20 -36.48 48.84 -0.45
N PRO B 21 -35.48 49.25 0.36
CA PRO B 21 -35.77 49.44 1.79
C PRO B 21 -36.72 50.60 1.98
N GLY B 22 -37.57 50.46 2.98
CA GLY B 22 -38.66 51.37 3.18
C GLY B 22 -38.62 51.96 4.56
N ARG B 23 -39.73 52.55 4.95
CA ARG B 23 -39.77 53.29 6.20
C ARG B 23 -39.93 52.38 7.41
N ASP B 24 -40.26 51.10 7.22
CA ASP B 24 -40.41 50.13 8.33
C ASP B 24 -39.15 49.23 8.43
N THR B 25 -38.19 49.42 7.53
CA THR B 25 -36.98 48.57 7.47
C THR B 25 -36.11 48.78 8.71
N PHE B 26 -36.01 50.03 9.15
CA PHE B 26 -35.20 50.39 10.33
C PHE B 26 -36.05 50.94 11.48
N SER B 27 -35.57 50.68 12.70
CA SER B 27 -36.16 51.25 13.92
C SER B 27 -35.19 52.24 14.56
N PHE B 28 -35.67 53.45 14.81
CA PHE B 28 -34.89 54.48 15.46
C PHE B 28 -35.05 54.38 16.97
N VAL B 29 -33.98 53.98 17.65
CA VAL B 29 -34.06 53.66 19.08
C VAL B 29 -33.06 54.49 19.90
N GLU B 30 -33.47 54.84 21.11
CA GLU B 30 -32.60 55.54 22.05
C GLU B 30 -32.14 54.57 23.12
N THR B 31 -30.83 54.45 23.26
CA THR B 31 -30.23 53.51 24.19
C THR B 31 -29.30 54.25 25.14
N PRO B 32 -29.27 53.84 26.41
CA PRO B 32 -28.31 54.50 27.30
C PRO B 32 -26.87 54.21 26.89
N LEU B 33 -26.04 55.23 26.91
CA LEU B 33 -24.64 55.08 26.54
C LEU B 33 -23.89 54.34 27.64
N GLY B 34 -23.33 53.18 27.32
CA GLY B 34 -22.54 52.41 28.28
C GLY B 34 -21.11 52.92 28.44
N GLU B 35 -20.28 52.11 29.09
CA GLU B 35 -18.84 52.40 29.23
C GLU B 35 -18.07 51.27 28.57
N PRO B 36 -16.92 51.56 27.94
CA PRO B 36 -16.18 50.44 27.37
C PRO B 36 -15.62 49.53 28.44
N ALA B 37 -15.68 48.24 28.17
CA ALA B 37 -14.99 47.25 29.01
C ALA B 37 -13.54 47.14 28.55
N GLU B 38 -12.78 46.34 29.29
CA GLU B 38 -11.42 46.04 28.91
C GLU B 38 -11.32 45.48 27.48
N GLY B 39 -10.32 45.96 26.74
CA GLY B 39 -10.12 45.57 25.34
C GLY B 39 -11.07 46.25 24.38
N GLN B 40 -11.85 47.19 24.89
CA GLN B 40 -12.77 47.98 24.05
C GLN B 40 -12.39 49.45 23.99
N ILE B 41 -12.96 50.13 23.00
CA ILE B 41 -12.89 51.58 22.91
C ILE B 41 -14.29 52.19 22.80
N LEU B 42 -14.38 53.46 23.20
CA LEU B 42 -15.60 54.28 23.03
C LEU B 42 -15.29 55.36 22.04
N VAL B 43 -16.05 55.39 20.96
CA VAL B 43 -15.84 56.33 19.87
C VAL B 43 -17.08 57.21 19.64
N LYS B 44 -16.84 58.51 19.51
CA LYS B 44 -17.89 59.43 19.08
C LYS B 44 -17.92 59.43 17.57
N ASN B 45 -19.00 58.90 17.00
CA ASN B 45 -19.11 58.81 15.55
C ASN B 45 -19.32 60.18 14.94
N GLU B 46 -18.54 60.50 13.90
CA GLU B 46 -18.60 61.82 13.28
C GLU B 46 -19.17 61.79 11.86
N TYR B 47 -18.66 60.86 11.06
CA TYR B 47 -19.13 60.66 9.70
C TYR B 47 -19.31 59.17 9.42
N LEU B 48 -20.41 58.85 8.73
CA LEU B 48 -20.72 57.47 8.34
C LEU B 48 -20.76 57.31 6.84
N SER B 49 -20.23 56.19 6.38
CA SER B 49 -20.20 55.86 4.97
C SER B 49 -21.53 55.20 4.58
N LEU B 50 -22.22 55.81 3.62
CA LEU B 50 -23.39 55.19 3.04
C LEU B 50 -22.96 54.54 1.72
N ASP B 51 -23.13 53.21 1.66
CA ASP B 51 -22.62 52.36 0.58
C ASP B 51 -23.67 51.41 0.04
N PRO B 52 -23.69 51.19 -1.29
CA PRO B 52 -24.65 50.22 -1.87
C PRO B 52 -24.57 48.83 -1.25
N ALA B 53 -23.37 48.45 -0.81
CA ALA B 53 -23.16 47.15 -0.13
C ALA B 53 -24.08 46.98 1.08
N MET B 54 -24.56 48.10 1.62
CA MET B 54 -25.50 48.06 2.75
C MET B 54 -26.78 47.26 2.46
N ARG B 55 -27.18 47.27 1.20
CA ARG B 55 -28.34 46.51 0.76
C ARG B 55 -28.11 44.98 0.94
N GLY B 56 -26.91 44.53 0.59
CA GLY B 56 -26.54 43.14 0.80
C GLY B 56 -26.47 42.77 2.26
N TRP B 57 -25.97 43.69 3.08
CA TRP B 57 -25.81 43.44 4.53
C TRP B 57 -27.12 43.25 5.22
N MET B 58 -28.17 43.81 4.62
CA MET B 58 -29.52 43.70 5.15
C MET B 58 -30.21 42.38 4.79
N ASN B 59 -29.77 41.78 3.69
CA ASN B 59 -30.34 40.51 3.21
C ASN B 59 -29.86 39.29 4.00
N ASP B 60 -30.77 38.33 4.15
CA ASP B 60 -30.49 37.07 4.85
C ASP B 60 -30.03 36.06 3.82
N ALA B 61 -28.71 35.98 3.72
CA ALA B 61 -28.07 35.36 2.60
C ALA B 61 -26.63 35.26 2.99
N ARG B 62 -26.01 34.14 2.68
CA ARG B 62 -24.61 33.93 2.99
C ARG B 62 -23.78 34.87 2.11
N SER B 63 -22.82 35.56 2.71
CA SER B 63 -21.96 36.51 2.00
C SER B 63 -20.56 36.53 2.62
N TYR B 64 -19.72 37.48 2.18
CA TYR B 64 -18.34 37.59 2.69
C TYR B 64 -18.34 38.16 4.11
N ILE B 65 -19.42 38.84 4.46
CA ILE B 65 -19.66 39.21 5.87
C ILE B 65 -21.08 38.85 6.31
N PRO B 66 -21.24 38.42 7.57
CA PRO B 66 -22.57 37.97 7.99
C PRO B 66 -23.64 39.07 7.87
N PRO B 67 -24.89 38.67 7.58
CA PRO B 67 -25.95 39.68 7.53
C PRO B 67 -26.11 40.40 8.86
N VAL B 68 -26.61 41.63 8.81
CA VAL B 68 -26.99 42.32 10.04
C VAL B 68 -28.18 41.60 10.66
N GLY B 69 -28.10 41.33 11.96
CA GLY B 69 -29.16 40.62 12.68
C GLY B 69 -30.35 41.53 12.91
N ILE B 70 -31.53 40.94 12.98
CA ILE B 70 -32.74 41.69 13.35
C ILE B 70 -32.57 42.22 14.77
N GLY B 71 -32.86 43.50 14.95
CA GLY B 71 -32.69 44.15 16.26
C GLY B 71 -31.27 44.66 16.55
N GLU B 72 -30.34 44.33 15.66
CA GLU B 72 -28.96 44.81 15.78
C GLU B 72 -28.82 46.20 15.16
N VAL B 73 -27.89 46.99 15.69
CA VAL B 73 -27.55 48.26 15.10
C VAL B 73 -27.08 48.04 13.67
N MET B 74 -27.61 48.83 12.75
CA MET B 74 -27.26 48.68 11.34
C MET B 74 -25.75 48.89 11.12
N ARG B 75 -25.17 48.03 10.29
CA ARG B 75 -23.73 48.09 9.99
CA ARG B 75 -23.73 48.09 9.99
C ARG B 75 -23.40 49.31 9.15
N ALA B 76 -22.31 50.00 9.49
CA ALA B 76 -21.81 51.13 8.71
C ALA B 76 -20.34 51.39 9.02
N LEU B 77 -19.55 51.58 7.98
CA LEU B 77 -18.20 52.06 8.13
C LEU B 77 -18.29 53.55 8.46
N GLY B 78 -17.37 54.02 9.29
CA GLY B 78 -17.37 55.42 9.67
C GLY B 78 -16.04 55.90 10.18
N VAL B 79 -15.97 57.22 10.38
CA VAL B 79 -14.84 57.84 11.04
C VAL B 79 -15.34 58.52 12.30
N GLY B 80 -14.56 58.39 13.36
CA GLY B 80 -14.93 58.94 14.64
C GLY B 80 -13.74 59.22 15.53
N LYS B 81 -14.02 59.86 16.66
CA LYS B 81 -12.99 60.23 17.63
C LYS B 81 -13.04 59.34 18.84
N VAL B 82 -11.90 58.80 19.23
CA VAL B 82 -11.81 57.98 20.41
C VAL B 82 -11.92 58.86 21.65
N LEU B 83 -12.93 58.61 22.47
CA LEU B 83 -13.15 59.34 23.71
C LEU B 83 -12.50 58.63 24.90
N VAL B 84 -12.68 57.31 24.94
CA VAL B 84 -12.11 56.46 25.98
C VAL B 84 -11.56 55.20 25.34
N SER B 85 -10.34 54.84 25.73
CA SER B 85 -9.73 53.59 25.30
C SER B 85 -9.28 52.71 26.44
N LYS B 86 -9.69 51.44 26.37
CA LYS B 86 -9.15 50.39 27.25
C LYS B 86 -8.45 49.32 26.39
N HIS B 87 -7.81 49.80 25.34
CA HIS B 87 -7.12 48.98 24.35
C HIS B 87 -5.78 49.62 24.06
N PRO B 88 -4.69 48.85 24.18
CA PRO B 88 -3.33 49.42 24.03
C PRO B 88 -2.99 49.99 22.66
N GLY B 89 -3.76 49.62 21.64
CA GLY B 89 -3.57 50.14 20.28
C GLY B 89 -4.12 51.53 20.01
N PHE B 90 -4.90 52.05 20.94
CA PHE B 90 -5.63 53.30 20.74
C PHE B 90 -5.60 54.17 21.99
N GLN B 91 -5.61 55.48 21.76
CA GLN B 91 -5.67 56.45 22.86
C GLN B 91 -6.78 57.46 22.61
N ALA B 92 -7.29 58.02 23.71
CA ALA B 92 -8.23 59.12 23.66
C ALA B 92 -7.66 60.24 22.78
N GLY B 93 -8.49 60.76 21.88
CA GLY B 93 -8.07 61.82 20.94
C GLY B 93 -7.72 61.30 19.56
N ASP B 94 -7.43 60.01 19.46
CA ASP B 94 -7.22 59.37 18.15
C ASP B 94 -8.50 59.47 17.33
N TYR B 95 -8.33 59.70 16.03
CA TYR B 95 -9.41 59.51 15.08
C TYR B 95 -9.22 58.16 14.40
N VAL B 96 -10.31 57.43 14.27
CA VAL B 96 -10.28 56.09 13.72
C VAL B 96 -11.30 55.88 12.60
N ASN B 97 -10.96 54.95 11.71
CA ASN B 97 -11.86 54.41 10.68
C ASN B 97 -12.20 52.99 11.10
N GLY B 98 -13.47 52.64 11.02
CA GLY B 98 -13.91 51.28 11.39
C GLY B 98 -15.40 51.10 11.20
N ALA B 99 -15.88 49.90 11.55
CA ALA B 99 -17.30 49.59 11.47
C ALA B 99 -17.96 50.20 12.70
N LEU B 100 -18.30 51.48 12.60
CA LEU B 100 -18.82 52.23 13.75
C LEU B 100 -20.32 52.08 13.98
N GLY B 101 -21.04 51.67 12.94
CA GLY B 101 -22.48 51.44 13.05
C GLY B 101 -23.29 52.72 12.86
N VAL B 102 -24.58 52.55 12.52
CA VAL B 102 -25.47 53.68 12.30
C VAL B 102 -25.98 54.15 13.64
N GLN B 103 -25.14 54.93 14.33
CA GLN B 103 -25.40 55.35 15.70
C GLN B 103 -24.52 56.54 16.09
N ASP B 104 -24.83 57.16 17.22
CA ASP B 104 -24.07 58.32 17.73
C ASP B 104 -22.70 57.90 18.24
N TYR B 105 -22.67 56.77 18.94
CA TYR B 105 -21.46 56.28 19.61
C TYR B 105 -21.23 54.82 19.34
N PHE B 106 -19.96 54.46 19.13
CA PHE B 106 -19.54 53.07 19.04
C PHE B 106 -18.82 52.66 20.31
N ILE B 107 -19.25 51.55 20.89
CA ILE B 107 -18.54 50.90 21.99
C ILE B 107 -18.29 49.45 21.63
N GLY B 108 -17.02 49.05 21.67
CA GLY B 108 -16.67 47.67 21.38
C GLY B 108 -15.20 47.45 21.10
N GLU B 109 -14.89 46.22 20.71
CA GLU B 109 -13.56 45.83 20.27
C GLU B 109 -13.27 46.48 18.92
N PRO B 110 -12.11 47.15 18.79
CA PRO B 110 -11.79 47.87 17.54
C PRO B 110 -11.23 46.96 16.46
N LYS B 111 -11.97 45.89 16.18
CA LYS B 111 -11.54 44.90 15.20
C LYS B 111 -11.59 45.48 13.79
N GLY B 112 -10.43 45.48 13.12
CA GLY B 112 -10.31 46.02 11.75
C GLY B 112 -10.23 47.54 11.71
N PHE B 113 -10.18 48.18 12.88
CA PHE B 113 -10.08 49.64 12.96
C PHE B 113 -8.66 50.09 12.66
N TYR B 114 -8.53 51.24 12.04
CA TYR B 114 -7.22 51.89 11.88
C TYR B 114 -7.30 53.39 12.14
N LYS B 115 -6.20 53.93 12.64
CA LYS B 115 -6.11 55.35 12.92
C LYS B 115 -5.98 56.16 11.65
N VAL B 116 -6.60 57.33 11.62
CA VAL B 116 -6.49 58.29 10.48
C VAL B 116 -6.04 59.67 10.98
N ASP B 117 -5.32 60.41 10.13
CA ASP B 117 -4.72 61.72 10.48
C ASP B 117 -5.54 62.87 9.91
N PRO B 118 -6.34 63.55 10.74
CA PRO B 118 -7.17 64.64 10.26
C PRO B 118 -6.43 65.90 9.80
N SER B 119 -5.14 65.99 10.07
CA SER B 119 -4.34 67.12 9.57
C SER B 119 -3.96 66.96 8.10
N ARG B 120 -4.05 65.74 7.59
CA ARG B 120 -3.58 65.41 6.24
C ARG B 120 -4.68 65.41 5.19
N ALA B 121 -5.92 65.36 5.63
CA ALA B 121 -7.03 65.34 4.71
C ALA B 121 -8.27 65.58 5.52
N PRO B 122 -9.30 66.13 4.87
CA PRO B 122 -10.55 66.25 5.60
C PRO B 122 -11.10 64.88 6.05
N LEU B 123 -11.73 64.87 7.22
CA LEU B 123 -12.20 63.64 7.85
C LEU B 123 -13.06 62.78 6.93
N PRO B 124 -14.03 63.37 6.21
CA PRO B 124 -14.88 62.57 5.36
C PRO B 124 -14.14 61.88 4.22
N ARG B 125 -12.98 62.41 3.84
CA ARG B 125 -12.18 61.81 2.79
C ARG B 125 -11.60 60.44 3.18
N TYR B 126 -11.51 60.20 4.48
CA TYR B 126 -11.09 58.89 5.00
C TYR B 126 -12.23 57.85 4.88
N LEU B 127 -13.35 58.27 4.29
CA LEU B 127 -14.42 57.35 3.91
C LEU B 127 -14.56 57.21 2.40
N SER B 128 -13.74 57.96 1.67
CA SER B 128 -13.82 57.95 0.21
C SER B 128 -12.50 57.51 -0.39
N ALA B 129 -11.78 58.45 -1.03
CA ALA B 129 -10.52 58.11 -1.71
C ALA B 129 -9.48 57.54 -0.75
N LEU B 130 -9.49 58.02 0.50
CA LEU B 130 -8.57 57.52 1.54
C LEU B 130 -9.28 56.55 2.50
N GLY B 131 -10.43 56.04 2.05
CA GLY B 131 -11.19 55.04 2.78
C GLY B 131 -11.39 53.77 1.96
N MET B 132 -12.43 53.01 2.30
CA MET B 132 -12.66 51.70 1.71
C MET B 132 -13.02 51.74 0.23
N THR B 133 -13.73 52.78 -0.21
CA THR B 133 -14.07 52.89 -1.64
C THR B 133 -12.81 53.12 -2.46
N GLY B 134 -11.98 54.03 -1.99
CA GLY B 134 -10.71 54.36 -2.66
C GLY B 134 -9.73 53.19 -2.66
N MET B 135 -9.62 52.51 -1.52
CA MET B 135 -8.74 51.33 -1.43
C MET B 135 -9.30 50.14 -2.22
N THR B 136 -10.62 50.04 -2.34
CA THR B 136 -11.23 49.04 -3.23
C THR B 136 -10.74 49.27 -4.66
N ALA B 137 -10.87 50.52 -5.12
CA ALA B 137 -10.43 50.91 -6.46
C ALA B 137 -8.96 50.58 -6.65
N TYR B 138 -8.17 51.00 -5.68
CA TYR B 138 -6.71 50.87 -5.74
C TYR B 138 -6.28 49.41 -5.86
N PHE B 139 -6.72 48.59 -4.92
CA PHE B 139 -6.27 47.19 -4.90
C PHE B 139 -6.94 46.33 -5.98
N ALA B 140 -8.23 46.54 -6.20
CA ALA B 140 -8.96 45.79 -7.24
C ALA B 140 -8.37 46.05 -8.61
N LEU B 141 -8.15 47.31 -8.95
CA LEU B 141 -7.59 47.66 -10.25
C LEU B 141 -6.17 47.16 -10.39
N LEU B 142 -5.32 47.53 -9.45
CA LEU B 142 -3.88 47.28 -9.60
C LEU B 142 -3.45 45.84 -9.32
N ASP B 143 -4.03 45.21 -8.31
CA ASP B 143 -3.64 43.84 -7.96
C ASP B 143 -4.38 42.78 -8.79
N VAL B 144 -5.65 43.00 -9.09
CA VAL B 144 -6.45 42.03 -9.85
C VAL B 144 -6.55 42.37 -11.34
N GLY B 145 -6.85 43.62 -11.66
CA GLY B 145 -6.93 44.07 -13.05
C GLY B 145 -5.58 44.10 -13.73
N GLN B 146 -4.56 44.48 -12.97
CA GLN B 146 -3.19 44.62 -13.47
C GLN B 146 -3.11 45.35 -14.81
N PRO B 147 -3.62 46.59 -14.86
CA PRO B 147 -3.59 47.31 -16.13
C PRO B 147 -2.18 47.68 -16.52
N LYS B 148 -1.94 47.73 -17.83
CA LYS B 148 -0.65 48.11 -18.37
C LYS B 148 -0.80 49.33 -19.28
N ASN B 149 0.30 50.05 -19.45
CA ASN B 149 0.34 51.23 -20.34
C ASN B 149 -0.25 50.89 -21.71
N GLY B 150 -1.15 51.74 -22.18
CA GLY B 150 -1.75 51.59 -23.50
C GLY B 150 -2.96 50.66 -23.58
N GLU B 151 -3.24 49.95 -22.49
CA GLU B 151 -4.40 49.07 -22.46
C GLU B 151 -5.68 49.87 -22.30
N THR B 152 -6.78 49.29 -22.75
CA THR B 152 -8.10 49.90 -22.62
C THR B 152 -8.82 49.35 -21.39
N VAL B 153 -9.14 50.27 -20.49
CA VAL B 153 -9.81 49.97 -19.24
C VAL B 153 -11.21 50.53 -19.28
N VAL B 154 -12.20 49.66 -19.08
CA VAL B 154 -13.59 50.07 -18.97
C VAL B 154 -14.08 49.93 -17.53
N ILE B 155 -14.79 50.96 -17.07
CA ILE B 155 -15.25 51.03 -15.71
C ILE B 155 -16.76 51.20 -15.66
N SER B 156 -17.45 50.25 -15.01
CA SER B 156 -18.88 50.40 -14.75
C SER B 156 -19.11 51.11 -13.41
N GLY B 157 -20.31 51.66 -13.23
CA GLY B 157 -20.62 52.54 -12.09
C GLY B 157 -19.55 53.62 -11.95
N ALA B 158 -19.14 54.15 -13.09
CA ALA B 158 -17.93 54.96 -13.19
C ALA B 158 -17.99 56.30 -12.44
N ALA B 159 -19.21 56.80 -12.21
CA ALA B 159 -19.40 58.06 -11.47
C ALA B 159 -19.49 57.81 -9.98
N GLY B 160 -19.62 56.55 -9.59
CA GLY B 160 -19.64 56.18 -8.18
C GLY B 160 -18.29 56.37 -7.52
N ALA B 161 -18.28 56.22 -6.20
CA ALA B 161 -17.08 56.44 -5.38
C ALA B 161 -15.91 55.51 -5.73
N VAL B 162 -16.22 54.24 -5.97
CA VAL B 162 -15.18 53.28 -6.33
C VAL B 162 -14.71 53.50 -7.77
N GLY B 163 -15.67 53.53 -8.69
CA GLY B 163 -15.36 53.64 -10.11
C GLY B 163 -14.65 54.91 -10.52
N SER B 164 -15.06 56.03 -9.94
CA SER B 164 -14.46 57.33 -10.28
C SER B 164 -13.00 57.37 -9.90
N VAL B 165 -12.67 56.77 -8.78
CA VAL B 165 -11.25 56.64 -8.37
C VAL B 165 -10.48 55.66 -9.25
N ALA B 166 -11.08 54.50 -9.51
CA ALA B 166 -10.45 53.46 -10.33
C ALA B 166 -10.05 54.01 -11.72
N GLY B 167 -10.96 54.74 -12.35
CA GLY B 167 -10.70 55.34 -13.67
C GLY B 167 -9.55 56.32 -13.68
N GLN B 168 -9.43 57.09 -12.61
CA GLN B 168 -8.35 58.07 -12.48
C GLN B 168 -7.01 57.38 -12.28
N ILE B 169 -7.01 56.33 -11.47
CA ILE B 169 -5.79 55.54 -11.28
C ILE B 169 -5.35 54.95 -12.63
N ALA B 170 -6.32 54.40 -13.37
CA ALA B 170 -6.05 53.80 -14.68
C ALA B 170 -5.43 54.83 -15.65
N ARG B 171 -5.95 56.05 -15.62
CA ARG B 171 -5.38 57.15 -16.44
C ARG B 171 -3.92 57.37 -16.07
N LEU B 172 -3.64 57.40 -14.77
CA LEU B 172 -2.27 57.59 -14.28
C LEU B 172 -1.31 56.49 -14.71
N LYS B 173 -1.84 55.30 -14.98
CA LYS B 173 -1.02 54.16 -15.42
C LYS B 173 -0.84 54.11 -16.94
N GLY B 174 -1.38 55.11 -17.62
CA GLY B 174 -1.18 55.27 -19.06
C GLY B 174 -2.21 54.54 -19.89
N CYS B 175 -3.34 54.22 -19.28
CA CYS B 175 -4.40 53.49 -19.95
C CYS B 175 -5.35 54.40 -20.67
N ARG B 176 -6.00 53.86 -21.68
CA ARG B 176 -7.20 54.46 -22.24
C ARG B 176 -8.35 54.09 -21.31
N VAL B 177 -9.06 55.10 -20.83
CA VAL B 177 -10.08 54.91 -19.80
C VAL B 177 -11.47 55.31 -20.27
N VAL B 178 -12.37 54.33 -20.28
CA VAL B 178 -13.75 54.53 -20.69
C VAL B 178 -14.70 54.20 -19.57
N GLY B 179 -15.53 55.17 -19.23
CA GLY B 179 -16.52 55.01 -18.17
C GLY B 179 -17.90 54.68 -18.70
N ILE B 180 -18.64 53.91 -17.93
CA ILE B 180 -20.04 53.65 -18.21
C ILE B 180 -20.84 54.19 -17.04
N ALA B 181 -21.75 55.12 -17.33
CA ALA B 181 -22.57 55.76 -16.31
C ALA B 181 -23.93 56.18 -16.85
N GLY B 182 -24.88 56.36 -15.94
CA GLY B 182 -26.25 56.72 -16.30
C GLY B 182 -26.48 58.22 -16.21
N GLY B 183 -26.77 58.84 -17.35
CA GLY B 183 -27.10 60.27 -17.41
C GLY B 183 -26.00 61.13 -18.01
N ALA B 184 -26.42 62.23 -18.65
CA ALA B 184 -25.50 63.11 -19.38
C ALA B 184 -24.53 63.86 -18.48
N GLU B 185 -25.01 64.25 -17.29
CA GLU B 185 -24.18 65.06 -16.37
C GLU B 185 -23.04 64.22 -15.80
N LYS B 186 -23.35 63.00 -15.36
CA LYS B 186 -22.32 62.08 -14.86
C LYS B 186 -21.24 61.86 -15.92
N CYS B 187 -21.66 61.59 -17.14
CA CYS B 187 -20.73 61.31 -18.24
C CYS B 187 -19.84 62.50 -18.57
N ARG B 188 -20.44 63.69 -18.58
CA ARG B 188 -19.68 64.94 -18.78
C ARG B 188 -18.65 65.11 -17.70
N PHE B 189 -19.08 64.92 -16.46
CA PHE B 189 -18.19 65.01 -15.29
C PHE B 189 -16.98 64.09 -15.42
N LEU B 190 -17.23 62.84 -15.81
CA LEU B 190 -16.15 61.86 -15.98
C LEU B 190 -15.09 62.32 -16.97
N VAL B 191 -15.53 62.82 -18.11
CA VAL B 191 -14.61 63.21 -19.17
C VAL B 191 -13.95 64.56 -18.87
N GLU B 192 -14.78 65.56 -18.58
CA GLU B 192 -14.29 66.95 -18.45
C GLU B 192 -13.56 67.24 -17.14
N GLU B 193 -14.03 66.65 -16.05
CA GLU B 193 -13.44 66.88 -14.72
C GLU B 193 -12.42 65.83 -14.31
N LEU B 194 -12.75 64.55 -14.50
CA LEU B 194 -11.88 63.45 -14.04
C LEU B 194 -10.86 62.98 -15.07
N GLY B 195 -11.01 63.41 -16.32
CA GLY B 195 -10.04 63.10 -17.37
C GLY B 195 -10.20 61.73 -18.01
N PHE B 196 -11.37 61.13 -17.87
CA PHE B 196 -11.68 59.89 -18.59
C PHE B 196 -11.57 60.18 -20.08
N ASP B 197 -11.05 59.23 -20.85
CA ASP B 197 -10.92 59.39 -22.30
C ASP B 197 -12.27 59.38 -22.97
N GLY B 198 -13.19 58.65 -22.38
CA GLY B 198 -14.55 58.59 -22.87
C GLY B 198 -15.53 58.15 -21.82
N ALA B 199 -16.80 58.39 -22.08
CA ALA B 199 -17.87 58.00 -21.19
C ALA B 199 -19.09 57.64 -21.99
N ILE B 200 -19.69 56.50 -21.67
CA ILE B 200 -20.87 56.03 -22.38
C ILE B 200 -22.09 56.15 -21.48
N ASP B 201 -23.08 56.90 -21.96
CA ASP B 201 -24.33 57.08 -21.24
C ASP B 201 -25.30 55.97 -21.63
N TYR B 202 -25.30 54.89 -20.85
CA TYR B 202 -26.08 53.70 -21.20
C TYR B 202 -27.60 53.93 -21.15
N LYS B 203 -28.02 54.95 -20.43
CA LYS B 203 -29.45 55.29 -20.35
C LYS B 203 -29.97 56.05 -21.57
N ASN B 204 -29.08 56.74 -22.26
CA ASN B 204 -29.46 57.58 -23.40
C ASN B 204 -28.85 57.14 -24.73
N GLU B 205 -28.08 56.06 -24.69
CA GLU B 205 -27.32 55.60 -25.84
C GLU B 205 -27.14 54.09 -25.78
N ASP B 206 -27.10 53.44 -26.94
CA ASP B 206 -26.88 51.99 -26.97
C ASP B 206 -25.45 51.67 -26.53
N LEU B 207 -25.33 50.80 -25.52
CA LEU B 207 -24.04 50.48 -24.91
C LEU B 207 -23.07 49.84 -25.90
N ALA B 208 -23.55 48.85 -26.65
CA ALA B 208 -22.73 48.18 -27.68
C ALA B 208 -22.16 49.16 -28.70
N ALA B 209 -23.00 50.06 -29.19
CA ALA B 209 -22.57 51.12 -30.12
C ALA B 209 -21.52 52.03 -29.47
N GLY B 210 -21.78 52.40 -28.22
CA GLY B 210 -20.85 53.21 -27.45
C GLY B 210 -19.49 52.53 -27.31
N LEU B 211 -19.52 51.23 -26.98
CA LEU B 211 -18.31 50.44 -26.82
C LEU B 211 -17.52 50.33 -28.12
N LYS B 212 -18.25 50.14 -29.23
CA LYS B 212 -17.66 50.09 -30.58
C LYS B 212 -16.89 51.36 -30.86
N ARG B 213 -17.51 52.49 -30.54
CA ARG B 213 -16.88 53.79 -30.77
C ARG B 213 -15.69 54.03 -29.83
N GLU B 214 -15.92 53.79 -28.55
CA GLU B 214 -14.94 54.15 -27.51
C GLU B 214 -13.80 53.15 -27.31
N CYS B 215 -14.03 51.89 -27.69
CA CYS B 215 -13.05 50.82 -27.47
C CYS B 215 -12.73 50.05 -28.76
N PRO B 216 -12.12 50.75 -29.73
CA PRO B 216 -11.89 50.14 -31.04
C PRO B 216 -10.99 48.90 -31.02
N LYS B 217 -10.08 48.83 -30.05
CA LYS B 217 -9.16 47.68 -29.92
C LYS B 217 -9.59 46.69 -28.84
N GLY B 218 -10.85 46.71 -28.48
CA GLY B 218 -11.39 45.82 -27.45
C GLY B 218 -11.10 46.29 -26.03
N ILE B 219 -11.58 45.52 -25.05
CA ILE B 219 -11.48 45.87 -23.64
C ILE B 219 -10.50 44.93 -22.89
N ASP B 220 -9.42 45.50 -22.37
CA ASP B 220 -8.37 44.73 -21.68
C ASP B 220 -8.68 44.50 -20.21
N VAL B 221 -9.24 45.52 -19.57
CA VAL B 221 -9.65 45.42 -18.17
C VAL B 221 -11.05 45.97 -18.02
N PHE B 222 -11.91 45.16 -17.42
CA PHE B 222 -13.23 45.63 -17.02
C PHE B 222 -13.34 45.62 -15.50
N PHE B 223 -13.52 46.82 -14.97
CA PHE B 223 -13.73 47.04 -13.55
C PHE B 223 -15.23 47.11 -13.33
N ASP B 224 -15.79 46.08 -12.72
CA ASP B 224 -17.25 45.94 -12.59
C ASP B 224 -17.78 46.22 -11.18
N ASN B 225 -18.59 47.26 -11.09
CA ASN B 225 -19.28 47.63 -9.85
C ASN B 225 -20.77 47.37 -9.89
N VAL B 226 -21.29 47.04 -11.07
CA VAL B 226 -22.75 47.03 -11.27
C VAL B 226 -23.34 45.69 -11.73
N GLY B 227 -22.59 44.97 -12.55
CA GLY B 227 -23.03 43.66 -13.02
C GLY B 227 -24.17 43.76 -14.02
N GLY B 228 -25.05 42.77 -13.98
CA GLY B 228 -26.24 42.76 -14.82
C GLY B 228 -25.95 42.84 -16.31
N GLU B 229 -26.83 43.53 -17.02
CA GLU B 229 -26.77 43.61 -18.49
C GLU B 229 -25.54 44.35 -18.98
N ILE B 230 -25.09 45.32 -18.19
CA ILE B 230 -23.87 46.04 -18.54
C ILE B 230 -22.66 45.09 -18.61
N LEU B 231 -22.52 44.25 -17.61
CA LEU B 231 -21.45 43.24 -17.58
C LEU B 231 -21.55 42.31 -18.79
N ASP B 232 -22.77 41.85 -19.03
CA ASP B 232 -23.02 40.90 -20.12
C ASP B 232 -22.66 41.48 -21.48
N THR B 233 -22.96 42.77 -21.68
CA THR B 233 -22.63 43.46 -22.92
C THR B 233 -21.15 43.72 -23.04
N VAL B 234 -20.51 44.08 -21.95
CA VAL B 234 -19.07 44.31 -21.95
C VAL B 234 -18.29 43.04 -22.33
N LEU B 235 -18.79 41.91 -21.85
CA LEU B 235 -18.19 40.59 -22.15
C LEU B 235 -18.07 40.31 -23.66
N THR B 236 -19.00 40.84 -24.45
CA THR B 236 -18.94 40.66 -25.92
C THR B 236 -17.77 41.40 -26.56
N ARG B 237 -17.15 42.33 -25.83
CA ARG B 237 -16.11 43.21 -26.39
C ARG B 237 -14.74 43.09 -25.73
N ILE B 238 -14.59 42.12 -24.83
CA ILE B 238 -13.30 41.95 -24.16
C ILE B 238 -12.25 41.44 -25.12
N ALA B 239 -11.02 41.84 -24.88
CA ALA B 239 -9.88 41.40 -25.68
C ALA B 239 -9.30 40.09 -25.18
N PHE B 240 -8.43 39.53 -26.00
CA PHE B 240 -7.59 38.41 -25.64
C PHE B 240 -6.86 38.69 -24.31
N LYS B 241 -6.95 37.75 -23.38
CA LYS B 241 -6.29 37.84 -22.05
C LYS B 241 -6.82 39.00 -21.19
N ALA B 242 -8.07 39.37 -21.41
CA ALA B 242 -8.71 40.40 -20.62
C ALA B 242 -8.82 39.98 -19.17
N ARG B 243 -8.87 40.97 -18.29
CA ARG B 243 -9.13 40.75 -16.86
C ARG B 243 -10.38 41.49 -16.47
N ILE B 244 -11.32 40.77 -15.90
CA ILE B 244 -12.53 41.32 -15.34
C ILE B 244 -12.46 41.23 -13.82
N VAL B 245 -12.52 42.38 -13.17
CA VAL B 245 -12.53 42.39 -11.70
C VAL B 245 -13.92 42.73 -11.19
N LEU B 246 -14.44 41.84 -10.36
CA LEU B 246 -15.75 42.00 -9.77
C LEU B 246 -15.62 42.57 -8.35
N CYS B 247 -16.18 43.77 -8.16
CA CYS B 247 -16.17 44.45 -6.87
C CYS B 247 -17.55 44.59 -6.26
N GLY B 248 -18.58 44.48 -7.10
CA GLY B 248 -19.95 44.51 -6.64
C GLY B 248 -20.94 44.33 -7.77
N ALA B 249 -22.23 44.37 -7.44
CA ALA B 249 -23.33 44.29 -8.42
C ALA B 249 -24.57 45.11 -8.00
N ILE B 250 -24.47 46.42 -8.19
CA ILE B 250 -25.48 47.36 -7.67
C ILE B 250 -26.84 47.18 -8.36
N SER B 251 -26.80 46.86 -9.65
CA SER B 251 -28.01 46.68 -10.46
C SER B 251 -28.83 45.46 -10.02
N GLN B 252 -28.25 44.66 -9.12
CA GLN B 252 -28.84 43.48 -8.51
C GLN B 252 -29.33 43.69 -7.08
N TYR B 253 -28.95 44.78 -6.42
CA TYR B 253 -29.14 44.84 -4.93
C TYR B 253 -30.63 44.87 -4.53
N ASN B 254 -31.39 45.76 -5.16
CA ASN B 254 -32.81 45.93 -4.85
C ASN B 254 -33.72 45.17 -5.80
N ASN B 255 -33.14 44.22 -6.55
CA ASN B 255 -33.90 43.48 -7.56
C ASN B 255 -34.64 42.34 -6.89
N LYS B 256 -35.90 42.17 -7.28
CA LYS B 256 -36.75 41.13 -6.70
C LYS B 256 -36.27 39.71 -7.02
N GLU B 257 -35.56 39.12 -6.06
CA GLU B 257 -35.53 37.66 -5.85
C GLU B 257 -34.62 36.78 -6.74
N ALA B 258 -33.86 37.35 -7.68
CA ALA B 258 -32.89 36.53 -8.42
C ALA B 258 -31.81 37.36 -9.09
N VAL B 259 -30.55 37.01 -8.83
CA VAL B 259 -29.41 37.59 -9.54
C VAL B 259 -29.50 37.20 -11.02
N ARG B 260 -29.05 38.10 -11.89
CA ARG B 260 -29.14 37.93 -13.32
C ARG B 260 -27.72 37.61 -13.75
N GLY B 261 -27.53 36.49 -14.46
CA GLY B 261 -26.20 35.95 -14.72
C GLY B 261 -25.77 36.27 -16.13
N PRO B 262 -24.46 36.44 -16.34
CA PRO B 262 -23.97 36.78 -17.68
C PRO B 262 -24.05 35.63 -18.70
N ALA B 263 -24.99 35.74 -19.63
CA ALA B 263 -25.16 34.75 -20.71
C ALA B 263 -23.95 34.67 -21.63
N ASN B 264 -23.16 35.75 -21.68
CA ASN B 264 -21.96 35.82 -22.54
C ASN B 264 -20.66 35.41 -21.85
N TYR B 265 -20.78 34.68 -20.73
CA TYR B 265 -19.60 34.30 -19.92
C TYR B 265 -18.57 33.47 -20.69
N LEU B 266 -19.03 32.74 -21.71
CA LEU B 266 -18.13 31.93 -22.55
C LEU B 266 -17.16 32.77 -23.37
N SER B 267 -17.40 34.08 -23.42
CA SER B 267 -16.40 35.00 -23.97
C SER B 267 -15.07 34.84 -23.24
N LEU B 268 -15.13 34.47 -21.97
CA LEU B 268 -13.91 34.18 -21.18
C LEU B 268 -13.10 33.02 -21.72
N LEU B 269 -13.81 32.05 -22.31
CA LEU B 269 -13.17 30.94 -23.03
C LEU B 269 -12.59 31.40 -24.36
N VAL B 270 -13.45 31.99 -25.20
CA VAL B 270 -13.05 32.46 -26.55
C VAL B 270 -11.83 33.38 -26.50
N ASN B 271 -11.84 34.27 -25.52
CA ASN B 271 -10.74 35.23 -25.32
C ASN B 271 -9.69 34.84 -24.27
N ARG B 272 -9.85 33.64 -23.72
CA ARG B 272 -8.92 33.11 -22.71
C ARG B 272 -8.62 34.18 -21.65
N ALA B 273 -9.71 34.68 -21.10
CA ALA B 273 -9.74 35.80 -20.19
C ALA B 273 -10.07 35.33 -18.79
N ARG B 274 -9.90 36.24 -17.84
CA ARG B 274 -10.06 35.94 -16.42
C ARG B 274 -11.10 36.84 -15.78
N MET B 275 -11.97 36.24 -14.99
CA MET B 275 -12.94 36.97 -14.19
C MET B 275 -12.71 36.62 -12.73
N GLU B 276 -12.47 37.65 -11.92
CA GLU B 276 -12.06 37.44 -10.53
C GLU B 276 -12.69 38.43 -9.56
N GLY B 277 -13.15 37.89 -8.43
CA GLY B 277 -13.74 38.69 -7.38
C GLY B 277 -12.70 39.13 -6.35
N MET B 278 -12.96 40.26 -5.71
CA MET B 278 -12.10 40.77 -4.64
C MET B 278 -12.91 41.50 -3.58
N VAL B 279 -12.34 41.55 -2.39
CA VAL B 279 -12.90 42.25 -1.25
C VAL B 279 -11.77 43.04 -0.57
N VAL B 280 -12.00 44.34 -0.31
CA VAL B 280 -10.91 45.25 0.08
C VAL B 280 -10.25 44.85 1.41
N MET B 281 -11.01 44.27 2.32
CA MET B 281 -10.45 43.88 3.62
C MET B 281 -9.36 42.82 3.54
N ASP B 282 -9.35 42.06 2.45
CA ASP B 282 -8.28 41.08 2.21
C ASP B 282 -6.92 41.77 2.07
N TYR B 283 -6.93 43.07 1.79
CA TYR B 283 -5.70 43.84 1.57
C TYR B 283 -5.29 44.72 2.77
N ALA B 284 -5.91 44.48 3.92
CA ALA B 284 -5.70 45.29 5.14
C ALA B 284 -4.23 45.52 5.46
N GLN B 285 -3.41 44.49 5.33
CA GLN B 285 -1.99 44.59 5.64
C GLN B 285 -1.24 45.57 4.74
N ARG B 286 -1.80 45.85 3.58
CA ARG B 286 -1.16 46.73 2.59
C ARG B 286 -1.78 48.12 2.57
N PHE B 287 -2.74 48.38 3.45
CA PHE B 287 -3.38 49.69 3.52
C PHE B 287 -2.40 50.87 3.67
N PRO B 288 -1.41 50.76 4.58
CA PRO B 288 -0.50 51.89 4.73
C PRO B 288 0.20 52.35 3.45
N GLU B 289 0.70 51.41 2.65
CA GLU B 289 1.38 51.80 1.40
C GLU B 289 0.39 52.32 0.37
N GLY B 290 -0.79 51.72 0.34
CA GLY B 290 -1.86 52.15 -0.55
C GLY B 290 -2.38 53.55 -0.24
N LEU B 291 -2.65 53.78 1.04
CA LEU B 291 -3.08 55.10 1.52
C LEU B 291 -2.01 56.16 1.26
N LYS B 292 -0.75 55.80 1.50
CA LYS B 292 0.37 56.71 1.29
C LYS B 292 0.45 57.15 -0.16
N GLU B 293 0.35 56.20 -1.09
CA GLU B 293 0.42 56.53 -2.51
C GLU B 293 -0.78 57.36 -2.94
N MET B 294 -1.97 56.95 -2.51
CA MET B 294 -3.21 57.68 -2.82
C MET B 294 -3.12 59.14 -2.33
N ALA B 295 -2.62 59.33 -1.12
CA ALA B 295 -2.45 60.67 -0.53
C ALA B 295 -1.56 61.58 -1.40
N THR B 296 -0.48 61.02 -1.94
CA THR B 296 0.41 61.82 -2.80
C THR B 296 -0.26 62.18 -4.13
N TRP B 297 -1.02 61.25 -4.70
CA TRP B 297 -1.77 61.51 -5.94
C TRP B 297 -2.74 62.65 -5.71
N LEU B 298 -3.43 62.60 -4.59
CA LEU B 298 -4.36 63.67 -4.21
C LEU B 298 -3.63 65.01 -4.04
N ALA B 299 -2.55 64.99 -3.28
CA ALA B 299 -1.76 66.20 -2.96
C ALA B 299 -1.21 66.86 -4.22
N GLU B 300 -0.79 66.03 -5.17
CA GLU B 300 -0.22 66.51 -6.44
C GLU B 300 -1.29 66.94 -7.46
N GLY B 301 -2.56 66.72 -7.12
CA GLY B 301 -3.66 67.06 -8.02
C GLY B 301 -3.84 66.08 -9.18
N LYS B 302 -3.17 64.94 -9.10
CA LYS B 302 -3.26 63.90 -10.14
C LYS B 302 -4.56 63.11 -10.02
N LEU B 303 -5.14 63.13 -8.83
CA LEU B 303 -6.40 62.44 -8.56
C LEU B 303 -7.32 63.33 -7.72
N GLN B 304 -8.62 63.32 -8.05
CA GLN B 304 -9.64 64.11 -7.34
C GLN B 304 -10.63 63.25 -6.60
N SER B 305 -11.13 63.74 -5.46
CA SER B 305 -12.15 63.05 -4.68
C SER B 305 -13.32 63.95 -4.32
N ARG B 306 -14.53 63.50 -4.64
CA ARG B 306 -15.74 64.25 -4.27
C ARG B 306 -16.57 63.49 -3.23
N GLU B 307 -16.96 64.20 -2.18
CA GLU B 307 -17.86 63.66 -1.18
C GLU B 307 -19.18 64.44 -1.17
N ASP B 308 -20.28 63.70 -1.10
CA ASP B 308 -21.61 64.29 -0.93
C ASP B 308 -22.02 64.12 0.52
N ILE B 309 -21.95 65.21 1.28
CA ILE B 309 -22.18 65.18 2.72
C ILE B 309 -23.57 65.64 3.09
N VAL B 310 -24.34 64.73 3.70
CA VAL B 310 -25.68 65.01 4.19
C VAL B 310 -25.64 64.97 5.70
N GLU B 311 -26.36 65.91 6.32
CA GLU B 311 -26.27 66.11 7.76
C GLU B 311 -27.43 65.50 8.51
N GLY B 312 -27.10 64.84 9.62
CA GLY B 312 -28.08 64.35 10.57
C GLY B 312 -28.30 62.85 10.54
N LEU B 313 -27.90 62.19 11.63
CA LEU B 313 -28.08 60.76 11.82
C LEU B 313 -29.53 60.33 11.55
N GLU B 314 -30.45 61.15 12.03
CA GLU B 314 -31.90 60.90 11.93
C GLU B 314 -32.39 60.75 10.47
N THR B 315 -31.66 61.35 9.52
CA THR B 315 -32.02 61.28 8.09
C THR B 315 -31.60 59.98 7.39
N PHE B 316 -30.95 59.09 8.14
CA PHE B 316 -30.35 57.87 7.57
C PHE B 316 -31.23 57.07 6.57
N PRO B 317 -32.44 56.64 6.98
CA PRO B 317 -33.30 55.86 6.05
C PRO B 317 -33.56 56.54 4.72
N GLU B 318 -33.83 57.85 4.74
CA GLU B 318 -34.12 58.57 3.50
C GLU B 318 -32.84 58.74 2.71
N THR B 319 -31.78 59.15 3.40
CA THR B 319 -30.50 59.42 2.77
C THR B 319 -29.96 58.18 2.09
N LEU B 320 -30.18 57.03 2.72
CA LEU B 320 -29.81 55.74 2.14
C LEU B 320 -30.45 55.47 0.76
N LEU B 321 -31.70 55.86 0.59
CA LEU B 321 -32.42 55.70 -0.69
C LEU B 321 -31.80 56.49 -1.83
N LYS B 322 -31.21 57.63 -1.49
CA LYS B 322 -30.53 58.50 -2.46
C LYS B 322 -29.40 57.76 -3.17
N LEU B 323 -28.88 56.74 -2.50
CA LEU B 323 -27.82 55.91 -3.03
C LEU B 323 -28.27 55.14 -4.28
N PHE B 324 -29.55 54.78 -4.30
CA PHE B 324 -30.10 53.99 -5.42
C PHE B 324 -30.96 54.78 -6.38
N SER B 325 -30.79 56.10 -6.39
CA SER B 325 -31.59 56.97 -7.22
C SER B 325 -30.77 57.55 -8.39
N GLY B 326 -29.50 57.17 -8.51
CA GLY B 326 -28.57 57.88 -9.41
C GLY B 326 -28.46 59.35 -9.06
N GLU B 327 -28.85 59.68 -7.84
CA GLU B 327 -29.00 61.06 -7.43
C GLU B 327 -27.69 61.56 -6.85
N ASN B 328 -27.19 60.82 -5.86
CA ASN B 328 -26.00 61.31 -5.10
C ASN B 328 -24.89 61.68 -6.07
N PHE B 329 -24.23 62.80 -5.83
CA PHE B 329 -23.12 63.24 -6.66
C PHE B 329 -21.80 63.17 -5.90
N GLY B 330 -21.22 61.99 -6.03
CA GLY B 330 -20.02 61.61 -5.34
C GLY B 330 -20.30 60.74 -4.14
N LYS B 331 -19.23 60.35 -3.46
CA LYS B 331 -19.32 59.40 -2.35
C LYS B 331 -20.24 59.91 -1.26
N LEU B 332 -21.26 59.13 -0.94
CA LEU B 332 -22.29 59.56 0.00
C LEU B 332 -21.81 59.37 1.44
N VAL B 333 -21.82 60.49 2.17
CA VAL B 333 -21.38 60.51 3.56
C VAL B 333 -22.42 61.16 4.46
N LEU B 334 -22.71 60.51 5.56
CA LEU B 334 -23.68 61.02 6.54
C LEU B 334 -22.95 61.61 7.73
N LYS B 335 -23.07 62.93 7.92
CA LYS B 335 -22.51 63.60 9.09
C LYS B 335 -23.41 63.35 10.26
N VAL B 336 -22.87 62.75 11.32
CA VAL B 336 -23.64 62.46 12.49
C VAL B 336 -23.70 63.76 13.26
N GLN C 6 -34.14 -50.66 38.98
CA GLN C 6 -35.35 -51.21 38.31
C GLN C 6 -36.20 -50.12 37.65
N ILE C 7 -36.83 -49.28 38.48
CA ILE C 7 -37.61 -48.15 37.99
C ILE C 7 -36.91 -46.83 38.18
N ASN C 8 -36.92 -45.99 37.15
CA ASN C 8 -36.43 -44.61 37.23
C ASN C 8 -37.54 -43.56 37.19
N ARG C 9 -37.85 -43.00 38.36
CA ARG C 9 -38.83 -41.93 38.45
C ARG C 9 -38.17 -40.62 38.05
N GLN C 10 -38.87 -39.83 37.24
CA GLN C 10 -38.34 -38.58 36.72
C GLN C 10 -39.37 -37.47 36.81
N TYR C 11 -38.89 -36.27 37.14
CA TYR C 11 -39.68 -35.06 36.98
C TYR C 11 -39.25 -34.38 35.69
N GLN C 12 -40.18 -34.29 34.75
CA GLN C 12 -39.93 -33.61 33.49
C GLN C 12 -40.56 -32.22 33.52
N LEU C 13 -39.96 -31.30 32.77
CA LEU C 13 -40.55 -29.96 32.62
C LEU C 13 -41.73 -30.06 31.66
N ALA C 14 -42.91 -29.69 32.15
CA ALA C 14 -44.17 -29.86 31.40
C ALA C 14 -44.58 -28.54 30.73
N GLN C 15 -44.48 -27.45 31.48
CA GLN C 15 -44.74 -26.11 30.96
C GLN C 15 -43.92 -25.05 31.71
N ARG C 16 -43.51 -24.02 30.98
CA ARG C 16 -42.74 -22.93 31.56
C ARG C 16 -43.66 -22.08 32.42
N PRO C 17 -43.29 -21.85 33.69
CA PRO C 17 -44.18 -21.11 34.56
C PRO C 17 -44.14 -19.60 34.31
N SER C 18 -45.28 -18.95 34.49
CA SER C 18 -45.33 -17.49 34.66
C SER C 18 -45.34 -17.25 36.15
N GLY C 19 -44.37 -16.47 36.60
CA GLY C 19 -44.15 -16.28 38.02
C GLY C 19 -43.64 -17.55 38.68
N LEU C 20 -44.30 -17.96 39.75
CA LEU C 20 -43.87 -19.14 40.52
C LEU C 20 -44.30 -20.44 39.87
N PRO C 21 -43.52 -21.51 40.10
CA PRO C 21 -43.90 -22.82 39.59
C PRO C 21 -45.00 -23.50 40.38
N GLY C 22 -45.62 -24.46 39.72
CA GLY C 22 -46.21 -25.63 40.40
C GLY C 22 -47.50 -26.17 39.82
N ARG C 23 -48.15 -27.04 40.57
CA ARG C 23 -49.25 -27.80 40.02
C ARG C 23 -48.82 -28.59 38.73
N ASP C 24 -48.85 -27.87 37.63
CA ASP C 24 -48.72 -28.44 36.30
C ASP C 24 -47.40 -28.10 35.61
N THR C 25 -46.48 -27.48 36.36
CA THR C 25 -45.16 -27.11 35.81
C THR C 25 -44.35 -28.35 35.46
N PHE C 26 -44.43 -29.35 36.34
CA PHE C 26 -43.70 -30.60 36.14
C PHE C 26 -44.62 -31.79 35.95
N SER C 27 -44.12 -32.78 35.20
CA SER C 27 -44.77 -34.08 35.04
C SER C 27 -43.95 -35.19 35.69
N PHE C 28 -44.59 -35.95 36.58
CA PHE C 28 -43.95 -37.07 37.26
C PHE C 28 -44.13 -38.33 36.41
N VAL C 29 -43.02 -38.86 35.89
CA VAL C 29 -43.07 -40.04 35.00
C VAL C 29 -42.22 -41.20 35.50
N GLU C 30 -42.69 -42.41 35.25
CA GLU C 30 -41.97 -43.64 35.60
C GLU C 30 -41.42 -44.33 34.36
N THR C 31 -40.11 -44.59 34.36
CA THR C 31 -39.45 -45.26 33.25
C THR C 31 -38.65 -46.46 33.72
N PRO C 32 -38.64 -47.57 32.94
CA PRO C 32 -37.72 -48.65 33.27
C PRO C 32 -36.26 -48.21 33.16
N LEU C 33 -35.45 -48.58 34.14
CA LEU C 33 -34.04 -48.16 34.18
C LEU C 33 -33.24 -48.90 33.12
N GLY C 34 -32.66 -48.16 32.19
CA GLY C 34 -31.84 -48.75 31.13
C GLY C 34 -30.41 -49.03 31.56
N GLU C 35 -29.55 -49.24 30.56
CA GLU C 35 -28.14 -49.57 30.76
C GLU C 35 -27.24 -48.47 30.14
N PRO C 36 -26.10 -48.16 30.77
CA PRO C 36 -25.21 -47.19 30.14
C PRO C 36 -24.54 -47.75 28.88
N ALA C 37 -24.42 -46.91 27.86
CA ALA C 37 -23.65 -47.24 26.66
C ALA C 37 -22.18 -46.89 26.89
N GLU C 38 -21.34 -47.23 25.92
CA GLU C 38 -19.90 -46.91 25.98
C GLU C 38 -19.68 -45.44 26.24
N GLY C 39 -18.73 -45.13 27.10
CA GLY C 39 -18.43 -43.75 27.46
C GLY C 39 -19.45 -43.13 28.40
N GLN C 40 -20.37 -43.93 28.91
CA GLN C 40 -21.38 -43.45 29.85
C GLN C 40 -21.23 -44.10 31.22
N ILE C 41 -21.88 -43.48 32.20
CA ILE C 41 -22.00 -44.07 33.54
C ILE C 41 -23.45 -44.12 33.96
N LEU C 42 -23.73 -45.05 34.87
CA LEU C 42 -25.04 -45.15 35.53
C LEU C 42 -24.85 -44.79 36.99
N VAL C 43 -25.59 -43.78 37.43
CA VAL C 43 -25.47 -43.24 38.78
C VAL C 43 -26.80 -43.31 39.53
N LYS C 44 -26.75 -43.82 40.76
CA LYS C 44 -27.89 -43.74 41.66
C LYS C 44 -27.86 -42.37 42.32
N ASN C 45 -28.85 -41.54 42.01
CA ASN C 45 -28.91 -40.19 42.56
C ASN C 45 -29.27 -40.24 44.06
N GLU C 46 -28.49 -39.56 44.88
CA GLU C 46 -28.68 -39.60 46.33
C GLU C 46 -29.17 -38.27 46.90
N TYR C 47 -28.55 -37.19 46.45
CA TYR C 47 -28.91 -35.84 46.88
C TYR C 47 -28.92 -34.92 45.68
N LEU C 48 -29.94 -34.07 45.63
CA LEU C 48 -30.08 -33.07 44.57
C LEU C 48 -30.02 -31.67 45.14
N SER C 49 -29.37 -30.78 44.40
CA SER C 49 -29.27 -29.39 44.77
C SER C 49 -30.50 -28.64 44.28
N LEU C 50 -31.22 -28.03 45.21
CA LEU C 50 -32.33 -27.15 44.86
C LEU C 50 -31.80 -25.71 44.93
N ASP C 51 -31.79 -25.04 43.80
CA ASP C 51 -31.14 -23.71 43.62
C ASP C 51 -32.08 -22.72 42.97
N PRO C 52 -32.05 -21.44 43.43
CA PRO C 52 -32.86 -20.40 42.78
C PRO C 52 -32.62 -20.28 41.29
N ALA C 53 -31.39 -20.57 40.86
CA ALA C 53 -31.03 -20.58 39.44
C ALA C 53 -31.94 -21.51 38.61
N MET C 54 -32.57 -22.47 39.27
CA MET C 54 -33.54 -23.39 38.61
C MET C 54 -34.68 -22.65 37.92
N ARG C 55 -35.05 -21.52 38.51
CA ARG C 55 -36.11 -20.68 37.95
C ARG C 55 -35.68 -20.14 36.57
N GLY C 56 -34.42 -19.72 36.45
CA GLY C 56 -33.87 -19.26 35.17
C GLY C 56 -33.79 -20.38 34.15
N TRP C 57 -33.43 -21.57 34.60
CA TRP C 57 -33.31 -22.73 33.70
C TRP C 57 -34.63 -23.14 33.10
N MET C 58 -35.72 -22.77 33.78
CA MET C 58 -37.08 -23.07 33.30
C MET C 58 -37.58 -22.04 32.29
N ASN C 59 -37.02 -20.83 32.34
CA ASN C 59 -37.39 -19.74 31.42
C ASN C 59 -36.78 -19.84 30.03
N ASP C 60 -37.51 -19.34 29.03
CA ASP C 60 -37.03 -19.34 27.63
C ASP C 60 -36.13 -18.13 27.29
N ALA C 61 -35.67 -17.39 28.30
CA ALA C 61 -34.68 -16.33 28.09
C ALA C 61 -33.28 -16.86 27.76
N ARG C 62 -32.53 -16.09 26.97
CA ARG C 62 -31.11 -16.39 26.72
C ARG C 62 -30.35 -16.29 28.03
N SER C 63 -29.49 -17.27 28.28
CA SER C 63 -28.67 -17.29 29.48
C SER C 63 -27.32 -17.94 29.19
N TYR C 64 -26.54 -18.19 30.24
CA TYR C 64 -25.21 -18.80 30.09
C TYR C 64 -25.34 -20.30 29.83
N ILE C 65 -26.47 -20.88 30.20
CA ILE C 65 -26.80 -22.28 29.80
C ILE C 65 -28.20 -22.38 29.16
N PRO C 66 -28.37 -23.28 28.17
CA PRO C 66 -29.65 -23.36 27.48
C PRO C 66 -30.80 -23.69 28.43
N PRO C 67 -32.00 -23.18 28.14
CA PRO C 67 -33.16 -23.54 28.96
C PRO C 67 -33.42 -25.05 28.94
N VAL C 68 -34.03 -25.55 30.01
CA VAL C 68 -34.51 -26.93 30.02
C VAL C 68 -35.62 -27.06 28.98
N GLY C 69 -35.52 -28.10 28.15
CA GLY C 69 -36.52 -28.35 27.11
C GLY C 69 -37.81 -28.92 27.68
N ILE C 70 -38.92 -28.63 27.02
CA ILE C 70 -40.22 -29.22 27.38
C ILE C 70 -40.14 -30.72 27.17
N GLY C 71 -40.56 -31.49 28.18
CA GLY C 71 -40.49 -32.95 28.12
C GLY C 71 -39.16 -33.54 28.56
N GLU C 72 -38.16 -32.67 28.80
CA GLU C 72 -36.85 -33.11 29.29
C GLU C 72 -36.88 -33.25 30.81
N VAL C 73 -36.07 -34.17 31.33
CA VAL C 73 -35.89 -34.29 32.78
C VAL C 73 -35.38 -32.96 33.31
N MET C 74 -35.99 -32.48 34.39
CA MET C 74 -35.61 -31.20 34.97
C MET C 74 -34.13 -31.20 35.38
N ARG C 75 -33.45 -30.11 35.07
CA ARG C 75 -32.03 -29.96 35.36
C ARG C 75 -31.81 -29.82 36.86
N ALA C 76 -30.83 -30.54 37.37
CA ALA C 76 -30.42 -30.44 38.77
C ALA C 76 -29.00 -30.94 38.96
N LEU C 77 -28.20 -30.16 39.67
CA LEU C 77 -26.91 -30.63 40.14
C LEU C 77 -27.20 -31.59 41.29
N GLY C 78 -26.36 -32.61 41.40
CA GLY C 78 -26.55 -33.59 42.45
C GLY C 78 -25.31 -34.38 42.76
N VAL C 79 -25.43 -35.16 43.81
CA VAL C 79 -24.41 -36.12 44.18
C VAL C 79 -25.03 -37.52 44.15
N GLY C 80 -24.28 -38.47 43.62
CA GLY C 80 -24.76 -39.84 43.48
C GLY C 80 -23.67 -40.87 43.45
N LYS C 81 -24.07 -42.13 43.52
CA LYS C 81 -23.15 -43.26 43.56
C LYS C 81 -23.11 -43.95 42.21
N VAL C 82 -21.91 -44.17 41.70
CA VAL C 82 -21.73 -44.88 40.43
C VAL C 82 -22.03 -46.37 40.64
N LEU C 83 -23.02 -46.86 39.92
CA LEU C 83 -23.40 -48.28 39.98
C LEU C 83 -22.72 -49.09 38.87
N VAL C 84 -22.72 -48.51 37.67
CA VAL C 84 -22.04 -49.10 36.52
C VAL C 84 -21.29 -48.03 35.76
N SER C 85 -20.04 -48.33 35.40
CA SER C 85 -19.25 -47.43 34.57
C SER C 85 -18.74 -48.09 33.29
N LYS C 86 -18.94 -47.41 32.17
CA LYS C 86 -18.27 -47.74 30.91
C LYS C 86 -17.42 -46.55 30.46
N HIS C 87 -16.80 -45.91 31.46
CA HIS C 87 -15.97 -44.71 31.27
C HIS C 87 -14.74 -44.89 32.11
N PRO C 88 -13.54 -44.72 31.51
CA PRO C 88 -12.28 -45.02 32.23
C PRO C 88 -11.99 -44.11 33.43
N GLY C 89 -12.67 -42.98 33.49
CA GLY C 89 -12.50 -42.03 34.59
C GLY C 89 -13.24 -42.37 35.86
N PHE C 90 -14.14 -43.35 35.79
CA PHE C 90 -15.03 -43.67 36.91
C PHE C 90 -15.18 -45.18 37.11
N GLN C 91 -15.35 -45.58 38.37
CA GLN C 91 -15.58 -46.99 38.71
C GLN C 91 -16.79 -47.13 39.63
N ALA C 92 -17.42 -48.29 39.56
CA ALA C 92 -18.52 -48.63 40.45
C ALA C 92 -18.08 -48.40 41.90
N GLY C 93 -18.96 -47.75 42.67
CA GLY C 93 -18.67 -47.43 44.06
C GLY C 93 -18.20 -46.00 44.27
N ASP C 94 -17.73 -45.37 43.20
CA ASP C 94 -17.37 -43.94 43.25
C ASP C 94 -18.61 -43.12 43.55
N TYR C 95 -18.44 -42.07 44.35
CA TYR C 95 -19.46 -41.02 44.46
C TYR C 95 -19.06 -39.84 43.58
N VAL C 96 -20.03 -39.28 42.87
CA VAL C 96 -19.77 -38.17 41.93
C VAL C 96 -20.71 -36.99 42.13
N ASN C 97 -20.20 -35.80 41.79
CA ASN C 97 -20.98 -34.58 41.67
C ASN C 97 -21.14 -34.27 40.20
N GLY C 98 -22.35 -33.91 39.79
CA GLY C 98 -22.61 -33.56 38.40
C GLY C 98 -24.05 -33.13 38.16
N ALA C 99 -24.37 -32.85 36.91
CA ALA C 99 -25.74 -32.55 36.51
C ALA C 99 -26.52 -33.86 36.41
N LEU C 100 -27.07 -34.30 37.53
CA LEU C 100 -27.71 -35.64 37.62
C LEU C 100 -29.17 -35.64 37.25
N GLY C 101 -29.80 -34.48 37.31
CA GLY C 101 -31.21 -34.34 36.95
C GLY C 101 -32.16 -34.70 38.08
N VAL C 102 -33.41 -34.22 37.99
CA VAL C 102 -34.43 -34.51 39.00
C VAL C 102 -35.03 -35.89 38.72
N GLN C 103 -34.30 -36.91 39.15
CA GLN C 103 -34.67 -38.30 38.88
C GLN C 103 -33.95 -39.22 39.85
N ASP C 104 -34.37 -40.48 39.87
CA ASP C 104 -33.76 -41.50 40.73
C ASP C 104 -32.36 -41.88 40.25
N TYR C 105 -32.22 -42.00 38.92
CA TYR C 105 -31.00 -42.48 38.30
C TYR C 105 -30.58 -41.60 37.14
N PHE C 106 -29.28 -41.36 37.05
CA PHE C 106 -28.68 -40.69 35.90
C PHE C 106 -27.94 -41.70 35.03
N ILE C 107 -28.22 -41.66 33.74
CA ILE C 107 -27.45 -42.41 32.75
C ILE C 107 -26.98 -41.47 31.66
N GLY C 108 -25.68 -41.42 31.44
CA GLY C 108 -25.11 -40.57 30.40
C GLY C 108 -23.62 -40.32 30.52
N GLU C 109 -23.14 -39.46 29.63
CA GLU C 109 -21.73 -39.05 29.63
C GLU C 109 -21.48 -38.17 30.84
N PRO C 110 -20.43 -38.45 31.63
CA PRO C 110 -20.20 -37.71 32.86
C PRO C 110 -19.49 -36.39 32.62
N LYS C 111 -20.05 -35.59 31.72
CA LYS C 111 -19.44 -34.33 31.33
C LYS C 111 -19.51 -33.32 32.47
N GLY C 112 -18.34 -32.84 32.89
CA GLY C 112 -18.23 -31.89 34.00
C GLY C 112 -18.36 -32.55 35.38
N PHE C 113 -18.45 -33.88 35.41
CA PHE C 113 -18.60 -34.61 36.66
C PHE C 113 -17.26 -34.69 37.34
N TYR C 114 -17.27 -34.67 38.67
CA TYR C 114 -16.06 -34.99 39.43
C TYR C 114 -16.36 -35.90 40.62
N LYS C 115 -15.37 -36.72 40.96
CA LYS C 115 -15.49 -37.62 42.10
C LYS C 115 -15.44 -36.84 43.38
N VAL C 116 -16.25 -37.27 44.33
CA VAL C 116 -16.20 -36.68 45.66
C VAL C 116 -16.00 -37.78 46.71
N ASP C 117 -15.22 -37.47 47.74
CA ASP C 117 -14.80 -38.46 48.73
C ASP C 117 -15.70 -38.36 49.97
N PRO C 118 -16.64 -39.30 50.16
CA PRO C 118 -17.53 -39.25 51.31
C PRO C 118 -16.87 -39.46 52.68
N SER C 119 -15.62 -39.92 52.71
CA SER C 119 -14.89 -40.07 53.97
C SER C 119 -14.36 -38.73 54.50
N ARG C 120 -14.30 -37.74 53.61
CA ARG C 120 -13.71 -36.42 53.92
C ARG C 120 -14.72 -35.34 54.32
N ALA C 121 -15.97 -35.57 53.95
CA ALA C 121 -17.03 -34.58 54.16
C ALA C 121 -18.36 -35.28 53.92
N PRO C 122 -19.43 -34.87 54.62
CA PRO C 122 -20.72 -35.45 54.33
C PRO C 122 -21.16 -35.20 52.88
N LEU C 123 -21.84 -36.16 52.30
CA LEU C 123 -22.23 -36.11 50.89
C LEU C 123 -22.93 -34.83 50.49
N PRO C 124 -23.92 -34.38 51.28
CA PRO C 124 -24.64 -33.18 50.89
C PRO C 124 -23.77 -31.92 50.86
N ARG C 125 -22.66 -31.91 51.58
CA ARG C 125 -21.70 -30.79 51.59
C ARG C 125 -21.03 -30.60 50.23
N TYR C 126 -21.00 -31.66 49.42
CA TYR C 126 -20.49 -31.56 48.05
C TYR C 126 -21.50 -30.87 47.10
N LEU C 127 -22.61 -30.42 47.66
CA LEU C 127 -23.58 -29.59 46.95
C LEU C 127 -23.62 -28.17 47.48
N SER C 128 -22.86 -27.91 48.54
CA SER C 128 -22.88 -26.61 49.20
C SER C 128 -21.47 -26.01 49.17
N ALA C 129 -20.81 -25.94 50.33
CA ALA C 129 -19.47 -25.34 50.40
C ALA C 129 -18.45 -26.01 49.48
N LEU C 130 -18.58 -27.32 49.33
CA LEU C 130 -17.68 -28.10 48.49
C LEU C 130 -18.33 -28.46 47.16
N GLY C 131 -19.40 -27.74 46.85
CA GLY C 131 -20.11 -27.84 45.58
C GLY C 131 -20.09 -26.52 44.79
N MET C 132 -21.07 -26.36 43.90
CA MET C 132 -21.12 -25.21 43.00
C MET C 132 -21.40 -23.87 43.71
N THR C 133 -22.19 -23.88 44.78
CA THR C 133 -22.46 -22.64 45.53
C THR C 133 -21.18 -22.15 46.20
N GLY C 134 -20.46 -23.09 46.82
CA GLY C 134 -19.20 -22.77 47.49
C GLY C 134 -18.09 -22.34 46.54
N MET C 135 -17.99 -23.02 45.40
CA MET C 135 -17.02 -22.64 44.36
C MET C 135 -17.39 -21.33 43.65
N THR C 136 -18.68 -21.04 43.54
CA THR C 136 -19.14 -19.74 43.06
C THR C 136 -18.59 -18.64 43.99
N ALA C 137 -18.81 -18.82 45.29
CA ALA C 137 -18.34 -17.85 46.30
C ALA C 137 -16.83 -17.69 46.23
N TYR C 138 -16.14 -18.82 46.18
CA TYR C 138 -14.69 -18.85 46.15
C TYR C 138 -14.10 -18.08 44.96
N PHE C 139 -14.50 -18.48 43.75
CA PHE C 139 -13.90 -17.89 42.55
C PHE C 139 -14.41 -16.49 42.28
N ALA C 140 -15.70 -16.24 42.49
CA ALA C 140 -16.27 -14.92 42.29
C ALA C 140 -15.60 -13.90 43.21
N LEU C 141 -15.52 -14.23 44.50
CA LEU C 141 -14.90 -13.31 45.45
C LEU C 141 -13.42 -13.10 45.18
N LEU C 142 -12.68 -14.19 45.10
CA LEU C 142 -11.22 -14.12 45.05
C LEU C 142 -10.66 -13.71 43.68
N ASP C 143 -11.26 -14.22 42.60
CA ASP C 143 -10.73 -13.94 41.26
C ASP C 143 -11.29 -12.64 40.69
N VAL C 144 -12.56 -12.34 40.95
CA VAL C 144 -13.20 -11.14 40.40
C VAL C 144 -13.21 -9.99 41.43
N GLY C 145 -13.63 -10.28 42.65
CA GLY C 145 -13.65 -9.26 43.71
C GLY C 145 -12.26 -8.84 44.17
N GLN C 146 -11.34 -9.78 44.20
CA GLN C 146 -9.96 -9.57 44.63
C GLN C 146 -9.88 -8.74 45.92
N PRO C 147 -10.53 -9.22 46.99
CA PRO C 147 -10.49 -8.46 48.22
C PRO C 147 -9.11 -8.45 48.84
N LYS C 148 -8.79 -7.37 49.52
CA LYS C 148 -7.51 -7.23 50.22
C LYS C 148 -7.74 -6.97 51.70
N ASN C 149 -6.73 -7.30 52.51
CA ASN C 149 -6.78 -7.07 53.95
C ASN C 149 -7.23 -5.65 54.28
N GLY C 150 -8.19 -5.53 55.17
CA GLY C 150 -8.67 -4.23 55.63
C GLY C 150 -9.75 -3.60 54.77
N GLU C 151 -10.01 -4.18 53.60
CA GLU C 151 -11.08 -3.65 52.73
C GLU C 151 -12.44 -4.01 53.28
N THR C 152 -13.42 -3.22 52.89
CA THR C 152 -14.80 -3.47 53.27
C THR C 152 -15.53 -4.23 52.15
N VAL C 153 -16.03 -5.41 52.50
CA VAL C 153 -16.78 -6.28 51.60
C VAL C 153 -18.24 -6.35 52.02
N VAL C 154 -19.12 -5.98 51.09
CA VAL C 154 -20.55 -6.09 51.30
C VAL C 154 -21.11 -7.25 50.47
N ILE C 155 -21.96 -8.07 51.11
CA ILE C 155 -22.54 -9.25 50.47
C ILE C 155 -24.05 -9.18 50.49
N SER C 156 -24.66 -9.22 49.31
CA SER C 156 -26.13 -9.32 49.22
C SER C 156 -26.52 -10.80 49.19
N GLY C 157 -27.79 -11.06 49.50
CA GLY C 157 -28.29 -12.44 49.71
C GLY C 157 -27.38 -13.19 50.67
N ALA C 158 -26.94 -12.48 51.70
CA ALA C 158 -25.82 -12.91 52.52
C ALA C 158 -26.09 -14.19 53.34
N ALA C 159 -27.36 -14.47 53.60
CA ALA C 159 -27.77 -15.69 54.33
C ALA C 159 -27.95 -16.87 53.40
N GLY C 160 -27.94 -16.61 52.09
CA GLY C 160 -28.01 -17.68 51.09
C GLY C 160 -26.75 -18.52 51.05
N ALA C 161 -26.81 -19.62 50.28
CA ALA C 161 -25.70 -20.57 50.19
C ALA C 161 -24.41 -19.97 49.62
N VAL C 162 -24.55 -19.15 48.58
CA VAL C 162 -23.36 -18.52 47.98
C VAL C 162 -22.85 -17.42 48.91
N GLY C 163 -23.74 -16.51 49.30
CA GLY C 163 -23.36 -15.33 50.09
C GLY C 163 -22.76 -15.64 51.44
N SER C 164 -23.33 -16.63 52.12
CA SER C 164 -22.86 -17.01 53.47
C SER C 164 -21.44 -17.53 53.43
N VAL C 165 -21.11 -18.27 52.38
CA VAL C 165 -19.74 -18.74 52.17
C VAL C 165 -18.81 -17.59 51.78
N ALA C 166 -19.25 -16.75 50.84
CA ALA C 166 -18.43 -15.61 50.36
C ALA C 166 -18.00 -14.70 51.51
N GLY C 167 -18.94 -14.39 52.39
CA GLY C 167 -18.68 -13.54 53.56
C GLY C 167 -17.64 -14.11 54.49
N GLN C 168 -17.68 -15.42 54.68
CA GLN C 168 -16.73 -16.09 55.56
C GLN C 168 -15.33 -16.11 54.95
N ILE C 169 -15.27 -16.35 53.65
CA ILE C 169 -13.98 -16.28 52.96
C ILE C 169 -13.39 -14.87 53.11
N ALA C 170 -14.23 -13.85 52.91
CA ALA C 170 -13.78 -12.45 53.05
C ALA C 170 -13.23 -12.17 54.45
N ARG C 171 -13.91 -12.69 55.47
CA ARG C 171 -13.43 -12.57 56.87
C ARG C 171 -12.03 -13.16 57.01
N LEU C 172 -11.85 -14.35 56.41
CA LEU C 172 -10.60 -15.10 56.43
C LEU C 172 -9.46 -14.30 55.76
N LYS C 173 -9.81 -13.43 54.82
CA LYS C 173 -8.81 -12.59 54.10
C LYS C 173 -8.51 -11.26 54.81
N GLY C 174 -9.13 -11.06 55.97
CA GLY C 174 -8.85 -9.90 56.81
C GLY C 174 -9.74 -8.70 56.49
N CYS C 175 -10.86 -8.96 55.82
CA CYS C 175 -11.76 -7.90 55.42
C CYS C 175 -12.78 -7.59 56.50
N ARG C 176 -13.29 -6.37 56.45
CA ARG C 176 -14.50 -6.03 57.17
C ARG C 176 -15.67 -6.52 56.32
N VAL C 177 -16.53 -7.33 56.92
CA VAL C 177 -17.59 -8.02 56.18
C VAL C 177 -18.98 -7.62 56.66
N VAL C 178 -19.75 -7.06 55.73
CA VAL C 178 -21.09 -6.61 56.02
C VAL C 178 -22.10 -7.32 55.12
N GLY C 179 -23.07 -7.96 55.76
CA GLY C 179 -24.11 -8.70 55.05
C GLY C 179 -25.37 -7.88 54.89
N ILE C 180 -26.08 -8.12 53.79
CA ILE C 180 -27.42 -7.58 53.58
C ILE C 180 -28.37 -8.76 53.45
N ALA C 181 -29.37 -8.79 54.34
CA ALA C 181 -30.33 -9.89 54.38
C ALA C 181 -31.68 -9.44 54.92
N GLY C 182 -32.71 -10.21 54.59
CA GLY C 182 -34.09 -9.90 54.98
C GLY C 182 -34.51 -10.63 56.24
N GLY C 183 -34.77 -9.86 57.30
CA GLY C 183 -35.25 -10.41 58.57
C GLY C 183 -34.21 -10.40 59.68
N ALA C 184 -34.69 -10.28 60.92
CA ALA C 184 -33.81 -10.16 62.10
C ALA C 184 -33.02 -11.43 62.38
N GLU C 185 -33.64 -12.60 62.15
CA GLU C 185 -33.00 -13.89 62.47
C GLU C 185 -31.82 -14.15 61.54
N LYS C 186 -32.03 -13.93 60.25
CA LYS C 186 -30.93 -14.08 59.26
C LYS C 186 -29.75 -13.20 59.62
N CYS C 187 -30.03 -11.94 59.95
CA CYS C 187 -28.98 -10.98 60.29
C CYS C 187 -28.22 -11.37 61.56
N ARG C 188 -28.96 -11.83 62.58
CA ARG C 188 -28.37 -12.34 63.86
C ARG C 188 -27.43 -13.50 63.52
N PHE C 189 -27.94 -14.43 62.73
CA PHE C 189 -27.17 -15.61 62.31
C PHE C 189 -25.85 -15.24 61.62
N LEU C 190 -25.91 -14.29 60.70
CA LEU C 190 -24.71 -13.83 59.99
C LEU C 190 -23.63 -13.33 60.94
N VAL C 191 -24.03 -12.50 61.90
CA VAL C 191 -23.07 -11.87 62.82
C VAL C 191 -22.61 -12.85 63.90
N GLU C 192 -23.57 -13.47 64.58
CA GLU C 192 -23.27 -14.29 65.77
C GLU C 192 -22.70 -15.67 65.43
N GLU C 193 -23.19 -16.28 64.36
CA GLU C 193 -22.75 -17.63 63.96
C GLU C 193 -21.64 -17.64 62.91
N LEU C 194 -21.78 -16.82 61.87
CA LEU C 194 -20.81 -16.82 60.75
C LEU C 194 -19.65 -15.82 60.91
N GLY C 195 -19.76 -14.93 61.89
CA GLY C 195 -18.69 -13.98 62.18
C GLY C 195 -18.64 -12.75 61.27
N PHE C 196 -19.75 -12.45 60.60
CA PHE C 196 -19.85 -11.20 59.84
C PHE C 196 -19.67 -10.04 60.83
N ASP C 197 -19.00 -8.97 60.38
CA ASP C 197 -18.79 -7.80 61.24
C ASP C 197 -20.08 -7.03 61.45
N GLY C 198 -20.94 -7.08 60.45
CA GLY C 198 -22.23 -6.42 60.53
C GLY C 198 -23.22 -7.02 59.57
N ALA C 199 -24.49 -6.71 59.81
CA ALA C 199 -25.57 -7.20 58.99
C ALA C 199 -26.68 -6.16 58.95
N ILE C 200 -27.16 -5.84 57.75
CA ILE C 200 -28.21 -4.86 57.57
C ILE C 200 -29.50 -5.55 57.17
N ASP C 201 -30.53 -5.35 57.97
CA ASP C 201 -31.85 -5.91 57.71
C ASP C 201 -32.65 -4.95 56.84
N TYR C 202 -32.58 -5.16 55.52
CA TYR C 202 -33.19 -4.22 54.58
C TYR C 202 -34.72 -4.18 54.66
N LYS C 203 -35.32 -5.24 55.20
CA LYS C 203 -36.78 -5.28 55.36
C LYS C 203 -37.29 -4.48 56.54
N ASN C 204 -36.43 -4.28 57.53
CA ASN C 204 -36.81 -3.59 58.78
C ASN C 204 -36.06 -2.30 59.05
N GLU C 205 -35.19 -1.94 58.13
CA GLU C 205 -34.29 -0.81 58.30
C GLU C 205 -33.93 -0.20 56.93
N ASP C 206 -33.73 1.11 56.88
CA ASP C 206 -33.33 1.78 55.63
C ASP C 206 -31.92 1.35 55.24
N LEU C 207 -31.78 0.82 54.02
CA LEU C 207 -30.51 0.22 53.57
C LEU C 207 -29.38 1.25 53.52
N ALA C 208 -29.67 2.41 52.93
CA ALA C 208 -28.69 3.50 52.82
C ALA C 208 -28.15 3.91 54.19
N ALA C 209 -29.05 4.08 55.16
CA ALA C 209 -28.65 4.42 56.53
C ALA C 209 -27.80 3.31 57.15
N GLY C 210 -28.23 2.07 56.93
CA GLY C 210 -27.47 0.90 57.38
C GLY C 210 -26.05 0.89 56.82
N LEU C 211 -25.96 1.13 55.52
CA LEU C 211 -24.64 1.13 54.83
C LEU C 211 -23.76 2.27 55.34
N LYS C 212 -24.36 3.43 55.58
CA LYS C 212 -23.65 4.57 56.15
C LYS C 212 -23.03 4.21 57.52
N ARG C 213 -23.82 3.53 58.34
CA ARG C 213 -23.35 3.09 59.66
C ARG C 213 -22.28 2.01 59.57
N GLU C 214 -22.57 0.96 58.78
CA GLU C 214 -21.73 -0.25 58.75
C GLU C 214 -20.50 -0.14 57.86
N CYS C 215 -20.54 0.78 56.91
CA CYS C 215 -19.44 0.95 55.94
C CYS C 215 -18.90 2.39 55.91
N PRO C 216 -18.28 2.85 57.02
CA PRO C 216 -17.87 4.24 57.14
C PRO C 216 -16.80 4.66 56.12
N LYS C 217 -16.00 3.71 55.65
CA LYS C 217 -14.96 4.00 54.64
C LYS C 217 -15.38 3.60 53.22
N GLY C 218 -16.69 3.47 53.00
CA GLY C 218 -17.21 3.05 51.71
C GLY C 218 -17.09 1.54 51.46
N ILE C 219 -17.54 1.11 50.29
CA ILE C 219 -17.60 -0.33 49.94
C ILE C 219 -16.58 -0.64 48.86
N ASP C 220 -15.61 -1.50 49.20
CA ASP C 220 -14.54 -1.87 48.28
C ASP C 220 -14.90 -3.03 47.36
N VAL C 221 -15.63 -4.01 47.91
CA VAL C 221 -16.12 -5.15 47.13
C VAL C 221 -17.58 -5.36 47.43
N PHE C 222 -18.38 -5.39 46.38
CA PHE C 222 -19.79 -5.79 46.51
C PHE C 222 -20.01 -7.11 45.78
N PHE C 223 -20.37 -8.12 46.56
CA PHE C 223 -20.70 -9.47 46.06
C PHE C 223 -22.20 -9.51 45.91
N ASP C 224 -22.68 -9.47 44.67
CA ASP C 224 -24.12 -9.35 44.39
C ASP C 224 -24.77 -10.64 43.93
N ASN C 225 -25.71 -11.11 44.75
CA ASN C 225 -26.53 -12.29 44.44
C ASN C 225 -27.98 -11.93 44.13
N VAL C 226 -28.37 -10.68 44.36
CA VAL C 226 -29.79 -10.30 44.32
C VAL C 226 -30.16 -9.24 43.30
N GLY C 227 -29.26 -8.28 43.09
CA GLY C 227 -29.51 -7.23 42.13
C GLY C 227 -30.57 -6.24 42.59
N GLY C 228 -31.32 -5.71 41.63
CA GLY C 228 -32.44 -4.83 41.92
C GLY C 228 -32.05 -3.60 42.72
N GLU C 229 -32.97 -3.19 43.59
CA GLU C 229 -32.83 -1.95 44.35
C GLU C 229 -31.67 -2.00 45.33
N ILE C 230 -31.40 -3.19 45.84
CA ILE C 230 -30.27 -3.37 46.74
C ILE C 230 -28.94 -2.99 46.04
N LEU C 231 -28.76 -3.52 44.84
CA LEU C 231 -27.56 -3.20 44.04
C LEU C 231 -27.49 -1.70 43.80
N ASP C 232 -28.61 -1.12 43.39
CA ASP C 232 -28.68 0.30 43.04
C ASP C 232 -28.30 1.18 44.24
N THR C 233 -28.74 0.80 45.43
CA THR C 233 -28.41 1.52 46.66
C THR C 233 -26.96 1.34 47.06
N VAL C 234 -26.45 0.12 46.92
CA VAL C 234 -25.05 -0.16 47.24
C VAL C 234 -24.10 0.68 46.34
N LEU C 235 -24.50 0.87 45.10
CA LEU C 235 -23.72 1.67 44.13
C LEU C 235 -23.46 3.09 44.62
N THR C 236 -24.38 3.65 45.41
CA THR C 236 -24.22 5.01 45.93
C THR C 236 -23.12 5.09 46.98
N ARG C 237 -22.66 3.95 47.49
CA ARG C 237 -21.70 3.92 48.59
C ARG C 237 -20.37 3.22 48.27
N ILE C 238 -20.17 2.85 47.01
CA ILE C 238 -18.91 2.19 46.63
C ILE C 238 -17.75 3.17 46.74
N ALA C 239 -16.58 2.62 47.07
CA ALA C 239 -15.37 3.40 47.15
C ALA C 239 -14.67 3.49 45.80
N PHE C 240 -13.67 4.37 45.78
CA PHE C 240 -12.72 4.47 44.69
C PHE C 240 -12.14 3.09 44.38
N LYS C 241 -12.20 2.71 43.10
CA LYS C 241 -11.64 1.43 42.61
C LYS C 241 -12.35 0.19 43.17
N ALA C 242 -13.62 0.35 43.50
CA ALA C 242 -14.45 -0.74 43.98
C ALA C 242 -14.62 -1.79 42.90
N ARG C 243 -14.84 -3.02 43.35
CA ARG C 243 -15.15 -4.14 42.45
C ARG C 243 -16.51 -4.70 42.82
N ILE C 244 -17.40 -4.75 41.86
CA ILE C 244 -18.72 -5.35 42.01
C ILE C 244 -18.73 -6.65 41.19
N VAL C 245 -18.96 -7.76 41.87
CA VAL C 245 -19.09 -9.04 41.20
C VAL C 245 -20.53 -9.49 41.14
N LEU C 246 -21.00 -9.74 39.93
CA LEU C 246 -22.38 -10.16 39.70
C LEU C 246 -22.43 -11.68 39.54
N CYS C 247 -23.14 -12.33 40.47
CA CYS C 247 -23.29 -13.80 40.45
C CYS C 247 -24.72 -14.23 40.18
N GLY C 248 -25.66 -13.32 40.40
CA GLY C 248 -27.06 -13.58 40.12
C GLY C 248 -27.93 -12.38 40.43
N ALA C 249 -29.24 -12.54 40.21
CA ALA C 249 -30.23 -11.50 40.51
C ALA C 249 -31.60 -12.10 40.95
N ILE C 250 -31.65 -12.56 42.19
CA ILE C 250 -32.80 -13.35 42.67
C ILE C 250 -34.07 -12.48 42.78
N SER C 251 -33.90 -11.19 43.09
CA SER C 251 -35.01 -10.25 43.21
C SER C 251 -35.71 -9.98 41.87
N GLN C 252 -35.10 -10.46 40.78
CA GLN C 252 -35.60 -10.36 39.42
C GLN C 252 -36.25 -11.67 38.98
N ALA C 258 -40.29 -7.57 34.09
CA ALA C 258 -39.10 -7.09 33.38
C ALA C 258 -37.99 -6.74 34.36
N VAL C 259 -36.76 -7.06 33.96
CA VAL C 259 -35.58 -6.81 34.81
C VAL C 259 -35.35 -5.32 35.02
N ARG C 260 -34.90 -4.96 36.22
CA ARG C 260 -34.82 -3.57 36.63
C ARG C 260 -33.34 -3.25 36.69
N GLY C 261 -32.94 -2.16 36.06
CA GLY C 261 -31.52 -1.84 35.88
C GLY C 261 -31.06 -0.79 36.87
N PRO C 262 -29.77 -0.80 37.22
CA PRO C 262 -29.26 0.16 38.19
C PRO C 262 -29.13 1.59 37.66
N ALA C 263 -30.01 2.46 38.12
CA ALA C 263 -30.00 3.89 37.75
C ALA C 263 -28.72 4.59 38.22
N ASN C 264 -28.07 4.05 39.25
CA ASN C 264 -26.84 4.65 39.81
C ASN C 264 -25.54 4.09 39.22
N TYR C 265 -25.64 3.47 38.05
CA TYR C 265 -24.49 2.79 37.42
C TYR C 265 -23.31 3.73 37.15
N LEU C 266 -23.61 5.02 36.97
CA LEU C 266 -22.55 6.02 36.73
C LEU C 266 -21.65 6.22 37.93
N SER C 267 -22.05 5.68 39.07
CA SER C 267 -21.15 5.62 40.23
C SER C 267 -19.85 4.88 39.85
N LEU C 268 -19.95 3.95 38.92
CA LEU C 268 -18.77 3.25 38.38
C LEU C 268 -17.77 4.20 37.71
N LEU C 269 -18.30 5.24 37.08
CA LEU C 269 -17.48 6.31 36.46
C LEU C 269 -16.88 7.20 37.57
N VAL C 270 -17.75 7.73 38.42
CA VAL C 270 -17.33 8.64 39.51
C VAL C 270 -16.25 8.03 40.36
N ASN C 271 -16.41 6.75 40.66
CA ASN C 271 -15.49 6.01 41.52
C ASN C 271 -14.48 5.16 40.76
N ARG C 272 -14.51 5.25 39.44
CA ARG C 272 -13.58 4.51 38.59
C ARG C 272 -13.49 3.06 39.07
N ALA C 273 -14.67 2.48 39.16
CA ALA C 273 -14.90 1.14 39.70
C ALA C 273 -15.29 0.18 38.57
N ARG C 274 -15.31 -1.11 38.92
CA ARG C 274 -15.51 -2.18 37.97
C ARG C 274 -16.71 -3.05 38.39
N MET C 275 -17.58 -3.34 37.42
CA MET C 275 -18.69 -4.26 37.61
C MET C 275 -18.53 -5.41 36.63
N GLU C 276 -18.47 -6.62 37.15
CA GLU C 276 -18.14 -7.79 36.33
C GLU C 276 -18.96 -9.03 36.69
N GLY C 277 -19.42 -9.71 35.65
CA GLY C 277 -20.17 -10.95 35.81
C GLY C 277 -19.27 -12.17 35.79
N MET C 278 -19.72 -13.23 36.47
CA MET C 278 -19.02 -14.51 36.46
C MET C 278 -19.98 -15.69 36.53
N VAL C 279 -19.49 -16.83 36.06
CA VAL C 279 -20.18 -18.10 36.10
C VAL C 279 -19.17 -19.15 36.55
N VAL C 280 -19.55 -19.97 37.54
CA VAL C 280 -18.59 -20.87 38.19
C VAL C 280 -17.98 -21.92 37.26
N MET C 281 -18.75 -22.39 36.27
CA MET C 281 -18.22 -23.43 35.34
C MET C 281 -17.05 -22.95 34.50
N ASP C 282 -16.88 -21.64 34.35
CA ASP C 282 -15.69 -21.08 33.68
C ASP C 282 -14.40 -21.41 34.42
N TYR C 283 -14.53 -21.76 35.70
CA TYR C 283 -13.37 -22.05 36.55
C TYR C 283 -13.10 -23.55 36.76
N ALA C 284 -13.77 -24.40 35.97
CA ALA C 284 -13.69 -25.88 36.12
C ALA C 284 -12.29 -26.39 36.26
N GLN C 285 -11.37 -25.86 35.45
CA GLN C 285 -9.97 -26.31 35.47
C GLN C 285 -9.25 -26.03 36.78
N ARG C 286 -9.79 -25.10 37.55
CA ARG C 286 -9.20 -24.74 38.84
C ARG C 286 -9.95 -25.30 40.05
N PHE C 287 -10.98 -26.10 39.80
CA PHE C 287 -11.75 -26.71 40.90
C PHE C 287 -10.88 -27.48 41.89
N PRO C 288 -9.92 -28.30 41.43
CA PRO C 288 -9.15 -29.07 42.42
C PRO C 288 -8.45 -28.22 43.47
N GLU C 289 -7.82 -27.13 43.06
CA GLU C 289 -7.09 -26.28 44.03
C GLU C 289 -8.08 -25.52 44.91
N GLY C 290 -9.20 -25.12 44.33
CA GLY C 290 -10.26 -24.44 45.07
C GLY C 290 -10.91 -25.33 46.12
N LEU C 291 -11.29 -26.53 45.70
CA LEU C 291 -11.87 -27.52 46.60
C LEU C 291 -10.90 -27.88 47.73
N LYS C 292 -9.64 -28.06 47.38
CA LYS C 292 -8.59 -28.40 48.34
C LYS C 292 -8.49 -27.33 49.42
N GLU C 293 -8.43 -26.07 49.02
CA GLU C 293 -8.32 -24.97 49.99
C GLU C 293 -9.59 -24.84 50.84
N MET C 294 -10.75 -24.92 50.20
CA MET C 294 -12.03 -24.89 50.91
C MET C 294 -12.11 -26.01 51.97
N ALA C 295 -11.70 -27.21 51.60
CA ALA C 295 -11.71 -28.37 52.52
C ALA C 295 -10.87 -28.12 53.79
N THR C 296 -9.72 -27.48 53.63
CA THR C 296 -8.86 -27.16 54.79
C THR C 296 -9.49 -26.08 55.68
N TRP C 297 -10.13 -25.09 55.08
CA TRP C 297 -10.84 -24.06 55.86
C TRP C 297 -11.92 -24.68 56.69
N LEU C 298 -12.67 -25.59 56.07
CA LEU C 298 -13.72 -26.33 56.78
C LEU C 298 -13.14 -27.17 57.92
N ALA C 299 -12.10 -27.93 57.61
CA ALA C 299 -11.45 -28.83 58.57
C ALA C 299 -10.90 -28.08 59.79
N GLU C 300 -10.35 -26.89 59.53
CA GLU C 300 -9.74 -26.06 60.57
C GLU C 300 -10.79 -25.26 61.35
N GLY C 301 -12.05 -25.34 60.93
CA GLY C 301 -13.14 -24.61 61.61
C GLY C 301 -13.16 -23.13 61.29
N LYS C 302 -12.41 -22.72 60.29
CA LYS C 302 -12.36 -21.32 59.84
C LYS C 302 -13.59 -20.95 59.02
N LEU C 303 -14.24 -21.96 58.45
CA LEU C 303 -15.44 -21.75 57.64
C LEU C 303 -16.48 -22.82 57.99
N GLN C 304 -17.74 -22.41 58.08
CA GLN C 304 -18.86 -23.35 58.35
C GLN C 304 -19.93 -23.37 57.25
N SER C 305 -20.56 -24.52 57.12
CA SER C 305 -21.54 -24.77 56.07
C SER C 305 -22.82 -25.41 56.59
N ARG C 306 -23.95 -24.82 56.26
CA ARG C 306 -25.24 -25.39 56.63
C ARG C 306 -26.02 -25.90 55.46
N GLU C 307 -26.53 -27.12 55.58
CA GLU C 307 -27.43 -27.66 54.60
C GLU C 307 -28.82 -27.91 55.21
N ASP C 308 -29.85 -27.54 54.47
CA ASP C 308 -31.23 -27.83 54.82
C ASP C 308 -31.72 -29.02 53.98
N ILE C 309 -31.81 -30.18 54.62
CA ILE C 309 -32.12 -31.42 53.90
C ILE C 309 -33.59 -31.80 54.01
N VAL C 310 -34.27 -31.87 52.87
CA VAL C 310 -35.65 -32.34 52.79
C VAL C 310 -35.67 -33.70 52.08
N GLU C 311 -36.48 -34.63 52.58
CA GLU C 311 -36.47 -36.02 52.10
C GLU C 311 -37.59 -36.35 51.12
N GLY C 312 -37.23 -37.07 50.06
CA GLY C 312 -38.20 -37.62 49.11
C GLY C 312 -38.27 -36.94 47.75
N LEU C 313 -37.83 -37.64 46.71
CA LEU C 313 -37.87 -37.14 45.33
C LEU C 313 -39.25 -36.65 44.95
N GLU C 314 -40.26 -37.40 45.37
CA GLU C 314 -41.64 -37.09 45.03
C GLU C 314 -42.15 -35.75 45.52
N THR C 315 -41.52 -35.23 46.58
CA THR C 315 -41.89 -33.92 47.14
C THR C 315 -41.31 -32.74 46.35
N PHE C 316 -40.56 -33.02 45.27
CA PHE C 316 -39.82 -32.00 44.52
C PHE C 316 -40.59 -30.69 44.21
N PRO C 317 -41.75 -30.79 43.55
CA PRO C 317 -42.50 -29.56 43.20
C PRO C 317 -42.83 -28.67 44.38
N GLU C 318 -43.25 -29.28 45.49
CA GLU C 318 -43.59 -28.52 46.70
C GLU C 318 -42.32 -27.99 47.35
N THR C 319 -41.33 -28.85 47.49
CA THR C 319 -40.07 -28.48 48.14
C THR C 319 -39.40 -27.33 47.40
N LEU C 320 -39.50 -27.34 46.08
CA LEU C 320 -38.94 -26.27 45.24
C LEU C 320 -39.51 -24.89 45.59
N LEU C 321 -40.78 -24.84 45.94
CA LEU C 321 -41.44 -23.59 46.36
C LEU C 321 -40.84 -23.00 47.63
N LYS C 322 -40.35 -23.87 48.51
CA LYS C 322 -39.70 -23.47 49.78
C LYS C 322 -38.48 -22.58 49.52
N LEU C 323 -37.89 -22.73 48.33
CA LEU C 323 -36.71 -21.99 47.89
C LEU C 323 -37.02 -20.55 47.51
N PHE C 324 -37.96 -20.42 46.57
CA PHE C 324 -38.54 -19.14 46.10
C PHE C 324 -39.25 -18.48 47.27
N SER C 325 -38.69 -18.59 48.48
CA SER C 325 -39.24 -17.92 49.67
C SER C 325 -38.11 -17.59 50.68
N PHE C 329 -32.89 -19.76 52.95
CA PHE C 329 -32.13 -19.92 54.22
C PHE C 329 -31.32 -21.21 54.37
N GLY C 330 -30.02 -21.06 54.16
CA GLY C 330 -29.10 -22.18 54.09
C GLY C 330 -28.94 -22.65 52.67
N LYS C 331 -28.28 -23.79 52.51
CA LYS C 331 -28.39 -24.54 51.28
C LYS C 331 -29.46 -25.67 51.22
N LEU C 332 -30.41 -25.52 50.30
CA LEU C 332 -31.50 -26.48 50.17
C LEU C 332 -31.08 -27.71 49.37
N VAL C 333 -31.22 -28.87 50.02
CA VAL C 333 -30.84 -30.16 49.43
C VAL C 333 -32.00 -31.15 49.53
N LEU C 334 -32.28 -31.82 48.40
CA LEU C 334 -33.34 -32.84 48.34
C LEU C 334 -32.71 -34.22 48.38
N LYS C 335 -32.97 -34.97 49.45
CA LYS C 335 -32.51 -36.35 49.57
C LYS C 335 -33.44 -37.25 48.78
N VAL C 336 -32.88 -37.99 47.82
CA VAL C 336 -33.71 -38.86 46.96
C VAL C 336 -34.24 -40.18 47.59
N GLN D 6 -2.78 45.66 35.38
CA GLN D 6 -3.24 44.78 34.27
C GLN D 6 -4.55 44.11 34.68
N ILE D 7 -5.42 43.87 33.70
CA ILE D 7 -6.76 43.33 33.95
C ILE D 7 -6.90 41.88 33.46
N ASN D 8 -7.47 41.05 34.32
CA ASN D 8 -7.80 39.66 33.96
C ASN D 8 -9.29 39.57 33.77
N ARG D 9 -9.72 39.43 32.53
CA ARG D 9 -11.14 39.29 32.24
C ARG D 9 -11.52 37.83 32.50
N GLN D 10 -12.66 37.64 33.15
CA GLN D 10 -13.12 36.31 33.54
C GLN D 10 -14.60 36.14 33.27
N TYR D 11 -14.97 34.95 32.83
CA TYR D 11 -16.36 34.55 32.82
C TYR D 11 -16.63 33.72 34.07
N GLN D 12 -17.50 34.24 34.92
CA GLN D 12 -17.90 33.54 36.14
C GLN D 12 -19.25 32.88 35.92
N LEU D 13 -19.47 31.79 36.63
CA LEU D 13 -20.77 31.14 36.63
C LEU D 13 -21.74 31.97 37.48
N ALA D 14 -22.81 32.43 36.84
CA ALA D 14 -23.77 33.34 37.48
C ALA D 14 -25.00 32.59 37.97
N GLN D 15 -25.52 31.68 37.15
CA GLN D 15 -26.62 30.80 37.57
C GLN D 15 -26.54 29.45 36.85
N ARG D 16 -26.94 28.39 37.56
CA ARG D 16 -26.95 27.05 36.99
C ARG D 16 -28.09 26.97 35.98
N PRO D 17 -27.79 26.58 34.74
CA PRO D 17 -28.82 26.56 33.70
C PRO D 17 -29.76 25.37 33.88
N SER D 18 -31.04 25.58 33.61
CA SER D 18 -31.97 24.44 33.71
C SER D 18 -31.77 23.48 32.55
N GLY D 19 -31.62 24.06 31.36
CA GLY D 19 -31.47 23.21 30.14
C GLY D 19 -30.11 23.51 29.55
N LEU D 20 -30.11 24.07 28.35
CA LEU D 20 -28.89 24.58 27.73
C LEU D 20 -28.48 25.91 28.38
N PRO D 21 -27.18 26.22 28.35
CA PRO D 21 -26.74 27.52 28.85
C PRO D 21 -27.14 28.65 27.93
N GLY D 22 -27.35 29.81 28.54
CA GLY D 22 -27.87 30.97 27.83
C GLY D 22 -27.09 32.22 28.17
N ARG D 23 -27.70 33.36 27.91
CA ARG D 23 -27.04 34.64 28.08
C ARG D 23 -27.00 35.11 29.54
N ASP D 24 -27.76 34.47 30.43
CA ASP D 24 -27.76 34.81 31.85
C ASP D 24 -26.94 33.84 32.70
N THR D 25 -26.41 32.81 32.04
CA THR D 25 -25.67 31.75 32.74
C THR D 25 -24.35 32.27 33.30
N PHE D 26 -23.67 33.11 32.52
CA PHE D 26 -22.36 33.65 32.89
C PHE D 26 -22.33 35.17 33.11
N SER D 27 -21.43 35.59 33.99
CA SER D 27 -21.14 37.02 34.22
C SER D 27 -19.71 37.35 33.76
N PHE D 28 -19.60 38.37 32.92
CA PHE D 28 -18.31 38.83 32.44
C PHE D 28 -17.73 39.86 33.40
N VAL D 29 -16.64 39.52 34.07
CA VAL D 29 -16.09 40.34 35.11
C VAL D 29 -14.62 40.70 34.86
N GLU D 30 -14.25 41.90 35.26
CA GLU D 30 -12.86 42.35 35.18
C GLU D 30 -12.26 42.32 36.57
N THR D 31 -11.14 41.62 36.69
CA THR D 31 -10.45 41.44 37.96
C THR D 31 -9.00 41.90 37.82
N PRO D 32 -8.45 42.56 38.85
CA PRO D 32 -7.06 42.97 38.71
C PRO D 32 -6.15 41.76 38.70
N LEU D 33 -5.17 41.77 37.80
CA LEU D 33 -4.24 40.66 37.67
C LEU D 33 -3.28 40.70 38.85
N GLY D 34 -3.29 39.65 39.64
CA GLY D 34 -2.42 39.57 40.81
C GLY D 34 -1.01 39.11 40.45
N GLU D 35 -0.27 38.74 41.48
CA GLU D 35 1.05 38.12 41.33
C GLU D 35 0.94 36.72 41.87
N PRO D 36 1.67 35.75 41.27
CA PRO D 36 1.65 34.45 41.89
C PRO D 36 2.34 34.46 43.23
N ALA D 37 1.77 33.72 44.19
CA ALA D 37 2.40 33.47 45.48
C ALA D 37 3.31 32.26 45.36
N GLU D 38 4.04 31.96 46.43
CA GLU D 38 4.92 30.78 46.46
C GLU D 38 4.17 29.53 46.12
N GLY D 39 4.81 28.67 45.33
CA GLY D 39 4.19 27.43 44.88
C GLY D 39 3.14 27.63 43.79
N GLN D 40 3.03 28.84 43.27
CA GLN D 40 2.09 29.14 42.20
C GLN D 40 2.79 29.54 40.91
N ILE D 41 2.03 29.51 39.82
CA ILE D 41 2.48 30.03 38.53
C ILE D 41 1.47 31.01 37.97
N LEU D 42 1.98 31.90 37.11
CA LEU D 42 1.14 32.83 36.34
C LEU D 42 1.22 32.43 34.88
N VAL D 43 0.07 32.16 34.29
CA VAL D 43 -0.02 31.67 32.91
C VAL D 43 -0.86 32.60 32.07
N LYS D 44 -0.36 32.95 30.90
CA LYS D 44 -1.17 33.65 29.90
C LYS D 44 -1.94 32.60 29.12
N ASN D 45 -3.25 32.60 29.26
CA ASN D 45 -4.09 31.63 28.57
C ASN D 45 -4.17 31.94 27.08
N GLU D 46 -3.92 30.91 26.27
CA GLU D 46 -3.89 31.07 24.81
C GLU D 46 -5.07 30.42 24.10
N TYR D 47 -5.35 29.18 24.48
CA TYR D 47 -6.46 28.42 23.93
C TYR D 47 -7.20 27.68 25.03
N LEU D 48 -8.52 27.69 24.94
CA LEU D 48 -9.38 27.03 25.91
C LEU D 48 -10.20 25.95 25.24
N SER D 49 -10.40 24.87 25.98
CA SER D 49 -11.21 23.77 25.51
C SER D 49 -12.68 23.99 25.85
N LEU D 50 -13.53 24.00 24.84
CA LEU D 50 -14.95 24.01 25.03
C LEU D 50 -15.49 22.59 24.82
N ASP D 51 -16.11 22.06 25.86
CA ASP D 51 -16.57 20.67 25.82
C ASP D 51 -17.98 20.47 26.43
N PRO D 52 -18.81 19.56 25.85
CA PRO D 52 -20.13 19.28 26.42
C PRO D 52 -20.09 18.93 27.91
N ALA D 53 -19.00 18.33 28.38
CA ALA D 53 -18.81 18.04 29.81
C ALA D 53 -18.96 19.29 30.70
N MET D 54 -18.76 20.46 30.11
CA MET D 54 -18.95 21.74 30.81
C MET D 54 -20.36 21.86 31.39
N ARG D 55 -21.33 21.24 30.73
CA ARG D 55 -22.71 21.23 31.20
C ARG D 55 -22.81 20.54 32.55
N GLY D 56 -22.12 19.40 32.69
CA GLY D 56 -22.08 18.68 33.95
C GLY D 56 -21.40 19.47 35.05
N TRP D 57 -20.33 20.18 34.69
CA TRP D 57 -19.58 20.99 35.67
C TRP D 57 -20.39 22.14 36.22
N MET D 58 -21.39 22.56 35.45
CA MET D 58 -22.29 23.62 35.87
C MET D 58 -23.43 23.12 36.78
N ASN D 59 -23.75 21.82 36.70
CA ASN D 59 -24.78 21.19 37.57
C ASN D 59 -24.34 20.96 38.97
N ASP D 60 -25.32 21.01 39.89
CA ASP D 60 -25.06 20.73 41.31
C ASP D 60 -25.05 19.21 41.65
N ALA D 61 -25.09 18.33 40.66
CA ALA D 61 -24.98 16.87 40.88
C ALA D 61 -23.56 16.42 41.28
N ARG D 62 -23.46 15.45 42.20
CA ARG D 62 -22.15 14.96 42.66
C ARG D 62 -21.46 14.19 41.54
N SER D 63 -20.18 14.48 41.35
CA SER D 63 -19.35 13.83 40.36
C SER D 63 -17.92 13.73 40.88
N TYR D 64 -17.02 13.28 40.01
CA TYR D 64 -15.61 13.17 40.39
C TYR D 64 -14.90 14.52 40.35
N ILE D 65 -15.48 15.45 39.60
CA ILE D 65 -15.06 16.85 39.60
C ILE D 65 -16.15 17.65 40.32
N PRO D 66 -15.79 18.39 41.38
CA PRO D 66 -16.80 19.19 42.06
C PRO D 66 -17.44 20.21 41.13
N PRO D 67 -18.72 20.53 41.33
CA PRO D 67 -19.34 21.53 40.47
C PRO D 67 -18.66 22.88 40.58
N VAL D 68 -18.74 23.67 39.51
CA VAL D 68 -18.27 25.04 39.55
C VAL D 68 -19.19 25.83 40.51
N GLY D 69 -18.58 26.55 41.43
CA GLY D 69 -19.33 27.36 42.39
C GLY D 69 -19.91 28.59 41.73
N ILE D 70 -21.03 29.07 42.26
CA ILE D 70 -21.63 30.33 41.80
C ILE D 70 -20.66 31.45 42.15
N GLY D 71 -20.37 32.30 41.17
CA GLY D 71 -19.40 33.39 41.35
C GLY D 71 -17.95 32.99 41.09
N GLU D 72 -17.71 31.70 40.87
CA GLU D 72 -16.37 31.22 40.53
C GLU D 72 -16.12 31.33 39.03
N VAL D 73 -14.86 31.53 38.67
CA VAL D 73 -14.46 31.50 37.27
C VAL D 73 -14.84 30.15 36.66
N MET D 74 -15.47 30.19 35.50
CA MET D 74 -15.93 28.96 34.84
C MET D 74 -14.74 28.04 34.55
N ARG D 75 -14.94 26.75 34.83
CA ARG D 75 -13.90 25.73 34.64
C ARG D 75 -13.67 25.49 33.16
N ALA D 76 -12.40 25.43 32.79
CA ALA D 76 -12.02 25.11 31.41
C ALA D 76 -10.58 24.61 31.38
N LEU D 77 -10.39 23.52 30.65
CA LEU D 77 -9.04 23.07 30.35
C LEU D 77 -8.52 24.02 29.28
N GLY D 78 -7.22 24.26 29.33
CA GLY D 78 -6.61 25.13 28.35
C GLY D 78 -5.12 24.94 28.20
N VAL D 79 -4.57 25.59 27.19
CA VAL D 79 -3.13 25.66 26.98
C VAL D 79 -2.70 27.12 27.07
N GLY D 80 -1.57 27.34 27.73
CA GLY D 80 -1.07 28.66 27.92
C GLY D 80 0.42 28.70 28.17
N LYS D 81 0.95 29.92 28.22
CA LYS D 81 2.38 30.15 28.38
C LYS D 81 2.67 30.65 29.80
N VAL D 82 3.65 30.02 30.44
CA VAL D 82 4.07 30.43 31.77
C VAL D 82 4.85 31.75 31.67
N LEU D 83 4.33 32.78 32.34
CA LEU D 83 4.97 34.11 32.36
C LEU D 83 5.85 34.30 33.59
N VAL D 84 5.32 33.87 34.74
CA VAL D 84 6.07 33.89 36.00
C VAL D 84 5.84 32.58 36.76
N SER D 85 6.93 32.00 37.25
CA SER D 85 6.85 30.79 38.07
C SER D 85 7.51 30.96 39.44
N LYS D 86 6.77 30.58 40.47
CA LYS D 86 7.33 30.38 41.83
C LYS D 86 7.15 28.92 42.26
N HIS D 87 7.34 28.04 41.28
CA HIS D 87 7.16 26.60 41.45
C HIS D 87 8.31 25.93 40.75
N PRO D 88 9.04 25.02 41.44
CA PRO D 88 10.25 24.42 40.87
C PRO D 88 10.02 23.53 39.64
N GLY D 89 8.79 23.11 39.43
CA GLY D 89 8.44 22.28 38.28
C GLY D 89 8.26 23.01 36.96
N PHE D 90 8.23 24.34 37.02
CA PHE D 90 7.88 25.16 35.87
C PHE D 90 8.76 26.40 35.76
N GLN D 91 9.04 26.81 34.53
CA GLN D 91 9.82 27.98 34.26
C GLN D 91 9.10 28.89 33.28
N ALA D 92 9.40 30.19 33.37
CA ALA D 92 8.94 31.16 32.38
C ALA D 92 9.27 30.68 30.98
N GLY D 93 8.31 30.77 30.07
CA GLY D 93 8.52 30.31 28.68
C GLY D 93 7.96 28.91 28.41
N ASP D 94 7.75 28.14 29.47
CA ASP D 94 7.09 26.82 29.36
C ASP D 94 5.67 26.99 28.89
N TYR D 95 5.24 26.07 28.02
CA TYR D 95 3.84 25.96 27.66
C TYR D 95 3.24 24.83 28.46
N VAL D 96 2.05 25.07 29.00
CA VAL D 96 1.40 24.12 29.89
C VAL D 96 -0.04 23.86 29.50
N ASN D 97 -0.49 22.64 29.79
CA ASN D 97 -1.90 22.24 29.72
C ASN D 97 -2.40 22.11 31.15
N GLY D 98 -3.58 22.62 31.41
CA GLY D 98 -4.18 22.52 32.74
C GLY D 98 -5.55 23.14 32.81
N ALA D 99 -6.14 23.12 34.00
CA ALA D 99 -7.43 23.75 34.24
C ALA D 99 -7.19 25.26 34.38
N LEU D 100 -7.15 25.95 33.23
CA LEU D 100 -6.74 27.37 33.18
C LEU D 100 -7.90 28.32 33.41
N GLY D 101 -9.12 27.84 33.20
CA GLY D 101 -10.33 28.62 33.46
C GLY D 101 -10.71 29.51 32.27
N VAL D 102 -11.96 29.94 32.23
CA VAL D 102 -12.45 30.81 31.17
C VAL D 102 -12.07 32.25 31.49
N GLN D 103 -10.81 32.57 31.22
CA GLN D 103 -10.22 33.85 31.60
C GLN D 103 -8.95 34.13 30.79
N ASP D 104 -8.46 35.36 30.91
CA ASP D 104 -7.23 35.78 30.21
C ASP D 104 -5.99 35.14 30.81
N TYR D 105 -5.96 35.10 32.13
CA TYR D 105 -4.79 34.67 32.86
C TYR D 105 -5.19 33.68 33.93
N PHE D 106 -4.32 32.68 34.13
CA PHE D 106 -4.44 31.79 35.27
C PHE D 106 -3.34 32.09 36.27
N ILE D 107 -3.75 32.23 37.52
CA ILE D 107 -2.80 32.29 38.65
C ILE D 107 -3.20 31.27 39.70
N GLY D 108 -2.26 30.42 40.05
CA GLY D 108 -2.52 29.41 41.07
C GLY D 108 -1.54 28.26 41.07
N GLU D 109 -1.84 27.28 41.92
CA GLU D 109 -1.06 26.05 42.01
C GLU D 109 -1.30 25.25 40.76
N PRO D 110 -0.23 24.78 40.11
CA PRO D 110 -0.38 24.06 38.84
C PRO D 110 -0.76 22.59 39.04
N LYS D 111 -1.82 22.35 39.80
CA LYS D 111 -2.26 21.00 40.15
C LYS D 111 -2.83 20.29 38.92
N GLY D 112 -2.22 19.16 38.56
CA GLY D 112 -2.63 18.39 37.39
C GLY D 112 -2.13 18.98 36.06
N PHE D 113 -1.32 20.02 36.15
CA PHE D 113 -0.77 20.66 34.95
C PHE D 113 0.36 19.81 34.40
N TYR D 114 0.51 19.82 33.09
CA TYR D 114 1.72 19.26 32.47
C TYR D 114 2.25 20.13 31.37
N LYS D 115 3.57 20.09 31.19
CA LYS D 115 4.25 20.84 30.16
C LYS D 115 3.94 20.21 28.82
N VAL D 116 3.72 21.06 27.83
CA VAL D 116 3.51 20.60 26.47
C VAL D 116 4.62 21.15 25.60
N ASP D 117 5.00 20.35 24.60
CA ASP D 117 6.09 20.67 23.70
C ASP D 117 5.56 21.23 22.36
N PRO D 118 5.70 22.54 22.15
CA PRO D 118 5.13 23.14 20.94
C PRO D 118 5.87 22.77 19.65
N SER D 119 7.03 22.14 19.76
CA SER D 119 7.75 21.67 18.58
C SER D 119 7.17 20.38 18.01
N ARG D 120 6.37 19.67 18.82
CA ARG D 120 5.83 18.37 18.45
C ARG D 120 4.40 18.39 17.87
N ALA D 121 3.68 19.47 18.10
CA ALA D 121 2.30 19.61 17.58
C ALA D 121 1.85 21.05 17.67
N PRO D 122 0.84 21.43 16.87
CA PRO D 122 0.25 22.75 17.06
C PRO D 122 -0.34 22.87 18.44
N LEU D 123 -0.25 24.08 18.99
CA LEU D 123 -0.73 24.33 20.36
C LEU D 123 -2.15 23.84 20.63
N PRO D 124 -3.10 24.17 19.74
CA PRO D 124 -4.49 23.77 20.03
C PRO D 124 -4.69 22.27 20.11
N ARG D 125 -3.78 21.53 19.48
CA ARG D 125 -3.88 20.06 19.46
C ARG D 125 -3.63 19.49 20.84
N TYR D 126 -2.98 20.27 21.70
CA TYR D 126 -2.81 19.89 23.11
C TYR D 126 -4.11 20.03 23.92
N LEU D 127 -5.19 20.39 23.24
CA LEU D 127 -6.53 20.38 23.82
C LEU D 127 -7.43 19.31 23.20
N SER D 128 -6.92 18.62 22.19
CA SER D 128 -7.71 17.62 21.48
C SER D 128 -7.02 16.25 21.57
N ALA D 129 -6.45 15.78 20.46
CA ALA D 129 -5.79 14.45 20.45
C ALA D 129 -4.66 14.35 21.45
N LEU D 130 -3.96 15.46 21.70
CA LEU D 130 -2.87 15.46 22.65
C LEU D 130 -3.27 16.16 23.95
N GLY D 131 -4.56 16.32 24.12
CA GLY D 131 -5.13 16.86 25.34
C GLY D 131 -5.99 15.84 26.04
N MET D 132 -6.91 16.32 26.87
CA MET D 132 -7.66 15.44 27.76
C MET D 132 -8.66 14.55 27.02
N THR D 133 -9.22 15.04 25.91
CA THR D 133 -10.11 14.20 25.10
C THR D 133 -9.36 13.04 24.45
N GLY D 134 -8.22 13.34 23.85
CA GLY D 134 -7.37 12.33 23.24
C GLY D 134 -6.76 11.33 24.22
N MET D 135 -6.30 11.83 25.36
CA MET D 135 -5.72 10.95 26.39
C MET D 135 -6.82 10.09 27.05
N THR D 136 -8.03 10.63 27.13
CA THR D 136 -9.17 9.84 27.59
C THR D 136 -9.37 8.64 26.67
N ALA D 137 -9.42 8.92 25.37
CA ALA D 137 -9.52 7.87 24.37
C ALA D 137 -8.40 6.85 24.49
N TYR D 138 -7.18 7.35 24.56
CA TYR D 138 -5.98 6.53 24.60
C TYR D 138 -5.99 5.56 25.80
N PHE D 139 -6.12 6.11 27.00
CA PHE D 139 -6.01 5.29 28.21
C PHE D 139 -7.26 4.44 28.45
N ALA D 140 -8.43 5.02 28.20
CA ALA D 140 -9.67 4.27 28.38
C ALA D 140 -9.71 3.07 27.45
N LEU D 141 -9.42 3.29 26.17
CA LEU D 141 -9.45 2.17 25.22
C LEU D 141 -8.41 1.14 25.53
N LEU D 142 -7.16 1.58 25.66
CA LEU D 142 -6.04 0.66 25.73
C LEU D 142 -5.86 -0.01 27.09
N ASP D 143 -6.06 0.75 28.16
CA ASP D 143 -5.86 0.20 29.51
C ASP D 143 -7.10 -0.51 30.04
N VAL D 144 -8.28 0.00 29.73
CA VAL D 144 -9.53 -0.60 30.23
C VAL D 144 -10.21 -1.50 29.20
N GLY D 145 -10.35 -1.02 27.97
CA GLY D 145 -10.93 -1.81 26.90
C GLY D 145 -10.06 -2.97 26.47
N GLN D 146 -8.76 -2.75 26.47
CA GLN D 146 -7.76 -3.76 26.07
C GLN D 146 -8.14 -4.48 24.78
N PRO D 147 -8.32 -3.71 23.70
CA PRO D 147 -8.71 -4.34 22.46
C PRO D 147 -7.59 -5.16 21.86
N LYS D 148 -7.97 -6.22 21.18
CA LYS D 148 -7.00 -7.10 20.52
C LYS D 148 -7.30 -7.18 19.03
N ASN D 149 -6.27 -7.54 18.27
CA ASN D 149 -6.38 -7.69 16.82
C ASN D 149 -7.58 -8.56 16.45
N GLY D 150 -8.40 -8.06 15.52
CA GLY D 150 -9.56 -8.83 15.02
C GLY D 150 -10.82 -8.70 15.86
N GLU D 151 -10.71 -8.09 17.04
CA GLU D 151 -11.90 -7.85 17.86
C GLU D 151 -12.77 -6.73 17.29
N THR D 152 -14.05 -6.76 17.63
CA THR D 152 -14.98 -5.72 17.24
C THR D 152 -15.16 -4.71 18.35
N VAL D 153 -14.84 -3.46 18.01
CA VAL D 153 -14.94 -2.33 18.93
C VAL D 153 -16.04 -1.40 18.48
N VAL D 154 -17.00 -1.17 19.37
CA VAL D 154 -18.07 -0.22 19.13
C VAL D 154 -17.85 1.03 19.96
N ILE D 155 -18.06 2.19 19.34
CA ILE D 155 -17.86 3.49 19.99
C ILE D 155 -19.09 4.34 19.92
N SER D 156 -19.59 4.75 21.09
CA SER D 156 -20.69 5.73 21.16
C SER D 156 -20.12 7.16 21.20
N GLY D 157 -20.95 8.12 20.84
CA GLY D 157 -20.49 9.52 20.64
C GLY D 157 -19.28 9.55 19.72
N ALA D 158 -19.33 8.72 18.68
CA ALA D 158 -18.16 8.39 17.87
C ALA D 158 -17.58 9.56 17.06
N ALA D 159 -18.42 10.55 16.78
CA ALA D 159 -17.98 11.75 16.04
C ALA D 159 -17.44 12.82 16.98
N GLY D 160 -17.65 12.61 18.28
CA GLY D 160 -17.10 13.52 19.27
C GLY D 160 -15.58 13.43 19.37
N ALA D 161 -15.01 14.37 20.12
CA ALA D 161 -13.56 14.47 20.30
C ALA D 161 -12.92 13.20 20.92
N VAL D 162 -13.58 12.61 21.91
CA VAL D 162 -13.05 11.39 22.56
C VAL D 162 -13.23 10.18 21.64
N GLY D 163 -14.45 9.98 21.19
CA GLY D 163 -14.80 8.82 20.38
C GLY D 163 -14.09 8.72 19.04
N SER D 164 -13.93 9.85 18.37
CA SER D 164 -13.30 9.87 17.05
C SER D 164 -11.83 9.46 17.13
N VAL D 165 -11.17 9.85 18.20
CA VAL D 165 -9.79 9.42 18.47
C VAL D 165 -9.74 7.93 18.86
N ALA D 166 -10.63 7.52 19.75
CA ALA D 166 -10.67 6.12 20.21
C ALA D 166 -10.81 5.14 19.05
N GLY D 167 -11.72 5.46 18.12
CA GLY D 167 -11.97 4.61 16.98
C GLY D 167 -10.77 4.45 16.08
N GLN D 168 -10.01 5.53 15.92
CA GLN D 168 -8.79 5.50 15.09
C GLN D 168 -7.70 4.70 15.75
N ILE D 169 -7.57 4.85 17.06
CA ILE D 169 -6.61 4.02 17.81
C ILE D 169 -6.97 2.53 17.65
N ALA D 170 -8.25 2.21 17.79
CA ALA D 170 -8.74 0.82 17.64
C ALA D 170 -8.40 0.27 16.25
N ARG D 171 -8.56 1.10 15.21
CA ARG D 171 -8.21 0.70 13.84
C ARG D 171 -6.74 0.33 13.79
N LEU D 172 -5.90 1.15 14.40
CA LEU D 172 -4.45 0.92 14.41
C LEU D 172 -4.05 -0.37 15.13
N LYS D 173 -4.91 -0.82 16.05
CA LYS D 173 -4.65 -2.08 16.78
C LYS D 173 -5.20 -3.30 16.04
N GLY D 174 -5.76 -3.08 14.84
CA GLY D 174 -6.22 -4.18 13.99
C GLY D 174 -7.67 -4.59 14.25
N CYS D 175 -8.43 -3.72 14.90
CA CYS D 175 -9.81 -4.01 15.25
C CYS D 175 -10.79 -3.65 14.15
N ARG D 176 -11.93 -4.32 14.16
CA ARG D 176 -13.08 -3.86 13.41
C ARG D 176 -13.74 -2.77 14.24
N VAL D 177 -13.94 -1.61 13.63
CA VAL D 177 -14.37 -0.44 14.35
C VAL D 177 -15.72 0.10 13.84
N VAL D 178 -16.69 0.14 14.75
CA VAL D 178 -18.04 0.55 14.42
C VAL D 178 -18.47 1.70 15.30
N GLY D 179 -18.83 2.80 14.65
CA GLY D 179 -19.21 4.02 15.34
C GLY D 179 -20.71 4.17 15.44
N ILE D 180 -21.16 4.76 16.53
CA ILE D 180 -22.56 5.15 16.69
C ILE D 180 -22.58 6.67 16.80
N ALA D 181 -23.27 7.32 15.85
CA ALA D 181 -23.33 8.79 15.80
C ALA D 181 -24.66 9.27 15.21
N GLY D 182 -25.02 10.51 15.52
CA GLY D 182 -26.31 11.08 15.13
C GLY D 182 -26.18 11.89 13.85
N GLY D 183 -26.84 11.43 12.79
CA GLY D 183 -26.88 12.16 11.51
C GLY D 183 -26.03 11.51 10.43
N ALA D 184 -26.45 11.70 9.17
CA ALA D 184 -25.80 11.07 8.02
C ALA D 184 -24.38 11.58 7.76
N GLU D 185 -24.17 12.88 7.99
CA GLU D 185 -22.88 13.51 7.68
C GLU D 185 -21.79 13.01 8.64
N LYS D 186 -22.12 13.00 9.93
CA LYS D 186 -21.20 12.47 10.95
C LYS D 186 -20.79 11.03 10.62
N CYS D 187 -21.77 10.20 10.28
CA CYS D 187 -21.52 8.79 9.98
C CYS D 187 -20.65 8.60 8.75
N ARG D 188 -20.92 9.39 7.73
CA ARG D 188 -20.10 9.38 6.55
C ARG D 188 -18.65 9.76 6.85
N PHE D 189 -18.51 10.84 7.60
CA PHE D 189 -17.20 11.34 8.03
C PHE D 189 -16.39 10.24 8.75
N LEU D 190 -17.05 9.54 9.66
CA LEU D 190 -16.41 8.45 10.41
C LEU D 190 -15.82 7.38 9.48
N VAL D 191 -16.62 6.95 8.51
CA VAL D 191 -16.21 5.87 7.61
C VAL D 191 -15.23 6.35 6.55
N GLU D 192 -15.59 7.41 5.85
CA GLU D 192 -14.82 7.87 4.67
C GLU D 192 -13.56 8.64 5.02
N GLU D 193 -13.59 9.40 6.11
CA GLU D 193 -12.42 10.21 6.51
C GLU D 193 -11.57 9.56 7.60
N LEU D 194 -12.21 9.01 8.63
CA LEU D 194 -11.47 8.44 9.78
C LEU D 194 -11.15 6.96 9.65
N GLY D 195 -11.74 6.30 8.67
CA GLY D 195 -11.46 4.90 8.39
C GLY D 195 -12.19 3.90 9.30
N PHE D 196 -13.28 4.33 9.93
CA PHE D 196 -14.15 3.41 10.68
C PHE D 196 -14.68 2.38 9.68
N ASP D 197 -14.81 1.13 10.11
CA ASP D 197 -15.34 0.06 9.25
C ASP D 197 -16.82 0.25 9.01
N GLY D 198 -17.50 0.82 9.99
CA GLY D 198 -18.92 1.07 9.87
C GLY D 198 -19.37 2.16 10.81
N ALA D 199 -20.57 2.70 10.53
CA ALA D 199 -21.16 3.74 11.36
C ALA D 199 -22.67 3.58 11.34
N ILE D 200 -23.27 3.62 12.52
CA ILE D 200 -24.70 3.47 12.65
C ILE D 200 -25.30 4.81 13.03
N ASP D 201 -26.23 5.29 12.20
CA ASP D 201 -26.92 6.55 12.46
C ASP D 201 -28.14 6.28 13.31
N TYR D 202 -27.99 6.41 14.62
CA TYR D 202 -29.04 6.01 15.57
C TYR D 202 -30.28 6.91 15.47
N LYS D 203 -30.11 8.11 14.92
CA LYS D 203 -31.25 9.03 14.72
C LYS D 203 -32.13 8.66 13.51
N ASN D 204 -31.54 7.98 12.53
CA ASN D 204 -32.24 7.65 11.27
C ASN D 204 -32.39 6.17 10.99
N GLU D 205 -31.94 5.34 11.94
CA GLU D 205 -32.01 3.89 11.79
C GLU D 205 -32.07 3.24 13.14
N ASP D 206 -32.67 2.07 13.18
CA ASP D 206 -32.79 1.31 14.43
C ASP D 206 -31.40 0.78 14.86
N LEU D 207 -31.00 1.13 16.07
CA LEU D 207 -29.64 0.81 16.57
C LEU D 207 -29.39 -0.69 16.62
N ALA D 208 -30.34 -1.44 17.18
CA ALA D 208 -30.22 -2.91 17.28
C ALA D 208 -30.00 -3.56 15.93
N ALA D 209 -30.81 -3.16 14.94
CA ALA D 209 -30.68 -3.67 13.57
C ALA D 209 -29.30 -3.29 13.00
N GLY D 210 -28.88 -2.06 13.25
CA GLY D 210 -27.57 -1.58 12.81
C GLY D 210 -26.45 -2.43 13.41
N LEU D 211 -26.56 -2.69 14.71
CA LEU D 211 -25.54 -3.50 15.41
C LEU D 211 -25.50 -4.93 14.88
N LYS D 212 -26.67 -5.49 14.62
CA LYS D 212 -26.78 -6.83 14.03
C LYS D 212 -26.04 -6.91 12.70
N ARG D 213 -26.26 -5.89 11.86
CA ARG D 213 -25.59 -5.80 10.56
C ARG D 213 -24.08 -5.58 10.69
N GLU D 214 -23.70 -4.60 11.49
CA GLU D 214 -22.30 -4.14 11.56
C GLU D 214 -21.40 -4.98 12.46
N CYS D 215 -22.01 -5.72 13.40
CA CYS D 215 -21.27 -6.53 14.38
C CYS D 215 -21.67 -8.01 14.38
N PRO D 216 -21.40 -8.73 13.28
CA PRO D 216 -21.89 -10.09 13.10
C PRO D 216 -21.30 -11.08 14.10
N LYS D 217 -20.12 -10.76 14.62
CA LYS D 217 -19.45 -11.59 15.64
C LYS D 217 -19.62 -11.06 17.08
N GLY D 218 -20.60 -10.19 17.30
CA GLY D 218 -20.81 -9.59 18.60
C GLY D 218 -19.85 -8.44 18.88
N ILE D 219 -19.98 -7.84 20.05
CA ILE D 219 -19.20 -6.67 20.43
C ILE D 219 -18.22 -7.02 21.54
N ASP D 220 -16.93 -6.88 21.25
CA ASP D 220 -15.87 -7.23 22.21
C ASP D 220 -15.50 -6.08 23.13
N VAL D 221 -15.51 -4.87 22.59
CA VAL D 221 -15.25 -3.67 23.37
C VAL D 221 -16.29 -2.62 23.03
N PHE D 222 -16.94 -2.10 24.07
CA PHE D 222 -17.81 -0.94 23.92
C PHE D 222 -17.23 0.25 24.68
N PHE D 223 -16.91 1.29 23.90
CA PHE D 223 -16.40 2.56 24.41
C PHE D 223 -17.57 3.50 24.51
N ASP D 224 -18.00 3.78 25.75
CA ASP D 224 -19.23 4.52 25.99
C ASP D 224 -18.99 5.97 26.46
N ASN D 225 -19.43 6.90 25.62
CA ASN D 225 -19.42 8.34 25.94
C ASN D 225 -20.80 8.92 26.21
N VAL D 226 -21.86 8.14 25.98
CA VAL D 226 -23.23 8.67 25.99
C VAL D 226 -24.19 8.02 27.00
N GLY D 227 -24.05 6.72 27.20
CA GLY D 227 -24.88 6.00 28.15
C GLY D 227 -26.31 5.81 27.64
N GLY D 228 -27.25 5.82 28.59
CA GLY D 228 -28.68 5.76 28.27
C GLY D 228 -29.08 4.55 27.45
N GLU D 229 -30.02 4.78 26.54
CA GLU D 229 -30.60 3.70 25.72
C GLU D 229 -29.58 3.06 24.77
N ILE D 230 -28.64 3.87 24.30
CA ILE D 230 -27.57 3.36 23.41
C ILE D 230 -26.76 2.28 24.15
N LEU D 231 -26.37 2.57 25.38
CA LEU D 231 -25.64 1.61 26.21
C LEU D 231 -26.48 0.33 26.43
N ASP D 232 -27.74 0.54 26.79
CA ASP D 232 -28.65 -0.59 27.08
C ASP D 232 -28.81 -1.51 25.86
N THR D 233 -28.91 -0.92 24.68
CA THR D 233 -29.03 -1.69 23.43
C THR D 233 -27.73 -2.42 23.10
N VAL D 234 -26.60 -1.74 23.27
CA VAL D 234 -25.30 -2.36 23.00
C VAL D 234 -25.08 -3.59 23.89
N LEU D 235 -25.53 -3.51 25.13
CA LEU D 235 -25.43 -4.63 26.08
C LEU D 235 -26.06 -5.92 25.57
N THR D 236 -27.10 -5.82 24.77
CA THR D 236 -27.76 -7.02 24.20
C THR D 236 -26.87 -7.76 23.17
N ARG D 237 -25.81 -7.10 22.70
CA ARG D 237 -24.99 -7.64 21.61
C ARG D 237 -23.53 -7.88 21.98
N ILE D 238 -23.19 -7.71 23.24
CA ILE D 238 -21.81 -7.94 23.66
C ILE D 238 -21.45 -9.41 23.56
N ALA D 239 -20.18 -9.66 23.27
CA ALA D 239 -19.64 -11.00 23.22
C ALA D 239 -19.17 -11.49 24.58
N PHE D 240 -18.90 -12.79 24.63
CA PHE D 240 -18.23 -13.43 25.76
C PHE D 240 -16.95 -12.66 26.10
N LYS D 241 -16.79 -12.34 27.39
CA LYS D 241 -15.63 -11.61 27.92
C LYS D 241 -15.45 -10.19 27.34
N ALA D 242 -16.57 -9.59 26.97
CA ALA D 242 -16.57 -8.21 26.48
C ALA D 242 -16.13 -7.26 27.58
N ARG D 243 -15.58 -6.13 27.15
CA ARG D 243 -15.21 -5.04 28.05
C ARG D 243 -15.93 -3.77 27.65
N ILE D 244 -16.65 -3.21 28.61
CA ILE D 244 -17.33 -1.95 28.44
C ILE D 244 -16.61 -0.90 29.27
N VAL D 245 -16.14 0.15 28.61
CA VAL D 245 -15.49 1.26 29.30
C VAL D 245 -16.41 2.48 29.31
N LEU D 246 -16.67 2.96 30.52
CA LEU D 246 -17.50 4.15 30.73
C LEU D 246 -16.64 5.39 30.92
N CYS D 247 -16.79 6.33 30.00
CA CYS D 247 -16.05 7.59 30.04
C CYS D 247 -16.93 8.79 30.32
N GLY D 248 -18.21 8.65 30.03
CA GLY D 248 -19.17 9.71 30.26
C GLY D 248 -20.57 9.28 29.89
N ALA D 249 -21.52 10.18 30.09
CA ALA D 249 -22.93 9.89 29.80
C ALA D 249 -23.66 11.21 29.58
N ILE D 250 -24.62 11.24 28.67
CA ILE D 250 -25.36 12.49 28.39
C ILE D 250 -26.17 12.94 29.62
N SER D 251 -26.58 11.97 30.44
CA SER D 251 -27.32 12.24 31.69
C SER D 251 -26.48 12.98 32.76
N GLN D 252 -25.19 13.11 32.52
CA GLN D 252 -24.35 13.96 33.37
C GLN D 252 -24.76 15.45 33.26
N TYR D 253 -25.42 15.84 32.17
CA TYR D 253 -25.67 17.27 31.87
C TYR D 253 -26.84 17.95 32.59
N ASN D 254 -27.75 17.18 33.20
CA ASN D 254 -28.92 17.74 33.88
C ASN D 254 -29.32 16.94 35.11
N GLY D 261 -31.29 3.72 34.14
CA GLY D 261 -30.30 2.64 34.23
C GLY D 261 -30.45 1.53 33.20
N PRO D 262 -29.33 0.83 32.89
CA PRO D 262 -29.39 -0.22 31.87
C PRO D 262 -30.12 -1.48 32.35
N ALA D 263 -31.32 -1.68 31.82
CA ALA D 263 -32.12 -2.86 32.14
C ALA D 263 -31.47 -4.16 31.71
N ASN D 264 -30.57 -4.08 30.72
CA ASN D 264 -29.89 -5.26 30.17
C ASN D 264 -28.55 -5.56 30.83
N TYR D 265 -28.32 -5.00 32.01
CA TYR D 265 -27.02 -5.12 32.68
C TYR D 265 -26.63 -6.56 32.96
N LEU D 266 -27.62 -7.44 33.12
CA LEU D 266 -27.35 -8.86 33.39
C LEU D 266 -26.69 -9.56 32.21
N SER D 267 -26.65 -8.91 31.05
CA SER D 267 -25.84 -9.39 29.93
C SER D 267 -24.37 -9.53 30.37
N LEU D 268 -23.95 -8.72 31.32
CA LEU D 268 -22.60 -8.84 31.91
C LEU D 268 -22.38 -10.19 32.62
N LEU D 269 -23.45 -10.72 33.20
CA LEU D 269 -23.42 -12.05 33.81
C LEU D 269 -23.42 -13.15 32.73
N VAL D 270 -24.41 -13.09 31.86
CA VAL D 270 -24.56 -14.07 30.78
C VAL D 270 -23.28 -14.22 29.97
N ASN D 271 -22.66 -13.08 29.67
CA ASN D 271 -21.45 -13.04 28.84
C ASN D 271 -20.16 -12.94 29.64
N ARG D 272 -20.29 -12.97 30.96
CA ARG D 272 -19.13 -12.92 31.87
C ARG D 272 -18.18 -11.79 31.44
N ALA D 273 -18.81 -10.63 31.34
CA ALA D 273 -18.19 -9.43 30.78
C ALA D 273 -17.97 -8.43 31.89
N ARG D 274 -17.21 -7.38 31.56
CA ARG D 274 -16.78 -6.37 32.51
C ARG D 274 -17.22 -4.97 32.07
N MET D 275 -17.78 -4.21 33.02
CA MET D 275 -18.13 -2.80 32.82
C MET D 275 -17.37 -1.97 33.82
N GLU D 276 -16.58 -1.03 33.32
CA GLU D 276 -15.64 -0.30 34.17
C GLU D 276 -15.53 1.18 33.81
N GLY D 277 -15.54 2.02 34.84
CA GLY D 277 -15.40 3.45 34.67
C GLY D 277 -13.96 3.88 34.73
N MET D 278 -13.66 4.99 34.06
CA MET D 278 -12.32 5.58 34.10
C MET D 278 -12.38 7.10 33.99
N VAL D 279 -11.33 7.73 34.50
CA VAL D 279 -11.14 9.17 34.46
C VAL D 279 -9.69 9.42 34.08
N VAL D 280 -9.48 10.29 33.11
CA VAL D 280 -8.14 10.45 32.50
C VAL D 280 -7.08 10.93 33.49
N MET D 281 -7.46 11.76 34.45
CA MET D 281 -6.46 12.31 35.40
C MET D 281 -5.83 11.22 36.27
N ASP D 282 -6.50 10.07 36.40
CA ASP D 282 -5.88 8.91 37.10
C ASP D 282 -4.65 8.39 36.38
N TYR D 283 -4.49 8.74 35.11
CA TYR D 283 -3.35 8.29 34.31
C TYR D 283 -2.24 9.34 34.13
N ALA D 284 -2.33 10.42 34.91
CA ALA D 284 -1.42 11.56 34.79
C ALA D 284 0.07 11.15 34.73
N GLN D 285 0.47 10.18 35.56
CA GLN D 285 1.88 9.70 35.60
C GLN D 285 2.34 9.09 34.29
N ARG D 286 1.39 8.64 33.48
CA ARG D 286 1.70 7.98 32.21
C ARG D 286 1.49 8.88 31.00
N PHE D 287 1.13 10.14 31.24
CA PHE D 287 0.92 11.08 30.14
C PHE D 287 2.10 11.16 29.19
N PRO D 288 3.36 11.21 29.71
CA PRO D 288 4.47 11.44 28.77
C PRO D 288 4.60 10.35 27.72
N GLU D 289 4.45 9.10 28.11
CA GLU D 289 4.54 8.00 27.13
C GLU D 289 3.30 7.98 26.19
N GLY D 290 2.14 8.29 26.75
CA GLY D 290 0.90 8.38 25.94
C GLY D 290 0.94 9.49 24.91
N LEU D 291 1.34 10.68 25.36
CA LEU D 291 1.48 11.85 24.49
C LEU D 291 2.51 11.61 23.40
N LYS D 292 3.63 11.01 23.79
CA LYS D 292 4.70 10.69 22.86
C LYS D 292 4.21 9.77 21.74
N GLU D 293 3.51 8.70 22.10
CA GLU D 293 2.99 7.78 21.08
C GLU D 293 1.94 8.43 20.19
N MET D 294 1.00 9.15 20.81
CA MET D 294 -0.04 9.86 20.09
C MET D 294 0.57 10.85 19.08
N ALA D 295 1.57 11.59 19.52
CA ALA D 295 2.24 12.59 18.67
C ALA D 295 2.86 11.95 17.41
N THR D 296 3.45 10.76 17.54
CA THR D 296 4.01 10.05 16.38
C THR D 296 2.91 9.55 15.42
N TRP D 297 1.79 9.07 15.97
CA TRP D 297 0.66 8.67 15.11
C TRP D 297 0.17 9.84 14.31
N LEU D 298 0.04 11.00 14.96
CA LEU D 298 -0.40 12.23 14.31
C LEU D 298 0.59 12.69 13.22
N ALA D 299 1.87 12.72 13.60
CA ALA D 299 2.97 13.10 12.69
C ALA D 299 3.05 12.21 11.45
N GLU D 300 2.82 10.91 11.63
CA GLU D 300 2.86 9.92 10.51
C GLU D 300 1.59 9.90 9.67
N GLY D 301 0.57 10.64 10.08
CA GLY D 301 -0.73 10.65 9.39
C GLY D 301 -1.60 9.41 9.64
N LYS D 302 -1.24 8.61 10.64
CA LYS D 302 -2.00 7.40 10.99
C LYS D 302 -3.26 7.75 11.79
N LEU D 303 -3.24 8.91 12.41
CA LEU D 303 -4.38 9.38 13.18
C LEU D 303 -4.61 10.85 12.86
N GLN D 304 -5.88 11.21 12.67
CA GLN D 304 -6.26 12.56 12.32
C GLN D 304 -6.98 13.23 13.46
N SER D 305 -6.69 14.52 13.63
CA SER D 305 -7.32 15.33 14.66
C SER D 305 -7.79 16.64 14.06
N ARG D 306 -9.07 16.94 14.27
CA ARG D 306 -9.64 18.18 13.76
C ARG D 306 -10.03 19.11 14.90
N GLU D 307 -9.59 20.36 14.81
CA GLU D 307 -9.96 21.37 15.77
C GLU D 307 -10.75 22.48 15.08
N ASP D 308 -11.83 22.90 15.72
CA ASP D 308 -12.62 24.04 15.28
C ASP D 308 -12.29 25.24 16.18
N ILE D 309 -11.52 26.17 15.63
CA ILE D 309 -11.01 27.29 16.43
C ILE D 309 -11.85 28.57 16.22
N VAL D 310 -12.41 29.07 17.31
CA VAL D 310 -13.15 30.33 17.33
C VAL D 310 -12.39 31.36 18.17
N GLU D 311 -12.38 32.61 17.71
CA GLU D 311 -11.51 33.65 18.31
C GLU D 311 -12.25 34.60 19.24
N GLY D 312 -11.63 34.87 20.38
CA GLY D 312 -12.09 35.93 21.30
C GLY D 312 -12.77 35.42 22.56
N LEU D 313 -12.11 35.63 23.69
CA LEU D 313 -12.63 35.24 25.00
C LEU D 313 -14.06 35.76 25.22
N GLU D 314 -14.29 37.00 24.79
CA GLU D 314 -15.56 37.71 24.98
C GLU D 314 -16.74 37.02 24.30
N THR D 315 -16.46 36.24 23.26
CA THR D 315 -17.52 35.48 22.54
C THR D 315 -17.95 34.19 23.24
N PHE D 316 -17.35 33.89 24.39
CA PHE D 316 -17.52 32.57 25.04
C PHE D 316 -18.97 32.05 25.14
N PRO D 317 -19.90 32.84 25.73
CA PRO D 317 -21.28 32.36 25.89
C PRO D 317 -21.97 31.98 24.59
N GLU D 318 -21.74 32.76 23.53
CA GLU D 318 -22.28 32.44 22.21
C GLU D 318 -21.57 31.25 21.57
N THR D 319 -20.24 31.28 21.61
CA THR D 319 -19.42 30.20 21.03
C THR D 319 -19.73 28.84 21.68
N LEU D 320 -19.98 28.87 22.98
CA LEU D 320 -20.37 27.66 23.72
C LEU D 320 -21.62 26.98 23.14
N LEU D 321 -22.57 27.79 22.67
CA LEU D 321 -23.79 27.26 22.04
C LEU D 321 -23.50 26.45 20.78
N LYS D 322 -22.42 26.80 20.08
CA LYS D 322 -22.00 26.08 18.86
C LYS D 322 -21.73 24.58 19.15
N LEU D 323 -21.45 24.26 20.40
CA LEU D 323 -21.29 22.87 20.86
C LEU D 323 -22.56 22.04 20.66
N PHE D 324 -23.71 22.71 20.78
CA PHE D 324 -25.02 22.05 20.69
C PHE D 324 -25.74 22.29 19.36
N SER D 325 -24.98 22.64 18.32
CA SER D 325 -25.53 22.90 16.98
C SER D 325 -25.64 21.63 16.14
N GLY D 326 -25.02 20.55 16.60
CA GLY D 326 -25.07 19.27 15.91
C GLY D 326 -24.32 19.25 14.57
N GLU D 327 -23.40 20.19 14.41
CA GLU D 327 -22.51 20.24 13.24
C GLU D 327 -21.30 19.35 13.49
N ASN D 328 -20.43 19.20 12.48
CA ASN D 328 -19.29 18.30 12.53
C ASN D 328 -17.99 19.01 12.16
N PHE D 329 -17.67 20.05 12.90
CA PHE D 329 -16.51 20.87 12.60
C PHE D 329 -15.30 20.43 13.40
N GLY D 330 -15.48 19.54 14.38
CA GLY D 330 -14.37 19.02 15.18
C GLY D 330 -14.32 19.59 16.57
N LYS D 331 -13.25 19.26 17.30
CA LYS D 331 -13.09 19.65 18.69
C LYS D 331 -13.10 21.18 18.82
N LEU D 332 -14.00 21.68 19.65
CA LEU D 332 -14.21 23.12 19.78
C LEU D 332 -13.18 23.77 20.69
N VAL D 333 -12.47 24.73 20.13
CA VAL D 333 -11.41 25.45 20.84
C VAL D 333 -11.62 26.96 20.75
N LEU D 334 -11.52 27.64 21.89
CA LEU D 334 -11.63 29.09 21.96
C LEU D 334 -10.25 29.73 22.10
N LYS D 335 -9.87 30.49 21.09
CA LYS D 335 -8.61 31.23 21.14
C LYS D 335 -8.85 32.46 21.98
N VAL D 336 -8.07 32.60 23.04
CA VAL D 336 -8.19 33.74 23.94
C VAL D 336 -7.35 34.86 23.34
N GLN E 6 9.84 46.51 31.50
CA GLN E 6 10.52 45.23 31.13
C GLN E 6 11.79 45.50 30.27
N ILE E 7 12.62 44.48 30.21
CA ILE E 7 13.88 44.53 29.49
C ILE E 7 13.83 43.70 28.21
N ASN E 8 14.33 44.27 27.13
CA ASN E 8 14.54 43.55 25.89
C ASN E 8 16.03 43.27 25.71
N ARG E 9 16.41 42.00 25.86
CA ARG E 9 17.79 41.60 25.63
C ARG E 9 18.01 41.43 24.14
N GLN E 10 19.14 41.92 23.66
CA GLN E 10 19.48 41.93 22.24
C GLN E 10 20.91 41.53 21.99
N TYR E 11 21.13 40.76 20.94
CA TYR E 11 22.47 40.53 20.42
C TYR E 11 22.69 41.45 19.24
N GLN E 12 23.65 42.35 19.39
CA GLN E 12 24.02 43.26 18.32
C GLN E 12 25.28 42.75 17.64
N LEU E 13 25.43 43.10 16.37
CA LEU E 13 26.69 42.85 15.65
C LEU E 13 27.75 43.86 16.12
N ALA E 14 28.83 43.34 16.69
CA ALA E 14 29.87 44.16 17.32
C ALA E 14 31.08 44.35 16.36
N GLN E 15 31.47 43.27 15.69
CA GLN E 15 32.50 43.35 14.63
C GLN E 15 32.30 42.26 13.59
N ARG E 16 32.62 42.59 12.35
CA ARG E 16 32.49 41.66 11.24
C ARG E 16 33.58 40.60 11.39
N PRO E 17 33.19 39.32 11.43
CA PRO E 17 34.18 38.27 11.65
C PRO E 17 35.04 38.03 10.42
N SER E 18 36.33 37.75 10.64
CA SER E 18 37.23 37.43 9.51
C SER E 18 36.86 36.05 8.96
N GLY E 19 36.68 35.09 9.85
CA GLY E 19 36.40 33.69 9.42
C GLY E 19 35.03 33.30 9.93
N LEU E 20 35.00 32.31 10.81
CA LEU E 20 33.79 31.98 11.55
C LEU E 20 33.55 33.02 12.64
N PRO E 21 32.30 33.17 13.05
CA PRO E 21 32.01 34.07 14.16
C PRO E 21 32.50 33.53 15.48
N GLY E 22 32.89 34.45 16.35
CA GLY E 22 33.54 34.11 17.62
C GLY E 22 32.92 34.87 18.78
N ARG E 23 33.68 34.96 19.88
CA ARG E 23 33.16 35.52 21.14
C ARG E 23 33.07 37.03 21.11
N ASP E 24 33.79 37.67 20.19
CA ASP E 24 33.81 39.12 20.11
C ASP E 24 32.92 39.65 18.99
N THR E 25 32.32 38.73 18.25
CA THR E 25 31.52 39.10 17.08
C THR E 25 30.24 39.84 17.49
N PHE E 26 29.63 39.38 18.57
CA PHE E 26 28.37 39.95 19.05
C PHE E 26 28.50 40.60 20.42
N SER E 27 27.66 41.62 20.63
CA SER E 27 27.51 42.25 21.95
C SER E 27 26.11 41.97 22.51
N PHE E 28 26.07 41.50 23.75
CA PHE E 28 24.83 41.23 24.44
C PHE E 28 24.38 42.47 25.24
N VAL E 29 23.29 43.09 24.80
CA VAL E 29 22.85 44.38 25.34
C VAL E 29 21.44 44.33 25.89
N GLU E 30 21.22 45.07 26.97
CA GLU E 30 19.89 45.18 27.57
C GLU E 30 19.31 46.54 27.25
N THR E 31 18.12 46.53 26.65
CA THR E 31 17.43 47.74 26.25
C THR E 31 16.04 47.77 26.91
N PRO E 32 15.58 48.96 27.33
CA PRO E 32 14.23 49.01 27.89
C PRO E 32 13.17 48.70 26.83
N LEU E 33 12.18 47.90 27.21
CA LEU E 33 11.12 47.49 26.29
C LEU E 33 10.11 48.63 26.21
N GLY E 34 9.99 49.18 25.03
CA GLY E 34 9.09 50.29 24.80
C GLY E 34 7.70 49.81 24.47
N GLU E 35 6.95 50.69 23.84
CA GLU E 35 5.79 50.36 23.14
C GLU E 35 5.91 50.84 21.69
N PRO E 36 5.10 50.21 20.86
CA PRO E 36 5.17 50.46 19.45
C PRO E 36 4.60 51.82 19.16
N ALA E 37 5.22 52.50 18.21
CA ALA E 37 4.67 53.74 17.68
C ALA E 37 3.69 53.39 16.54
N GLU E 38 3.04 54.41 15.99
CA GLU E 38 2.10 54.23 14.88
C GLU E 38 2.75 53.51 13.71
N GLY E 39 2.02 52.57 13.11
CA GLY E 39 2.53 51.77 11.99
C GLY E 39 3.51 50.70 12.42
N GLN E 40 3.67 50.52 13.73
CA GLN E 40 4.52 49.46 14.25
C GLN E 40 3.71 48.39 15.02
N ILE E 41 4.37 47.26 15.24
CA ILE E 41 3.86 46.21 16.12
C ILE E 41 4.88 45.84 17.16
N LEU E 42 4.39 45.28 18.25
CA LEU E 42 5.23 44.71 19.30
C LEU E 42 5.01 43.20 19.33
N VAL E 43 6.10 42.45 19.15
CA VAL E 43 6.06 40.98 19.08
C VAL E 43 6.93 40.36 20.15
N LYS E 44 6.37 39.39 20.86
CA LYS E 44 7.16 38.57 21.74
C LYS E 44 7.78 37.45 20.91
N ASN E 45 9.10 37.48 20.79
CA ASN E 45 9.80 36.48 19.98
C ASN E 45 9.82 35.13 20.70
N GLU E 46 9.45 34.08 19.98
CA GLU E 46 9.34 32.74 20.59
C GLU E 46 10.40 31.79 20.08
N TYR E 47 10.58 31.78 18.77
CA TYR E 47 11.61 30.95 18.13
C TYR E 47 12.32 31.72 17.03
N LEU E 48 13.62 31.53 16.96
CA LEU E 48 14.44 32.18 15.96
C LEU E 48 15.11 31.16 15.06
N SER E 49 15.24 31.51 13.80
CA SER E 49 15.94 30.70 12.83
C SER E 49 17.44 31.00 12.85
N LEU E 50 18.23 29.95 13.09
CA LEU E 50 19.69 30.04 12.89
C LEU E 50 20.04 29.42 11.54
N ASP E 51 20.61 30.25 10.66
CA ASP E 51 20.87 29.91 9.26
C ASP E 51 22.29 30.24 8.82
N PRO E 52 22.92 29.39 8.00
CA PRO E 52 24.25 29.71 7.45
C PRO E 52 24.29 31.05 6.70
N ALA E 53 23.17 31.44 6.09
CA ALA E 53 23.06 32.73 5.42
C ALA E 53 23.41 33.91 6.34
N MET E 54 23.30 33.68 7.65
CA MET E 54 23.67 34.70 8.66
C MET E 54 25.12 35.17 8.49
N ARG E 55 25.97 34.28 8.03
CA ARG E 55 27.37 34.61 7.77
C ARG E 55 27.48 35.69 6.70
N GLY E 56 26.71 35.54 5.63
CA GLY E 56 26.68 36.51 4.55
C GLY E 56 26.13 37.86 5.02
N TRP E 57 25.11 37.82 5.88
CA TRP E 57 24.50 39.04 6.41
C TRP E 57 25.45 39.83 7.26
N MET E 58 26.45 39.15 7.83
CA MET E 58 27.48 39.82 8.65
C MET E 58 28.62 40.43 7.82
N ASN E 59 28.84 39.90 6.63
CA ASN E 59 29.92 40.36 5.72
C ASN E 59 29.62 41.65 4.98
N ASP E 60 30.67 42.45 4.76
CA ASP E 60 30.54 43.73 4.05
C ASP E 60 30.62 43.56 2.53
N ALA E 61 30.62 42.31 2.04
CA ALA E 61 30.68 42.11 0.61
C ALA E 61 29.43 42.72 -0.04
N ARG E 62 29.60 42.98 -1.32
CA ARG E 62 28.55 43.58 -2.12
C ARG E 62 27.41 42.58 -2.28
N SER E 63 26.19 43.06 -2.07
CA SER E 63 25.00 42.25 -2.21
C SER E 63 23.82 43.13 -2.68
N TYR E 64 22.63 42.54 -2.68
CA TYR E 64 21.38 43.28 -2.95
C TYR E 64 20.76 43.91 -1.69
N ILE E 65 20.64 43.08 -0.66
CA ILE E 65 20.08 43.53 0.63
C ILE E 65 21.29 43.95 1.44
N PRO E 66 21.24 45.14 2.05
CA PRO E 66 22.43 45.63 2.76
C PRO E 66 22.88 44.70 3.91
N PRO E 67 24.19 44.62 4.19
CA PRO E 67 24.73 43.86 5.35
C PRO E 67 24.15 44.36 6.67
N VAL E 68 24.17 43.55 7.72
CA VAL E 68 23.82 44.02 9.06
C VAL E 68 24.84 45.07 9.50
N GLY E 69 24.35 46.20 9.99
CA GLY E 69 25.21 47.29 10.43
C GLY E 69 25.85 46.98 11.77
N ILE E 70 27.04 47.55 11.99
CA ILE E 70 27.70 47.46 13.28
C ILE E 70 26.84 48.21 14.31
N GLY E 71 26.58 47.56 15.44
CA GLY E 71 25.73 48.11 16.49
C GLY E 71 24.23 47.84 16.30
N GLU E 72 23.86 47.26 15.17
CA GLU E 72 22.47 46.88 14.90
C GLU E 72 22.17 45.49 15.47
N VAL E 73 20.93 45.30 15.87
CA VAL E 73 20.46 44.00 16.33
C VAL E 73 20.67 42.98 15.21
N MET E 74 21.26 41.84 15.55
CA MET E 74 21.57 40.84 14.55
C MET E 74 20.29 40.38 13.85
N ARG E 75 20.37 40.25 12.53
CA ARG E 75 19.24 39.86 11.71
C ARG E 75 18.92 38.39 11.94
N ALA E 76 17.64 38.10 12.11
CA ALA E 76 17.19 36.73 12.24
C ALA E 76 15.72 36.63 11.91
N LEU E 77 15.38 35.62 11.12
CA LEU E 77 14.00 35.28 10.92
C LEU E 77 13.51 34.57 12.17
N GLY E 78 12.26 34.80 12.51
CA GLY E 78 11.67 34.18 13.65
C GLY E 78 10.17 34.10 13.60
N VAL E 79 9.62 33.41 14.58
CA VAL E 79 8.20 33.38 14.82
C VAL E 79 7.90 33.89 16.20
N GLY E 80 6.84 34.68 16.29
CA GLY E 80 6.46 35.28 17.56
C GLY E 80 5.01 35.68 17.62
N LYS E 81 4.60 36.11 18.80
CA LYS E 81 3.21 36.50 19.06
C LYS E 81 3.08 38.01 19.14
N VAL E 82 2.10 38.56 18.41
CA VAL E 82 1.81 39.98 18.47
C VAL E 82 1.14 40.33 19.79
N LEU E 83 1.78 41.19 20.57
CA LEU E 83 1.25 41.63 21.86
C LEU E 83 0.45 42.92 21.71
N VAL E 84 1.01 43.84 20.92
CA VAL E 84 0.36 45.10 20.63
C VAL E 84 0.56 45.46 19.15
N SER E 85 -0.52 45.87 18.51
CA SER E 85 -0.47 46.31 17.12
C SER E 85 -1.02 47.73 16.91
N LYS E 86 -0.23 48.54 16.22
CA LYS E 86 -0.68 49.84 15.71
C LYS E 86 -0.51 49.84 14.19
N HIS E 87 -0.83 48.68 13.60
CA HIS E 87 -0.74 48.43 12.15
C HIS E 87 -1.96 47.65 11.71
N PRO E 88 -2.65 48.10 10.65
CA PRO E 88 -3.99 47.55 10.31
C PRO E 88 -3.93 46.10 9.82
N GLY E 89 -2.73 45.66 9.46
CA GLY E 89 -2.53 44.30 9.00
C GLY E 89 -2.44 43.25 10.09
N PHE E 90 -2.34 43.68 11.35
CA PHE E 90 -2.06 42.77 12.48
C PHE E 90 -2.85 43.12 13.72
N GLN E 91 -3.18 42.09 14.49
CA GLN E 91 -3.90 42.25 15.74
C GLN E 91 -3.21 41.49 16.86
N ALA E 92 -3.40 41.97 18.09
CA ALA E 92 -2.90 41.30 19.27
C ALA E 92 -3.40 39.84 19.27
N GLY E 93 -2.50 38.91 19.53
CA GLY E 93 -2.84 37.48 19.53
C GLY E 93 -2.45 36.76 18.25
N ASP E 94 -2.23 37.53 17.18
CA ASP E 94 -1.72 36.96 15.92
C ASP E 94 -0.33 36.39 16.16
N TYR E 95 -0.05 35.26 15.53
CA TYR E 95 1.31 34.77 15.41
C TYR E 95 1.87 35.13 14.05
N VAL E 96 3.12 35.60 14.04
CA VAL E 96 3.75 36.07 12.80
C VAL E 96 5.11 35.48 12.56
N ASN E 97 5.46 35.40 11.28
CA ASN E 97 6.79 35.12 10.82
C ASN E 97 7.38 36.42 10.27
N GLY E 98 8.63 36.70 10.61
CA GLY E 98 9.30 37.88 10.08
C GLY E 98 10.73 37.99 10.54
N ALA E 99 11.39 39.07 10.14
CA ALA E 99 12.75 39.36 10.57
C ALA E 99 12.65 39.94 11.99
N LEU E 100 12.55 39.04 12.96
CA LEU E 100 12.29 39.43 14.36
C LEU E 100 13.55 39.84 15.10
N GLY E 101 14.69 39.40 14.58
CA GLY E 101 15.97 39.78 15.15
C GLY E 101 16.37 38.89 16.31
N VAL E 102 17.65 38.91 16.63
CA VAL E 102 18.17 38.09 17.74
C VAL E 102 17.95 38.85 19.04
N GLN E 103 16.74 38.73 19.56
CA GLN E 103 16.30 39.51 20.73
C GLN E 103 15.04 38.90 21.34
N ASP E 104 14.67 39.38 22.52
CA ASP E 104 13.46 38.92 23.23
C ASP E 104 12.18 39.41 22.55
N TYR E 105 12.22 40.66 22.13
CA TYR E 105 11.05 41.35 21.61
C TYR E 105 11.41 42.08 20.35
N PHE E 106 10.49 42.05 19.40
CA PHE E 106 10.59 42.87 18.21
C PHE E 106 9.61 44.03 18.31
N ILE E 107 10.11 45.24 18.11
CA ILE E 107 9.27 46.44 17.97
C ILE E 107 9.66 47.16 16.70
N GLY E 108 8.70 47.32 15.80
CA GLY E 108 8.99 47.98 14.54
C GLY E 108 7.91 47.78 13.50
N GLU E 109 8.22 48.28 12.31
CA GLU E 109 7.36 48.12 11.15
C GLU E 109 7.41 46.66 10.70
N PRO E 110 6.25 46.03 10.48
CA PRO E 110 6.23 44.59 10.11
C PRO E 110 6.49 44.33 8.64
N LYS E 111 7.58 44.89 8.13
CA LYS E 111 7.93 44.81 6.72
C LYS E 111 8.30 43.36 6.35
N GLY E 112 7.56 42.79 5.41
CA GLY E 112 7.79 41.41 4.97
C GLY E 112 7.25 40.36 5.93
N PHE E 113 6.56 40.80 6.98
CA PHE E 113 5.96 39.89 7.97
C PHE E 113 4.69 39.26 7.41
N TYR E 114 4.44 38.01 7.78
CA TYR E 114 3.16 37.37 7.48
C TYR E 114 2.63 36.59 8.68
N LYS E 115 1.32 36.52 8.76
CA LYS E 115 0.65 35.77 9.81
C LYS E 115 0.80 34.28 9.56
N VAL E 116 1.03 33.54 10.63
CA VAL E 116 1.14 32.08 10.55
C VAL E 116 0.02 31.50 11.41
N ASP E 117 -0.49 30.36 10.98
CA ASP E 117 -1.62 29.68 11.62
C ASP E 117 -1.15 28.54 12.55
N PRO E 118 -1.20 28.76 13.88
CA PRO E 118 -0.65 27.75 14.80
C PRO E 118 -1.49 26.49 14.91
N SER E 119 -2.69 26.49 14.33
CA SER E 119 -3.52 25.28 14.30
C SER E 119 -3.05 24.28 13.24
N ARG E 120 -2.26 24.76 12.29
CA ARG E 120 -1.86 23.95 11.11
C ARG E 120 -0.52 23.27 11.27
N ALA E 121 0.28 23.75 12.22
CA ALA E 121 1.61 23.19 12.43
C ALA E 121 2.21 23.69 13.72
N PRO E 122 3.19 22.95 14.27
CA PRO E 122 3.94 23.49 15.39
C PRO E 122 4.66 24.76 15.01
N LEU E 123 4.72 25.69 15.96
CA LEU E 123 5.33 27.02 15.73
C LEU E 123 6.72 26.97 15.09
N PRO E 124 7.63 26.14 15.62
CA PRO E 124 8.98 26.12 15.02
C PRO E 124 9.01 25.73 13.57
N ARG E 125 7.99 24.99 13.14
CA ARG E 125 7.96 24.48 11.77
C ARG E 125 7.77 25.63 10.77
N TYR E 126 7.27 26.76 11.25
CA TYR E 126 7.16 27.98 10.44
C TYR E 126 8.53 28.65 10.23
N LEU E 127 9.57 28.00 10.75
CA LEU E 127 10.94 28.39 10.44
C LEU E 127 11.69 27.36 9.60
N SER E 128 11.03 26.23 9.33
CA SER E 128 11.66 25.14 8.59
C SER E 128 10.86 24.83 7.31
N ALA E 129 10.16 23.70 7.28
CA ALA E 129 9.38 23.31 6.09
C ALA E 129 8.35 24.36 5.69
N LEU E 130 7.77 25.02 6.69
CA LEU E 130 6.77 26.06 6.45
C LEU E 130 7.36 27.45 6.62
N GLY E 131 8.68 27.50 6.56
CA GLY E 131 9.44 28.74 6.60
C GLY E 131 10.33 28.90 5.37
N MET E 132 11.40 29.67 5.52
CA MET E 132 12.24 30.02 4.35
C MET E 132 13.00 28.86 3.74
N THR E 133 13.43 27.92 4.56
CA THR E 133 14.18 26.78 4.05
C THR E 133 13.24 25.92 3.18
N GLY E 134 12.05 25.69 3.71
CA GLY E 134 11.05 24.87 3.02
C GLY E 134 10.55 25.51 1.73
N MET E 135 10.35 26.81 1.78
CA MET E 135 9.92 27.56 0.61
C MET E 135 11.05 27.70 -0.42
N THR E 136 12.29 27.74 0.03
CA THR E 136 13.42 27.68 -0.88
C THR E 136 13.36 26.37 -1.69
N ALA E 137 13.22 25.26 -0.98
CA ALA E 137 13.12 23.95 -1.60
C ALA E 137 11.94 23.90 -2.61
N TYR E 138 10.82 24.37 -2.15
CA TYR E 138 9.57 24.33 -2.91
C TYR E 138 9.67 25.10 -4.23
N PHE E 139 10.06 26.36 -4.14
CA PHE E 139 10.12 27.20 -5.33
C PHE E 139 11.33 26.90 -6.22
N ALA E 140 12.48 26.64 -5.61
CA ALA E 140 13.69 26.34 -6.39
C ALA E 140 13.49 25.07 -7.20
N LEU E 141 13.00 24.01 -6.55
CA LEU E 141 12.78 22.75 -7.25
C LEU E 141 11.70 22.89 -8.33
N LEU E 142 10.54 23.39 -7.93
CA LEU E 142 9.36 23.33 -8.80
C LEU E 142 9.34 24.40 -9.88
N ASP E 143 9.78 25.61 -9.55
CA ASP E 143 9.77 26.69 -10.54
C ASP E 143 11.03 26.71 -11.43
N VAL E 144 12.18 26.38 -10.86
CA VAL E 144 13.43 26.41 -11.63
C VAL E 144 13.87 25.04 -12.12
N GLY E 145 13.85 24.06 -11.24
CA GLY E 145 14.21 22.69 -11.62
C GLY E 145 13.18 22.07 -12.56
N GLN E 146 11.91 22.38 -12.32
CA GLN E 146 10.78 21.82 -13.09
C GLN E 146 10.86 20.31 -13.31
N PRO E 147 10.95 19.54 -12.21
CA PRO E 147 11.07 18.12 -12.36
C PRO E 147 9.80 17.49 -12.93
N LYS E 148 9.96 16.41 -13.67
CA LYS E 148 8.85 15.68 -14.25
C LYS E 148 8.89 14.23 -13.79
N ASN E 149 7.73 13.58 -13.85
CA ASN E 149 7.60 12.19 -13.48
C ASN E 149 8.65 11.34 -14.17
N GLY E 150 9.31 10.49 -13.39
CA GLY E 150 10.31 9.56 -13.93
C GLY E 150 11.72 10.14 -14.10
N GLU E 151 11.86 11.45 -13.95
CA GLU E 151 13.19 12.08 -14.06
C GLU E 151 14.02 11.78 -12.83
N THR E 152 15.35 11.83 -13.02
CA THR E 152 16.30 11.64 -11.91
C THR E 152 16.74 12.96 -11.34
N VAL E 153 16.46 13.16 -10.06
CA VAL E 153 16.73 14.39 -9.34
C VAL E 153 17.81 14.10 -8.30
N VAL E 154 18.91 14.84 -8.40
CA VAL E 154 19.99 14.74 -7.44
C VAL E 154 20.00 15.98 -6.57
N ILE E 155 20.13 15.76 -5.27
CA ILE E 155 20.15 16.84 -4.30
C ILE E 155 21.45 16.85 -3.49
N SER E 156 22.16 17.97 -3.53
CA SER E 156 23.34 18.16 -2.65
C SER E 156 22.91 18.83 -1.36
N GLY E 157 23.74 18.71 -0.33
CA GLY E 157 23.37 19.10 1.04
C GLY E 157 22.03 18.47 1.44
N ALA E 158 21.84 17.22 1.05
CA ALA E 158 20.51 16.57 1.04
C ALA E 158 19.94 16.35 2.44
N ALA E 159 20.79 16.30 3.45
CA ALA E 159 20.36 16.13 4.84
C ALA E 159 20.04 17.47 5.50
N GLY E 160 20.42 18.56 4.86
CA GLY E 160 20.12 19.88 5.37
C GLY E 160 18.63 20.23 5.28
N ALA E 161 18.25 21.35 5.86
CA ALA E 161 16.86 21.79 5.92
C ALA E 161 16.23 22.05 4.53
N VAL E 162 16.99 22.63 3.63
CA VAL E 162 16.51 22.88 2.26
C VAL E 162 16.45 21.58 1.46
N GLY E 163 17.57 20.87 1.45
CA GLY E 163 17.73 19.68 0.62
C GLY E 163 16.80 18.53 1.00
N SER E 164 16.62 18.33 2.29
CA SER E 164 15.78 17.23 2.80
C SER E 164 14.33 17.42 2.37
N VAL E 165 13.89 18.67 2.36
CA VAL E 165 12.55 19.00 1.88
C VAL E 165 12.44 18.87 0.36
N ALA E 166 13.42 19.41 -0.36
CA ALA E 166 13.44 19.32 -1.82
C ALA E 166 13.32 17.88 -2.31
N GLY E 167 14.08 16.98 -1.70
CA GLY E 167 14.09 15.58 -2.11
C GLY E 167 12.73 14.91 -1.94
N GLN E 168 12.05 15.28 -0.86
CA GLN E 168 10.74 14.70 -0.55
C GLN E 168 9.70 15.22 -1.54
N ILE E 169 9.79 16.50 -1.88
CA ILE E 169 8.91 17.08 -2.89
C ILE E 169 9.12 16.37 -4.23
N ALA E 170 10.40 16.15 -4.60
CA ALA E 170 10.73 15.44 -5.85
C ALA E 170 10.13 14.01 -5.87
N ARG E 171 10.19 13.31 -4.74
CA ARG E 171 9.58 11.98 -4.61
C ARG E 171 8.07 12.08 -4.90
N LEU E 172 7.42 13.09 -4.34
CA LEU E 172 5.99 13.29 -4.51
C LEU E 172 5.60 13.60 -5.96
N LYS E 173 6.55 14.11 -6.74
CA LYS E 173 6.31 14.39 -8.16
C LYS E 173 6.62 13.19 -9.07
N GLY E 174 7.00 12.07 -8.47
CA GLY E 174 7.23 10.82 -9.19
C GLY E 174 8.66 10.64 -9.69
N CYS E 175 9.58 11.42 -9.13
CA CYS E 175 10.98 11.37 -9.55
C CYS E 175 11.76 10.29 -8.83
N ARG E 176 12.82 9.84 -9.48
CA ARG E 176 13.87 9.11 -8.81
C ARG E 176 14.77 10.11 -8.09
N VAL E 177 14.94 9.93 -6.79
CA VAL E 177 15.57 10.94 -5.93
C VAL E 177 16.82 10.42 -5.27
N VAL E 178 17.93 11.07 -5.57
CA VAL E 178 19.24 10.67 -5.06
C VAL E 178 19.88 11.81 -4.30
N GLY E 179 20.17 11.54 -3.04
CA GLY E 179 20.77 12.52 -2.15
C GLY E 179 22.29 12.40 -2.09
N ILE E 180 22.96 13.53 -1.93
CA ILE E 180 24.41 13.55 -1.62
C ILE E 180 24.58 14.20 -0.26
N ALA E 181 25.15 13.47 0.68
CA ALA E 181 25.35 13.96 2.05
C ALA E 181 26.57 13.36 2.70
N GLY E 182 27.03 14.02 3.75
CA GLY E 182 28.23 13.58 4.49
C GLY E 182 27.92 12.75 5.73
N GLY E 183 28.30 11.49 5.70
CA GLY E 183 28.15 10.59 6.87
C GLY E 183 27.10 9.53 6.68
N ALA E 184 27.32 8.38 7.32
CA ALA E 184 26.48 7.22 7.14
C ALA E 184 25.06 7.43 7.69
N GLU E 185 24.96 8.14 8.81
CA GLU E 185 23.68 8.30 9.51
C GLU E 185 22.75 9.20 8.70
N LYS E 186 23.29 10.32 8.21
CA LYS E 186 22.54 11.22 7.33
C LYS E 186 21.98 10.48 6.12
N CYS E 187 22.83 9.69 5.46
CA CYS E 187 22.44 8.95 4.28
C CYS E 187 21.36 7.91 4.55
N ARG E 188 21.53 7.19 5.66
CA ARG E 188 20.54 6.20 6.09
C ARG E 188 19.20 6.89 6.32
N PHE E 189 19.26 8.01 7.04
CA PHE E 189 18.07 8.81 7.35
C PHE E 189 17.32 9.21 6.08
N LEU E 190 18.08 9.70 5.09
CA LEU E 190 17.51 10.11 3.81
C LEU E 190 16.71 8.96 3.15
N VAL E 191 17.30 7.79 3.10
CA VAL E 191 16.69 6.66 2.41
C VAL E 191 15.59 6.01 3.23
N GLU E 192 15.90 5.66 4.48
CA GLU E 192 14.98 4.88 5.31
C GLU E 192 13.83 5.68 5.91
N GLU E 193 14.10 6.95 6.25
CA GLU E 193 13.07 7.80 6.86
C GLU E 193 12.37 8.72 5.87
N LEU E 194 13.15 9.38 5.00
CA LEU E 194 12.56 10.37 4.07
C LEU E 194 12.11 9.78 2.73
N GLY E 195 12.51 8.55 2.45
CA GLY E 195 12.09 7.86 1.23
C GLY E 195 12.87 8.22 -0.03
N PHE E 196 14.07 8.79 0.14
CA PHE E 196 14.97 8.98 -1.00
C PHE E 196 15.24 7.61 -1.61
N ASP E 197 15.33 7.55 -2.93
CA ASP E 197 15.63 6.28 -3.63
C ASP E 197 17.06 5.83 -3.37
N GLY E 198 17.93 6.81 -3.19
CA GLY E 198 19.32 6.53 -2.92
C GLY E 198 20.02 7.69 -2.25
N ALA E 199 21.16 7.41 -1.64
CA ALA E 199 21.94 8.42 -0.96
C ALA E 199 23.42 8.07 -1.09
N ILE E 200 24.22 9.05 -1.49
CA ILE E 200 25.66 8.84 -1.68
C ILE E 200 26.39 9.55 -0.55
N ASP E 201 27.15 8.78 0.22
CA ASP E 201 27.96 9.32 1.32
C ASP E 201 29.33 9.74 0.79
N TYR E 202 29.46 11.01 0.42
CA TYR E 202 30.69 11.49 -0.27
C TYR E 202 31.93 11.42 0.62
N LYS E 203 31.72 11.40 1.94
CA LYS E 203 32.84 11.36 2.89
C LYS E 203 33.35 9.90 3.13
N ASN E 204 32.55 8.89 2.78
CA ASN E 204 32.94 7.48 2.88
C ASN E 204 32.95 6.68 1.56
N GLU E 205 32.65 7.35 0.46
CA GLU E 205 32.59 6.68 -0.85
C GLU E 205 32.86 7.68 -1.96
N ASP E 206 33.38 7.16 -3.06
CA ASP E 206 33.69 8.03 -4.20
C ASP E 206 32.38 8.53 -4.86
N LEU E 207 32.26 9.84 -5.00
CA LEU E 207 31.03 10.46 -5.51
C LEU E 207 30.71 10.02 -6.94
N ALA E 208 31.69 10.08 -7.82
CA ALA E 208 31.51 9.69 -9.23
C ALA E 208 30.98 8.26 -9.36
N ALA E 209 31.60 7.35 -8.61
CA ALA E 209 31.17 5.95 -8.62
C ALA E 209 29.75 5.84 -8.06
N GLY E 210 29.46 6.60 -7.01
CA GLY E 210 28.12 6.64 -6.43
C GLY E 210 27.08 7.09 -7.44
N LEU E 211 27.41 8.15 -8.16
CA LEU E 211 26.51 8.71 -9.18
C LEU E 211 26.28 7.72 -10.32
N LYS E 212 27.34 7.05 -10.72
CA LYS E 212 27.26 6.01 -11.76
C LYS E 212 26.28 4.90 -11.35
N ARG E 213 26.39 4.46 -10.11
CA ARG E 213 25.51 3.44 -9.57
C ARG E 213 24.05 3.93 -9.43
N GLU E 214 23.88 5.10 -8.82
CA GLU E 214 22.56 5.59 -8.41
C GLU E 214 21.80 6.30 -9.53
N CYS E 215 22.52 6.78 -10.54
CA CYS E 215 21.92 7.55 -11.64
C CYS E 215 22.24 6.97 -13.02
N PRO E 216 21.74 5.76 -13.31
CA PRO E 216 22.11 5.04 -14.53
C PRO E 216 21.67 5.75 -15.80
N LYS E 217 20.59 6.53 -15.72
CA LYS E 217 20.07 7.28 -16.87
C LYS E 217 20.50 8.76 -16.87
N GLY E 218 21.56 9.09 -16.13
CA GLY E 218 22.00 10.47 -16.01
C GLY E 218 21.16 11.29 -15.03
N ILE E 219 21.53 12.56 -14.89
CA ILE E 219 20.90 13.46 -13.92
C ILE E 219 20.10 14.54 -14.66
N ASP E 220 18.79 14.56 -14.42
CA ASP E 220 17.89 15.53 -15.07
C ASP E 220 17.79 16.84 -14.34
N VAL E 221 17.78 16.76 -13.01
CA VAL E 221 17.73 17.94 -12.19
C VAL E 221 18.76 17.83 -11.08
N PHE E 222 19.60 18.84 -10.96
CA PHE E 222 20.52 18.95 -9.83
C PHE E 222 20.15 20.16 -8.98
N PHE E 223 19.76 19.87 -7.76
CA PHE E 223 19.44 20.89 -6.75
C PHE E 223 20.70 21.08 -5.92
N ASP E 224 21.37 22.22 -6.13
CA ASP E 224 22.68 22.47 -5.52
C ASP E 224 22.65 23.43 -4.35
N ASN E 225 22.99 22.91 -3.18
CA ASN E 225 23.15 23.71 -1.96
C ASN E 225 24.60 23.88 -1.52
N VAL E 226 25.53 23.17 -2.16
CA VAL E 226 26.91 23.08 -1.67
C VAL E 226 27.97 23.62 -2.64
N GLY E 227 27.78 23.40 -3.92
CA GLY E 227 28.72 23.84 -4.93
C GLY E 227 30.03 23.05 -4.93
N GLY E 228 31.11 23.74 -5.28
CA GLY E 228 32.46 23.16 -5.20
C GLY E 228 32.64 21.93 -6.02
N GLU E 229 33.43 21.01 -5.48
CA GLU E 229 33.77 19.78 -6.18
C GLU E 229 32.55 18.88 -6.44
N ILE E 230 31.61 18.89 -5.52
CA ILE E 230 30.39 18.07 -5.66
C ILE E 230 29.62 18.50 -6.92
N LEU E 231 29.45 19.79 -7.08
CA LEU E 231 28.84 20.35 -8.31
C LEU E 231 29.61 19.95 -9.54
N ASP E 232 30.93 20.10 -9.48
CA ASP E 232 31.80 19.81 -10.63
C ASP E 232 31.68 18.36 -11.07
N THR E 233 31.62 17.46 -10.09
CA THR E 233 31.47 16.03 -10.38
C THR E 233 30.08 15.70 -10.93
N VAL E 234 29.06 16.33 -10.36
CA VAL E 234 27.68 16.11 -10.84
C VAL E 234 27.53 16.53 -12.31
N LEU E 235 28.22 17.61 -12.67
CA LEU E 235 28.21 18.12 -14.05
C LEU E 235 28.63 17.10 -15.08
N THR E 236 29.51 16.19 -14.70
CA THR E 236 29.96 15.14 -15.62
C THR E 236 28.87 14.12 -15.95
N ARG E 237 27.80 14.12 -15.16
CA ARG E 237 26.75 13.09 -15.28
C ARG E 237 25.36 13.64 -15.62
N ILE E 238 25.26 14.92 -15.90
CA ILE E 238 23.96 15.50 -16.24
C ILE E 238 23.49 14.99 -17.60
N ALA E 239 22.17 14.89 -17.72
CA ALA E 239 21.55 14.46 -18.95
C ALA E 239 21.31 15.63 -19.90
N PHE E 240 20.96 15.27 -21.13
CA PHE E 240 20.45 16.20 -22.12
C PHE E 240 19.31 17.02 -21.55
N LYS E 241 19.41 18.34 -21.69
CA LYS E 241 18.39 19.29 -21.19
C LYS E 241 18.21 19.29 -19.66
N ALA E 242 19.28 18.95 -18.96
CA ALA E 242 19.27 18.99 -17.50
C ALA E 242 19.09 20.42 -16.98
N ARG E 243 18.54 20.53 -15.79
CA ARG E 243 18.39 21.81 -15.10
C ARG E 243 19.14 21.73 -13.80
N ILE E 244 20.05 22.68 -13.61
CA ILE E 244 20.79 22.83 -12.37
C ILE E 244 20.31 24.09 -11.68
N VAL E 245 19.78 23.93 -10.48
CA VAL E 245 19.35 25.08 -9.71
C VAL E 245 20.34 25.34 -8.59
N LEU E 246 20.84 26.57 -8.57
CA LEU E 246 21.78 27.02 -7.55
C LEU E 246 21.06 27.77 -6.44
N CYS E 247 21.11 27.22 -5.23
CA CYS E 247 20.49 27.84 -4.06
C CYS E 247 21.50 28.33 -3.03
N GLY E 248 22.71 27.78 -3.10
CA GLY E 248 23.79 28.17 -2.20
C GLY E 248 25.07 27.42 -2.51
N ALA E 249 26.12 27.70 -1.73
CA ALA E 249 27.40 27.04 -1.85
C ALA E 249 28.13 27.10 -0.50
N ILE E 250 28.89 26.07 -0.18
CA ILE E 250 29.62 25.99 1.10
C ILE E 250 30.66 27.10 1.20
N SER E 251 31.25 27.46 0.07
CA SER E 251 32.28 28.49 -0.02
C SER E 251 31.75 29.89 0.23
N GLN E 252 30.42 30.05 0.18
CA GLN E 252 29.83 31.41 0.10
C GLN E 252 29.85 32.13 1.44
N GLY E 261 35.76 27.14 -8.82
CA GLY E 261 34.80 27.16 -9.93
C GLY E 261 34.72 25.85 -10.68
N PRO E 262 33.55 25.54 -11.26
CA PRO E 262 33.38 24.25 -11.93
C PRO E 262 34.12 24.14 -13.27
N ALA E 263 35.19 23.35 -13.27
CA ALA E 263 35.96 23.09 -14.48
C ALA E 263 35.17 22.36 -15.56
N ASN E 264 34.11 21.65 -15.14
CA ASN E 264 33.28 20.86 -16.07
C ASN E 264 32.05 21.62 -16.57
N TYR E 265 32.07 22.95 -16.45
CA TYR E 265 30.90 23.78 -16.79
C TYR E 265 30.47 23.64 -18.26
N LEU E 266 31.41 23.30 -19.13
CA LEU E 266 31.09 23.08 -20.55
C LEU E 266 30.18 21.87 -20.79
N SER E 267 30.00 21.03 -19.78
CA SER E 267 28.97 20.00 -19.83
C SER E 267 27.60 20.61 -20.13
N LEU E 268 27.40 21.85 -19.69
CA LEU E 268 26.18 22.60 -19.99
C LEU E 268 25.99 22.81 -21.50
N LEU E 269 27.11 22.96 -22.21
CA LEU E 269 27.09 23.08 -23.67
C LEU E 269 26.83 21.71 -24.30
N VAL E 270 27.65 20.74 -23.94
CA VAL E 270 27.56 19.37 -24.49
C VAL E 270 26.15 18.81 -24.34
N ASN E 271 25.55 19.05 -23.17
CA ASN E 271 24.23 18.55 -22.84
C ASN E 271 23.10 19.56 -23.03
N ARG E 272 23.47 20.74 -23.52
CA ARG E 272 22.49 21.80 -23.78
C ARG E 272 21.56 21.96 -22.59
N ALA E 273 22.22 22.14 -21.45
CA ALA E 273 21.59 22.17 -20.14
C ALA E 273 21.64 23.59 -19.58
N ARG E 274 20.87 23.81 -18.53
CA ARG E 274 20.65 25.13 -17.95
C ARG E 274 21.09 25.14 -16.49
N MET E 275 21.85 26.17 -16.12
CA MET E 275 22.25 26.41 -14.75
C MET E 275 21.71 27.78 -14.33
N GLU E 276 20.92 27.78 -13.27
CA GLU E 276 20.20 28.98 -12.87
C GLU E 276 20.15 29.19 -11.36
N GLY E 277 20.37 30.42 -10.95
CA GLY E 277 20.31 30.81 -9.54
C GLY E 277 18.93 31.28 -9.14
N MET E 278 18.62 31.10 -7.87
CA MET E 278 17.37 31.61 -7.31
C MET E 278 17.56 32.07 -5.87
N VAL E 279 16.65 32.92 -5.43
CA VAL E 279 16.56 33.35 -4.04
C VAL E 279 15.08 33.37 -3.64
N VAL E 280 14.79 32.82 -2.47
CA VAL E 280 13.40 32.54 -2.08
C VAL E 280 12.53 33.79 -1.95
N MET E 281 13.13 34.90 -1.54
CA MET E 281 12.35 36.15 -1.37
C MET E 281 11.75 36.66 -2.68
N ASP E 282 12.32 36.28 -3.82
CA ASP E 282 11.72 36.62 -5.12
C ASP E 282 10.33 35.99 -5.31
N TYR E 283 10.03 34.98 -4.50
CA TYR E 283 8.72 34.28 -4.58
C TYR E 283 7.72 34.68 -3.50
N ALA E 284 8.02 35.75 -2.78
CA ALA E 284 7.20 36.20 -1.63
C ALA E 284 5.69 36.26 -1.93
N GLN E 285 5.34 36.75 -3.10
CA GLN E 285 3.93 36.87 -3.51
C GLN E 285 3.19 35.52 -3.63
N ARG E 286 3.96 34.45 -3.77
CA ARG E 286 3.41 33.10 -3.94
C ARG E 286 3.52 32.24 -2.68
N PHE E 287 4.05 32.83 -1.61
CA PHE E 287 4.16 32.11 -0.34
C PHE E 287 2.85 31.46 0.14
N PRO E 288 1.72 32.19 0.08
CA PRO E 288 0.49 31.58 0.61
C PRO E 288 0.13 30.23 -0.04
N GLU E 289 0.23 30.13 -1.36
CA GLU E 289 -0.14 28.87 -2.03
C GLU E 289 0.89 27.79 -1.75
N GLY E 290 2.15 28.20 -1.66
CA GLY E 290 3.24 27.30 -1.35
C GLY E 290 3.12 26.73 0.06
N LEU E 291 2.91 27.62 1.02
CA LEU E 291 2.73 27.23 2.41
C LEU E 291 1.50 26.31 2.58
N LYS E 292 0.41 26.66 1.90
CA LYS E 292 -0.82 25.90 1.98
C LYS E 292 -0.61 24.45 1.50
N GLU E 293 0.08 24.29 0.37
CA GLU E 293 0.37 22.93 -0.11
C GLU E 293 1.30 22.17 0.84
N MET E 294 2.36 22.84 1.26
CA MET E 294 3.34 22.22 2.14
C MET E 294 2.68 21.74 3.44
N ALA E 295 1.81 22.57 3.99
CA ALA E 295 1.11 22.23 5.24
C ALA E 295 0.33 20.93 5.13
N THR E 296 -0.32 20.72 3.98
CA THR E 296 -1.08 19.48 3.80
C THR E 296 -0.18 18.27 3.69
N TRP E 297 0.92 18.42 2.96
CA TRP E 297 1.88 17.33 2.81
C TRP E 297 2.40 16.91 4.17
N LEU E 298 2.70 17.89 5.00
CA LEU E 298 3.14 17.64 6.39
C LEU E 298 2.05 16.94 7.22
N ALA E 299 0.84 17.50 7.19
CA ALA E 299 -0.28 16.97 7.99
C ALA E 299 -0.59 15.52 7.61
N GLU E 300 -0.47 15.21 6.32
CA GLU E 300 -0.81 13.87 5.81
C GLU E 300 0.31 12.88 6.03
N GLY E 301 1.45 13.36 6.50
CA GLY E 301 2.62 12.49 6.69
C GLY E 301 3.37 12.15 5.41
N LYS E 302 3.06 12.84 4.33
CA LYS E 302 3.74 12.64 3.04
C LYS E 302 5.12 13.28 3.01
N LEU E 303 5.32 14.26 3.87
CA LEU E 303 6.58 14.97 3.98
C LEU E 303 6.94 15.17 5.45
N GLN E 304 8.21 14.92 5.78
CA GLN E 304 8.70 15.01 7.16
C GLN E 304 9.69 16.16 7.30
N SER E 305 9.59 16.84 8.42
CA SER E 305 10.44 17.98 8.72
C SER E 305 11.05 17.82 10.10
N ARG E 306 12.36 17.95 10.19
CA ARG E 306 13.03 17.90 11.49
C ARG E 306 13.60 19.22 11.92
N GLU E 307 13.31 19.59 13.16
CA GLU E 307 13.87 20.79 13.75
C GLU E 307 14.76 20.41 14.93
N ASP E 308 15.92 21.03 14.99
CA ASP E 308 16.82 20.90 16.14
C ASP E 308 16.67 22.16 17.01
N ILE E 309 15.96 22.01 18.13
CA ILE E 309 15.61 23.14 18.97
C ILE E 309 16.58 23.27 20.16
N VAL E 310 17.30 24.38 20.20
CA VAL E 310 18.19 24.71 21.31
C VAL E 310 17.55 25.85 22.09
N GLU E 311 17.65 25.78 23.41
CA GLU E 311 16.93 26.71 24.29
C GLU E 311 17.84 27.80 24.84
N GLY E 312 17.33 29.03 24.82
CA GLY E 312 17.95 30.15 25.49
C GLY E 312 18.61 31.16 24.57
N LEU E 313 18.03 32.34 24.51
CA LEU E 313 18.56 33.46 23.71
C LEU E 313 20.06 33.70 23.99
N GLU E 314 20.40 33.62 25.26
CA GLU E 314 21.77 33.92 25.75
C GLU E 314 22.82 32.99 25.16
N THR E 315 22.41 31.79 24.74
CA THR E 315 23.33 30.82 24.13
C THR E 315 23.65 31.08 22.65
N PHE E 316 23.06 32.14 22.09
CA PHE E 316 23.13 32.41 20.65
C PHE E 316 24.53 32.27 20.01
N PRO E 317 25.55 33.00 20.52
CA PRO E 317 26.88 32.95 19.89
C PRO E 317 27.47 31.55 19.82
N GLU E 318 27.30 30.77 20.89
CA GLU E 318 27.80 29.39 20.92
C GLU E 318 26.96 28.50 20.02
N THR E 319 25.63 28.62 20.14
CA THR E 319 24.70 27.81 19.34
C THR E 319 24.91 28.04 17.85
N LEU E 320 25.19 29.28 17.47
CA LEU E 320 25.48 29.62 16.10
C LEU E 320 26.66 28.83 15.50
N LEU E 321 27.68 28.59 16.32
CA LEU E 321 28.85 27.77 15.89
C LEU E 321 28.48 26.33 15.55
N LYS E 322 27.47 25.79 16.22
CA LYS E 322 26.95 24.44 15.95
C LYS E 322 26.48 24.29 14.50
N LEU E 323 26.14 25.41 13.89
CA LEU E 323 25.73 25.46 12.49
C LEU E 323 26.86 24.99 11.58
N PHE E 324 28.09 25.23 12.00
CA PHE E 324 29.28 24.86 11.22
C PHE E 324 29.91 23.53 11.61
N SER E 325 29.06 22.54 11.87
CA SER E 325 29.53 21.24 12.42
C SER E 325 28.38 20.22 12.36
N GLY E 326 27.73 20.04 13.50
CA GLY E 326 26.66 19.05 13.68
C GLY E 326 25.40 19.71 14.19
N GLY E 330 19.08 18.50 11.95
CA GLY E 330 17.95 19.13 11.31
C GLY E 330 18.02 20.64 11.40
N LYS E 331 16.97 21.33 10.93
CA LYS E 331 16.93 22.79 10.89
C LYS E 331 17.14 23.38 12.28
N LEU E 332 18.16 24.23 12.40
CA LEU E 332 18.54 24.77 13.72
C LEU E 332 17.64 25.92 14.12
N VAL E 333 16.99 25.75 15.26
CA VAL E 333 16.06 26.71 15.78
C VAL E 333 16.42 27.07 17.24
N LEU E 334 16.42 28.36 17.53
CA LEU E 334 16.68 28.85 18.89
C LEU E 334 15.40 29.26 19.57
N LYS E 335 15.03 28.54 20.62
CA LYS E 335 13.88 28.90 21.45
C LYS E 335 14.28 30.05 22.37
N VAL E 336 13.56 31.17 22.27
CA VAL E 336 13.87 32.35 23.05
C VAL E 336 13.12 32.22 24.37
N GLN F 6 36.86 8.16 -61.92
CA GLN F 6 36.97 9.50 -61.28
C GLN F 6 37.66 9.43 -59.92
N ILE F 7 38.40 10.50 -59.57
CA ILE F 7 39.19 10.55 -58.32
C ILE F 7 38.62 11.52 -57.29
N ASN F 8 38.53 11.06 -56.05
CA ASN F 8 38.14 11.91 -54.92
C ASN F 8 39.35 12.18 -54.05
N ARG F 9 39.84 13.42 -54.11
CA ARG F 9 40.98 13.81 -53.26
C ARG F 9 40.46 14.11 -51.87
N GLN F 10 41.17 13.63 -50.86
CA GLN F 10 40.75 13.77 -49.46
C GLN F 10 41.91 14.13 -48.57
N TYR F 11 41.62 15.00 -47.59
CA TYR F 11 42.52 15.21 -46.48
C TYR F 11 42.04 14.40 -45.30
N GLN F 12 42.85 13.44 -44.89
CA GLN F 12 42.55 12.61 -43.72
C GLN F 12 43.32 13.11 -42.51
N LEU F 13 42.76 12.90 -41.33
CA LEU F 13 43.45 13.22 -40.07
C LEU F 13 44.51 12.14 -39.83
N ALA F 14 45.77 12.57 -39.78
CA ALA F 14 46.91 11.65 -39.68
C ALA F 14 47.39 11.53 -38.24
N GLN F 15 47.46 12.66 -37.55
CA GLN F 15 47.78 12.67 -36.11
C GLN F 15 47.15 13.85 -35.41
N ARG F 16 46.75 13.63 -34.16
CA ARG F 16 46.14 14.69 -33.35
C ARG F 16 47.23 15.69 -32.97
N PRO F 17 47.02 16.96 -33.29
CA PRO F 17 48.07 17.95 -33.04
C PRO F 17 48.19 18.34 -31.57
N SER F 18 49.43 18.61 -31.14
CA SER F 18 49.67 19.31 -29.89
C SER F 18 49.80 20.77 -30.24
N GLY F 19 48.97 21.59 -29.60
CA GLY F 19 48.84 22.98 -29.97
C GLY F 19 48.20 23.13 -31.34
N LEU F 20 48.85 23.92 -32.20
CA LEU F 20 48.30 24.22 -33.53
C LEU F 20 48.55 23.10 -34.53
N PRO F 21 47.68 22.96 -35.54
CA PRO F 21 47.92 21.97 -36.58
C PRO F 21 49.06 22.37 -37.50
N GLY F 22 49.74 21.35 -38.02
CA GLY F 22 50.94 21.55 -38.84
C GLY F 22 50.87 20.77 -40.13
N ARG F 23 52.01 20.63 -40.79
CA ARG F 23 52.06 20.03 -42.13
C ARG F 23 51.95 18.51 -42.11
N ASP F 24 52.09 17.86 -40.94
CA ASP F 24 52.00 16.37 -40.79
C ASP F 24 50.72 15.96 -39.96
N THR F 25 49.88 16.95 -39.65
CA THR F 25 48.58 16.69 -39.01
C THR F 25 47.67 15.93 -39.99
N PHE F 26 47.74 16.30 -41.26
CA PHE F 26 46.88 15.71 -42.29
C PHE F 26 47.63 14.93 -43.35
N SER F 27 46.95 13.95 -43.92
CA SER F 27 47.43 13.19 -45.05
C SER F 27 46.58 13.42 -46.28
N PHE F 28 47.23 13.77 -47.38
CA PHE F 28 46.54 13.98 -48.66
C PHE F 28 46.47 12.67 -49.41
N VAL F 29 45.25 12.16 -49.61
CA VAL F 29 45.07 10.88 -50.27
C VAL F 29 44.12 10.98 -51.48
N GLU F 30 44.41 10.16 -52.49
CA GLU F 30 43.56 10.04 -53.66
C GLU F 30 42.81 8.73 -53.58
N THR F 31 41.48 8.81 -53.64
CA THR F 31 40.62 7.66 -53.52
C THR F 31 39.73 7.57 -54.75
N PRO F 32 39.49 6.35 -55.26
CA PRO F 32 38.53 6.25 -56.36
C PRO F 32 37.13 6.65 -55.89
N LEU F 33 36.45 7.43 -56.73
CA LEU F 33 35.11 7.91 -56.40
C LEU F 33 34.13 6.75 -56.50
N GLY F 34 33.49 6.43 -55.39
CA GLY F 34 32.50 5.35 -55.35
C GLY F 34 31.12 5.79 -55.81
N GLU F 35 30.13 4.95 -55.52
CA GLU F 35 28.73 5.21 -55.83
C GLU F 35 27.95 5.27 -54.51
N PRO F 36 26.93 6.14 -54.41
CA PRO F 36 26.15 6.11 -53.17
C PRO F 36 25.34 4.83 -53.06
N ALA F 37 25.29 4.29 -51.85
CA ALA F 37 24.41 3.18 -51.53
C ALA F 37 23.03 3.73 -51.16
N GLU F 38 22.09 2.82 -50.96
CA GLU F 38 20.73 3.20 -50.58
C GLU F 38 20.72 4.06 -49.32
N GLY F 39 19.87 5.09 -49.32
CA GLY F 39 19.82 6.05 -48.22
C GLY F 39 20.99 7.02 -48.17
N GLN F 40 21.81 7.00 -49.22
CA GLN F 40 22.93 7.93 -49.33
C GLN F 40 22.80 8.88 -50.51
N ILE F 41 23.57 9.96 -50.45
CA ILE F 41 23.69 10.89 -51.57
C ILE F 41 25.15 11.07 -51.97
N LEU F 42 25.34 11.47 -53.23
CA LEU F 42 26.67 11.85 -53.76
C LEU F 42 26.65 13.34 -54.06
N VAL F 43 27.55 14.06 -53.43
CA VAL F 43 27.62 15.51 -53.53
C VAL F 43 28.98 15.97 -54.06
N LYS F 44 28.95 16.87 -55.02
CA LYS F 44 30.16 17.58 -55.44
C LYS F 44 30.40 18.76 -54.50
N ASN F 45 31.46 18.69 -53.71
CA ASN F 45 31.76 19.76 -52.76
C ASN F 45 32.26 21.02 -53.48
N GLU F 46 31.68 22.16 -53.14
CA GLU F 46 32.02 23.43 -53.80
C GLU F 46 32.77 24.40 -52.90
N TYR F 47 32.26 24.55 -51.68
CA TYR F 47 32.89 25.41 -50.67
C TYR F 47 32.88 24.72 -49.31
N LEU F 48 34.00 24.85 -48.60
CA LEU F 48 34.14 24.28 -47.28
C LEU F 48 34.36 25.37 -46.24
N SER F 49 33.77 25.15 -45.07
CA SER F 49 33.93 26.05 -43.95
C SER F 49 35.18 25.70 -43.15
N LEU F 50 36.08 26.66 -43.01
CA LEU F 50 37.22 26.52 -42.12
C LEU F 50 36.94 27.27 -40.83
N ASP F 51 36.94 26.56 -39.72
CA ASP F 51 36.55 27.14 -38.44
C ASP F 51 37.44 26.70 -37.26
N PRO F 52 37.71 27.61 -36.30
CA PRO F 52 38.52 27.25 -35.12
C PRO F 52 38.00 26.03 -34.39
N ALA F 53 36.69 25.81 -34.42
CA ALA F 53 36.05 24.60 -33.84
C ALA F 53 36.66 23.29 -34.37
N MET F 54 37.30 23.37 -35.55
CA MET F 54 38.01 22.22 -36.14
C MET F 54 39.08 21.68 -35.21
N ARG F 55 39.67 22.56 -34.41
CA ARG F 55 40.68 22.15 -33.46
C ARG F 55 40.10 21.20 -32.44
N GLY F 56 38.91 21.51 -31.94
CA GLY F 56 38.23 20.65 -30.98
C GLY F 56 37.87 19.31 -31.59
N TRP F 57 37.46 19.33 -32.85
CA TRP F 57 37.10 18.08 -33.55
C TRP F 57 38.28 17.15 -33.75
N MET F 58 39.48 17.71 -33.75
CA MET F 58 40.72 16.93 -33.87
C MET F 58 41.18 16.33 -32.54
N ASN F 59 40.76 16.94 -31.43
CA ASN F 59 41.08 16.46 -30.07
C ASN F 59 40.26 15.28 -29.61
N ASP F 60 40.87 14.44 -28.76
CA ASP F 60 40.19 13.27 -28.20
C ASP F 60 39.29 13.56 -27.00
N ALA F 61 39.06 14.83 -26.67
CA ALA F 61 38.12 15.22 -25.61
C ALA F 61 36.65 14.98 -25.95
N ARG F 62 35.86 14.53 -24.98
CA ARG F 62 34.46 14.20 -25.21
C ARG F 62 33.63 15.48 -25.40
N SER F 63 32.80 15.49 -26.43
CA SER F 63 31.97 16.65 -26.77
C SER F 63 30.64 16.19 -27.38
N TYR F 64 29.85 17.13 -27.86
CA TYR F 64 28.57 16.81 -28.51
C TYR F 64 28.76 16.29 -29.93
N ILE F 65 29.91 16.62 -30.53
CA ILE F 65 30.34 16.05 -31.80
C ILE F 65 31.51 15.11 -31.50
N PRO F 66 31.42 13.82 -31.91
CA PRO F 66 32.52 12.91 -31.65
C PRO F 66 33.79 13.37 -32.37
N PRO F 67 34.98 13.07 -31.80
CA PRO F 67 36.21 13.48 -32.47
C PRO F 67 36.35 12.82 -33.84
N VAL F 68 37.06 13.49 -34.73
CA VAL F 68 37.44 12.88 -36.00
C VAL F 68 38.40 11.73 -35.72
N GLY F 69 38.13 10.57 -36.33
CA GLY F 69 39.00 9.39 -36.17
C GLY F 69 40.29 9.53 -36.97
N ILE F 70 41.34 8.90 -36.48
CA ILE F 70 42.61 8.83 -37.22
C ILE F 70 42.36 8.04 -38.49
N GLY F 71 42.81 8.58 -39.63
CA GLY F 71 42.58 7.95 -40.93
C GLY F 71 41.25 8.29 -41.58
N GLU F 72 40.39 9.00 -40.85
CA GLU F 72 39.12 9.46 -41.39
C GLU F 72 39.29 10.77 -42.13
N VAL F 73 38.46 10.99 -43.14
CA VAL F 73 38.41 12.28 -43.82
C VAL F 73 38.13 13.38 -42.79
N MET F 74 38.90 14.45 -42.85
CA MET F 74 38.73 15.56 -41.89
C MET F 74 37.33 16.15 -41.98
N ARG F 75 36.75 16.41 -40.81
CA ARG F 75 35.40 16.95 -40.73
C ARG F 75 35.37 18.40 -41.18
N ALA F 76 34.38 18.74 -41.98
CA ALA F 76 34.18 20.11 -42.42
C ALA F 76 32.76 20.30 -42.87
N LEU F 77 32.14 21.38 -42.41
CA LEU F 77 30.87 21.82 -42.95
C LEU F 77 31.16 22.41 -44.33
N GLY F 78 30.23 22.21 -45.24
CA GLY F 78 30.40 22.72 -46.58
C GLY F 78 29.09 22.87 -47.32
N VAL F 79 29.19 23.50 -48.47
CA VAL F 79 28.06 23.62 -49.39
C VAL F 79 28.47 22.92 -50.70
N GLY F 80 27.55 22.14 -51.25
CA GLY F 80 27.81 21.39 -52.46
C GLY F 80 26.57 21.07 -53.25
N LYS F 81 26.78 20.48 -54.42
CA LYS F 81 25.70 20.16 -55.34
C LYS F 81 25.45 18.66 -55.36
N VAL F 82 24.19 18.28 -55.22
CA VAL F 82 23.84 16.86 -55.29
C VAL F 82 23.91 16.38 -56.74
N LEU F 83 24.75 15.37 -56.97
CA LEU F 83 24.89 14.75 -58.30
C LEU F 83 24.01 13.51 -58.44
N VAL F 84 24.02 12.65 -57.42
CA VAL F 84 23.21 11.41 -57.39
C VAL F 84 22.59 11.23 -56.01
N SER F 85 21.28 10.94 -55.99
CA SER F 85 20.57 10.71 -54.73
C SER F 85 19.88 9.36 -54.70
N LYS F 86 20.12 8.61 -53.63
CA LYS F 86 19.31 7.44 -53.28
C LYS F 86 18.62 7.67 -51.92
N HIS F 87 18.19 8.92 -51.74
CA HIS F 87 17.52 9.37 -50.52
C HIS F 87 16.34 10.21 -50.92
N PRO F 88 15.15 9.92 -50.38
CA PRO F 88 13.91 10.59 -50.83
C PRO F 88 13.86 12.09 -50.53
N GLY F 89 14.69 12.55 -49.61
CA GLY F 89 14.72 13.96 -49.23
C GLY F 89 15.52 14.86 -50.15
N PHE F 90 16.25 14.27 -51.09
CA PHE F 90 17.16 15.02 -51.96
C PHE F 90 17.10 14.56 -53.39
N GLN F 91 17.28 15.51 -54.31
CA GLN F 91 17.31 15.20 -55.76
C GLN F 91 18.55 15.82 -56.39
N ALA F 92 19.00 15.18 -57.47
CA ALA F 92 20.08 15.71 -58.28
C ALA F 92 19.80 17.18 -58.62
N GLY F 93 20.80 18.02 -58.48
CA GLY F 93 20.66 19.46 -58.78
C GLY F 93 20.44 20.30 -57.53
N ASP F 94 20.00 19.66 -56.45
CA ASP F 94 19.85 20.35 -55.15
C ASP F 94 21.22 20.81 -54.67
N TYR F 95 21.26 22.01 -54.09
CA TYR F 95 22.41 22.47 -53.35
C TYR F 95 22.14 22.25 -51.87
N VAL F 96 23.14 21.72 -51.17
CA VAL F 96 22.98 21.35 -49.77
C VAL F 96 24.10 21.90 -48.91
N ASN F 97 23.75 22.14 -47.65
CA ASN F 97 24.70 22.43 -46.58
C ASN F 97 24.78 21.20 -45.68
N GLY F 98 25.97 20.82 -45.31
CA GLY F 98 26.16 19.68 -44.42
C GLY F 98 27.61 19.41 -44.10
N ALA F 99 27.87 18.35 -43.33
CA ALA F 99 29.23 17.93 -43.02
C ALA F 99 29.79 17.20 -44.22
N LEU F 100 30.32 17.96 -45.18
CA LEU F 100 30.76 17.40 -46.46
C LEU F 100 32.18 16.84 -46.43
N GLY F 101 32.97 17.29 -45.47
CA GLY F 101 34.30 16.78 -45.30
C GLY F 101 35.32 17.52 -46.17
N VAL F 102 36.58 17.42 -45.79
CA VAL F 102 37.67 18.07 -46.52
C VAL F 102 38.07 17.18 -47.70
N GLN F 103 37.27 17.26 -48.75
CA GLN F 103 37.40 16.38 -49.92
C GLN F 103 36.67 16.97 -51.13
N ASP F 104 36.90 16.37 -52.29
CA ASP F 104 36.24 16.81 -53.54
C ASP F 104 34.77 16.43 -53.56
N TYR F 105 34.49 15.22 -53.09
CA TYR F 105 33.14 14.64 -53.16
C TYR F 105 32.75 14.04 -51.82
N PHE F 106 31.50 14.25 -51.45
CA PHE F 106 30.91 13.59 -50.29
C PHE F 106 29.98 12.49 -50.74
N ILE F 107 30.18 11.30 -50.16
CA ILE F 107 29.24 10.20 -50.32
C ILE F 107 28.85 9.70 -48.94
N GLY F 108 27.56 9.70 -48.67
CA GLY F 108 27.06 9.20 -47.40
C GLY F 108 25.64 9.59 -47.07
N GLU F 109 25.23 9.24 -45.86
CA GLU F 109 23.91 9.59 -45.35
C GLU F 109 23.87 11.09 -45.08
N PRO F 110 22.84 11.79 -45.58
CA PRO F 110 22.80 13.25 -45.43
C PRO F 110 22.27 13.69 -44.07
N LYS F 111 22.87 13.15 -43.02
CA LYS F 111 22.43 13.42 -41.66
C LYS F 111 22.74 14.88 -41.27
N GLY F 112 21.69 15.61 -40.91
CA GLY F 112 21.81 17.02 -40.54
C GLY F 112 21.94 17.96 -41.74
N PHE F 113 21.82 17.41 -42.95
CA PHE F 113 21.97 18.21 -44.17
C PHE F 113 20.69 18.97 -44.40
N TYR F 114 20.81 20.17 -44.96
CA TYR F 114 19.64 20.91 -45.43
C TYR F 114 19.88 21.56 -46.78
N LYS F 115 18.81 21.66 -47.55
CA LYS F 115 18.86 22.28 -48.87
C LYS F 115 19.03 23.76 -48.72
N VAL F 116 19.84 24.35 -49.60
CA VAL F 116 20.06 25.80 -49.64
C VAL F 116 19.66 26.33 -51.02
N ASP F 117 19.15 27.56 -51.03
CA ASP F 117 18.63 28.21 -52.23
C ASP F 117 19.65 29.21 -52.78
N PRO F 118 20.33 28.85 -53.87
CA PRO F 118 21.36 29.74 -54.43
C PRO F 118 20.84 31.02 -55.05
N SER F 119 19.53 31.14 -55.24
CA SER F 119 18.93 32.38 -55.78
C SER F 119 18.83 33.46 -54.72
N ARG F 120 18.91 33.06 -53.46
CA ARG F 120 18.71 34.00 -52.36
C ARG F 120 19.96 34.63 -51.83
N ALA F 121 21.08 33.97 -52.06
CA ALA F 121 22.34 34.44 -51.55
C ALA F 121 23.47 33.73 -52.25
N PRO F 122 24.66 34.35 -52.26
CA PRO F 122 25.81 33.64 -52.80
C PRO F 122 26.09 32.36 -52.01
N LEU F 123 26.54 31.33 -52.73
CA LEU F 123 26.77 30.02 -52.13
C LEU F 123 27.63 30.03 -50.87
N PRO F 124 28.76 30.77 -50.86
CA PRO F 124 29.60 30.78 -49.66
C PRO F 124 28.92 31.35 -48.44
N ARG F 125 27.91 32.18 -48.65
CA ARG F 125 27.18 32.80 -47.54
C ARG F 125 26.36 31.76 -46.75
N TYR F 126 26.09 30.63 -47.39
CA TYR F 126 25.46 29.50 -46.69
C TYR F 126 26.43 28.76 -45.76
N LEU F 127 27.66 29.28 -45.67
CA LEU F 127 28.64 28.82 -44.69
C LEU F 127 28.91 29.87 -43.62
N SER F 128 28.32 31.05 -43.77
CA SER F 128 28.55 32.13 -42.82
C SER F 128 27.23 32.58 -42.18
N ALA F 129 26.76 33.76 -42.54
CA ALA F 129 25.52 34.32 -41.96
C ALA F 129 24.30 33.41 -42.20
N LEU F 130 24.27 32.72 -43.33
CA LEU F 130 23.17 31.78 -43.63
C LEU F 130 23.60 30.34 -43.44
N GLY F 131 24.71 30.16 -42.74
CA GLY F 131 25.23 28.84 -42.39
C GLY F 131 25.22 28.64 -40.90
N MET F 132 26.06 27.71 -40.44
CA MET F 132 26.00 27.28 -39.05
C MET F 132 26.47 28.37 -38.09
N THR F 133 27.43 29.19 -38.50
CA THR F 133 27.89 30.28 -37.65
C THR F 133 26.78 31.32 -37.44
N GLY F 134 26.14 31.71 -38.53
CA GLY F 134 25.03 32.64 -38.49
C GLY F 134 23.80 32.13 -37.76
N MET F 135 23.43 30.88 -38.00
CA MET F 135 22.27 30.28 -37.33
C MET F 135 22.57 30.04 -35.84
N THR F 136 23.84 29.79 -35.51
CA THR F 136 24.25 29.71 -34.10
C THR F 136 23.95 31.04 -33.44
N ALA F 137 24.42 32.12 -34.05
CA ALA F 137 24.18 33.47 -33.54
C ALA F 137 22.68 33.74 -33.39
N TYR F 138 21.94 33.44 -34.45
CA TYR F 138 20.50 33.70 -34.51
C TYR F 138 19.75 33.00 -33.37
N PHE F 139 19.90 31.69 -33.29
CA PHE F 139 19.11 30.91 -32.33
C PHE F 139 19.62 31.07 -30.90
N ALA F 140 20.94 31.07 -30.74
CA ALA F 140 21.54 31.25 -29.42
C ALA F 140 21.13 32.57 -28.80
N LEU F 141 21.25 33.65 -29.57
CA LEU F 141 20.89 34.98 -29.07
C LEU F 141 19.40 35.09 -28.80
N LEU F 142 18.60 34.78 -29.81
CA LEU F 142 17.17 35.05 -29.74
C LEU F 142 16.37 34.05 -28.89
N ASP F 143 16.72 32.78 -28.98
CA ASP F 143 15.96 31.75 -28.22
C ASP F 143 16.46 31.58 -26.79
N VAL F 144 17.78 31.68 -26.59
CA VAL F 144 18.35 31.48 -25.25
C VAL F 144 18.63 32.81 -24.55
N GLY F 145 19.28 33.74 -25.25
CA GLY F 145 19.57 35.05 -24.67
C GLY F 145 18.32 35.89 -24.47
N GLN F 146 17.37 35.76 -25.37
CA GLN F 146 16.11 36.53 -25.36
C GLN F 146 16.31 38.01 -25.06
N PRO F 147 17.12 38.70 -25.87
CA PRO F 147 17.39 40.10 -25.59
C PRO F 147 16.15 40.94 -25.82
N LYS F 148 16.03 42.01 -25.05
CA LYS F 148 14.93 42.95 -25.16
C LYS F 148 15.45 44.35 -25.43
N ASN F 149 14.58 45.18 -26.02
CA ASN F 149 14.90 46.57 -26.33
C ASN F 149 15.51 47.27 -25.11
N GLY F 150 16.64 47.94 -25.32
CA GLY F 150 17.28 48.71 -24.25
C GLY F 150 18.22 47.93 -23.35
N GLU F 151 18.22 46.60 -23.48
CA GLU F 151 19.12 45.76 -22.67
C GLU F 151 20.53 45.86 -23.19
N THR F 152 21.48 45.58 -22.31
CA THR F 152 22.89 45.56 -22.67
C THR F 152 23.33 44.14 -22.97
N VAL F 153 23.81 43.95 -24.19
CA VAL F 153 24.30 42.67 -24.67
C VAL F 153 25.81 42.73 -24.87
N VAL F 154 26.52 41.84 -24.22
CA VAL F 154 27.96 41.70 -24.40
C VAL F 154 28.27 40.42 -25.18
N ILE F 155 29.18 40.55 -26.15
CA ILE F 155 29.56 39.44 -27.01
C ILE F 155 31.05 39.18 -26.94
N SER F 156 31.42 37.96 -26.56
CA SER F 156 32.83 37.54 -26.64
C SER F 156 33.12 36.91 -28.01
N GLY F 157 34.40 36.85 -28.37
CA GLY F 157 34.82 36.47 -29.73
C GLY F 157 34.06 37.28 -30.76
N ALA F 158 33.87 38.56 -30.46
CA ALA F 158 32.92 39.42 -31.17
C ALA F 158 33.26 39.70 -32.65
N ALA F 159 34.54 39.56 -33.01
CA ALA F 159 34.99 39.75 -34.39
C ALA F 159 34.92 38.44 -35.18
N GLY F 160 34.70 37.33 -34.48
CA GLY F 160 34.51 36.03 -35.13
C GLY F 160 33.21 35.95 -35.90
N ALA F 161 33.05 34.86 -36.65
CA ALA F 161 31.90 34.63 -37.52
C ALA F 161 30.57 34.57 -36.76
N VAL F 162 30.58 33.92 -35.59
CA VAL F 162 29.36 33.83 -34.77
C VAL F 162 29.07 35.16 -34.10
N GLY F 163 30.06 35.66 -33.38
CA GLY F 163 29.91 36.87 -32.57
C GLY F 163 29.57 38.11 -33.35
N SER F 164 30.19 38.28 -34.51
CA SER F 164 29.95 39.47 -35.36
C SER F 164 28.51 39.53 -35.85
N VAL F 165 27.95 38.36 -36.16
CA VAL F 165 26.54 38.27 -36.54
C VAL F 165 25.61 38.50 -35.34
N ALA F 166 25.93 37.86 -34.21
CA ALA F 166 25.13 38.00 -32.98
C ALA F 166 24.97 39.45 -32.57
N GLY F 167 26.07 40.18 -32.58
CA GLY F 167 26.07 41.60 -32.18
C GLY F 167 25.20 42.46 -33.07
N GLN F 168 25.19 42.15 -34.36
CA GLN F 168 24.37 42.89 -35.32
C GLN F 168 22.88 42.60 -35.11
N ILE F 169 22.56 41.34 -34.86
CA ILE F 169 21.18 40.97 -34.55
C ILE F 169 20.71 41.71 -33.29
N ALA F 170 21.57 41.73 -32.27
CA ALA F 170 21.26 42.43 -31.01
C ALA F 170 21.00 43.92 -31.25
N ARG F 171 21.80 44.55 -32.11
CA ARG F 171 21.59 45.96 -32.49
C ARG F 171 20.20 46.14 -33.10
N LEU F 172 19.83 45.24 -34.00
CA LEU F 172 18.52 45.28 -34.65
C LEU F 172 17.35 45.14 -33.69
N LYS F 173 17.59 44.50 -32.54
CA LYS F 173 16.56 44.34 -31.51
C LYS F 173 16.49 45.51 -30.53
N GLY F 174 17.33 46.52 -30.76
CA GLY F 174 17.31 47.75 -29.97
C GLY F 174 18.19 47.70 -28.74
N CYS F 175 19.14 46.77 -28.74
CA CYS F 175 20.02 46.59 -27.60
C CYS F 175 21.25 47.48 -27.68
N ARG F 176 21.81 47.77 -26.52
CA ARG F 176 23.16 48.29 -26.43
C ARG F 176 24.11 47.11 -26.60
N VAL F 177 25.00 47.20 -27.57
CA VAL F 177 25.84 46.08 -27.95
C VAL F 177 27.33 46.37 -27.74
N VAL F 178 27.95 45.58 -26.88
CA VAL F 178 29.36 45.72 -26.55
C VAL F 178 30.12 44.44 -26.89
N GLY F 179 31.15 44.61 -27.73
CA GLY F 179 31.97 43.50 -28.18
C GLY F 179 33.25 43.38 -27.37
N ILE F 180 33.72 42.15 -27.21
CA ILE F 180 35.04 41.89 -26.63
C ILE F 180 35.85 41.17 -27.69
N ALA F 181 36.97 41.78 -28.08
CA ALA F 181 37.84 41.25 -29.14
C ALA F 181 39.30 41.62 -28.92
N GLY F 182 40.19 40.85 -29.52
CA GLY F 182 41.63 41.03 -29.37
C GLY F 182 42.23 41.87 -30.50
N GLY F 183 42.74 43.03 -30.14
CA GLY F 183 43.43 43.92 -31.10
C GLY F 183 42.62 45.15 -31.46
N ALA F 184 43.33 46.24 -31.77
CA ALA F 184 42.72 47.54 -32.06
C ALA F 184 41.90 47.55 -33.35
N GLU F 185 42.38 46.83 -34.36
CA GLU F 185 41.72 46.81 -35.68
C GLU F 185 40.36 46.11 -35.61
N LYS F 186 40.34 44.94 -34.98
CA LYS F 186 39.09 44.19 -34.78
C LYS F 186 38.05 45.05 -34.06
N CYS F 187 38.48 45.70 -32.99
CA CYS F 187 37.57 46.54 -32.19
C CYS F 187 37.02 47.74 -32.96
N ARG F 188 37.90 48.38 -33.74
CA ARG F 188 37.50 49.47 -34.62
C ARG F 188 36.46 48.99 -35.63
N PHE F 189 36.75 47.86 -36.25
CA PHE F 189 35.84 47.24 -37.23
C PHE F 189 34.45 47.01 -36.64
N LEU F 190 34.40 46.46 -35.43
CA LEU F 190 33.14 46.20 -34.75
C LEU F 190 32.29 47.44 -34.59
N VAL F 191 32.91 48.52 -34.13
CA VAL F 191 32.20 49.77 -33.85
C VAL F 191 31.88 50.54 -35.14
N GLU F 192 32.90 50.77 -35.95
CA GLU F 192 32.77 51.65 -37.13
C GLU F 192 32.04 50.99 -38.31
N GLU F 193 32.27 49.70 -38.52
CA GLU F 193 31.67 48.99 -39.65
C GLU F 193 30.39 48.22 -39.30
N LEU F 194 30.39 47.50 -38.19
CA LEU F 194 29.24 46.64 -37.81
C LEU F 194 28.21 47.34 -36.92
N GLY F 195 28.57 48.52 -36.41
CA GLY F 195 27.63 49.32 -35.63
C GLY F 195 27.49 48.92 -34.17
N PHE F 196 28.47 48.19 -33.64
CA PHE F 196 28.52 47.90 -32.20
C PHE F 196 28.61 49.24 -31.47
N ASP F 197 27.94 49.34 -30.33
CA ASP F 197 27.98 50.56 -29.51
C ASP F 197 29.34 50.75 -28.87
N GLY F 198 29.99 49.64 -28.57
CA GLY F 198 31.31 49.69 -27.97
C GLY F 198 32.07 48.40 -28.21
N ALA F 199 33.39 48.49 -28.02
CA ALA F 199 34.25 47.32 -28.18
C ALA F 199 35.41 47.43 -27.19
N ILE F 200 35.67 46.34 -26.48
CA ILE F 200 36.75 46.31 -25.50
C ILE F 200 37.88 45.44 -26.03
N ASP F 201 39.06 46.03 -26.12
CA ASP F 201 40.26 45.33 -26.56
C ASP F 201 40.94 44.69 -25.37
N TYR F 202 40.61 43.43 -25.11
CA TYR F 202 41.09 42.75 -23.89
C TYR F 202 42.60 42.51 -23.89
N LYS F 203 43.21 42.54 -25.07
CA LYS F 203 44.68 42.37 -25.17
C LYS F 203 45.46 43.63 -24.83
N ASN F 204 44.82 44.79 -24.98
CA ASN F 204 45.48 46.08 -24.77
C ASN F 204 44.89 46.92 -23.65
N GLU F 205 43.88 46.37 -22.99
CA GLU F 205 43.12 47.10 -21.98
C GLU F 205 42.56 46.14 -20.95
N ASP F 206 42.44 46.58 -19.69
CA ASP F 206 41.86 45.74 -18.64
C ASP F 206 40.37 45.53 -18.90
N LEU F 207 39.97 44.26 -18.98
CA LEU F 207 38.58 43.90 -19.35
C LEU F 207 37.56 44.44 -18.37
N ALA F 208 37.81 44.24 -17.08
CA ALA F 208 36.91 44.72 -16.02
C ALA F 208 36.67 46.22 -16.12
N ALA F 209 37.75 46.98 -16.30
CA ALA F 209 37.65 48.44 -16.45
C ALA F 209 36.85 48.79 -17.71
N GLY F 210 37.13 48.06 -18.79
CA GLY F 210 36.38 48.24 -20.04
C GLY F 210 34.90 48.00 -19.86
N LEU F 211 34.56 46.92 -19.16
CA LEU F 211 33.15 46.55 -18.90
C LEU F 211 32.46 47.61 -18.04
N LYS F 212 33.19 48.10 -17.04
CA LYS F 212 32.69 49.17 -16.16
C LYS F 212 32.32 50.41 -16.98
N ARG F 213 33.20 50.78 -17.90
CA ARG F 213 32.95 51.93 -18.78
C ARG F 213 31.82 51.68 -19.77
N GLU F 214 31.87 50.56 -20.47
CA GLU F 214 30.95 50.28 -21.59
C GLU F 214 29.58 49.75 -21.17
N CYS F 215 29.51 49.18 -19.95
CA CYS F 215 28.25 48.59 -19.45
C CYS F 215 27.83 49.19 -18.10
N PRO F 216 27.47 50.47 -18.07
CA PRO F 216 27.18 51.17 -16.81
C PRO F 216 25.98 50.61 -16.06
N LYS F 217 25.04 50.00 -16.78
CA LYS F 217 23.85 49.40 -16.15
C LYS F 217 23.94 47.88 -16.02
N GLY F 218 25.15 47.35 -16.06
CA GLY F 218 25.36 45.91 -15.99
C GLY F 218 25.11 45.20 -17.32
N ILE F 219 25.29 43.88 -17.30
CA ILE F 219 25.18 43.06 -18.50
C ILE F 219 23.95 42.16 -18.43
N ASP F 220 23.03 42.35 -19.36
CA ASP F 220 21.77 41.61 -19.39
C ASP F 220 21.89 40.29 -20.13
N VAL F 221 22.64 40.31 -21.23
CA VAL F 221 22.92 39.12 -21.99
C VAL F 221 24.39 39.03 -22.28
N PHE F 222 24.98 37.89 -21.96
CA PHE F 222 26.34 37.57 -22.39
C PHE F 222 26.32 36.40 -23.37
N PHE F 223 26.76 36.69 -24.59
CA PHE F 223 26.92 35.71 -25.65
C PHE F 223 28.37 35.24 -25.64
N ASP F 224 28.60 34.01 -25.19
CA ASP F 224 29.96 33.52 -24.95
C ASP F 224 30.44 32.51 -25.98
N ASN F 225 31.47 32.91 -26.71
CA ASN F 225 32.16 32.04 -27.68
C ASN F 225 33.54 31.60 -27.24
N VAL F 226 34.04 32.17 -26.14
CA VAL F 226 35.45 31.98 -25.77
C VAL F 226 35.68 31.34 -24.40
N GLY F 227 34.84 31.67 -23.44
CA GLY F 227 34.95 31.10 -22.10
C GLY F 227 36.14 31.65 -21.34
N GLY F 228 36.72 30.80 -20.49
CA GLY F 228 37.93 31.15 -19.74
C GLY F 228 37.79 32.39 -18.88
N GLU F 229 38.88 33.16 -18.81
CA GLU F 229 38.96 34.33 -17.94
C GLU F 229 38.00 35.44 -18.35
N ILE F 230 37.75 35.54 -19.65
CA ILE F 230 36.80 36.53 -20.16
C ILE F 230 35.41 36.28 -19.58
N LEU F 231 34.96 35.03 -19.63
CA LEU F 231 33.67 34.64 -19.04
C LEU F 231 33.64 34.96 -17.54
N ASP F 232 34.71 34.58 -16.85
CA ASP F 232 34.80 34.77 -15.39
C ASP F 232 34.70 36.24 -15.00
N THR F 233 35.34 37.10 -15.79
CA THR F 233 35.30 38.54 -15.54
C THR F 233 33.92 39.13 -15.87
N VAL F 234 33.33 38.68 -16.97
CA VAL F 234 31.98 39.14 -17.34
C VAL F 234 30.95 38.81 -16.25
N LEU F 235 31.11 37.64 -15.63
CA LEU F 235 30.21 37.20 -14.55
C LEU F 235 30.13 38.19 -13.40
N THR F 236 31.22 38.92 -13.15
CA THR F 236 31.24 39.92 -12.06
C THR F 236 30.35 41.12 -12.37
N ARG F 237 29.93 41.27 -13.63
CA ARG F 237 29.19 42.46 -14.06
C ARG F 237 27.79 42.20 -14.61
N ILE F 238 27.33 40.94 -14.50
CA ILE F 238 25.98 40.63 -14.97
C ILE F 238 24.92 41.31 -14.11
N ALA F 239 23.81 41.65 -14.75
CA ALA F 239 22.67 42.24 -14.08
C ALA F 239 21.72 41.18 -13.52
N PHE F 240 20.79 41.65 -12.70
CA PHE F 240 19.68 40.86 -12.21
C PHE F 240 18.95 40.21 -13.39
N LYS F 241 18.75 38.90 -13.29
CA LYS F 241 18.05 38.10 -14.33
C LYS F 241 18.77 38.06 -15.67
N ALA F 242 20.09 38.18 -15.62
CA ALA F 242 20.90 38.09 -16.81
C ALA F 242 20.80 36.69 -17.41
N ARG F 243 21.05 36.62 -18.71
CA ARG F 243 21.13 35.37 -19.42
C ARG F 243 22.51 35.24 -20.07
N ILE F 244 23.18 34.15 -19.77
CA ILE F 244 24.45 33.82 -20.38
C ILE F 244 24.25 32.63 -21.30
N VAL F 245 24.54 32.82 -22.57
CA VAL F 245 24.45 31.70 -23.53
C VAL F 245 25.84 31.23 -23.91
N LEU F 246 26.07 29.94 -23.69
CA LEU F 246 27.33 29.30 -24.02
C LEU F 246 27.24 28.61 -25.37
N CYS F 247 28.07 29.08 -26.31
CA CYS F 247 28.13 28.51 -27.67
C CYS F 247 29.43 27.80 -27.96
N GLY F 248 30.45 28.13 -27.19
CA GLY F 248 31.76 27.53 -27.37
C GLY F 248 32.76 28.06 -26.34
N ALA F 249 33.98 27.55 -26.41
CA ALA F 249 35.06 27.99 -25.51
C ALA F 249 36.41 27.68 -26.15
N ILE F 250 37.41 28.54 -25.94
CA ILE F 250 38.77 28.30 -26.49
C ILE F 250 39.37 27.01 -25.90
N SER F 251 39.00 26.69 -24.64
CA SER F 251 39.44 25.45 -23.93
C SER F 251 38.99 24.17 -24.65
N GLN F 252 38.06 24.29 -25.58
CA GLN F 252 37.64 23.15 -26.40
C GLN F 252 38.82 22.65 -27.30
N TYR F 253 39.79 23.52 -27.58
CA TYR F 253 40.83 23.22 -28.58
C TYR F 253 42.01 22.40 -28.05
N ARG F 260 40.11 25.66 -17.23
CA ARG F 260 39.79 26.46 -16.04
C ARG F 260 38.27 26.80 -15.99
N GLY F 261 37.70 26.71 -14.79
CA GLY F 261 36.25 26.91 -14.58
C GLY F 261 36.01 28.30 -14.01
N PRO F 262 34.82 28.86 -14.24
CA PRO F 262 34.52 30.19 -13.73
C PRO F 262 34.36 30.24 -12.20
N ALA F 263 35.36 30.82 -11.54
CA ALA F 263 35.34 30.98 -10.08
C ALA F 263 34.22 31.91 -9.61
N ASN F 264 33.73 32.76 -10.51
CA ASN F 264 32.66 33.73 -10.18
C ASN F 264 31.25 33.23 -10.52
N TYR F 265 31.10 31.92 -10.69
CA TYR F 265 29.81 31.34 -11.12
C TYR F 265 28.67 31.65 -10.15
N LEU F 266 28.99 31.85 -8.88
CA LEU F 266 27.96 32.19 -7.86
C LEU F 266 27.31 33.54 -8.09
N SER F 267 27.90 34.35 -8.98
CA SER F 267 27.20 35.55 -9.46
C SER F 267 25.81 35.19 -10.03
N LEU F 268 25.69 33.99 -10.58
CA LEU F 268 24.38 33.47 -11.06
C LEU F 268 23.34 33.36 -9.95
N LEU F 269 23.82 33.05 -8.75
CA LEU F 269 22.97 33.02 -7.55
C LEU F 269 22.62 34.43 -7.10
N VAL F 270 23.65 35.23 -6.86
CA VAL F 270 23.47 36.61 -6.41
C VAL F 270 22.50 37.37 -7.30
N ASN F 271 22.66 37.20 -8.60
CA ASN F 271 21.87 37.93 -9.60
C ASN F 271 20.68 37.14 -10.14
N ARG F 272 20.50 35.94 -9.60
CA ARG F 272 19.38 35.07 -10.01
C ARG F 272 19.30 35.02 -11.54
N ALA F 273 20.45 34.67 -12.10
CA ALA F 273 20.68 34.68 -13.52
C ALA F 273 20.79 33.25 -14.01
N ARG F 274 20.79 33.13 -15.33
CA ARG F 274 20.78 31.85 -16.01
C ARG F 274 21.97 31.71 -16.94
N MET F 275 22.61 30.54 -16.88
CA MET F 275 23.68 30.18 -17.79
C MET F 275 23.28 28.90 -18.51
N GLU F 276 23.26 28.97 -19.84
CA GLU F 276 22.70 27.88 -20.64
C GLU F 276 23.48 27.61 -21.90
N GLY F 277 23.72 26.34 -22.15
CA GLY F 277 24.41 25.90 -23.35
C GLY F 277 23.44 25.63 -24.49
N MET F 278 23.93 25.82 -25.71
CA MET F 278 23.13 25.52 -26.90
C MET F 278 24.00 25.02 -28.04
N VAL F 279 23.36 24.28 -28.93
CA VAL F 279 24.01 23.72 -30.11
C VAL F 279 23.05 23.94 -31.27
N VAL F 280 23.57 24.48 -32.39
CA VAL F 280 22.69 24.95 -33.46
C VAL F 280 21.86 23.83 -34.11
N MET F 281 22.40 22.63 -34.18
CA MET F 281 21.67 21.51 -34.82
C MET F 281 20.35 21.15 -34.09
N ASP F 282 20.25 21.51 -32.81
CA ASP F 282 19.00 21.32 -32.06
C ASP F 282 17.86 22.14 -32.65
N TYR F 283 18.20 23.15 -33.44
CA TYR F 283 17.21 24.06 -34.02
C TYR F 283 16.91 23.77 -35.50
N ALA F 284 17.38 22.62 -36.00
CA ALA F 284 17.29 22.25 -37.42
C ALA F 284 15.87 22.43 -37.98
N GLN F 285 14.86 22.05 -37.21
CA GLN F 285 13.46 22.17 -37.64
C GLN F 285 12.98 23.62 -37.85
N ARG F 286 13.70 24.56 -37.27
CA ARG F 286 13.37 25.98 -37.40
C ARG F 286 14.29 26.72 -38.36
N PHE F 287 15.21 26.01 -39.01
CA PHE F 287 16.13 26.64 -39.96
C PHE F 287 15.40 27.46 -41.03
N PRO F 288 14.32 26.93 -41.65
CA PRO F 288 13.69 27.68 -42.74
C PRO F 288 13.25 29.09 -42.35
N GLU F 289 12.62 29.22 -41.21
CA GLU F 289 12.16 30.54 -40.78
C GLU F 289 13.34 31.44 -40.37
N GLY F 290 14.34 30.85 -39.73
CA GLY F 290 15.56 31.57 -39.36
C GLY F 290 16.33 32.08 -40.57
N LEU F 291 16.54 31.19 -41.53
CA LEU F 291 17.24 31.53 -42.78
C LEU F 291 16.48 32.61 -43.54
N LYS F 292 15.15 32.46 -43.59
CA LYS F 292 14.29 33.43 -44.28
C LYS F 292 14.44 34.84 -43.67
N GLU F 293 14.38 34.93 -42.35
CA GLU F 293 14.55 36.24 -41.70
C GLU F 293 15.95 36.81 -41.90
N MET F 294 16.96 35.97 -41.70
CA MET F 294 18.36 36.38 -41.88
C MET F 294 18.59 36.92 -43.31
N ALA F 295 18.03 36.21 -44.29
CA ALA F 295 18.17 36.61 -45.70
C ALA F 295 17.59 38.01 -45.97
N THR F 296 16.48 38.35 -45.35
CA THR F 296 15.88 39.68 -45.50
C THR F 296 16.73 40.77 -44.83
N TRP F 297 17.28 40.48 -43.64
CA TRP F 297 18.19 41.42 -42.98
C TRP F 297 19.38 41.72 -43.84
N LEU F 298 19.94 40.67 -44.44
CA LEU F 298 21.08 40.83 -45.36
C LEU F 298 20.69 41.64 -46.59
N ALA F 299 19.57 41.29 -47.21
CA ALA F 299 19.07 41.95 -48.43
C ALA F 299 18.80 43.44 -48.19
N GLU F 300 18.29 43.76 -47.01
CA GLU F 300 17.96 45.15 -46.65
C GLU F 300 19.17 45.96 -46.18
N GLY F 301 20.32 45.30 -46.05
CA GLY F 301 21.54 45.96 -45.59
C GLY F 301 21.58 46.21 -44.10
N LYS F 302 20.66 45.60 -43.36
CA LYS F 302 20.59 45.75 -41.90
C LYS F 302 21.65 44.90 -41.20
N LEU F 303 22.11 43.87 -41.89
CA LEU F 303 23.14 42.98 -41.36
C LEU F 303 24.16 42.69 -42.46
N GLN F 304 25.43 42.72 -42.09
CA GLN F 304 26.52 42.50 -43.05
C GLN F 304 27.19 41.17 -42.79
N SER F 305 27.59 40.52 -43.88
CA SER F 305 28.32 39.26 -43.80
C SER F 305 29.55 39.28 -44.69
N ARG F 306 30.70 38.99 -44.10
CA ARG F 306 31.95 38.96 -44.83
C ARG F 306 32.54 37.59 -44.90
N GLU F 307 32.87 37.16 -46.11
CA GLU F 307 33.56 35.88 -46.30
C GLU F 307 34.95 36.10 -46.90
N ASP F 308 35.92 35.40 -46.34
CA ASP F 308 37.27 35.36 -46.87
C ASP F 308 37.46 34.05 -47.64
N ILE F 309 37.45 34.14 -48.97
CA ILE F 309 37.47 32.95 -49.83
C ILE F 309 38.88 32.66 -50.37
N VAL F 310 39.41 31.49 -50.01
CA VAL F 310 40.69 31.02 -50.52
C VAL F 310 40.44 29.82 -51.43
N GLU F 311 41.19 29.74 -52.54
CA GLU F 311 40.92 28.75 -53.59
C GLU F 311 41.88 27.55 -53.55
N GLY F 312 41.30 26.37 -53.73
CA GLY F 312 42.07 25.13 -53.90
C GLY F 312 42.08 24.21 -52.70
N LEU F 313 41.44 23.05 -52.86
CA LEU F 313 41.39 22.01 -51.82
C LEU F 313 42.79 21.67 -51.30
N GLU F 314 43.74 21.58 -52.24
CA GLU F 314 45.12 21.18 -51.95
C GLU F 314 45.84 22.13 -50.99
N THR F 315 45.40 23.37 -50.92
CA THR F 315 45.98 24.37 -50.01
C THR F 315 45.49 24.26 -48.55
N PHE F 316 44.60 23.30 -48.28
CA PHE F 316 43.90 23.21 -46.97
C PHE F 316 44.79 23.37 -45.73
N PRO F 317 45.86 22.56 -45.58
CA PRO F 317 46.69 22.65 -44.37
C PRO F 317 47.28 24.04 -44.13
N GLU F 318 47.73 24.69 -45.19
CA GLU F 318 48.29 26.06 -45.08
C GLU F 318 47.17 27.08 -44.84
N THR F 319 46.09 26.98 -45.61
CA THR F 319 44.96 27.90 -45.47
C THR F 319 44.33 27.82 -44.06
N LEU F 320 44.31 26.62 -43.50
CA LEU F 320 43.83 26.43 -42.12
C LEU F 320 44.61 27.27 -41.10
N LEU F 321 45.92 27.42 -41.30
CA LEU F 321 46.75 28.24 -40.41
C LEU F 321 46.35 29.71 -40.41
N LYS F 322 45.83 30.18 -41.53
CA LYS F 322 45.34 31.57 -41.65
C LYS F 322 44.24 31.88 -40.60
N LEU F 323 43.57 30.85 -40.13
CA LEU F 323 42.56 30.96 -39.04
C LEU F 323 43.19 31.50 -37.74
N PHE F 324 44.46 31.15 -37.51
CA PHE F 324 45.18 31.54 -36.30
C PHE F 324 46.16 32.70 -36.49
N SER F 325 45.94 33.49 -37.54
CA SER F 325 46.68 34.70 -37.77
C SER F 325 45.79 35.69 -37.03
N GLY F 326 46.25 36.92 -36.75
CA GLY F 326 45.43 37.87 -35.93
C GLY F 326 44.62 38.79 -36.82
N GLU F 327 44.37 38.34 -38.04
CA GLU F 327 43.79 39.18 -39.07
C GLU F 327 42.26 39.18 -38.99
N ASN F 328 41.65 40.11 -39.74
CA ASN F 328 40.23 40.36 -39.67
C ASN F 328 39.61 40.39 -41.06
N PHE F 329 39.74 39.27 -41.78
CA PHE F 329 39.27 39.19 -43.14
C PHE F 329 37.88 38.59 -43.26
N GLY F 330 37.33 38.07 -42.16
CA GLY F 330 35.98 37.50 -42.15
C GLY F 330 35.95 35.98 -42.15
N LYS F 331 34.75 35.41 -42.27
CA LYS F 331 34.53 33.96 -42.20
C LYS F 331 35.38 33.25 -43.26
N LEU F 332 36.25 32.34 -42.82
CA LEU F 332 37.18 31.66 -43.71
C LEU F 332 36.51 30.53 -44.48
N VAL F 333 36.56 30.63 -45.80
CA VAL F 333 35.94 29.65 -46.70
C VAL F 333 36.94 29.15 -47.73
N LEU F 334 36.98 27.83 -47.89
CA LEU F 334 37.84 27.19 -48.88
C LEU F 334 37.04 26.76 -50.10
N LYS F 335 37.32 27.38 -51.24
CA LYS F 335 36.70 26.98 -52.50
C LYS F 335 37.39 25.72 -52.99
N VAL F 336 36.62 24.66 -53.19
CA VAL F 336 37.16 23.41 -53.64
C VAL F 336 37.24 23.53 -55.17
N GLN G 6 0.71 -51.99 28.06
CA GLN G 6 1.28 -50.93 27.16
C GLN G 6 2.57 -50.37 27.74
N ILE G 7 3.48 -49.96 26.86
CA ILE G 7 4.81 -49.49 27.25
C ILE G 7 4.99 -47.98 27.05
N ASN G 8 5.53 -47.32 28.06
CA ASN G 8 5.92 -45.92 27.98
C ASN G 8 7.43 -45.80 27.89
N ARG G 9 7.94 -45.44 26.72
CA ARG G 9 9.38 -45.22 26.56
C ARG G 9 9.72 -43.85 27.10
N GLN G 10 10.83 -43.77 27.84
CA GLN G 10 11.25 -42.54 28.50
C GLN G 10 12.75 -42.32 28.35
N TYR G 11 13.12 -41.05 28.15
CA TYR G 11 14.52 -40.65 28.30
C TYR G 11 14.69 -40.03 29.67
N GLN G 12 15.52 -40.67 30.48
CA GLN G 12 15.83 -40.17 31.82
C GLN G 12 17.18 -39.47 31.81
N LEU G 13 17.35 -38.51 32.71
CA LEU G 13 18.64 -37.84 32.88
C LEU G 13 19.56 -38.78 33.65
N ALA G 14 20.68 -39.14 33.03
CA ALA G 14 21.62 -40.13 33.58
C ALA G 14 22.79 -39.45 34.28
N GLN G 15 23.34 -38.42 33.64
CA GLN G 15 24.38 -37.60 34.26
C GLN G 15 24.35 -36.17 33.74
N ARG G 16 24.72 -35.24 34.62
CA ARG G 16 24.75 -33.83 34.28
C ARG G 16 25.96 -33.59 33.36
N PRO G 17 25.72 -33.02 32.16
CA PRO G 17 26.81 -32.85 31.21
C PRO G 17 27.74 -31.70 31.56
N SER G 18 29.02 -31.89 31.25
CA SER G 18 30.00 -30.83 31.26
C SER G 18 30.06 -30.33 29.79
N GLY G 19 29.76 -29.05 29.59
CA GLY G 19 29.55 -28.50 28.27
C GLY G 19 28.28 -29.02 27.62
N LEU G 20 28.40 -29.51 26.39
CA LEU G 20 27.24 -29.98 25.63
C LEU G 20 26.81 -31.38 26.04
N PRO G 21 25.51 -31.70 25.88
CA PRO G 21 25.06 -33.06 26.16
C PRO G 21 25.54 -34.04 25.12
N GLY G 22 25.75 -35.28 25.56
CA GLY G 22 26.31 -36.32 24.72
C GLY G 22 25.53 -37.61 24.82
N ARG G 23 26.17 -38.71 24.42
CA ARG G 23 25.49 -40.00 24.37
C ARG G 23 25.36 -40.66 25.73
N ASP G 24 26.07 -40.17 26.75
CA ASP G 24 25.98 -40.72 28.11
C ASP G 24 25.09 -39.89 29.02
N THR G 25 24.59 -38.77 28.49
CA THR G 25 23.80 -37.84 29.29
C THR G 25 22.44 -38.44 29.67
N PHE G 26 21.84 -39.17 28.73
CA PHE G 26 20.51 -39.75 28.92
C PHE G 26 20.48 -41.27 28.89
N SER G 27 19.51 -41.83 29.62
CA SER G 27 19.22 -43.28 29.61
C SER G 27 17.84 -43.55 29.00
N PHE G 28 17.81 -44.42 28.00
CA PHE G 28 16.55 -44.81 27.35
C PHE G 28 15.94 -45.98 28.11
N VAL G 29 14.78 -45.76 28.72
CA VAL G 29 14.13 -46.80 29.53
C VAL G 29 12.69 -47.09 29.10
N GLU G 30 12.31 -48.35 29.24
CA GLU G 30 10.93 -48.79 28.97
C GLU G 30 10.23 -49.03 30.29
N THR G 31 9.10 -48.36 30.48
CA THR G 31 8.33 -48.44 31.71
C THR G 31 6.90 -48.85 31.39
N PRO G 32 6.29 -49.68 32.25
CA PRO G 32 4.88 -50.00 32.01
C PRO G 32 3.99 -48.77 32.16
N LEU G 33 3.05 -48.60 31.24
CA LEU G 33 2.15 -47.46 31.26
C LEU G 33 1.14 -47.64 32.38
N GLY G 34 1.15 -46.71 33.32
CA GLY G 34 0.23 -46.75 34.46
C GLY G 34 -1.13 -46.16 34.13
N GLU G 35 -1.88 -45.86 35.18
CA GLU G 35 -3.22 -45.26 35.08
C GLU G 35 -3.25 -43.98 35.87
N PRO G 36 -3.98 -42.96 35.39
CA PRO G 36 -4.03 -41.75 36.19
C PRO G 36 -4.82 -41.95 37.49
N ALA G 37 -4.31 -41.37 38.57
CA ALA G 37 -5.03 -41.30 39.83
C ALA G 37 -5.94 -40.08 39.80
N GLU G 38 -6.75 -39.95 40.86
CA GLU G 38 -7.66 -38.82 40.98
C GLU G 38 -6.90 -37.48 40.92
N GLY G 39 -7.48 -36.52 40.21
CA GLY G 39 -6.85 -35.22 39.97
C GLY G 39 -5.73 -35.25 38.93
N GLN G 40 -5.58 -36.39 38.25
CA GLN G 40 -4.56 -36.54 37.21
C GLN G 40 -5.17 -36.76 35.83
N ILE G 41 -4.35 -36.56 34.81
CA ILE G 41 -4.71 -36.91 33.45
C ILE G 41 -3.65 -37.82 32.82
N LEU G 42 -4.09 -38.56 31.82
CA LEU G 42 -3.20 -39.38 30.98
C LEU G 42 -3.20 -38.78 29.58
N VAL G 43 -2.01 -38.43 29.11
CA VAL G 43 -1.83 -37.77 27.82
C VAL G 43 -0.93 -38.58 26.90
N LYS G 44 -1.36 -38.76 25.66
CA LYS G 44 -0.49 -39.30 24.62
C LYS G 44 0.34 -38.15 24.04
N ASN G 45 1.64 -38.18 24.26
CA ASN G 45 2.52 -37.12 23.80
C ASN G 45 2.72 -37.20 22.28
N GLU G 46 2.52 -36.09 21.60
CA GLU G 46 2.58 -36.04 20.14
C GLU G 46 3.80 -35.30 19.63
N TYR G 47 4.04 -34.12 20.22
CA TYR G 47 5.17 -33.28 19.85
C TYR G 47 5.81 -32.72 21.08
N LEU G 48 7.15 -32.71 21.08
CA LEU G 48 7.93 -32.19 22.18
C LEU G 48 8.78 -31.02 21.75
N SER G 49 8.91 -30.06 22.66
CA SER G 49 9.73 -28.89 22.41
C SER G 49 11.18 -29.15 22.81
N LEU G 50 12.09 -28.99 21.86
CA LEU G 50 13.52 -29.01 22.15
C LEU G 50 14.04 -27.57 22.20
N ASP G 51 14.57 -27.20 23.35
CA ASP G 51 15.01 -25.82 23.57
C ASP G 51 16.34 -25.70 24.32
N PRO G 52 17.17 -24.70 23.96
CA PRO G 52 18.45 -24.50 24.64
C PRO G 52 18.32 -24.40 26.15
N ALA G 53 17.20 -23.88 26.63
CA ALA G 53 16.91 -23.82 28.08
C ALA G 53 17.03 -25.20 28.78
N MET G 54 16.89 -26.27 28.00
CA MET G 54 17.05 -27.65 28.49
C MET G 54 18.41 -27.85 29.15
N ARG G 55 19.41 -27.13 28.65
CA ARG G 55 20.75 -27.20 29.22
C ARG G 55 20.75 -26.72 30.66
N GLY G 56 20.05 -25.63 30.91
CA GLY G 56 19.94 -25.09 32.27
C GLY G 56 19.19 -26.04 33.18
N TRP G 57 18.16 -26.70 32.65
CA TRP G 57 17.36 -27.66 33.44
C TRP G 57 18.18 -28.87 33.85
N MET G 58 19.22 -29.16 33.10
CA MET G 58 20.13 -30.28 33.40
C MET G 58 21.20 -29.92 34.44
N ASN G 59 21.51 -28.62 34.56
CA ASN G 59 22.51 -28.11 35.53
C ASN G 59 21.98 -27.96 36.97
N ASP G 60 22.87 -28.16 37.93
CA ASP G 60 22.52 -28.09 39.35
C ASP G 60 22.42 -26.65 39.91
N ALA G 61 22.50 -25.64 39.05
CA ALA G 61 22.32 -24.23 39.47
C ALA G 61 20.87 -23.91 39.88
N ARG G 62 20.70 -23.17 40.98
CA ARG G 62 19.37 -22.81 41.46
C ARG G 62 18.71 -21.81 40.51
N SER G 63 17.45 -22.06 40.16
CA SER G 63 16.70 -21.22 39.23
C SER G 63 15.22 -21.20 39.61
N TYR G 64 14.39 -20.62 38.76
CA TYR G 64 12.94 -20.58 38.99
C TYR G 64 12.28 -21.92 38.70
N ILE G 65 12.94 -22.73 37.88
CA ILE G 65 12.57 -24.12 37.64
C ILE G 65 13.63 -25.01 38.30
N PRO G 66 13.22 -25.92 39.21
CA PRO G 66 14.21 -26.81 39.82
C PRO G 66 14.92 -27.68 38.78
N PRO G 67 16.18 -28.05 39.01
CA PRO G 67 16.87 -28.91 38.06
C PRO G 67 16.19 -30.26 37.92
N VAL G 68 16.35 -30.88 36.76
CA VAL G 68 15.90 -32.24 36.57
C VAL G 68 16.75 -33.16 37.45
N GLY G 69 16.09 -34.04 38.19
CA GLY G 69 16.79 -34.99 39.05
C GLY G 69 17.43 -36.11 38.23
N ILE G 70 18.53 -36.66 38.74
CA ILE G 70 19.15 -37.84 38.15
C ILE G 70 18.17 -39.01 38.25
N GLY G 71 17.96 -39.70 37.14
CA GLY G 71 16.99 -40.80 37.08
C GLY G 71 15.55 -40.38 36.79
N GLU G 72 15.30 -39.07 36.76
CA GLU G 72 13.97 -38.53 36.43
C GLU G 72 13.84 -38.43 34.92
N VAL G 73 12.61 -38.57 34.44
CA VAL G 73 12.30 -38.34 33.03
C VAL G 73 12.70 -36.91 32.66
N MET G 74 13.42 -36.76 31.56
CA MET G 74 13.90 -35.45 31.13
C MET G 74 12.73 -34.49 30.91
N ARG G 75 12.89 -33.26 31.39
CA ARG G 75 11.85 -32.24 31.28
C ARG G 75 11.71 -31.77 29.83
N ALA G 76 10.47 -31.68 29.39
CA ALA G 76 10.17 -31.14 28.07
C ALA G 76 8.73 -30.62 28.02
N LEU G 77 8.58 -29.43 27.48
CA LEU G 77 7.26 -28.94 27.13
C LEU G 77 6.82 -29.73 25.91
N GLY G 78 5.53 -29.99 25.84
CA GLY G 78 4.98 -30.69 24.70
C GLY G 78 3.51 -30.48 24.48
N VAL G 79 3.03 -30.97 23.34
CA VAL G 79 1.62 -30.98 23.01
C VAL G 79 1.19 -32.43 22.88
N GLY G 80 0.02 -32.74 23.42
CA GLY G 80 -0.49 -34.09 23.39
C GLY G 80 -1.99 -34.16 23.52
N LYS G 81 -2.51 -35.38 23.35
CA LYS G 81 -3.95 -35.64 23.39
C LYS G 81 -4.33 -36.32 24.70
N VAL G 82 -5.35 -35.78 25.37
CA VAL G 82 -5.85 -36.39 26.61
C VAL G 82 -6.61 -37.68 26.27
N LEU G 83 -6.11 -38.79 26.81
CA LEU G 83 -6.75 -40.09 26.61
C LEU G 83 -7.71 -40.43 27.74
N VAL G 84 -7.27 -40.17 28.97
CA VAL G 84 -8.08 -40.38 30.17
C VAL G 84 -7.92 -39.20 31.11
N SER G 85 -9.05 -38.68 31.61
CA SER G 85 -9.03 -37.60 32.61
C SER G 85 -9.77 -37.95 33.88
N LYS G 86 -9.10 -37.72 35.00
CA LYS G 86 -9.75 -37.71 36.33
C LYS G 86 -9.62 -36.32 36.96
N HIS G 87 -9.76 -35.31 36.10
CA HIS G 87 -9.63 -33.91 36.49
C HIS G 87 -10.73 -33.17 35.81
N PRO G 88 -11.54 -32.41 36.57
CA PRO G 88 -12.72 -31.73 36.00
C PRO G 88 -12.42 -30.66 34.93
N GLY G 89 -11.18 -30.20 34.87
CA GLY G 89 -10.78 -29.21 33.87
C GLY G 89 -10.50 -29.76 32.48
N PHE G 90 -10.45 -31.08 32.37
CA PHE G 90 -10.00 -31.73 31.13
C PHE G 90 -10.85 -32.93 30.79
N GLN G 91 -11.05 -33.16 29.50
CA GLN G 91 -11.80 -34.31 29.01
C GLN G 91 -10.99 -35.07 27.97
N ALA G 92 -11.27 -36.37 27.87
CA ALA G 92 -10.73 -37.22 26.81
C ALA G 92 -11.00 -36.57 25.45
N GLY G 93 -9.97 -36.51 24.62
CA GLY G 93 -10.09 -35.85 23.31
C GLY G 93 -9.54 -34.43 23.26
N ASP G 94 -9.40 -33.80 24.43
CA ASP G 94 -8.77 -32.49 24.53
C ASP G 94 -7.31 -32.59 24.12
N TYR G 95 -6.82 -31.57 23.42
CA TYR G 95 -5.40 -31.40 23.18
C TYR G 95 -4.87 -30.40 24.18
N VAL G 96 -3.72 -30.70 24.76
CA VAL G 96 -3.14 -29.86 25.80
C VAL G 96 -1.66 -29.55 25.54
N ASN G 97 -1.26 -28.40 26.04
CA ASN G 97 0.15 -28.00 26.14
C ASN G 97 0.55 -28.09 27.59
N GLY G 98 1.72 -28.64 27.86
CA GLY G 98 2.23 -28.72 29.20
C GLY G 98 3.60 -29.35 29.28
N ALA G 99 4.11 -29.50 30.51
CA ALA G 99 5.39 -30.16 30.74
C ALA G 99 5.16 -31.67 30.65
N LEU G 100 5.19 -32.19 29.43
CA LEU G 100 4.82 -33.59 29.17
C LEU G 100 5.97 -34.57 29.35
N GLY G 101 7.20 -34.07 29.29
CA GLY G 101 8.39 -34.90 29.49
C GLY G 101 8.83 -35.60 28.22
N VAL G 102 10.10 -36.03 28.19
CA VAL G 102 10.66 -36.71 27.01
C VAL G 102 10.28 -38.19 27.08
N GLN G 103 9.05 -38.45 26.69
CA GLN G 103 8.44 -39.78 26.82
C GLN G 103 7.23 -39.91 25.91
N ASP G 104 6.74 -41.14 25.78
CA ASP G 104 5.57 -41.43 24.95
C ASP G 104 4.28 -40.91 25.57
N TYR G 105 4.18 -41.08 26.89
CA TYR G 105 2.95 -40.75 27.62
C TYR G 105 3.26 -39.96 28.86
N PHE G 106 2.39 -38.99 29.15
CA PHE G 106 2.43 -38.25 30.42
C PHE G 106 1.26 -38.67 31.30
N ILE G 107 1.58 -38.99 32.55
CA ILE G 107 0.57 -39.20 33.58
C ILE G 107 0.89 -38.32 34.77
N GLY G 108 -0.07 -37.51 35.19
CA GLY G 108 0.10 -36.65 36.35
C GLY G 108 -0.88 -35.50 36.46
N GLU G 109 -0.64 -34.66 37.45
CA GLU G 109 -1.44 -33.45 37.66
C GLU G 109 -1.13 -32.47 36.55
N PRO G 110 -2.16 -31.92 35.91
CA PRO G 110 -1.93 -31.04 34.77
C PRO G 110 -1.58 -29.61 35.19
N LYS G 111 -0.56 -29.48 36.04
CA LYS G 111 -0.16 -28.20 36.60
C LYS G 111 0.48 -27.32 35.52
N GLY G 112 -0.11 -26.16 35.30
CA GLY G 112 0.35 -25.23 34.26
C GLY G 112 -0.05 -25.65 32.85
N PHE G 113 -0.86 -26.70 32.74
CA PHE G 113 -1.33 -27.16 31.44
C PHE G 113 -2.43 -26.23 30.94
N TYR G 114 -2.49 -26.04 29.63
CA TYR G 114 -3.65 -25.41 29.02
C TYR G 114 -4.11 -26.11 27.75
N LYS G 115 -5.42 -26.04 27.51
CA LYS G 115 -6.01 -26.65 26.33
C LYS G 115 -5.63 -25.86 25.12
N VAL G 116 -5.35 -26.59 24.04
CA VAL G 116 -5.04 -25.96 22.77
C VAL G 116 -6.06 -26.40 21.73
N ASP G 117 -6.39 -25.48 20.83
CA ASP G 117 -7.43 -25.67 19.82
C ASP G 117 -6.78 -26.01 18.47
N PRO G 118 -6.84 -27.30 18.07
CA PRO G 118 -6.19 -27.70 16.82
C PRO G 118 -6.84 -27.17 15.54
N SER G 119 -8.00 -26.52 15.64
CA SER G 119 -8.64 -25.88 14.49
C SER G 119 -8.06 -24.50 14.16
N ARG G 120 -7.37 -23.91 15.12
CA ARG G 120 -6.84 -22.55 14.96
C ARG G 120 -5.34 -22.51 14.57
N ALA G 121 -4.67 -23.65 14.65
CA ALA G 121 -3.27 -23.72 14.23
C ALA G 121 -2.81 -25.17 14.16
N PRO G 122 -1.77 -25.44 13.37
CA PRO G 122 -1.16 -26.76 13.45
C PRO G 122 -0.64 -27.06 14.85
N LEU G 123 -0.74 -28.32 15.25
CA LEU G 123 -0.34 -28.76 16.59
C LEU G 123 1.05 -28.31 17.01
N PRO G 124 2.07 -28.48 16.15
CA PRO G 124 3.42 -28.11 16.57
C PRO G 124 3.57 -26.62 16.86
N ARG G 125 2.70 -25.81 16.28
CA ARG G 125 2.75 -24.37 16.49
C ARG G 125 2.39 -23.99 17.92
N TYR G 126 1.70 -24.89 18.62
CA TYR G 126 1.43 -24.72 20.04
C TYR G 126 2.67 -24.98 20.92
N LEU G 127 3.80 -25.24 20.26
CA LEU G 127 5.12 -25.30 20.92
C LEU G 127 6.03 -24.15 20.53
N SER G 128 5.57 -23.32 19.60
CA SER G 128 6.39 -22.22 19.10
C SER G 128 5.65 -20.90 19.34
N ALA G 129 5.14 -20.28 18.28
CA ALA G 129 4.51 -18.96 18.39
C ALA G 129 3.29 -18.98 19.31
N LEU G 130 2.59 -20.11 19.34
CA LEU G 130 1.42 -20.26 20.20
C LEU G 130 1.76 -21.14 21.42
N GLY G 131 3.04 -21.29 21.67
CA GLY G 131 3.54 -22.02 22.82
C GLY G 131 4.32 -21.11 23.73
N MET G 132 5.17 -21.72 24.56
CA MET G 132 5.86 -20.97 25.61
C MET G 132 6.88 -19.98 25.06
N THR G 133 7.52 -20.29 23.95
CA THR G 133 8.48 -19.35 23.36
C THR G 133 7.76 -18.12 22.84
N GLY G 134 6.67 -18.34 22.13
CA GLY G 134 5.85 -17.24 21.60
C GLY G 134 5.16 -16.40 22.66
N MET G 135 4.63 -17.06 23.69
CA MET G 135 3.99 -16.34 24.81
C MET G 135 5.01 -15.61 25.66
N THR G 136 6.23 -16.15 25.74
CA THR G 136 7.32 -15.44 26.38
C THR G 136 7.54 -14.10 25.65
N ALA G 137 7.69 -14.19 24.33
CA ALA G 137 7.88 -13.00 23.48
C ALA G 137 6.74 -12.01 23.69
N TYR G 138 5.53 -12.51 23.61
CA TYR G 138 4.31 -11.70 23.70
C TYR G 138 4.25 -10.93 25.00
N PHE G 139 4.32 -11.65 26.12
CA PHE G 139 4.14 -11.00 27.42
C PHE G 139 5.35 -10.21 27.86
N ALA G 140 6.53 -10.73 27.60
CA ALA G 140 7.77 -10.04 27.98
C ALA G 140 7.88 -8.70 27.25
N LEU G 141 7.64 -8.73 25.93
CA LEU G 141 7.71 -7.51 25.14
C LEU G 141 6.63 -6.52 25.52
N LEU G 142 5.38 -6.98 25.51
CA LEU G 142 4.24 -6.08 25.66
C LEU G 142 3.96 -5.63 27.09
N ASP G 143 4.11 -6.53 28.04
CA ASP G 143 3.82 -6.18 29.44
C ASP G 143 5.01 -5.53 30.14
N VAL G 144 6.22 -6.00 29.84
CA VAL G 144 7.41 -5.47 30.53
C VAL G 144 8.15 -4.43 29.69
N GLY G 145 8.39 -4.74 28.43
CA GLY G 145 9.04 -3.79 27.52
C GLY G 145 8.18 -2.58 27.20
N GLN G 146 6.88 -2.80 27.09
CA GLN G 146 5.89 -1.76 26.77
C GLN G 146 6.35 -0.87 25.60
N PRO G 147 6.62 -1.47 24.45
CA PRO G 147 7.07 -0.67 23.34
C PRO G 147 5.98 0.24 22.79
N LYS G 148 6.39 1.38 22.26
CA LYS G 148 5.47 2.35 21.69
C LYS G 148 5.86 2.66 20.25
N ASN G 149 4.90 3.13 19.48
CA ASN G 149 5.12 3.50 18.09
C ASN G 149 6.34 4.40 17.94
N GLY G 150 7.21 4.06 17.00
CA GLY G 150 8.39 4.87 16.70
C GLY G 150 9.61 4.61 17.58
N GLU G 151 9.42 3.80 18.63
CA GLU G 151 10.56 3.49 19.52
C GLU G 151 11.46 2.48 18.87
N THR G 152 12.71 2.45 19.31
CA THR G 152 13.67 1.50 18.84
C THR G 152 13.77 0.31 19.80
N VAL G 153 13.48 -0.87 19.26
CA VAL G 153 13.51 -2.12 19.99
C VAL G 153 14.67 -2.98 19.49
N VAL G 154 15.55 -3.36 20.40
CA VAL G 154 16.68 -4.26 20.08
C VAL G 154 16.43 -5.62 20.72
N ILE G 155 16.66 -6.67 19.94
CA ILE G 155 16.41 -8.04 20.36
C ILE G 155 17.68 -8.87 20.26
N SER G 156 18.11 -9.44 21.37
CA SER G 156 19.21 -10.41 21.38
C SER G 156 18.65 -11.82 21.18
N GLY G 157 19.51 -12.74 20.74
CA GLY G 157 19.08 -14.07 20.32
C GLY G 157 17.95 -13.99 19.32
N ALA G 158 18.06 -13.01 18.42
CA ALA G 158 16.95 -12.57 17.59
C ALA G 158 16.45 -13.61 16.59
N ALA G 159 17.31 -14.55 16.22
CA ALA G 159 16.97 -15.62 15.28
C ALA G 159 16.38 -16.83 16.01
N GLY G 160 16.48 -16.83 17.33
CA GLY G 160 15.86 -17.88 18.15
C GLY G 160 14.33 -17.80 18.16
N ALA G 161 13.71 -18.81 18.76
CA ALA G 161 12.25 -18.95 18.78
C ALA G 161 11.55 -17.81 19.53
N VAL G 162 12.11 -17.37 20.65
CA VAL G 162 11.54 -16.26 21.40
C VAL G 162 11.78 -14.92 20.66
N GLY G 163 13.04 -14.67 20.34
CA GLY G 163 13.44 -13.39 19.75
C GLY G 163 12.83 -13.08 18.41
N SER G 164 12.74 -14.10 17.56
CA SER G 164 12.19 -13.92 16.21
C SER G 164 10.72 -13.52 16.26
N VAL G 165 9.97 -14.07 17.22
CA VAL G 165 8.57 -13.69 17.44
C VAL G 165 8.47 -12.28 18.05
N ALA G 166 9.29 -12.01 19.06
CA ALA G 166 9.30 -10.71 19.72
C ALA G 166 9.51 -9.56 18.71
N GLY G 167 10.47 -9.74 17.82
CA GLY G 167 10.80 -8.70 16.84
C GLY G 167 9.64 -8.43 15.90
N GLN G 168 8.92 -9.46 15.53
CA GLN G 168 7.77 -9.33 14.62
C GLN G 168 6.61 -8.64 15.31
N ILE G 169 6.39 -8.95 16.57
CA ILE G 169 5.38 -8.24 17.36
C ILE G 169 5.74 -6.76 17.44
N ALA G 170 7.00 -6.48 17.73
CA ALA G 170 7.48 -5.11 17.82
C ALA G 170 7.23 -4.33 16.51
N ARG G 171 7.47 -4.99 15.38
CA ARG G 171 7.22 -4.39 14.06
C ARG G 171 5.76 -4.01 13.94
N LEU G 172 4.88 -4.91 14.38
CA LEU G 172 3.44 -4.68 14.33
C LEU G 172 3.00 -3.49 15.18
N LYS G 173 3.78 -3.18 16.21
CA LYS G 173 3.47 -2.06 17.11
C LYS G 173 4.05 -0.73 16.61
N GLY G 174 4.70 -0.77 15.45
CA GLY G 174 5.21 0.44 14.79
C GLY G 174 6.61 0.81 15.20
N CYS G 175 7.33 -0.15 15.76
CA CYS G 175 8.67 0.08 16.26
C CYS G 175 9.71 -0.12 15.18
N ARG G 176 10.84 0.56 15.37
CA ARG G 176 12.06 0.23 14.65
C ARG G 176 12.67 -0.98 15.35
N VAL G 177 12.90 -2.05 14.59
CA VAL G 177 13.28 -3.33 15.16
C VAL G 177 14.65 -3.78 14.67
N VAL G 178 15.57 -3.94 15.63
CA VAL G 178 16.95 -4.31 15.33
C VAL G 178 17.31 -5.59 16.05
N GLY G 179 17.72 -6.58 15.27
CA GLY G 179 18.09 -7.88 15.80
C GLY G 179 19.59 -8.03 15.98
N ILE G 180 19.99 -8.79 17.00
CA ILE G 180 21.38 -9.19 17.18
C ILE G 180 21.43 -10.72 17.08
N ALA G 181 22.18 -11.21 16.09
CA ALA G 181 22.27 -12.64 15.80
C ALA G 181 23.65 -13.02 15.25
N GLY G 182 23.99 -14.30 15.36
CA GLY G 182 25.31 -14.80 14.95
C GLY G 182 25.27 -15.41 13.55
N GLY G 183 25.98 -14.78 12.62
CA GLY G 183 26.09 -15.30 11.25
C GLY G 183 25.31 -14.50 10.22
N ALA G 184 25.81 -14.48 8.99
CA ALA G 184 25.24 -13.67 7.91
C ALA G 184 23.85 -14.15 7.47
N GLU G 185 23.65 -15.46 7.46
CA GLU G 185 22.39 -16.04 6.97
C GLU G 185 21.23 -15.71 7.93
N LYS G 186 21.47 -15.90 9.23
CA LYS G 186 20.48 -15.54 10.25
C LYS G 186 20.06 -14.07 10.12
N CYS G 187 21.05 -13.19 9.99
CA CYS G 187 20.81 -11.75 9.91
C CYS G 187 20.02 -11.37 8.65
N ARG G 188 20.38 -11.99 7.53
CA ARG G 188 19.63 -11.80 6.30
C ARG G 188 18.18 -12.24 6.44
N PHE G 189 18.00 -13.43 7.02
CA PHE G 189 16.67 -13.97 7.27
C PHE G 189 15.80 -12.99 8.09
N LEU G 190 16.39 -12.45 9.15
CA LEU G 190 15.67 -11.51 10.03
C LEU G 190 15.15 -10.29 9.26
N VAL G 191 15.99 -9.72 8.42
CA VAL G 191 15.64 -8.51 7.68
C VAL G 191 14.73 -8.84 6.49
N GLU G 192 15.16 -9.77 5.65
CA GLU G 192 14.46 -10.03 4.37
C GLU G 192 13.18 -10.83 4.51
N GLU G 193 13.16 -11.78 5.45
CA GLU G 193 11.97 -12.63 5.64
C GLU G 193 11.05 -12.16 6.76
N LEU G 194 11.61 -11.79 7.90
CA LEU G 194 10.79 -11.41 9.08
C LEU G 194 10.46 -9.93 9.18
N GLY G 195 11.12 -9.13 8.36
CA GLY G 195 10.84 -7.70 8.29
C GLY G 195 11.50 -6.85 9.38
N PHE G 196 12.54 -7.38 10.01
CA PHE G 196 13.35 -6.58 10.93
C PHE G 196 13.94 -5.40 10.14
N ASP G 197 14.02 -4.24 10.77
CA ASP G 197 14.59 -3.06 10.11
C ASP G 197 16.08 -3.20 9.94
N GLY G 198 16.70 -3.91 10.88
CA GLY G 198 18.12 -4.15 10.82
C GLY G 198 18.53 -5.35 11.63
N ALA G 199 19.74 -5.84 11.35
CA ALA G 199 20.27 -7.00 12.03
C ALA G 199 21.78 -6.85 12.13
N ILE G 200 22.31 -7.07 13.33
CA ILE G 200 23.73 -6.92 13.59
C ILE G 200 24.34 -8.30 13.80
N ASP G 201 25.31 -8.64 12.96
CA ASP G 201 26.02 -9.92 13.05
C ASP G 201 27.19 -9.77 14.02
N TYR G 202 26.95 -10.10 15.28
CA TYR G 202 27.95 -9.87 16.33
C TYR G 202 29.21 -10.73 16.17
N LYS G 203 29.08 -11.83 15.42
CA LYS G 203 30.24 -12.70 15.16
C LYS G 203 31.17 -12.17 14.10
N ASN G 204 30.65 -11.34 13.19
CA ASN G 204 31.42 -10.84 12.04
C ASN G 204 31.60 -9.33 12.02
N GLU G 205 31.07 -8.67 13.05
CA GLU G 205 31.04 -7.22 13.10
C GLU G 205 31.05 -6.75 14.56
N ASP G 206 31.67 -5.60 14.81
CA ASP G 206 31.69 -5.03 16.16
C ASP G 206 30.27 -4.59 16.57
N LEU G 207 29.80 -5.10 17.69
CA LEU G 207 28.41 -4.88 18.14
C LEU G 207 28.12 -3.41 18.41
N ALA G 208 29.02 -2.75 19.13
CA ALA G 208 28.89 -1.33 19.45
C ALA G 208 28.74 -0.47 18.17
N ALA G 209 29.60 -0.74 17.19
CA ALA G 209 29.55 -0.02 15.91
C ALA G 209 28.22 -0.30 15.22
N GLY G 210 27.80 -1.56 15.25
CA GLY G 210 26.52 -1.97 14.66
C GLY G 210 25.35 -1.25 15.30
N LEU G 211 25.38 -1.18 16.63
CA LEU G 211 24.33 -0.48 17.38
C LEU G 211 24.31 1.03 17.07
N LYS G 212 25.48 1.62 16.96
CA LYS G 212 25.61 3.04 16.59
C LYS G 212 24.93 3.30 15.23
N ARG G 213 25.20 2.42 14.29
CA ARG G 213 24.62 2.54 12.95
C ARG G 213 23.09 2.30 12.94
N GLU G 214 22.68 1.20 13.57
CA GLU G 214 21.30 0.72 13.49
C GLU G 214 20.34 1.41 14.47
N CYS G 215 20.90 1.99 15.52
CA CYS G 215 20.09 2.67 16.56
C CYS G 215 20.51 4.12 16.80
N PRO G 216 20.31 5.01 15.80
CA PRO G 216 20.80 6.39 15.89
C PRO G 216 20.16 7.21 17.00
N LYS G 217 18.93 6.85 17.39
CA LYS G 217 18.22 7.54 18.49
C LYS G 217 18.27 6.77 19.82
N GLY G 218 19.25 5.88 19.95
CA GLY G 218 19.37 5.07 21.14
C GLY G 218 18.39 3.90 21.18
N ILE G 219 18.45 3.14 22.27
CA ILE G 219 17.65 1.91 22.41
C ILE G 219 16.60 2.10 23.50
N ASP G 220 15.34 2.02 23.09
CA ASP G 220 14.21 2.23 24.01
C ASP G 220 13.80 0.97 24.74
N VAL G 221 13.83 -0.15 24.02
CA VAL G 221 13.54 -1.45 24.61
C VAL G 221 14.60 -2.45 24.19
N PHE G 222 15.18 -3.12 25.17
CA PHE G 222 16.07 -4.24 24.91
C PHE G 222 15.46 -5.54 25.43
N PHE G 223 15.18 -6.44 24.50
CA PHE G 223 14.66 -7.77 24.78
C PHE G 223 15.83 -8.73 24.83
N ASP G 224 16.18 -9.15 26.04
CA ASP G 224 17.42 -9.93 26.24
C ASP G 224 17.17 -11.42 26.48
N ASN G 225 17.66 -12.22 25.54
CA ASN G 225 17.64 -13.68 25.64
C ASN G 225 19.02 -14.29 25.92
N VAL G 226 20.08 -13.49 25.87
CA VAL G 226 21.45 -14.02 25.88
C VAL G 226 22.33 -13.54 27.04
N GLY G 227 22.16 -12.29 27.43
CA GLY G 227 22.94 -11.71 28.51
C GLY G 227 24.39 -11.46 28.14
N GLY G 228 25.27 -11.61 29.13
CA GLY G 228 26.71 -11.51 28.90
C GLY G 228 27.17 -10.20 28.29
N GLU G 229 28.16 -10.29 27.40
CA GLU G 229 28.79 -9.12 26.80
C GLU G 229 27.82 -8.34 25.90
N ILE G 230 26.91 -9.06 25.25
CA ILE G 230 25.90 -8.42 24.40
C ILE G 230 25.04 -7.46 25.22
N LEU G 231 24.57 -7.93 26.36
CA LEU G 231 23.81 -7.09 27.29
C LEU G 231 24.62 -5.87 27.73
N ASP G 232 25.87 -6.13 28.12
CA ASP G 232 26.74 -5.06 28.63
C ASP G 232 26.97 -3.97 27.58
N THR G 233 27.13 -4.39 26.34
CA THR G 233 27.33 -3.43 25.23
C THR G 233 26.04 -2.66 24.91
N VAL G 234 24.91 -3.35 24.92
CA VAL G 234 23.60 -2.71 24.68
C VAL G 234 23.33 -1.63 25.72
N LEU G 235 23.74 -1.88 26.96
CA LEU G 235 23.57 -0.92 28.05
C LEU G 235 24.21 0.45 27.77
N THR G 236 25.30 0.46 27.02
CA THR G 236 25.97 1.73 26.68
C THR G 236 25.14 2.61 25.72
N ARG G 237 24.12 2.01 25.10
CA ARG G 237 23.36 2.69 24.07
C ARG G 237 21.87 2.87 24.37
N ILE G 238 21.46 2.52 25.58
CA ILE G 238 20.05 2.68 25.96
C ILE G 238 19.68 4.17 26.05
N ALA G 239 18.44 4.45 25.72
CA ALA G 239 17.88 5.81 25.80
C ALA G 239 17.32 6.11 27.18
N PHE G 240 17.03 7.38 27.40
CA PHE G 240 16.32 7.85 28.57
C PHE G 240 15.01 7.05 28.73
N LYS G 241 14.80 6.52 29.93
CA LYS G 241 13.60 5.73 30.28
C LYS G 241 13.47 4.43 29.51
N ALA G 242 14.61 3.88 29.10
CA ALA G 242 14.64 2.61 28.43
C ALA G 242 14.13 1.49 29.35
N ARG G 243 13.61 0.44 28.73
CA ARG G 243 13.21 -0.76 29.43
C ARG G 243 14.00 -1.93 28.90
N ILE G 244 14.64 -2.65 29.81
CA ILE G 244 15.35 -3.88 29.49
C ILE G 244 14.58 -5.03 30.11
N VAL G 245 14.15 -5.97 29.26
CA VAL G 245 13.46 -7.17 29.76
C VAL G 245 14.37 -8.38 29.65
N LEU G 246 14.59 -9.03 30.80
CA LEU G 246 15.41 -10.22 30.87
C LEU G 246 14.55 -11.47 30.82
N CYS G 247 14.75 -12.27 29.79
CA CYS G 247 14.02 -13.53 29.60
C CYS G 247 14.90 -14.76 29.75
N GLY G 248 16.20 -14.57 29.58
CA GLY G 248 17.15 -15.66 29.71
C GLY G 248 18.57 -15.18 29.49
N ALA G 249 19.51 -16.11 29.59
CA ALA G 249 20.93 -15.80 29.44
C ALA G 249 21.69 -17.07 29.06
N ILE G 250 22.70 -16.96 28.20
CA ILE G 250 23.46 -18.12 27.75
C ILE G 250 24.21 -18.77 28.93
N SER G 251 24.58 -17.95 29.92
CA SER G 251 25.27 -18.42 31.12
C SER G 251 24.39 -19.31 32.00
N GLN G 252 23.10 -19.39 31.70
CA GLN G 252 22.21 -20.35 32.35
C GLN G 252 22.58 -21.80 31.92
N GLY G 261 28.92 -10.38 34.94
CA GLY G 261 27.95 -9.34 35.26
C GLY G 261 28.16 -8.08 34.43
N PRO G 262 27.07 -7.32 34.17
CA PRO G 262 27.19 -6.11 33.34
C PRO G 262 27.88 -4.95 34.03
N ALA G 263 29.13 -4.69 33.61
CA ALA G 263 29.92 -3.57 34.14
C ALA G 263 29.28 -2.21 33.86
N ASN G 264 28.45 -2.15 32.82
CA ASN G 264 27.79 -0.89 32.42
C ASN G 264 26.40 -0.68 33.04
N TYR G 265 26.11 -1.40 34.12
CA TYR G 265 24.78 -1.37 34.74
C TYR G 265 24.37 0.01 35.21
N LEU G 266 25.34 0.85 35.54
CA LEU G 266 25.05 2.23 35.98
C LEU G 266 24.45 3.11 34.87
N SER G 267 24.49 2.62 33.64
CA SER G 267 23.73 3.25 32.56
C SER G 267 22.24 3.35 32.92
N LEU G 268 21.76 2.40 33.72
CA LEU G 268 20.38 2.43 34.24
C LEU G 268 20.12 3.66 35.10
N LEU G 269 21.14 4.11 35.81
CA LEU G 269 21.06 5.33 36.62
C LEU G 269 21.10 6.56 35.72
N VAL G 270 22.14 6.63 34.89
CA VAL G 270 22.34 7.78 33.99
C VAL G 270 21.11 8.04 33.12
N ASN G 271 20.52 6.96 32.63
CA ASN G 271 19.35 7.03 31.74
C ASN G 271 18.02 6.82 32.45
N ARG G 272 18.07 6.66 33.77
CA ARG G 272 16.86 6.44 34.58
C ARG G 272 15.95 5.41 33.93
N ALA G 273 16.59 4.28 33.67
CA ALA G 273 16.01 3.17 32.93
C ALA G 273 15.72 2.02 33.87
N ARG G 274 14.98 1.05 33.34
CA ARG G 274 14.50 -0.09 34.12
C ARG G 274 14.99 -1.40 33.52
N MET G 275 15.48 -2.28 34.37
CA MET G 275 15.84 -3.64 33.98
C MET G 275 15.00 -4.61 34.82
N GLU G 276 14.27 -5.48 34.13
CA GLU G 276 13.28 -6.33 34.79
C GLU G 276 13.23 -7.73 34.22
N GLY G 277 13.17 -8.70 35.12
CA GLY G 277 13.05 -10.09 34.74
C GLY G 277 11.60 -10.53 34.63
N MET G 278 11.36 -11.51 33.78
CA MET G 278 10.04 -12.12 33.66
C MET G 278 10.12 -13.60 33.35
N VAL G 279 9.04 -14.28 33.68
CA VAL G 279 8.87 -15.71 33.42
C VAL G 279 7.47 -15.92 32.90
N VAL G 280 7.33 -16.65 31.79
CA VAL G 280 6.05 -16.72 31.08
C VAL G 280 4.91 -17.33 31.92
N MET G 281 5.24 -18.28 32.79
CA MET G 281 4.18 -18.95 33.58
C MET G 281 3.45 -18.01 34.54
N ASP G 282 4.09 -16.89 34.89
CA ASP G 282 3.44 -15.85 35.69
C ASP G 282 2.23 -15.23 34.96
N TYR G 283 2.17 -15.41 33.65
CA TYR G 283 1.08 -14.84 32.82
C TYR G 283 0.02 -15.88 32.42
N ALA G 284 0.07 -17.06 33.04
CA ALA G 284 -0.82 -18.18 32.69
C ALA G 284 -2.30 -17.79 32.58
N GLN G 285 -2.77 -16.98 33.52
CA GLN G 285 -4.17 -16.54 33.55
C GLN G 285 -4.56 -15.66 32.32
N ARG G 286 -3.56 -15.11 31.64
CA ARG G 286 -3.79 -14.26 30.45
C ARG G 286 -3.48 -14.98 29.14
N PHE G 287 -3.12 -16.26 29.21
CA PHE G 287 -2.84 -17.02 28.01
C PHE G 287 -3.96 -16.95 26.97
N PRO G 288 -5.23 -17.10 27.39
CA PRO G 288 -6.27 -17.19 26.36
C PRO G 288 -6.33 -15.95 25.46
N GLU G 289 -6.21 -14.77 26.04
CA GLU G 289 -6.26 -13.54 25.23
C GLU G 289 -4.99 -13.40 24.39
N GLY G 290 -3.86 -13.77 24.95
CA GLY G 290 -2.59 -13.74 24.25
C GLY G 290 -2.53 -14.69 23.07
N LEU G 291 -2.96 -15.93 23.31
CA LEU G 291 -3.02 -16.95 22.27
C LEU G 291 -3.99 -16.53 21.16
N LYS G 292 -5.14 -16.01 21.56
CA LYS G 292 -6.16 -15.57 20.61
C LYS G 292 -5.59 -14.50 19.66
N GLU G 293 -4.93 -13.49 20.22
CA GLU G 293 -4.36 -12.42 19.39
C GLU G 293 -3.25 -12.95 18.49
N MET G 294 -2.36 -13.74 19.06
CA MET G 294 -1.25 -14.35 18.30
C MET G 294 -1.76 -15.18 17.13
N ALA G 295 -2.82 -15.98 17.39
CA ALA G 295 -3.44 -16.80 16.34
C ALA G 295 -3.94 -15.97 15.14
N THR G 296 -4.54 -14.81 15.41
CA THR G 296 -5.04 -13.94 14.33
C THR G 296 -3.86 -13.31 13.54
N TRP G 297 -2.79 -12.92 14.23
CA TRP G 297 -1.61 -12.40 13.54
C TRP G 297 -1.04 -13.45 12.60
N LEU G 298 -0.95 -14.68 13.09
CA LEU G 298 -0.47 -15.81 12.27
C LEU G 298 -1.39 -16.06 11.07
N ALA G 299 -2.69 -16.13 11.33
CA ALA G 299 -3.70 -16.39 10.29
C ALA G 299 -3.68 -15.34 9.19
N GLU G 300 -3.47 -14.08 9.59
CA GLU G 300 -3.46 -12.94 8.66
C GLU G 300 -2.13 -12.80 7.92
N GLY G 301 -1.15 -13.59 8.28
CA GLY G 301 0.18 -13.53 7.68
C GLY G 301 1.03 -12.36 8.18
N LYS G 302 0.59 -11.71 9.26
CA LYS G 302 1.33 -10.56 9.85
C LYS G 302 2.51 -11.02 10.66
N LEU G 303 2.45 -12.27 11.10
CA LEU G 303 3.53 -12.87 11.88
C LEU G 303 3.80 -14.27 11.35
N GLN G 304 5.07 -14.60 11.20
CA GLN G 304 5.48 -15.90 10.67
C GLN G 304 6.12 -16.74 11.75
N SER G 305 5.81 -18.02 11.72
CA SER G 305 6.38 -18.96 12.67
C SER G 305 6.92 -20.16 11.94
N ARG G 306 8.18 -20.48 12.20
CA ARG G 306 8.80 -21.63 11.56
C ARG G 306 9.14 -22.70 12.56
N GLU G 307 8.73 -23.92 12.26
CA GLU G 307 9.06 -25.07 13.08
C GLU G 307 9.91 -26.06 12.27
N ASP G 308 10.98 -26.53 12.90
CA ASP G 308 11.80 -27.58 12.35
C ASP G 308 11.41 -28.89 13.04
N ILE G 309 10.68 -29.74 12.32
CA ILE G 309 10.14 -30.97 12.89
C ILE G 309 11.00 -32.19 12.54
N VAL G 310 11.54 -32.83 13.58
CA VAL G 310 12.30 -34.07 13.44
C VAL G 310 11.49 -35.21 14.06
N GLU G 311 11.51 -36.38 13.41
CA GLU G 311 10.64 -37.50 13.77
C GLU G 311 11.34 -38.58 14.59
N GLY G 312 10.66 -39.04 15.64
CA GLY G 312 11.07 -40.21 16.42
C GLY G 312 11.65 -39.90 17.79
N LEU G 313 10.93 -40.28 18.83
CA LEU G 313 11.35 -40.11 20.22
C LEU G 313 12.76 -40.63 20.45
N GLU G 314 13.03 -41.80 19.85
CA GLU G 314 14.31 -42.51 20.02
C GLU G 314 15.52 -41.70 19.53
N THR G 315 15.30 -40.77 18.60
CA THR G 315 16.38 -39.91 18.08
C THR G 315 16.74 -38.72 19.00
N PHE G 316 16.05 -38.60 20.14
CA PHE G 316 16.18 -37.42 21.02
C PHE G 316 17.61 -36.93 21.29
N PRO G 317 18.50 -37.80 21.80
CA PRO G 317 19.86 -37.33 22.13
C PRO G 317 20.62 -36.74 20.94
N GLU G 318 20.47 -37.33 19.76
CA GLU G 318 21.11 -36.82 18.56
C GLU G 318 20.42 -35.55 18.06
N THR G 319 19.09 -35.58 18.01
CA THR G 319 18.30 -34.43 17.57
C THR G 319 18.54 -33.21 18.45
N LEU G 320 18.72 -33.43 19.73
CA LEU G 320 19.04 -32.36 20.68
C LEU G 320 20.32 -31.60 20.30
N LEU G 321 21.31 -32.32 19.79
CA LEU G 321 22.56 -31.69 19.34
C LEU G 321 22.35 -30.71 18.18
N LYS G 322 21.33 -30.96 17.35
CA LYS G 322 20.99 -30.07 16.23
C LYS G 322 20.66 -28.64 16.71
N LEU G 323 20.27 -28.55 17.98
CA LEU G 323 20.01 -27.27 18.65
C LEU G 323 21.27 -26.39 18.70
N PHE G 324 22.43 -27.03 18.79
CA PHE G 324 23.73 -26.33 18.90
C PHE G 324 24.55 -26.35 17.61
N SER G 325 23.88 -26.54 16.48
CA SER G 325 24.54 -26.57 15.16
C SER G 325 24.67 -25.19 14.55
N GLY G 326 23.95 -24.22 15.10
CA GLY G 326 24.00 -22.85 14.60
C GLY G 326 23.38 -22.67 13.21
N GLU G 327 22.50 -23.59 12.82
CA GLU G 327 21.74 -23.51 11.58
C GLU G 327 20.49 -22.67 11.83
N ASN G 328 19.71 -22.38 10.77
CA ASN G 328 18.56 -21.52 10.85
C ASN G 328 17.28 -22.16 10.30
N PHE G 329 16.90 -23.27 10.89
CA PHE G 329 15.77 -24.04 10.42
C PHE G 329 14.50 -23.74 11.21
N GLY G 330 14.64 -22.98 12.31
CA GLY G 330 13.49 -22.60 13.13
C GLY G 330 13.33 -23.41 14.40
N LYS G 331 12.22 -23.17 15.10
CA LYS G 331 11.98 -23.77 16.40
C LYS G 331 12.00 -25.30 16.31
N LEU G 332 12.87 -25.90 17.11
CA LEU G 332 13.10 -27.35 17.03
C LEU G 332 12.01 -28.13 17.78
N VAL G 333 11.35 -29.02 17.04
CA VAL G 333 10.25 -29.82 17.57
C VAL G 333 10.50 -31.30 17.25
N LEU G 334 10.34 -32.14 18.27
CA LEU G 334 10.46 -33.59 18.12
C LEU G 334 9.09 -34.24 18.06
N LYS G 335 8.76 -34.83 16.91
CA LYS G 335 7.52 -35.59 16.77
C LYS G 335 7.70 -36.96 17.40
N VAL G 336 6.84 -37.30 18.35
CA VAL G 336 6.94 -38.61 19.06
C VAL G 336 6.52 -39.89 18.28
N GLN H 6 33.75 44.88 44.86
CA GLN H 6 33.60 43.67 45.74
C GLN H 6 34.22 42.44 45.09
N ILE H 7 34.76 41.53 45.91
CA ILE H 7 35.44 40.32 45.42
C ILE H 7 34.63 39.05 45.65
N ASN H 8 34.54 38.21 44.62
CA ASN H 8 33.97 36.88 44.74
C ASN H 8 35.10 35.86 44.74
N ARG H 9 35.37 35.25 45.90
CA ARG H 9 36.38 34.21 45.97
C ARG H 9 35.76 32.91 45.45
N GLN H 10 36.53 32.19 44.66
CA GLN H 10 36.07 30.96 44.03
C GLN H 10 37.11 29.87 44.11
N TYR H 11 36.65 28.65 44.33
CA TYR H 11 37.48 27.47 44.12
C TYR H 11 37.19 26.90 42.75
N GLN H 12 38.20 26.92 41.89
CA GLN H 12 38.09 26.38 40.55
C GLN H 12 38.74 25.01 40.51
N LEU H 13 38.24 24.15 39.63
CA LEU H 13 38.86 22.86 39.40
C LEU H 13 40.14 23.07 38.58
N ALA H 14 41.28 22.68 39.15
CA ALA H 14 42.60 22.93 38.56
C ALA H 14 43.11 21.71 37.81
N GLN H 15 42.95 20.54 38.42
CA GLN H 15 43.28 19.27 37.75
C GLN H 15 42.41 18.12 38.28
N ARG H 16 42.10 17.18 37.41
CA ARG H 16 41.28 16.04 37.77
C ARG H 16 42.12 15.11 38.63
N PRO H 17 41.64 14.76 39.84
CA PRO H 17 42.44 13.92 40.73
C PRO H 17 42.45 12.46 40.27
N SER H 18 43.59 11.79 40.41
CA SER H 18 43.70 10.37 40.02
C SER H 18 43.18 9.42 41.13
N GLY H 19 43.18 9.88 42.39
CA GLY H 19 42.50 9.12 43.49
C GLY H 19 41.58 10.05 44.28
N LEU H 20 41.93 10.26 45.54
CA LEU H 20 41.29 11.29 46.36
C LEU H 20 41.78 12.67 45.95
N PRO H 21 40.95 13.71 46.16
CA PRO H 21 41.41 15.06 45.87
C PRO H 21 42.45 15.53 46.86
N GLY H 22 43.35 16.38 46.38
CA GLY H 22 44.48 16.84 47.17
C GLY H 22 44.62 18.35 47.09
N ARG H 23 45.81 18.84 47.46
CA ARG H 23 46.04 20.29 47.55
C ARG H 23 46.27 20.93 46.19
N ASP H 24 46.49 20.14 45.13
CA ASP H 24 46.69 20.67 43.78
C ASP H 24 45.43 20.56 42.92
N THR H 25 44.40 19.94 43.48
CA THR H 25 43.16 19.68 42.73
C THR H 25 42.41 20.98 42.42
N PHE H 26 42.39 21.89 43.39
CA PHE H 26 41.66 23.14 43.25
C PHE H 26 42.55 24.38 43.28
N SER H 27 42.09 25.41 42.60
CA SER H 27 42.72 26.71 42.62
C SER H 27 41.83 27.75 43.27
N PHE H 28 42.40 28.46 44.24
CA PHE H 28 41.67 29.51 44.94
C PHE H 28 41.87 30.84 44.23
N VAL H 29 40.80 31.37 43.64
CA VAL H 29 40.91 32.58 42.81
C VAL H 29 39.98 33.70 43.25
N GLU H 30 40.41 34.92 43.02
CA GLU H 30 39.55 36.08 43.24
C GLU H 30 39.05 36.60 41.93
N THR H 31 37.74 36.79 41.85
CA THR H 31 37.11 37.39 40.67
C THR H 31 36.28 38.61 41.11
N PRO H 32 36.28 39.67 40.29
CA PRO H 32 35.44 40.80 40.66
C PRO H 32 33.97 40.42 40.60
N LEU H 33 33.22 40.84 41.61
CA LEU H 33 31.80 40.52 41.68
C LEU H 33 31.05 41.33 40.65
N GLY H 34 30.41 40.65 39.72
CA GLY H 34 29.65 41.33 38.68
C GLY H 34 28.26 41.75 39.16
N GLU H 35 27.44 42.12 38.20
CA GLU H 35 26.02 42.46 38.46
C GLU H 35 25.18 41.45 37.70
N PRO H 36 24.04 41.04 38.27
CA PRO H 36 23.19 40.12 37.51
C PRO H 36 22.61 40.80 36.29
N ALA H 37 22.55 40.07 35.18
CA ALA H 37 21.87 40.52 33.99
C ALA H 37 20.40 40.13 34.10
N GLU H 38 19.61 40.58 33.12
CA GLU H 38 18.21 40.28 33.09
C GLU H 38 17.95 38.77 33.12
N GLY H 39 16.93 38.36 33.90
CA GLY H 39 16.65 36.94 34.11
C GLY H 39 17.61 36.23 35.04
N GLN H 40 18.49 36.99 35.68
CA GLN H 40 19.44 36.42 36.64
C GLN H 40 19.22 36.94 38.06
N ILE H 41 19.81 36.23 39.01
CA ILE H 41 19.83 36.67 40.40
C ILE H 41 21.26 36.67 40.92
N LEU H 42 21.49 37.50 41.94
CA LEU H 42 22.74 37.55 42.69
C LEU H 42 22.47 37.04 44.10
N VAL H 43 23.18 35.99 44.47
CA VAL H 43 22.98 35.32 45.76
C VAL H 43 24.26 35.33 46.58
N LYS H 44 24.12 35.70 47.85
CA LYS H 44 25.21 35.53 48.81
C LYS H 44 25.16 34.11 49.32
N ASN H 45 26.16 33.32 49.00
CA ASN H 45 26.20 31.93 49.42
C ASN H 45 26.48 31.83 50.93
N GLU H 46 25.66 31.05 51.63
CA GLU H 46 25.76 30.91 53.09
C GLU H 46 26.22 29.55 53.55
N TYR H 47 25.64 28.51 52.96
CA TYR H 47 26.01 27.12 53.25
C TYR H 47 26.11 26.33 51.96
N LEU H 48 27.13 25.50 51.88
CA LEU H 48 27.34 24.63 50.73
C LEU H 48 27.28 23.17 51.14
N SER H 49 26.71 22.37 50.24
CA SER H 49 26.63 20.94 50.44
C SER H 49 27.91 20.27 49.94
N LEU H 50 28.58 19.56 50.83
CA LEU H 50 29.73 18.72 50.45
C LEU H 50 29.26 17.28 50.35
N ASP H 51 29.43 16.69 49.18
CA ASP H 51 28.92 15.35 48.93
C ASP H 51 29.90 14.45 48.15
N PRO H 52 29.95 13.14 48.48
CA PRO H 52 30.85 12.21 47.77
C PRO H 52 30.66 12.25 46.25
N ALA H 53 29.45 12.54 45.80
CA ALA H 53 29.16 12.71 44.37
C ALA H 53 30.07 13.76 43.69
N MET H 54 30.63 14.67 44.47
CA MET H 54 31.59 15.67 43.97
C MET H 54 32.80 15.01 43.29
N ARG H 55 33.16 13.82 43.76
CA ARG H 55 34.27 13.09 43.15
C ARG H 55 33.94 12.72 41.70
N GLY H 56 32.71 12.28 41.47
CA GLY H 56 32.24 11.96 40.12
C GLY H 56 32.19 13.19 39.23
N TRP H 57 31.78 14.32 39.79
CA TRP H 57 31.72 15.59 39.05
C TRP H 57 33.07 16.07 38.60
N MET H 58 34.11 15.64 39.28
CA MET H 58 35.50 15.99 38.94
C MET H 58 36.15 15.06 37.90
N ASN H 59 35.68 13.80 37.84
CA ASN H 59 36.35 12.70 37.07
C ASN H 59 35.47 11.77 36.21
N ASP H 60 34.17 11.77 36.48
CA ASP H 60 33.24 10.84 35.84
C ASP H 60 32.78 11.37 34.49
N ALA H 61 33.27 10.76 33.41
CA ALA H 61 33.02 11.26 32.03
C ALA H 61 31.59 11.16 31.48
N ARG H 62 30.96 10.01 31.69
CA ARG H 62 29.55 9.75 31.42
C ARG H 62 28.77 9.46 32.71
N SER H 63 28.30 10.56 33.29
CA SER H 63 27.30 10.56 34.34
C SER H 63 26.16 11.43 33.83
N TYR H 64 25.15 11.59 34.66
CA TYR H 64 23.98 12.37 34.28
C TYR H 64 24.23 13.87 34.47
N ILE H 65 25.22 14.21 35.30
CA ILE H 65 25.69 15.60 35.44
C ILE H 65 27.00 15.71 34.71
N PRO H 66 27.12 16.70 33.78
CA PRO H 66 28.37 16.82 33.05
C PRO H 66 29.54 17.10 33.99
N PRO H 67 30.74 16.62 33.65
CA PRO H 67 31.88 16.91 34.49
C PRO H 67 32.15 18.40 34.62
N VAL H 68 32.72 18.80 35.75
CA VAL H 68 33.19 20.17 35.91
C VAL H 68 34.37 20.37 34.97
N GLY H 69 34.34 21.48 34.23
CA GLY H 69 35.45 21.82 33.33
C GLY H 69 36.66 22.31 34.11
N ILE H 70 37.84 22.10 33.54
CA ILE H 70 39.08 22.64 34.10
C ILE H 70 39.00 24.16 34.03
N GLY H 71 39.30 24.82 35.14
CA GLY H 71 39.19 26.28 35.24
C GLY H 71 37.81 26.80 35.62
N GLU H 72 36.83 25.91 35.68
CA GLU H 72 35.47 26.26 36.09
C GLU H 72 35.34 26.25 37.60
N VAL H 73 34.46 27.11 38.10
CA VAL H 73 34.11 27.09 39.53
C VAL H 73 33.57 25.70 39.88
N MET H 74 34.09 25.14 40.96
CA MET H 74 33.67 23.81 41.39
C MET H 74 32.16 23.77 41.68
N ARG H 75 31.52 22.70 41.21
CA ARG H 75 30.07 22.53 41.38
C ARG H 75 29.73 22.23 42.85
N ALA H 76 28.68 22.88 43.34
CA ALA H 76 28.17 22.63 44.69
C ALA H 76 26.72 23.11 44.84
N LEU H 77 25.89 22.25 45.43
CA LEU H 77 24.56 22.67 45.84
C LEU H 77 24.72 23.48 47.11
N GLY H 78 23.86 24.47 47.29
CA GLY H 78 23.96 25.35 48.44
C GLY H 78 22.71 26.12 48.77
N VAL H 79 22.73 26.76 49.92
CA VAL H 79 21.68 27.68 50.33
C VAL H 79 22.26 29.08 50.51
N GLY H 80 21.52 30.08 50.05
CA GLY H 80 22.00 31.44 50.08
C GLY H 80 20.89 32.48 50.10
N LYS H 81 21.28 33.73 50.29
CA LYS H 81 20.34 34.84 50.36
C LYS H 81 20.39 35.66 49.07
N VAL H 82 19.21 35.93 48.52
CA VAL H 82 19.11 36.75 47.31
C VAL H 82 19.37 38.21 47.67
N LEU H 83 20.41 38.80 47.07
CA LEU H 83 20.77 40.20 47.31
C LEU H 83 20.15 41.10 46.25
N VAL H 84 20.25 40.66 44.99
CA VAL H 84 19.66 41.38 43.87
C VAL H 84 18.96 40.38 42.95
N SER H 85 17.74 40.71 42.56
CA SER H 85 17.01 39.89 41.59
C SER H 85 16.55 40.68 40.36
N LYS H 86 16.85 40.12 39.19
CA LYS H 86 16.25 40.57 37.93
C LYS H 86 15.43 39.43 37.31
N HIS H 87 14.76 38.70 38.18
CA HIS H 87 13.95 37.54 37.83
C HIS H 87 12.66 37.65 38.62
N PRO H 88 11.51 37.60 37.95
CA PRO H 88 10.21 37.81 38.64
C PRO H 88 9.86 36.75 39.70
N GLY H 89 10.52 35.61 39.67
CA GLY H 89 10.27 34.54 40.64
C GLY H 89 10.94 34.73 41.98
N PHE H 90 11.84 35.71 42.07
CA PHE H 90 12.66 35.90 43.27
C PHE H 90 12.78 37.38 43.62
N GLN H 91 12.84 37.64 44.92
CA GLN H 91 13.04 39.02 45.42
C GLN H 91 14.20 39.06 46.41
N ALA H 92 14.83 40.23 46.50
CA ALA H 92 15.86 40.49 47.49
C ALA H 92 15.34 40.11 48.87
N GLY H 93 16.16 39.38 49.63
CA GLY H 93 15.78 38.92 50.96
C GLY H 93 15.30 37.46 51.00
N ASP H 94 14.91 36.93 49.84
CA ASP H 94 14.57 35.51 49.73
C ASP H 94 15.79 34.67 50.03
N TYR H 95 15.58 33.55 50.69
CA TYR H 95 16.59 32.50 50.79
C TYR H 95 16.27 31.40 49.80
N VAL H 96 17.31 30.92 49.10
CA VAL H 96 17.13 29.94 48.03
C VAL H 96 18.08 28.75 48.16
N ASN H 97 17.61 27.60 47.66
CA ASN H 97 18.44 26.40 47.46
C ASN H 97 18.70 26.26 45.96
N GLY H 98 19.94 25.92 45.60
CA GLY H 98 20.29 25.73 44.20
C GLY H 98 21.75 25.36 44.00
N ALA H 99 22.15 25.21 42.73
CA ALA H 99 23.54 24.94 42.39
C ALA H 99 24.32 26.26 42.49
N LEU H 100 24.80 26.59 43.69
CA LEU H 100 25.42 27.89 43.96
C LEU H 100 26.92 27.95 43.68
N GLY H 101 27.58 26.80 43.65
CA GLY H 101 29.02 26.70 43.36
C GLY H 101 29.88 26.94 44.60
N VAL H 102 31.14 26.50 44.53
CA VAL H 102 32.08 26.67 45.65
C VAL H 102 32.69 28.08 45.57
N GLN H 103 31.91 29.05 46.04
CA GLN H 103 32.26 30.46 45.92
C GLN H 103 31.47 31.29 46.92
N ASP H 104 31.86 32.56 47.04
CA ASP H 104 31.19 33.50 47.94
C ASP H 104 29.82 33.89 47.44
N TYR H 105 29.75 34.13 46.14
CA TYR H 105 28.54 34.65 45.52
C TYR H 105 28.20 33.85 44.26
N PHE H 106 26.91 33.63 44.08
CA PHE H 106 26.39 33.08 42.82
C PHE H 106 25.69 34.17 42.03
N ILE H 107 26.06 34.27 40.76
CA ILE H 107 25.34 35.10 39.80
C ILE H 107 24.95 34.26 38.60
N GLY H 108 23.66 34.25 38.29
CA GLY H 108 23.17 33.52 37.13
C GLY H 108 21.67 33.25 37.13
N GLU H 109 21.26 32.49 36.13
CA GLU H 109 19.86 32.07 36.01
C GLU H 109 19.56 31.08 37.12
N PRO H 110 18.48 31.31 37.88
CA PRO H 110 18.15 30.42 38.99
C PRO H 110 17.47 29.12 38.57
N LYS H 111 18.09 28.42 37.62
CA LYS H 111 17.53 27.19 37.07
C LYS H 111 17.55 26.07 38.10
N GLY H 112 16.36 25.55 38.40
CA GLY H 112 16.21 24.49 39.40
C GLY H 112 16.26 25.00 40.85
N PHE H 113 16.31 26.32 41.01
CA PHE H 113 16.37 26.93 42.34
C PHE H 113 14.97 26.91 42.94
N TYR H 114 14.90 26.77 44.25
CA TYR H 114 13.64 27.00 44.97
C TYR H 114 13.86 27.78 46.25
N LYS H 115 12.83 28.54 46.62
CA LYS H 115 12.85 29.33 47.84
C LYS H 115 12.72 28.43 49.05
N VAL H 116 13.44 28.77 50.11
CA VAL H 116 13.30 28.07 51.37
C VAL H 116 12.97 29.05 52.50
N ASP H 117 12.20 28.59 53.48
CA ASP H 117 11.71 29.43 54.58
C ASP H 117 12.56 29.21 55.84
N PRO H 118 13.45 30.16 56.16
CA PRO H 118 14.35 29.98 57.31
C PRO H 118 13.67 30.04 58.68
N SER H 119 12.40 30.45 58.72
CA SER H 119 11.66 30.47 59.99
C SER H 119 11.15 29.07 60.37
N ARG H 120 11.13 28.17 59.39
CA ARG H 120 10.52 26.84 59.58
C ARG H 120 11.51 25.73 59.86
N ALA H 121 12.77 25.99 59.56
CA ALA H 121 13.80 24.97 59.69
C ALA H 121 15.12 25.67 59.62
N PRO H 122 16.15 25.13 60.27
CA PRO H 122 17.45 25.76 60.14
C PRO H 122 17.95 25.71 58.68
N LEU H 123 18.64 26.77 58.27
CA LEU H 123 19.11 26.91 56.89
C LEU H 123 19.86 25.70 56.35
N PRO H 124 20.80 25.16 57.14
CA PRO H 124 21.56 24.02 56.63
C PRO H 124 20.72 22.77 56.37
N ARG H 125 19.57 22.67 57.02
CA ARG H 125 18.67 21.53 56.81
C ARG H 125 18.06 21.49 55.42
N TYR H 126 18.03 22.65 54.77
CA TYR H 126 17.60 22.73 53.38
C TYR H 126 18.68 22.18 52.42
N LEU H 127 19.79 21.67 52.97
CA LEU H 127 20.81 20.93 52.20
C LEU H 127 20.83 19.44 52.56
N SER H 128 20.01 19.06 53.52
CA SER H 128 19.99 17.67 53.99
C SER H 128 18.59 17.08 53.80
N ALA H 129 17.87 16.86 54.90
CA ALA H 129 16.54 16.22 54.82
C ALA H 129 15.54 17.02 53.97
N LEU H 130 15.69 18.35 54.02
CA LEU H 130 14.82 19.24 53.23
C LEU H 130 15.55 19.76 52.00
N GLY H 131 16.64 19.09 51.65
CA GLY H 131 17.41 19.37 50.45
C GLY H 131 17.43 18.18 49.49
N MET H 132 18.45 18.15 48.63
CA MET H 132 18.51 17.16 47.56
C MET H 132 18.77 15.73 48.05
N THR H 133 19.51 15.59 49.14
CA THR H 133 19.72 14.24 49.70
C THR H 133 18.42 13.67 50.25
N GLY H 134 17.68 14.50 50.98
CA GLY H 134 16.38 14.11 51.54
C GLY H 134 15.32 13.82 50.47
N MET H 135 15.25 14.67 49.46
CA MET H 135 14.30 14.45 48.35
C MET H 135 14.69 13.25 47.48
N THR H 136 15.99 12.98 47.38
CA THR H 136 16.45 11.76 46.70
C THR H 136 15.88 10.55 47.43
N ALA H 137 16.05 10.51 48.74
CA ALA H 137 15.51 9.41 49.58
C ALA H 137 13.99 9.29 49.42
N TYR H 138 13.32 10.43 49.51
CA TYR H 138 11.86 10.49 49.44
C TYR H 138 11.33 9.92 48.13
N PHE H 139 11.78 10.48 47.01
CA PHE H 139 11.23 10.07 45.71
C PHE H 139 11.72 8.70 45.26
N ALA H 140 12.99 8.43 45.49
CA ALA H 140 13.57 7.14 45.10
C ALA H 140 12.88 6.00 45.82
N LEU H 141 12.73 6.13 47.13
CA LEU H 141 12.09 5.08 47.91
C LEU H 141 10.62 4.93 47.56
N LEU H 142 9.88 6.04 47.62
CA LEU H 142 8.42 5.99 47.51
C LEU H 142 7.91 5.81 46.07
N ASP H 143 8.54 6.47 45.11
CA ASP H 143 8.06 6.38 43.73
C ASP H 143 8.62 5.16 43.00
N VAL H 144 9.87 4.82 43.26
CA VAL H 144 10.51 3.70 42.56
C VAL H 144 10.50 2.42 43.39
N GLY H 145 10.89 2.51 44.65
CA GLY H 145 10.88 1.34 45.53
C GLY H 145 9.48 0.86 45.86
N GLN H 146 8.57 1.81 46.01
CA GLN H 146 7.16 1.55 46.35
C GLN H 146 7.01 0.55 47.51
N PRO H 147 7.62 0.85 48.65
CA PRO H 147 7.55 -0.09 49.75
C PRO H 147 6.14 -0.17 50.30
N LYS H 148 5.78 -1.36 50.79
CA LYS H 148 4.47 -1.60 51.40
C LYS H 148 4.65 -2.09 52.84
N ASN H 149 3.60 -1.87 53.64
CA ASN H 149 3.59 -2.30 55.03
C ASN H 149 4.03 -3.75 55.17
N GLY H 150 4.95 -4.01 56.08
CA GLY H 150 5.42 -5.37 56.35
C GLY H 150 6.54 -5.87 55.45
N GLU H 151 6.85 -5.14 54.39
CA GLU H 151 7.94 -5.52 53.49
C GLU H 151 9.29 -5.26 54.14
N THR H 152 10.30 -5.98 53.67
CA THR H 152 11.65 -5.79 54.13
C THR H 152 12.42 -4.88 53.16
N VAL H 153 12.89 -3.75 53.70
CA VAL H 153 13.66 -2.77 52.96
C VAL H 153 15.11 -2.77 53.45
N VAL H 154 16.03 -3.00 52.53
CA VAL H 154 17.45 -2.92 52.82
C VAL H 154 18.05 -1.65 52.19
N ILE H 155 18.89 -0.96 52.97
CA ILE H 155 19.52 0.29 52.53
C ILE H 155 21.02 0.22 52.61
N SER H 156 21.68 0.43 51.48
CA SER H 156 23.13 0.55 51.45
C SER H 156 23.53 2.01 51.66
N GLY H 157 24.77 2.24 52.07
CA GLY H 157 25.24 3.57 52.49
C GLY H 157 24.28 4.16 53.51
N ALA H 158 23.81 3.31 54.41
CA ALA H 158 22.65 3.61 55.27
C ALA H 158 22.91 4.73 56.29
N ALA H 159 24.17 4.97 56.62
CA ALA H 159 24.54 6.05 57.54
C ALA H 159 24.76 7.37 56.82
N GLY H 160 24.82 7.32 55.49
CA GLY H 160 24.93 8.53 54.67
C GLY H 160 23.67 9.38 54.71
N ALA H 161 23.77 10.58 54.14
CA ALA H 161 22.68 11.55 54.15
C ALA H 161 21.42 11.07 53.42
N VAL H 162 21.59 10.38 52.29
CA VAL H 162 20.45 9.84 51.56
C VAL H 162 19.88 8.61 52.27
N GLY H 163 20.74 7.66 52.56
CA GLY H 163 20.32 6.37 53.13
C GLY H 163 19.67 6.47 54.50
N SER H 164 20.22 7.34 55.35
CA SER H 164 19.69 7.52 56.72
C SER H 164 18.27 8.06 56.70
N VAL H 165 17.98 8.96 55.75
CA VAL H 165 16.63 9.48 55.57
C VAL H 165 15.69 8.40 54.96
N ALA H 166 16.19 7.70 53.94
CA ALA H 166 15.41 6.64 53.27
C ALA H 166 14.91 5.58 54.26
N GLY H 167 15.82 5.13 55.13
CA GLY H 167 15.48 4.12 56.13
C GLY H 167 14.42 4.56 57.11
N GLN H 168 14.45 5.82 57.49
CA GLN H 168 13.47 6.38 58.41
C GLN H 168 12.10 6.49 57.74
N ILE H 169 12.08 6.92 56.48
CA ILE H 169 10.83 6.95 55.71
C ILE H 169 10.23 5.53 55.63
N ALA H 170 11.08 4.56 55.32
CA ALA H 170 10.66 3.15 55.24
C ALA H 170 10.04 2.66 56.55
N ARG H 171 10.64 3.03 57.68
CA ARG H 171 10.11 2.70 59.01
C ARG H 171 8.69 3.28 59.16
N LEU H 172 8.53 4.53 58.75
CA LEU H 172 7.24 5.21 58.84
C LEU H 172 6.15 4.56 57.98
N LYS H 173 6.56 3.85 56.94
CA LYS H 173 5.61 3.13 56.07
C LYS H 173 5.29 1.72 56.56
N GLY H 174 5.85 1.35 57.70
CA GLY H 174 5.55 0.07 58.35
C GLY H 174 6.44 -1.07 57.90
N CYS H 175 7.60 -0.71 57.32
CA CYS H 175 8.51 -1.71 56.80
C CYS H 175 9.49 -2.19 57.86
N ARG H 176 9.99 -3.39 57.65
CA ARG H 176 11.19 -3.84 58.34
C ARG H 176 12.38 -3.21 57.62
N VAL H 177 13.20 -2.48 58.38
CA VAL H 177 14.29 -1.70 57.80
C VAL H 177 15.67 -2.17 58.26
N VAL H 178 16.47 -2.60 57.29
CA VAL H 178 17.82 -3.09 57.56
C VAL H 178 18.86 -2.26 56.82
N GLY H 179 19.80 -1.73 57.60
CA GLY H 179 20.86 -0.90 57.05
C GLY H 179 22.14 -1.67 56.83
N ILE H 180 22.88 -1.27 55.81
CA ILE H 180 24.25 -1.77 55.58
C ILE H 180 25.19 -0.58 55.69
N ALA H 181 26.12 -0.65 56.62
CA ALA H 181 27.08 0.44 56.87
C ALA H 181 28.41 -0.08 57.38
N GLY H 182 29.44 0.74 57.23
CA GLY H 182 30.81 0.37 57.61
C GLY H 182 31.18 0.88 58.98
N GLY H 183 31.41 -0.04 59.92
CA GLY H 183 31.84 0.30 61.28
C GLY H 183 30.77 0.13 62.34
N ALA H 184 31.19 -0.19 63.55
CA ALA H 184 30.28 -0.51 64.65
C ALA H 184 29.46 0.70 65.13
N GLU H 185 30.08 1.88 65.11
CA GLU H 185 29.41 3.09 65.61
C GLU H 185 28.26 3.50 64.68
N LYS H 186 28.53 3.50 63.37
CA LYS H 186 27.49 3.80 62.38
C LYS H 186 26.29 2.88 62.54
N CYS H 187 26.56 1.58 62.65
CA CYS H 187 25.51 0.57 62.78
C CYS H 187 24.69 0.74 64.06
N ARG H 188 25.37 1.03 65.16
CA ARG H 188 24.69 1.32 66.44
C ARG H 188 23.77 2.52 66.29
N PHE H 189 24.32 3.58 65.70
CA PHE H 189 23.57 4.81 65.46
C PHE H 189 22.28 4.56 64.67
N LEU H 190 22.39 3.77 63.61
CA LEU H 190 21.23 3.43 62.78
C LEU H 190 20.12 2.78 63.59
N VAL H 191 20.47 1.81 64.41
CA VAL H 191 19.49 1.04 65.18
C VAL H 191 18.98 1.83 66.37
N GLU H 192 19.90 2.32 67.19
CA GLU H 192 19.53 2.94 68.48
C GLU H 192 18.97 4.35 68.35
N GLU H 193 19.50 5.13 67.41
CA GLU H 193 19.06 6.53 67.23
C GLU H 193 18.00 6.71 66.14
N LEU H 194 18.20 6.07 64.97
CA LEU H 194 17.28 6.27 63.83
C LEU H 194 16.13 5.26 63.76
N GLY H 195 16.21 4.21 64.59
CA GLY H 195 15.12 3.23 64.68
C GLY H 195 15.11 2.17 63.59
N PHE H 196 16.25 1.97 62.94
CA PHE H 196 16.39 0.86 61.99
C PHE H 196 16.17 -0.44 62.79
N ASP H 197 15.53 -1.41 62.17
CA ASP H 197 15.29 -2.72 62.81
C ASP H 197 16.59 -3.51 62.96
N GLY H 198 17.49 -3.31 62.00
CA GLY H 198 18.77 -3.97 62.03
C GLY H 198 19.81 -3.24 61.23
N ALA H 199 21.07 -3.57 61.47
CA ALA H 199 22.19 -2.96 60.77
C ALA H 199 23.30 -3.99 60.62
N ILE H 200 23.82 -4.12 59.41
CA ILE H 200 24.90 -5.05 59.13
C ILE H 200 26.19 -4.29 58.89
N ASP H 201 27.20 -4.61 59.70
CA ASP H 201 28.53 -4.00 59.58
C ASP H 201 29.36 -4.81 58.60
N TYR H 202 29.35 -4.40 57.33
CA TYR H 202 30.00 -5.17 56.27
C TYR H 202 31.52 -5.22 56.39
N LYS H 203 32.09 -4.26 57.12
CA LYS H 203 33.54 -4.24 57.35
C LYS H 203 34.01 -5.22 58.42
N ASN H 204 33.11 -5.57 59.33
CA ASN H 204 33.46 -6.44 60.47
C ASN H 204 32.71 -7.76 60.50
N GLU H 205 31.87 -7.98 59.49
CA GLU H 205 30.98 -9.14 59.46
C GLU H 205 30.68 -9.52 58.02
N ASP H 206 30.49 -10.81 57.76
CA ASP H 206 30.13 -11.27 56.40
C ASP H 206 28.74 -10.79 56.03
N LEU H 207 28.65 -10.07 54.91
CA LEU H 207 27.39 -9.44 54.49
C LEU H 207 26.27 -10.45 54.24
N ALA H 208 26.59 -11.50 53.48
CA ALA H 208 25.64 -12.55 53.15
C ALA H 208 25.04 -13.19 54.41
N ALA H 209 25.90 -13.50 55.38
CA ALA H 209 25.45 -14.04 56.67
C ALA H 209 24.56 -13.03 57.41
N GLY H 210 24.98 -11.77 57.40
CA GLY H 210 24.20 -10.70 58.01
C GLY H 210 22.81 -10.58 57.39
N LEU H 211 22.76 -10.63 56.07
CA LEU H 211 21.48 -10.54 55.34
C LEU H 211 20.58 -11.74 55.64
N LYS H 212 21.18 -12.92 55.71
CA LYS H 212 20.46 -14.15 56.07
C LYS H 212 19.78 -14.00 57.45
N ARG H 213 20.54 -13.46 58.40
CA ARG H 213 20.02 -13.22 59.75
C ARG H 213 18.95 -12.14 59.79
N GLU H 214 19.26 -10.99 59.19
CA GLU H 214 18.42 -9.78 59.32
C GLU H 214 17.22 -9.76 58.38
N CYS H 215 17.29 -10.53 57.29
CA CYS H 215 16.23 -10.58 56.28
C CYS H 215 15.70 -12.00 56.03
N PRO H 216 15.03 -12.60 57.03
CA PRO H 216 14.61 -14.00 56.93
C PRO H 216 13.57 -14.26 55.83
N LYS H 217 12.79 -13.23 55.49
CA LYS H 217 11.78 -13.35 54.42
C LYS H 217 12.25 -12.77 53.07
N GLY H 218 13.56 -12.62 52.92
CA GLY H 218 14.13 -12.03 51.72
C GLY H 218 14.03 -10.51 51.71
N ILE H 219 14.53 -9.91 50.63
CA ILE H 219 14.58 -8.45 50.49
C ILE H 219 13.59 -7.97 49.42
N ASP H 220 12.61 -7.17 49.85
CA ASP H 220 11.57 -6.66 48.95
C ASP H 220 11.97 -5.38 48.24
N VAL H 221 12.68 -4.50 48.95
CA VAL H 221 13.20 -3.28 48.37
C VAL H 221 14.66 -3.09 48.76
N PHE H 222 15.51 -2.89 47.77
CA PHE H 222 16.91 -2.52 48.00
C PHE H 222 17.15 -1.11 47.50
N PHE H 223 17.47 -0.22 48.43
CA PHE H 223 17.83 1.16 48.15
C PHE H 223 19.35 1.22 48.07
N ASP H 224 19.87 1.36 46.86
CA ASP H 224 21.32 1.26 46.63
C ASP H 224 22.00 2.62 46.38
N ASN H 225 22.90 2.96 47.30
CA ASN H 225 23.74 4.16 47.20
C ASN H 225 25.20 3.84 46.91
N VAL H 226 25.58 2.57 46.94
CA VAL H 226 27.00 2.19 46.91
C VAL H 226 27.40 1.29 45.74
N GLY H 227 26.52 0.38 45.37
CA GLY H 227 26.79 -0.53 44.26
C GLY H 227 27.83 -1.57 44.61
N GLY H 228 28.62 -1.97 43.60
CA GLY H 228 29.71 -2.90 43.80
C GLY H 228 29.32 -4.24 44.40
N GLU H 229 30.20 -4.76 45.25
CA GLU H 229 30.03 -6.09 45.84
C GLU H 229 28.83 -6.16 46.79
N ILE H 230 28.53 -5.05 47.45
CA ILE H 230 27.35 -4.99 48.31
C ILE H 230 26.06 -5.25 47.50
N LEU H 231 25.93 -4.56 46.38
CA LEU H 231 24.78 -4.77 45.46
C LEU H 231 24.71 -6.23 45.00
N ASP H 232 25.86 -6.75 44.58
CA ASP H 232 25.93 -8.11 44.06
C ASP H 232 25.49 -9.15 45.11
N THR H 233 25.89 -8.92 46.35
CA THR H 233 25.52 -9.82 47.46
C THR H 233 24.04 -9.69 47.81
N VAL H 234 23.54 -8.47 47.82
CA VAL H 234 22.12 -8.24 48.10
C VAL H 234 21.23 -8.93 47.06
N LEU H 235 21.67 -8.94 45.81
CA LEU H 235 20.95 -9.60 44.72
C LEU H 235 20.66 -11.07 44.99
N THR H 236 21.55 -11.74 45.72
CA THR H 236 21.35 -13.16 46.05
C THR H 236 20.20 -13.39 47.02
N ARG H 237 19.72 -12.33 47.66
CA ARG H 237 18.71 -12.44 48.71
C ARG H 237 17.40 -11.69 48.45
N ILE H 238 17.26 -11.15 47.25
CA ILE H 238 16.01 -10.46 46.91
C ILE H 238 14.84 -11.43 46.82
N ALA H 239 13.67 -10.93 47.19
CA ALA H 239 12.44 -11.69 47.13
C ALA H 239 11.78 -11.58 45.77
N PHE H 240 10.79 -12.44 45.55
CA PHE H 240 9.90 -12.39 44.41
C PHE H 240 9.31 -10.99 44.27
N LYS H 241 9.41 -10.44 43.06
CA LYS H 241 8.91 -9.08 42.74
C LYS H 241 9.60 -7.95 43.51
N ALA H 242 10.86 -8.18 43.88
CA ALA H 242 11.64 -7.15 44.55
C ALA H 242 11.88 -5.95 43.64
N ARG H 243 12.08 -4.80 44.27
CA ARG H 243 12.44 -3.57 43.56
C ARG H 243 13.78 -3.09 44.08
N ILE H 244 14.71 -2.90 43.15
CA ILE H 244 16.02 -2.33 43.44
C ILE H 244 16.07 -0.93 42.84
N VAL H 245 16.28 0.07 43.69
CA VAL H 245 16.41 1.44 43.22
C VAL H 245 17.87 1.88 43.29
N LEU H 246 18.40 2.30 42.15
CA LEU H 246 19.77 2.76 42.04
C LEU H 246 19.81 4.28 42.12
N CYS H 247 20.48 4.78 43.15
CA CYS H 247 20.65 6.23 43.35
C CYS H 247 22.08 6.70 43.19
N GLY H 248 23.02 5.77 43.31
CA GLY H 248 24.43 6.08 43.14
C GLY H 248 25.29 4.86 43.32
N ALA H 249 26.61 5.04 43.19
CA ALA H 249 27.61 3.97 43.37
C ALA H 249 28.94 4.50 43.94
N ILE H 250 28.96 4.73 45.24
CA ILE H 250 30.10 5.37 45.90
C ILE H 250 31.35 4.52 45.77
N SER H 251 31.17 3.21 45.69
CA SER H 251 32.31 2.40 45.19
C SER H 251 33.22 3.10 44.16
N GLY H 261 30.64 -4.92 37.73
CA GLY H 261 29.24 -5.21 37.42
C GLY H 261 28.70 -6.37 38.22
N PRO H 262 27.38 -6.36 38.52
CA PRO H 262 26.80 -7.43 39.33
C PRO H 262 26.67 -8.78 38.62
N ALA H 263 27.53 -9.71 39.00
CA ALA H 263 27.52 -11.07 38.44
C ALA H 263 26.22 -11.82 38.76
N ASN H 264 25.52 -11.40 39.81
CA ASN H 264 24.27 -12.04 40.23
C ASN H 264 22.99 -11.38 39.66
N TYR H 265 23.16 -10.61 38.59
CA TYR H 265 22.04 -9.85 38.00
C TYR H 265 20.87 -10.73 37.55
N LEU H 266 21.17 -11.98 37.18
CA LEU H 266 20.12 -12.93 36.77
C LEU H 266 19.14 -13.30 37.89
N SER H 267 19.49 -12.94 39.13
CA SER H 267 18.53 -13.02 40.22
C SER H 267 17.26 -12.21 39.89
N LEU H 268 17.41 -11.16 39.11
CA LEU H 268 16.26 -10.37 38.62
C LEU H 268 15.30 -11.20 37.77
N LEU H 269 15.84 -12.16 37.04
CA LEU H 269 15.07 -13.11 36.25
C LEU H 269 14.40 -14.15 37.17
N VAL H 270 15.22 -14.83 37.96
CA VAL H 270 14.74 -15.87 38.89
C VAL H 270 13.60 -15.36 39.78
N ASN H 271 13.76 -14.14 40.27
CA ASN H 271 12.80 -13.52 41.19
C ASN H 271 11.82 -12.56 40.50
N ARG H 272 11.93 -12.45 39.18
CA ARG H 272 11.05 -11.57 38.40
C ARG H 272 10.95 -10.21 39.08
N ALA H 273 12.13 -9.66 39.31
CA ALA H 273 12.33 -8.42 40.04
C ALA H 273 12.77 -7.31 39.09
N ARG H 274 12.75 -6.08 39.62
CA ARG H 274 13.00 -4.88 38.86
C ARG H 274 14.19 -4.10 39.45
N MET H 275 15.09 -3.66 38.57
CA MET H 275 16.19 -2.76 38.93
C MET H 275 16.07 -1.47 38.12
N GLU H 276 15.98 -0.35 38.82
CA GLU H 276 15.68 0.91 38.19
C GLU H 276 16.47 2.09 38.76
N GLY H 277 16.97 2.92 37.86
CA GLY H 277 17.72 4.12 38.23
C GLY H 277 16.81 5.32 38.38
N MET H 278 17.22 6.26 39.23
CA MET H 278 16.53 7.53 39.38
C MET H 278 17.49 8.67 39.69
N VAL H 279 17.02 9.87 39.38
CA VAL H 279 17.74 11.10 39.64
C VAL H 279 16.73 12.10 40.19
N VAL H 280 17.07 12.76 41.29
CA VAL H 280 16.09 13.58 42.02
C VAL H 280 15.54 14.76 41.21
N MET H 281 16.35 15.34 40.35
CA MET H 281 15.89 16.50 39.55
C MET H 281 14.72 16.16 38.60
N ASP H 282 14.57 14.88 38.26
CA ASP H 282 13.40 14.45 37.45
C ASP H 282 12.08 14.68 38.19
N TYR H 283 12.16 14.85 39.50
CA TYR H 283 10.96 15.03 40.34
C TYR H 283 10.69 16.49 40.74
N ALA H 284 11.41 17.42 40.12
CA ALA H 284 11.34 18.84 40.47
C ALA H 284 9.93 19.37 40.64
N GLN H 285 9.04 18.97 39.72
CA GLN H 285 7.65 19.43 39.74
C GLN H 285 6.88 19.00 40.97
N ARG H 286 7.37 17.96 41.64
CA ARG H 286 6.72 17.42 42.83
C ARG H 286 7.42 17.81 44.12
N PHE H 287 8.46 18.62 44.03
CA PHE H 287 9.19 19.06 45.22
C PHE H 287 8.28 19.69 46.29
N PRO H 288 7.36 20.58 45.90
CA PRO H 288 6.55 21.23 46.96
C PRO H 288 5.81 20.26 47.86
N GLU H 289 5.17 19.25 47.28
CA GLU H 289 4.40 18.28 48.10
C GLU H 289 5.36 17.40 48.90
N GLY H 290 6.49 17.04 48.31
CA GLY H 290 7.51 16.24 48.98
C GLY H 290 8.14 16.97 50.17
N LEU H 291 8.53 18.22 49.94
CA LEU H 291 9.10 19.07 50.99
C LEU H 291 8.10 19.29 52.11
N LYS H 292 6.85 19.54 51.74
CA LYS H 292 5.77 19.76 52.71
C LYS H 292 5.59 18.54 53.62
N GLU H 293 5.53 17.34 53.05
CA GLU H 293 5.40 16.13 53.86
C GLU H 293 6.62 15.88 54.74
N MET H 294 7.81 16.01 54.15
CA MET H 294 9.07 15.84 54.89
C MET H 294 9.12 16.80 56.10
N ALA H 295 8.73 18.04 55.88
CA ALA H 295 8.72 19.06 56.95
C ALA H 295 7.84 18.65 58.13
N THR H 296 6.69 18.07 57.86
CA THR H 296 5.78 17.61 58.93
C THR H 296 6.37 16.41 59.69
N TRP H 297 7.00 15.49 58.97
CA TRP H 297 7.68 14.35 59.63
C TRP H 297 8.74 14.84 60.58
N LEU H 298 9.53 15.81 60.11
CA LEU H 298 10.57 16.43 60.95
C LEU H 298 9.96 17.12 62.17
N ALA H 299 8.95 17.94 61.93
CA ALA H 299 8.28 18.71 62.99
C ALA H 299 7.66 17.82 64.07
N GLU H 300 7.11 16.68 63.63
CA GLU H 300 6.47 15.72 64.54
C GLU H 300 7.46 14.80 65.24
N GLY H 301 8.73 14.91 64.88
CA GLY H 301 9.78 14.07 65.48
C GLY H 301 9.80 12.64 64.96
N LYS H 302 9.07 12.39 63.88
CA LYS H 302 9.00 11.07 63.26
C LYS H 302 10.25 10.77 62.44
N LEU H 303 10.93 11.83 62.01
CA LEU H 303 12.15 11.71 61.23
C LEU H 303 13.20 12.69 61.76
N GLN H 304 14.45 12.22 61.86
CA GLN H 304 15.58 13.01 62.38
C GLN H 304 16.60 13.33 61.30
N SER H 305 17.20 14.51 61.38
CA SER H 305 18.22 14.93 60.45
C SER H 305 19.45 15.51 61.14
N ARG H 306 20.62 14.99 60.80
CA ARG H 306 21.87 15.49 61.36
C ARG H 306 22.75 16.15 60.34
N GLU H 307 23.24 17.34 60.66
CA GLU H 307 24.19 18.05 59.81
C GLU H 307 25.52 18.25 60.53
N ASP H 308 26.60 17.99 59.82
CA ASP H 308 27.95 18.26 60.30
C ASP H 308 28.46 19.53 59.65
N ILE H 309 28.48 20.61 60.43
CA ILE H 309 28.80 21.95 59.89
C ILE H 309 30.24 22.35 60.16
N VAL H 310 30.99 22.60 59.10
CA VAL H 310 32.36 23.13 59.18
C VAL H 310 32.44 24.55 58.59
N GLU H 311 33.24 25.43 59.21
CA GLU H 311 33.22 26.86 58.88
C GLU H 311 34.40 27.35 58.03
N GLY H 312 34.07 28.18 57.04
CA GLY H 312 35.05 28.90 56.22
C GLY H 312 35.22 28.35 54.81
N LEU H 313 34.82 29.15 53.82
CA LEU H 313 34.98 28.79 52.40
C LEU H 313 36.41 28.34 52.08
N GLU H 314 37.38 29.07 52.65
CA GLU H 314 38.82 28.86 52.40
C GLU H 314 39.29 27.46 52.83
N THR H 315 38.59 26.84 53.76
CA THR H 315 38.93 25.48 54.23
C THR H 315 38.44 24.34 53.31
N PHE H 316 37.78 24.70 52.21
CA PHE H 316 37.10 23.73 51.34
C PHE H 316 37.91 22.47 50.99
N PRO H 317 39.12 22.62 50.42
CA PRO H 317 39.90 21.43 50.03
C PRO H 317 40.17 20.45 51.18
N GLU H 318 40.49 20.99 52.36
CA GLU H 318 40.74 20.16 53.55
C GLU H 318 39.42 19.57 54.08
N THR H 319 38.40 20.40 54.19
CA THR H 319 37.07 19.96 54.67
C THR H 319 36.47 18.87 53.78
N LEU H 320 36.70 18.98 52.48
CA LEU H 320 36.27 17.96 51.52
C LEU H 320 36.83 16.57 51.83
N LEU H 321 38.07 16.51 52.29
CA LEU H 321 38.70 15.23 52.69
C LEU H 321 37.98 14.55 53.86
N LYS H 322 37.39 15.35 54.74
CA LYS H 322 36.61 14.83 55.88
C LYS H 322 35.45 13.91 55.41
N LEU H 323 35.02 14.13 54.18
CA LEU H 323 33.99 13.33 53.54
C LEU H 323 34.41 11.86 53.40
N PHE H 324 35.71 11.63 53.23
CA PHE H 324 36.26 10.28 53.06
C PHE H 324 36.96 9.72 54.30
N SER H 325 36.62 10.26 55.48
CA SER H 325 37.17 9.82 56.76
C SER H 325 36.37 8.69 57.41
N GLY H 326 35.16 8.45 56.89
CA GLY H 326 34.30 7.42 57.45
C GLY H 326 33.89 7.71 58.90
N GLU H 327 33.85 8.98 59.27
CA GLU H 327 33.49 9.38 60.63
C GLU H 327 31.99 9.26 60.92
N GLY H 330 27.26 12.90 60.03
CA GLY H 330 26.04 13.38 59.42
C GLY H 330 26.34 14.13 58.14
N LYS H 331 25.30 14.69 57.51
CA LYS H 331 25.42 15.39 56.23
C LYS H 331 26.44 16.53 56.33
N LEU H 332 27.47 16.48 55.49
CA LEU H 332 28.57 17.44 55.56
C LEU H 332 28.20 18.77 54.89
N VAL H 333 28.27 19.84 55.67
CA VAL H 333 27.91 21.18 55.23
C VAL H 333 29.03 22.17 55.52
N LEU H 334 29.37 22.96 54.50
CA LEU H 334 30.39 24.01 54.63
C LEU H 334 29.74 25.38 54.78
N LYS H 335 29.93 26.01 55.93
CA LYS H 335 29.44 27.37 56.15
C LYS H 335 30.39 28.39 55.51
N VAL H 336 29.84 29.24 54.65
CA VAL H 336 30.48 30.42 54.00
C VAL H 336 30.63 30.11 52.52
N GLN I 6 -30.69 -0.17 -66.07
CA GLN I 6 -30.86 -1.60 -65.72
C GLN I 6 -31.59 -1.72 -64.39
N ILE I 7 -32.35 -2.80 -64.23
CA ILE I 7 -33.20 -3.00 -63.05
C ILE I 7 -32.70 -4.12 -62.14
N ASN I 8 -32.65 -3.83 -60.84
CA ASN I 8 -32.33 -4.83 -59.82
C ASN I 8 -33.59 -5.21 -59.05
N ARG I 9 -34.09 -6.41 -59.29
CA ARG I 9 -35.25 -6.91 -58.57
C ARG I 9 -34.80 -7.40 -57.21
N GLN I 10 -35.57 -7.05 -56.18
CA GLN I 10 -35.21 -7.36 -54.80
C GLN I 10 -36.42 -7.84 -54.02
N TYR I 11 -36.18 -8.82 -53.17
CA TYR I 11 -37.16 -9.16 -52.14
C TYR I 11 -36.75 -8.50 -50.83
N GLN I 12 -37.59 -7.60 -50.35
CA GLN I 12 -37.36 -6.93 -49.09
C GLN I 12 -38.21 -7.57 -48.00
N LEU I 13 -37.72 -7.50 -46.77
CA LEU I 13 -38.50 -7.97 -45.62
C LEU I 13 -39.56 -6.92 -45.30
N ALA I 14 -40.82 -7.33 -45.36
CA ALA I 14 -41.97 -6.42 -45.18
C ALA I 14 -42.53 -6.50 -43.76
N GLN I 15 -42.71 -7.72 -43.28
CA GLN I 15 -43.27 -8.00 -41.96
C GLN I 15 -42.54 -9.16 -41.34
N ARG I 16 -42.24 -9.09 -40.05
CA ARG I 16 -41.70 -10.25 -39.33
C ARG I 16 -42.82 -11.27 -39.17
N PRO I 17 -42.61 -12.52 -39.64
CA PRO I 17 -43.67 -13.52 -39.58
C PRO I 17 -43.87 -14.08 -38.18
N SER I 18 -45.14 -14.37 -37.87
CA SER I 18 -45.51 -15.18 -36.73
C SER I 18 -45.64 -16.62 -37.27
N GLY I 19 -44.84 -17.53 -36.73
CA GLY I 19 -44.69 -18.86 -37.28
C GLY I 19 -43.97 -18.86 -38.61
N LEU I 20 -44.56 -19.51 -39.62
CA LEU I 20 -43.93 -19.66 -40.93
C LEU I 20 -44.10 -18.41 -41.78
N PRO I 21 -43.15 -18.16 -42.70
CA PRO I 21 -43.32 -17.03 -43.61
C PRO I 21 -44.40 -17.28 -44.64
N GLY I 22 -45.05 -16.21 -45.07
CA GLY I 22 -46.15 -16.30 -46.02
C GLY I 22 -46.03 -15.28 -47.13
N ARG I 23 -47.15 -15.02 -47.79
CA ARG I 23 -47.28 -13.87 -48.66
C ARG I 23 -47.69 -12.78 -47.75
N ASP I 24 -47.09 -11.64 -48.05
CA ASP I 24 -47.03 -10.47 -47.19
C ASP I 24 -45.76 -10.43 -46.30
N THR I 25 -45.02 -11.52 -46.09
CA THR I 25 -43.74 -11.45 -45.34
C THR I 25 -42.73 -10.62 -46.13
N PHE I 26 -42.72 -10.81 -47.44
CA PHE I 26 -41.78 -10.13 -48.32
C PHE I 26 -42.47 -9.21 -49.33
N SER I 27 -41.74 -8.18 -49.72
CA SER I 27 -42.15 -7.29 -50.77
C SER I 27 -41.23 -7.38 -51.96
N PHE I 28 -41.81 -7.59 -53.14
CA PHE I 28 -41.05 -7.65 -54.38
C PHE I 28 -40.93 -6.26 -54.97
N VAL I 29 -39.71 -5.73 -55.00
CA VAL I 29 -39.49 -4.35 -55.44
C VAL I 29 -38.46 -4.29 -56.60
N GLU I 30 -38.71 -3.35 -57.52
CA GLU I 30 -37.79 -3.10 -58.61
C GLU I 30 -37.05 -1.81 -58.33
N THR I 31 -35.73 -1.90 -58.32
CA THR I 31 -34.86 -0.78 -57.99
C THR I 31 -33.88 -0.54 -59.13
N PRO I 32 -33.59 0.74 -59.43
CA PRO I 32 -32.57 0.97 -60.45
C PRO I 32 -31.20 0.47 -60.01
N LEU I 33 -30.50 -0.20 -60.91
CA LEU I 33 -29.18 -0.73 -60.61
C LEU I 33 -28.17 0.41 -60.54
N GLY I 34 -27.55 0.57 -59.37
CA GLY I 34 -26.54 1.61 -59.18
C GLY I 34 -25.17 1.21 -59.69
N GLU I 35 -24.16 1.97 -59.28
CA GLU I 35 -22.75 1.71 -59.63
C GLU I 35 -21.95 1.54 -58.34
N PRO I 36 -20.94 0.65 -58.34
CA PRO I 36 -20.16 0.51 -57.12
C PRO I 36 -19.31 1.74 -56.86
N ALA I 37 -19.23 2.13 -55.60
CA ALA I 37 -18.31 3.19 -55.17
C ALA I 37 -16.97 2.55 -54.88
N GLU I 38 -15.99 3.40 -54.57
CA GLU I 38 -14.66 2.94 -54.23
C GLU I 38 -14.68 1.94 -53.06
N GLY I 39 -13.88 0.88 -53.18
CA GLY I 39 -13.86 -0.20 -52.18
C GLY I 39 -15.04 -1.15 -52.28
N GLN I 40 -15.86 -0.99 -53.31
CA GLN I 40 -17.02 -1.85 -53.52
C GLN I 40 -16.90 -2.68 -54.79
N ILE I 41 -17.73 -3.72 -54.86
CA ILE I 41 -17.88 -4.50 -56.10
C ILE I 41 -19.34 -4.58 -56.50
N LEU I 42 -19.54 -4.83 -57.80
CA LEU I 42 -20.86 -5.11 -58.36
C LEU I 42 -20.88 -6.55 -58.83
N VAL I 43 -21.81 -7.32 -58.29
CA VAL I 43 -21.91 -8.75 -58.56
C VAL I 43 -23.27 -9.10 -59.17
N LYS I 44 -23.24 -9.88 -60.26
CA LYS I 44 -24.46 -10.50 -60.79
C LYS I 44 -24.72 -11.77 -60.01
N ASN I 45 -25.80 -11.78 -59.24
CA ASN I 45 -26.13 -12.95 -58.43
C ASN I 45 -26.61 -14.12 -59.31
N GLU I 46 -26.05 -15.30 -59.10
CA GLU I 46 -26.37 -16.48 -59.91
C GLU I 46 -27.14 -17.55 -59.15
N TYR I 47 -26.67 -17.84 -57.94
CA TYR I 47 -27.31 -18.81 -57.06
C TYR I 47 -27.35 -18.28 -55.64
N LEU I 48 -28.49 -18.50 -54.98
CA LEU I 48 -28.69 -18.09 -53.60
C LEU I 48 -28.93 -19.29 -52.71
N SER I 49 -28.37 -19.21 -51.50
CA SER I 49 -28.56 -20.25 -50.50
C SER I 49 -29.85 -19.99 -49.73
N LEU I 50 -30.76 -20.95 -49.76
CA LEU I 50 -31.96 -20.92 -48.94
C LEU I 50 -31.74 -21.82 -47.72
N ASP I 51 -31.81 -21.25 -46.54
CA ASP I 51 -31.49 -21.98 -45.33
C ASP I 51 -32.48 -21.72 -44.18
N PRO I 52 -32.80 -22.77 -43.37
CA PRO I 52 -33.73 -22.58 -42.24
C PRO I 52 -33.34 -21.45 -41.31
N ALA I 53 -32.04 -21.18 -41.20
CA ALA I 53 -31.53 -20.05 -40.41
C ALA I 53 -32.15 -18.70 -40.84
N MET I 54 -32.65 -18.63 -42.07
CA MET I 54 -33.34 -17.43 -42.58
C MET I 54 -34.51 -17.03 -41.70
N ARG I 55 -35.16 -18.02 -41.09
CA ARG I 55 -36.28 -17.78 -40.20
C ARG I 55 -35.81 -16.96 -38.97
N GLY I 56 -34.65 -17.32 -38.43
CA GLY I 56 -34.06 -16.57 -37.32
C GLY I 56 -33.65 -15.16 -37.71
N TRP I 57 -33.14 -15.01 -38.93
CA TRP I 57 -32.73 -13.69 -39.45
C TRP I 57 -33.87 -12.74 -39.59
N MET I 58 -35.07 -13.29 -39.74
CA MET I 58 -36.28 -12.49 -39.88
C MET I 58 -36.90 -12.07 -38.56
N ASN I 59 -36.69 -12.87 -37.52
CA ASN I 59 -37.46 -12.61 -36.28
C ASN I 59 -36.92 -13.02 -34.94
N ASP I 60 -35.69 -13.50 -34.98
CA ASP I 60 -34.89 -13.74 -33.79
C ASP I 60 -34.11 -12.49 -33.42
N ALA I 61 -34.57 -11.84 -32.37
CA ALA I 61 -33.81 -10.76 -31.73
C ALA I 61 -32.47 -11.26 -31.14
N ARG I 62 -32.48 -12.48 -30.61
CA ARG I 62 -31.30 -13.08 -29.91
C ARG I 62 -30.08 -13.44 -30.83
N SER I 63 -30.24 -13.26 -32.11
CA SER I 63 -29.24 -13.87 -33.02
C SER I 63 -27.82 -13.32 -33.01
N TYR I 64 -26.82 -14.15 -33.37
CA TYR I 64 -25.44 -13.66 -33.51
C TYR I 64 -25.25 -12.89 -34.81
N ILE I 65 -26.12 -13.13 -35.76
CA ILE I 65 -26.20 -12.31 -36.97
C ILE I 65 -27.39 -11.38 -36.75
N PRO I 66 -27.18 -10.05 -36.89
CA PRO I 66 -28.28 -9.12 -36.57
C PRO I 66 -29.50 -9.38 -37.43
N PRO I 67 -30.70 -9.14 -36.88
CA PRO I 67 -31.90 -9.36 -37.67
C PRO I 67 -31.93 -8.47 -38.92
N VAL I 68 -32.59 -8.99 -39.95
CA VAL I 68 -32.83 -8.21 -41.15
C VAL I 68 -33.81 -7.08 -40.78
N GLY I 69 -33.47 -5.87 -41.22
CA GLY I 69 -34.33 -4.71 -40.96
C GLY I 69 -35.56 -4.74 -41.85
N ILE I 70 -36.66 -4.16 -41.37
CA ILE I 70 -37.86 -3.98 -42.18
C ILE I 70 -37.52 -3.04 -43.33
N GLY I 71 -37.89 -3.43 -44.55
CA GLY I 71 -37.58 -2.65 -45.76
C GLY I 71 -36.21 -2.93 -46.35
N GLU I 72 -35.41 -3.72 -45.66
CA GLU I 72 -34.08 -4.12 -46.16
C GLU I 72 -34.21 -5.32 -47.09
N VAL I 73 -33.31 -5.42 -48.05
CA VAL I 73 -33.21 -6.59 -48.91
C VAL I 73 -32.96 -7.82 -48.04
N MET I 74 -33.74 -8.88 -48.26
CA MET I 74 -33.63 -10.10 -47.46
C MET I 74 -32.22 -10.69 -47.53
N ARG I 75 -31.70 -11.09 -46.37
CA ARG I 75 -30.36 -11.64 -46.28
C ARG I 75 -30.28 -13.02 -46.95
N ALA I 76 -29.22 -13.22 -47.72
CA ALA I 76 -28.93 -14.51 -48.33
C ALA I 76 -27.47 -14.64 -48.70
N LEU I 77 -26.88 -15.78 -48.36
CA LEU I 77 -25.57 -16.14 -48.89
C LEU I 77 -25.79 -16.57 -50.34
N GLY I 78 -24.82 -16.28 -51.20
CA GLY I 78 -24.94 -16.63 -52.59
C GLY I 78 -23.61 -16.70 -53.32
N VAL I 79 -23.70 -17.18 -54.55
CA VAL I 79 -22.58 -17.18 -55.46
C VAL I 79 -22.94 -16.34 -56.68
N GLY I 80 -21.98 -15.53 -57.13
CA GLY I 80 -22.21 -14.63 -58.24
C GLY I 80 -20.95 -14.25 -58.98
N LYS I 81 -21.14 -13.56 -60.09
CA LYS I 81 -20.05 -13.13 -60.97
C LYS I 81 -19.77 -11.64 -60.80
N VAL I 82 -18.51 -11.31 -60.59
CA VAL I 82 -18.12 -9.91 -60.49
C VAL I 82 -18.17 -9.25 -61.86
N LEU I 83 -19.01 -8.23 -61.98
CA LEU I 83 -19.14 -7.45 -63.23
C LEU I 83 -18.22 -6.24 -63.22
N VAL I 84 -18.21 -5.52 -62.10
CA VAL I 84 -17.36 -4.35 -61.92
C VAL I 84 -16.72 -4.38 -60.53
N SER I 85 -15.41 -4.15 -60.47
CA SER I 85 -14.71 -4.07 -59.19
C SER I 85 -13.96 -2.75 -59.01
N LYS I 86 -14.18 -2.13 -57.85
CA LYS I 86 -13.36 -1.02 -57.38
C LYS I 86 -12.68 -1.41 -56.06
N HIS I 87 -12.28 -2.67 -56.01
CA HIS I 87 -11.64 -3.28 -54.84
C HIS I 87 -10.47 -4.09 -55.32
N PRO I 88 -9.27 -3.88 -54.76
CA PRO I 88 -8.05 -4.53 -55.27
C PRO I 88 -8.03 -6.05 -55.13
N GLY I 89 -8.88 -6.59 -54.28
CA GLY I 89 -8.97 -8.04 -54.06
C GLY I 89 -9.76 -8.80 -55.10
N PHE I 90 -10.46 -8.08 -55.98
CA PHE I 90 -11.39 -8.69 -56.92
C PHE I 90 -11.32 -8.04 -58.30
N GLN I 91 -11.55 -8.87 -59.32
CA GLN I 91 -11.56 -8.40 -60.69
C GLN I 91 -12.83 -8.85 -61.40
N ALA I 92 -13.23 -8.08 -62.41
CA ALA I 92 -14.32 -8.46 -63.30
C ALA I 92 -14.07 -9.86 -63.86
N GLY I 93 -15.10 -10.70 -63.82
CA GLY I 93 -14.98 -12.09 -64.28
C GLY I 93 -14.77 -13.10 -63.16
N ASP I 94 -14.31 -12.62 -62.00
CA ASP I 94 -14.21 -13.47 -60.81
C ASP I 94 -15.59 -13.95 -60.39
N TYR I 95 -15.66 -15.19 -59.93
CA TYR I 95 -16.85 -15.68 -59.23
C TYR I 95 -16.59 -15.65 -57.73
N VAL I 96 -17.58 -15.20 -56.97
CA VAL I 96 -17.43 -15.03 -55.54
C VAL I 96 -18.58 -15.64 -54.74
N ASN I 97 -18.24 -16.05 -53.52
CA ASN I 97 -19.22 -16.46 -52.50
C ASN I 97 -19.29 -15.34 -51.47
N GLY I 98 -20.50 -15.00 -51.05
CA GLY I 98 -20.70 -13.96 -50.04
C GLY I 98 -22.17 -13.71 -49.70
N ALA I 99 -22.41 -12.75 -48.82
CA ALA I 99 -23.78 -12.33 -48.48
C ALA I 99 -24.31 -11.44 -49.60
N LEU I 100 -24.88 -12.07 -50.63
CA LEU I 100 -25.29 -11.35 -51.86
C LEU I 100 -26.72 -10.79 -51.78
N GLY I 101 -27.54 -11.33 -50.89
CA GLY I 101 -28.93 -10.87 -50.71
C GLY I 101 -29.91 -11.48 -51.72
N VAL I 102 -31.21 -11.44 -51.40
CA VAL I 102 -32.25 -11.99 -52.28
C VAL I 102 -32.59 -10.96 -53.34
N GLN I 103 -31.74 -10.90 -54.35
CA GLN I 103 -31.83 -9.89 -55.39
C GLN I 103 -31.04 -10.31 -56.62
N ASP I 104 -31.23 -9.58 -57.71
CA ASP I 104 -30.53 -9.87 -58.97
C ASP I 104 -29.06 -9.51 -58.89
N TYR I 105 -28.78 -8.37 -58.27
CA TYR I 105 -27.44 -7.80 -58.22
C TYR I 105 -27.07 -7.37 -56.80
N PHE I 106 -25.82 -7.63 -56.44
CA PHE I 106 -25.24 -7.12 -55.18
C PHE I 106 -24.26 -6.00 -55.49
N ILE I 107 -24.42 -4.89 -54.77
CA ILE I 107 -23.44 -3.80 -54.79
C ILE I 107 -23.03 -3.47 -53.36
N GLY I 108 -21.74 -3.51 -53.10
CA GLY I 108 -21.23 -3.19 -51.77
C GLY I 108 -19.82 -3.67 -51.49
N GLU I 109 -19.40 -3.47 -50.24
CA GLU I 109 -18.10 -3.92 -49.76
C GLU I 109 -18.13 -5.44 -49.68
N PRO I 110 -17.12 -6.11 -50.25
CA PRO I 110 -17.13 -7.57 -50.27
C PRO I 110 -16.63 -8.18 -48.96
N LYS I 111 -17.23 -7.75 -47.85
CA LYS I 111 -16.83 -8.20 -46.52
C LYS I 111 -17.17 -9.67 -46.32
N GLY I 112 -16.15 -10.47 -46.04
CA GLY I 112 -16.31 -11.91 -45.84
C GLY I 112 -16.44 -12.69 -47.15
N PHE I 113 -16.29 -12.01 -48.27
CA PHE I 113 -16.42 -12.64 -49.59
C PHE I 113 -15.15 -13.40 -49.90
N TYR I 114 -15.28 -14.51 -50.60
CA TYR I 114 -14.11 -15.20 -51.15
C TYR I 114 -14.35 -15.68 -52.58
N LYS I 115 -13.28 -15.72 -53.35
CA LYS I 115 -13.34 -16.16 -54.74
C LYS I 115 -13.52 -17.66 -54.79
N VAL I 116 -14.32 -18.11 -55.75
CA VAL I 116 -14.49 -19.54 -56.00
C VAL I 116 -14.15 -19.88 -57.45
N ASP I 117 -13.62 -21.08 -57.66
CA ASP I 117 -13.15 -21.51 -58.99
C ASP I 117 -14.19 -22.42 -59.64
N PRO I 118 -14.95 -21.90 -60.63
CA PRO I 118 -15.99 -22.70 -61.27
C PRO I 118 -15.51 -23.86 -62.13
N SER I 119 -14.21 -23.92 -62.42
CA SER I 119 -13.65 -25.04 -63.17
C SER I 119 -13.45 -26.28 -62.29
N ARG I 120 -13.45 -26.08 -60.97
CA ARG I 120 -13.12 -27.16 -60.02
C ARG I 120 -14.33 -27.85 -59.43
N ALA I 121 -15.48 -27.19 -59.50
CA ALA I 121 -16.68 -27.69 -58.87
C ALA I 121 -17.84 -26.93 -59.44
N PRO I 122 -19.03 -27.56 -59.50
CA PRO I 122 -20.18 -26.78 -59.93
C PRO I 122 -20.46 -25.60 -59.00
N LEU I 123 -20.90 -24.49 -59.59
CA LEU I 123 -21.13 -23.24 -58.85
C LEU I 123 -22.00 -23.40 -57.61
N PRO I 124 -23.14 -24.11 -57.72
CA PRO I 124 -23.99 -24.26 -56.55
C PRO I 124 -23.35 -24.99 -55.38
N ARG I 125 -22.33 -25.80 -55.66
CA ARG I 125 -21.63 -26.55 -54.61
C ARG I 125 -20.83 -25.63 -53.68
N TYR I 126 -20.52 -24.45 -54.17
CA TYR I 126 -19.88 -23.42 -53.34
C TYR I 126 -20.89 -22.79 -52.35
N LEU I 127 -22.12 -23.28 -52.35
CA LEU I 127 -23.14 -22.91 -51.34
C LEU I 127 -23.48 -24.08 -50.42
N SER I 128 -22.89 -25.24 -50.69
CA SER I 128 -23.17 -26.44 -49.90
C SER I 128 -21.88 -26.96 -49.26
N ALA I 129 -21.38 -28.09 -49.74
CA ALA I 129 -20.18 -28.72 -49.15
C ALA I 129 -18.95 -27.81 -49.21
N LEU I 130 -18.86 -27.01 -50.27
CA LEU I 130 -17.75 -26.05 -50.43
C LEU I 130 -18.19 -24.63 -50.09
N GLY I 131 -19.31 -24.54 -49.39
CA GLY I 131 -19.83 -23.28 -48.88
C GLY I 131 -19.89 -23.26 -47.36
N MET I 132 -20.75 -22.40 -46.83
CA MET I 132 -20.83 -22.17 -45.38
C MET I 132 -21.39 -23.35 -44.61
N THR I 133 -22.31 -24.10 -45.22
CA THR I 133 -22.87 -25.29 -44.55
C THR I 133 -21.78 -26.34 -44.39
N GLY I 134 -21.02 -26.56 -45.45
CA GLY I 134 -19.92 -27.53 -45.44
C GLY I 134 -18.79 -27.14 -44.50
N MET I 135 -18.41 -25.88 -44.51
CA MET I 135 -17.34 -25.37 -43.60
C MET I 135 -17.81 -25.34 -42.14
N THR I 136 -19.11 -25.14 -41.92
CA THR I 136 -19.66 -25.26 -40.58
C THR I 136 -19.43 -26.68 -40.06
N ALA I 137 -19.81 -27.67 -40.88
CA ALA I 137 -19.62 -29.09 -40.52
C ALA I 137 -18.16 -29.39 -40.26
N TYR I 138 -17.30 -28.93 -41.17
CA TYR I 138 -15.87 -29.19 -41.11
C TYR I 138 -15.23 -28.68 -39.82
N PHE I 139 -15.40 -27.39 -39.56
CA PHE I 139 -14.73 -26.77 -38.40
C PHE I 139 -15.40 -27.13 -37.09
N ALA I 140 -16.72 -27.17 -37.07
CA ALA I 140 -17.44 -27.52 -35.86
C ALA I 140 -17.10 -28.92 -35.40
N LEU I 141 -17.14 -29.88 -36.32
CA LEU I 141 -16.83 -31.26 -35.97
C LEU I 141 -15.37 -31.42 -35.55
N LEU I 142 -14.47 -30.97 -36.42
CA LEU I 142 -13.05 -31.27 -36.25
C LEU I 142 -12.34 -30.41 -35.20
N ASP I 143 -12.69 -29.13 -35.13
CA ASP I 143 -12.03 -28.24 -34.15
C ASP I 143 -12.69 -28.29 -32.78
N VAL I 144 -14.02 -28.39 -32.73
CA VAL I 144 -14.73 -28.39 -31.45
C VAL I 144 -15.07 -29.80 -30.98
N GLY I 145 -15.64 -30.62 -31.87
CA GLY I 145 -15.99 -32.00 -31.52
C GLY I 145 -14.78 -32.89 -31.30
N GLN I 146 -13.72 -32.63 -32.07
CA GLN I 146 -12.47 -33.38 -32.02
C GLN I 146 -12.69 -34.90 -31.96
N PRO I 147 -13.39 -35.45 -32.96
CA PRO I 147 -13.69 -36.87 -32.90
C PRO I 147 -12.42 -37.68 -33.11
N LYS I 148 -12.38 -38.86 -32.49
CA LYS I 148 -11.25 -39.76 -32.62
C LYS I 148 -11.72 -41.11 -33.17
N ASN I 149 -10.79 -41.82 -33.78
CA ASN I 149 -11.08 -43.14 -34.33
C ASN I 149 -11.79 -44.01 -33.32
N GLY I 150 -12.88 -44.65 -33.75
CA GLY I 150 -13.63 -45.58 -32.90
C GLY I 150 -14.67 -44.94 -32.00
N GLU I 151 -14.67 -43.61 -31.91
CA GLU I 151 -15.66 -42.92 -31.09
C GLU I 151 -17.02 -42.93 -31.77
N THR I 152 -18.06 -42.80 -30.95
CA THR I 152 -19.43 -42.70 -31.44
C THR I 152 -19.85 -41.24 -31.56
N VAL I 153 -20.19 -40.86 -32.80
CA VAL I 153 -20.62 -39.51 -33.13
C VAL I 153 -22.09 -39.52 -33.52
N VAL I 154 -22.88 -38.75 -32.80
CA VAL I 154 -24.30 -38.57 -33.10
C VAL I 154 -24.54 -37.19 -33.72
N ILE I 155 -25.31 -37.15 -34.80
CA ILE I 155 -25.60 -35.92 -35.52
C ILE I 155 -27.11 -35.67 -35.58
N SER I 156 -27.53 -34.52 -35.05
CA SER I 156 -28.92 -34.08 -35.19
C SER I 156 -29.07 -33.25 -36.47
N GLY I 157 -30.31 -33.14 -36.95
CA GLY I 157 -30.58 -32.53 -38.27
C GLY I 157 -29.69 -33.17 -39.33
N ALA I 158 -29.54 -34.49 -39.22
CA ALA I 158 -28.50 -35.24 -39.95
C ALA I 158 -28.69 -35.26 -41.48
N ALA I 159 -29.93 -35.07 -41.92
CA ALA I 159 -30.24 -35.04 -43.36
C ALA I 159 -30.09 -33.64 -43.94
N GLY I 160 -29.95 -32.65 -43.06
CA GLY I 160 -29.72 -31.28 -43.49
C GLY I 160 -28.35 -31.09 -44.11
N ALA I 161 -28.13 -29.91 -44.67
CA ALA I 161 -26.89 -29.59 -45.37
C ALA I 161 -25.64 -29.64 -44.48
N VAL I 162 -25.77 -29.16 -43.25
CA VAL I 162 -24.64 -29.19 -42.32
C VAL I 162 -24.42 -30.60 -41.80
N GLY I 163 -25.47 -31.19 -41.26
CA GLY I 163 -25.39 -32.51 -40.63
C GLY I 163 -24.95 -33.64 -41.56
N SER I 164 -25.45 -33.62 -42.78
CA SER I 164 -25.13 -34.68 -43.75
C SER I 164 -23.65 -34.67 -44.10
N VAL I 165 -23.06 -33.49 -44.17
CA VAL I 165 -21.62 -33.35 -44.39
C VAL I 165 -20.82 -33.76 -43.14
N ALA I 166 -21.26 -33.30 -41.97
CA ALA I 166 -20.59 -33.60 -40.70
C ALA I 166 -20.47 -35.11 -40.49
N GLY I 167 -21.56 -35.83 -40.74
CA GLY I 167 -21.58 -37.28 -40.56
C GLY I 167 -20.60 -38.00 -41.46
N GLN I 168 -20.47 -37.52 -42.69
CA GLN I 168 -19.54 -38.11 -43.65
C GLN I 168 -18.09 -37.87 -43.24
N ILE I 169 -17.82 -36.65 -42.77
CA ILE I 169 -16.46 -36.35 -42.27
C ILE I 169 -16.13 -37.26 -41.10
N ALA I 170 -17.09 -37.42 -40.18
CA ALA I 170 -16.93 -38.31 -39.03
C ALA I 170 -16.62 -39.76 -39.45
N ARG I 171 -17.31 -40.24 -40.48
CA ARG I 171 -17.06 -41.58 -41.03
C ARG I 171 -15.60 -41.68 -41.50
N LEU I 172 -15.15 -40.67 -42.21
CA LEU I 172 -13.78 -40.62 -42.73
C LEU I 172 -12.72 -40.62 -41.63
N LYS I 173 -13.09 -40.17 -40.44
CA LYS I 173 -12.17 -40.15 -39.29
C LYS I 173 -12.20 -41.46 -38.49
N GLY I 174 -13.00 -42.41 -38.95
CA GLY I 174 -13.03 -43.75 -38.36
C GLY I 174 -14.04 -43.88 -37.24
N CYS I 175 -15.00 -42.96 -37.20
CA CYS I 175 -16.01 -42.96 -36.14
C CYS I 175 -17.20 -43.82 -36.50
N ARG I 176 -17.88 -44.27 -35.47
CA ARG I 176 -19.22 -44.81 -35.61
C ARG I 176 -20.16 -43.61 -35.69
N VAL I 177 -20.94 -43.54 -36.77
CA VAL I 177 -21.76 -42.37 -37.06
C VAL I 177 -23.25 -42.69 -37.05
N VAL I 178 -23.96 -42.03 -36.14
CA VAL I 178 -25.40 -42.20 -35.97
C VAL I 178 -26.14 -40.89 -36.22
N GLY I 179 -27.06 -40.92 -37.17
CA GLY I 179 -27.85 -39.75 -37.53
C GLY I 179 -29.20 -39.74 -36.86
N ILE I 180 -29.70 -38.55 -36.55
CA ILE I 180 -31.07 -38.36 -36.08
C ILE I 180 -31.78 -37.49 -37.10
N ALA I 181 -32.84 -38.02 -37.70
CA ALA I 181 -33.58 -37.35 -38.78
C ALA I 181 -35.06 -37.74 -38.78
N GLY I 182 -35.88 -36.88 -39.38
CA GLY I 182 -37.34 -37.06 -39.40
C GLY I 182 -37.81 -37.73 -40.69
N GLY I 183 -38.35 -38.93 -40.58
CA GLY I 183 -38.92 -39.66 -41.72
C GLY I 183 -38.06 -40.82 -42.19
N ALA I 184 -38.73 -41.84 -42.73
CA ALA I 184 -38.07 -43.10 -43.14
C ALA I 184 -37.12 -42.92 -44.32
N GLU I 185 -37.49 -42.06 -45.25
CA GLU I 185 -36.72 -41.87 -46.47
C GLU I 185 -35.38 -41.17 -46.17
N LYS I 186 -35.44 -40.11 -45.36
CA LYS I 186 -34.22 -39.41 -44.92
C LYS I 186 -33.25 -40.37 -44.23
N CYS I 187 -33.78 -41.18 -43.32
CA CYS I 187 -32.96 -42.13 -42.55
C CYS I 187 -32.32 -43.20 -43.45
N ARG I 188 -33.10 -43.71 -44.40
CA ARG I 188 -32.58 -44.66 -45.39
C ARG I 188 -31.45 -44.03 -46.20
N PHE I 189 -31.70 -42.82 -46.67
CA PHE I 189 -30.70 -42.07 -47.44
C PHE I 189 -29.37 -41.93 -46.67
N LEU I 190 -29.47 -41.57 -45.39
CA LEU I 190 -28.28 -41.40 -44.54
C LEU I 190 -27.44 -42.68 -44.48
N VAL I 191 -28.10 -43.80 -44.27
CA VAL I 191 -27.39 -45.08 -44.11
C VAL I 191 -26.93 -45.63 -45.47
N GLU I 192 -27.86 -45.74 -46.41
CA GLU I 192 -27.58 -46.43 -47.68
C GLU I 192 -26.77 -45.62 -48.67
N GLU I 193 -26.98 -44.30 -48.70
CA GLU I 193 -26.27 -43.42 -49.64
C GLU I 193 -25.04 -42.74 -49.04
N LEU I 194 -25.18 -42.20 -47.83
CA LEU I 194 -24.07 -41.42 -47.21
C LEU I 194 -23.14 -42.25 -46.33
N GLY I 195 -23.53 -43.49 -46.05
CA GLY I 195 -22.67 -44.40 -45.29
C GLY I 195 -22.69 -44.20 -43.78
N PHE I 196 -23.74 -43.55 -43.26
CA PHE I 196 -23.95 -43.49 -41.81
C PHE I 196 -24.10 -44.93 -41.30
N ASP I 197 -23.56 -45.20 -40.12
CA ASP I 197 -23.67 -46.53 -39.52
C ASP I 197 -25.08 -46.82 -39.03
N GLY I 198 -25.76 -45.77 -38.62
CA GLY I 198 -27.14 -45.90 -38.12
C GLY I 198 -27.89 -44.60 -38.29
N ALA I 199 -29.21 -44.69 -38.24
CA ALA I 199 -30.07 -43.52 -38.35
C ALA I 199 -31.33 -43.74 -37.54
N ILE I 200 -31.68 -42.78 -36.69
CA ILE I 200 -32.85 -42.89 -35.83
C ILE I 200 -33.93 -41.94 -36.34
N ASP I 201 -35.09 -42.51 -36.66
CA ASP I 201 -36.23 -41.74 -37.14
C ASP I 201 -37.07 -41.29 -35.95
N TYR I 202 -36.77 -40.08 -35.46
CA TYR I 202 -37.40 -39.59 -34.22
C TYR I 202 -38.91 -39.36 -34.35
N LYS I 203 -39.38 -39.19 -35.58
CA LYS I 203 -40.82 -39.02 -35.82
C LYS I 203 -41.62 -40.31 -35.76
N ASN I 204 -40.96 -41.43 -36.03
CA ASN I 204 -41.64 -42.75 -36.11
C ASN I 204 -41.15 -43.74 -35.07
N GLU I 205 -40.24 -43.31 -34.22
CA GLU I 205 -39.59 -44.18 -33.27
C GLU I 205 -39.16 -43.39 -32.02
N ASP I 206 -39.19 -44.02 -30.86
CA ASP I 206 -38.76 -43.35 -29.62
C ASP I 206 -37.25 -43.10 -29.68
N LEU I 207 -36.87 -41.84 -29.50
CA LEU I 207 -35.47 -41.44 -29.64
C LEU I 207 -34.55 -42.14 -28.64
N ALA I 208 -34.97 -42.13 -27.37
CA ALA I 208 -34.20 -42.76 -26.29
C ALA I 208 -33.93 -44.24 -26.58
N ALA I 209 -34.96 -44.95 -27.03
CA ALA I 209 -34.84 -46.37 -27.43
C ALA I 209 -33.88 -46.52 -28.60
N GLY I 210 -34.02 -45.63 -29.59
CA GLY I 210 -33.12 -45.61 -30.75
C GLY I 210 -31.66 -45.42 -30.34
N LEU I 211 -31.44 -44.46 -29.44
CA LEU I 211 -30.09 -44.17 -28.95
C LEU I 211 -29.51 -45.33 -28.17
N LYS I 212 -30.34 -45.96 -27.34
CA LYS I 212 -29.96 -47.17 -26.59
C LYS I 212 -29.45 -48.26 -27.53
N ARG I 213 -30.20 -48.46 -28.61
CA ARG I 213 -29.83 -49.46 -29.61
C ARG I 213 -28.57 -49.09 -30.38
N GLU I 214 -28.56 -47.86 -30.89
CA GLU I 214 -27.50 -47.43 -31.83
C GLU I 214 -26.20 -47.00 -31.14
N CYS I 215 -26.31 -46.62 -29.87
CA CYS I 215 -25.16 -46.16 -29.08
C CYS I 215 -25.05 -46.85 -27.71
N PRO I 216 -24.86 -48.18 -27.69
CA PRO I 216 -24.90 -48.90 -26.40
C PRO I 216 -23.80 -48.50 -25.41
N LYS I 217 -22.66 -48.06 -25.94
CA LYS I 217 -21.51 -47.63 -25.09
C LYS I 217 -21.41 -46.09 -25.00
N GLY I 218 -22.52 -45.42 -25.25
CA GLY I 218 -22.62 -43.99 -25.12
C GLY I 218 -22.20 -43.13 -26.30
N ILE I 219 -22.39 -41.82 -26.13
CA ILE I 219 -22.13 -40.83 -27.19
C ILE I 219 -20.93 -39.96 -26.85
N ASP I 220 -19.91 -40.03 -27.71
CA ASP I 220 -18.66 -39.31 -27.49
C ASP I 220 -18.70 -37.89 -28.06
N VAL I 221 -19.34 -37.75 -29.21
CA VAL I 221 -19.54 -36.43 -29.82
C VAL I 221 -20.99 -36.28 -30.26
N PHE I 222 -21.62 -35.19 -29.83
CA PHE I 222 -22.93 -34.81 -30.34
C PHE I 222 -22.82 -33.52 -31.12
N PHE I 223 -23.10 -33.61 -32.41
CA PHE I 223 -23.16 -32.47 -33.32
C PHE I 223 -24.61 -32.01 -33.38
N ASP I 224 -24.91 -30.88 -32.74
CA ASP I 224 -26.28 -30.41 -32.60
C ASP I 224 -26.65 -29.26 -33.53
N ASN I 225 -27.61 -29.52 -34.41
CA ASN I 225 -28.19 -28.52 -35.31
C ASN I 225 -29.61 -28.13 -34.95
N VAL I 226 -30.22 -28.84 -34.02
CA VAL I 226 -31.67 -28.68 -33.77
C VAL I 226 -32.03 -28.25 -32.36
N GLY I 227 -31.30 -28.74 -31.37
CA GLY I 227 -31.57 -28.40 -29.98
C GLY I 227 -32.84 -29.05 -29.45
N GLY I 228 -33.51 -28.34 -28.55
CA GLY I 228 -34.78 -28.78 -28.00
C GLY I 228 -34.74 -30.15 -27.34
N GLU I 229 -35.82 -30.90 -27.50
CA GLU I 229 -36.01 -32.20 -26.84
C GLU I 229 -34.99 -33.25 -27.32
N ILE I 230 -34.61 -33.16 -28.57
CA ILE I 230 -33.59 -34.06 -29.12
C ILE I 230 -32.26 -33.91 -28.35
N LEU I 231 -31.82 -32.67 -28.16
CA LEU I 231 -30.61 -32.39 -27.37
C LEU I 231 -30.75 -32.93 -25.95
N ASP I 232 -31.89 -32.65 -25.34
CA ASP I 232 -32.13 -33.04 -23.95
C ASP I 232 -32.07 -34.56 -23.77
N THR I 233 -32.61 -35.28 -24.75
CA THR I 233 -32.59 -36.76 -24.73
C THR I 233 -31.18 -37.30 -24.98
N VAL I 234 -30.46 -36.70 -25.93
CA VAL I 234 -29.08 -37.09 -26.22
C VAL I 234 -28.18 -36.94 -24.98
N LEU I 235 -28.43 -35.88 -24.21
CA LEU I 235 -27.66 -35.61 -22.97
C LEU I 235 -27.70 -36.76 -21.97
N THR I 236 -28.81 -37.52 -21.94
CA THR I 236 -28.92 -38.67 -21.04
C THR I 236 -27.99 -39.83 -21.44
N ARG I 237 -27.44 -39.79 -22.64
CA ARG I 237 -26.65 -40.91 -23.17
C ARG I 237 -25.20 -40.53 -23.53
N ILE I 238 -24.76 -39.33 -23.19
CA ILE I 238 -23.37 -38.94 -23.46
C ILE I 238 -22.40 -39.74 -22.59
N ALA I 239 -21.23 -39.99 -23.15
CA ALA I 239 -20.15 -40.70 -22.47
C ALA I 239 -19.26 -39.75 -21.66
N PHE I 240 -18.43 -40.34 -20.81
CA PHE I 240 -17.39 -39.65 -20.09
C PHE I 240 -16.54 -38.84 -21.06
N LYS I 241 -16.36 -37.56 -20.74
CA LYS I 241 -15.57 -36.62 -21.56
C LYS I 241 -16.13 -36.36 -22.96
N ALA I 242 -17.45 -36.48 -23.08
CA ALA I 242 -18.13 -36.21 -24.34
C ALA I 242 -17.98 -34.74 -24.71
N ARG I 243 -18.05 -34.48 -26.01
CA ARG I 243 -18.08 -33.11 -26.53
C ARG I 243 -19.39 -32.91 -27.28
N ILE I 244 -20.10 -31.86 -26.88
CA ILE I 244 -21.31 -31.43 -27.58
C ILE I 244 -21.01 -30.11 -28.28
N VAL I 245 -21.14 -30.11 -29.60
CA VAL I 245 -20.96 -28.87 -30.37
C VAL I 245 -22.31 -28.33 -30.81
N LEU I 246 -22.57 -27.08 -30.42
CA LEU I 246 -23.79 -26.40 -30.78
C LEU I 246 -23.57 -25.52 -32.01
N CYS I 247 -24.27 -25.85 -33.10
CA CYS I 247 -24.20 -25.10 -34.36
C CYS I 247 -25.47 -24.33 -34.67
N GLY I 248 -26.57 -24.76 -34.07
CA GLY I 248 -27.86 -24.12 -34.27
C GLY I 248 -28.95 -24.79 -33.48
N ALA I 249 -30.18 -24.26 -33.60
CA ALA I 249 -31.36 -24.82 -32.93
C ALA I 249 -32.65 -24.60 -33.76
N ILE I 250 -32.83 -25.44 -34.76
CA ILE I 250 -33.90 -25.26 -35.75
C ILE I 250 -35.27 -25.44 -35.11
N SER I 251 -35.36 -26.33 -34.14
CA SER I 251 -36.59 -26.60 -33.41
C SER I 251 -37.00 -25.41 -32.56
N ARG I 260 -37.24 -23.34 -24.72
CA ARG I 260 -36.96 -24.14 -23.51
C ARG I 260 -35.63 -24.87 -23.54
N GLY I 261 -35.14 -25.09 -22.33
CA GLY I 261 -33.75 -25.43 -22.10
C GLY I 261 -33.58 -26.89 -21.74
N PRO I 262 -32.36 -27.42 -21.89
CA PRO I 262 -32.10 -28.82 -21.56
C PRO I 262 -32.11 -29.10 -20.05
N ALA I 263 -33.18 -29.75 -19.61
CA ALA I 263 -33.33 -30.16 -18.21
C ALA I 263 -32.24 -31.14 -17.75
N ASN I 264 -31.66 -31.87 -18.71
CA ASN I 264 -30.63 -32.87 -18.42
C ASN I 264 -29.18 -32.33 -18.53
N TYR I 265 -29.03 -31.02 -18.45
CA TYR I 265 -27.71 -30.38 -18.63
C TYR I 265 -26.68 -30.84 -17.59
N LEU I 266 -27.14 -31.25 -16.41
CA LEU I 266 -26.23 -31.74 -15.36
C LEU I 266 -25.54 -33.06 -15.72
N SER I 267 -26.00 -33.70 -16.78
CA SER I 267 -25.24 -34.80 -17.38
C SER I 267 -23.80 -34.37 -17.72
N LEU I 268 -23.63 -33.08 -18.05
CA LEU I 268 -22.30 -32.51 -18.32
C LEU I 268 -21.39 -32.60 -17.10
N LEU I 269 -22.00 -32.49 -15.92
CA LEU I 269 -21.28 -32.64 -14.65
C LEU I 269 -20.97 -34.11 -14.37
N VAL I 270 -22.00 -34.95 -14.38
CA VAL I 270 -21.87 -36.39 -14.14
C VAL I 270 -20.81 -37.02 -15.05
N ASN I 271 -20.83 -36.63 -16.31
CA ASN I 271 -19.91 -37.17 -17.31
C ASN I 271 -18.68 -36.31 -17.59
N ARG I 272 -18.56 -35.21 -16.85
CA ARG I 272 -17.42 -34.27 -17.00
C ARG I 272 -17.17 -33.99 -18.48
N ALA I 273 -18.26 -33.57 -19.10
CA ALA I 273 -18.32 -33.36 -20.55
C ALA I 273 -18.39 -31.87 -20.84
N ARG I 274 -18.21 -31.55 -22.13
CA ARG I 274 -18.12 -30.17 -22.59
C ARG I 274 -19.21 -29.88 -23.64
N MET I 275 -19.89 -28.73 -23.45
CA MET I 275 -20.85 -28.23 -24.42
C MET I 275 -20.37 -26.86 -24.89
N GLU I 276 -20.17 -26.73 -26.20
CA GLU I 276 -19.55 -25.54 -26.76
C GLU I 276 -20.19 -25.08 -28.06
N GLY I 277 -20.40 -23.77 -28.16
CA GLY I 277 -20.97 -23.16 -29.35
C GLY I 277 -19.89 -22.75 -30.33
N MET I 278 -20.26 -22.72 -31.60
CA MET I 278 -19.37 -22.23 -32.65
C MET I 278 -20.14 -21.55 -33.77
N VAL I 279 -19.43 -20.68 -34.48
CA VAL I 279 -19.96 -20.01 -35.66
C VAL I 279 -18.88 -20.03 -36.73
N VAL I 280 -19.26 -20.41 -37.96
CA VAL I 280 -18.27 -20.70 -39.00
C VAL I 280 -17.40 -19.50 -39.37
N MET I 281 -17.95 -18.29 -39.32
CA MET I 281 -17.18 -17.09 -39.70
C MET I 281 -15.96 -16.85 -38.79
N ASP I 282 -15.99 -17.39 -37.57
CA ASP I 282 -14.79 -17.33 -36.68
C ASP I 282 -13.60 -18.06 -37.26
N TYR I 283 -13.84 -18.95 -38.22
CA TYR I 283 -12.77 -19.75 -38.84
C TYR I 283 -12.33 -19.23 -40.22
N ALA I 284 -12.77 -18.02 -40.58
CA ALA I 284 -12.51 -17.44 -41.91
C ALA I 284 -11.06 -17.57 -42.35
N GLN I 285 -10.13 -17.32 -41.43
CA GLN I 285 -8.70 -17.37 -41.74
C GLN I 285 -8.22 -18.75 -42.16
N ARG I 286 -8.98 -19.78 -41.79
CA ARG I 286 -8.61 -21.15 -42.10
C ARG I 286 -9.42 -21.75 -43.25
N PHE I 287 -10.29 -20.94 -43.86
CA PHE I 287 -11.10 -21.40 -44.99
C PHE I 287 -10.28 -22.05 -46.12
N PRO I 288 -9.15 -21.42 -46.53
CA PRO I 288 -8.42 -22.02 -47.65
C PRO I 288 -7.99 -23.47 -47.44
N GLU I 289 -7.46 -23.79 -46.26
CA GLU I 289 -7.03 -25.17 -46.00
C GLU I 289 -8.23 -26.10 -45.86
N GLY I 290 -9.31 -25.60 -45.26
CA GLY I 290 -10.54 -26.37 -45.10
C GLY I 290 -11.20 -26.68 -46.45
N LEU I 291 -11.33 -25.65 -47.28
CA LEU I 291 -11.89 -25.81 -48.62
C LEU I 291 -11.05 -26.76 -49.47
N LYS I 292 -9.73 -26.62 -49.38
CA LYS I 292 -8.81 -27.47 -50.11
C LYS I 292 -8.99 -28.94 -49.74
N GLU I 293 -9.06 -29.24 -48.45
CA GLU I 293 -9.26 -30.62 -48.01
C GLU I 293 -10.63 -31.16 -48.42
N MET I 294 -11.67 -30.36 -48.20
CA MET I 294 -13.03 -30.74 -48.59
C MET I 294 -13.11 -31.06 -50.09
N ALA I 295 -12.48 -30.22 -50.90
CA ALA I 295 -12.46 -30.42 -52.36
C ALA I 295 -11.85 -31.76 -52.76
N THR I 296 -10.79 -32.18 -52.09
CA THR I 296 -10.16 -33.48 -52.37
C THR I 296 -11.05 -34.65 -51.94
N TRP I 297 -11.71 -34.52 -50.80
CA TRP I 297 -12.67 -35.56 -50.37
C TRP I 297 -13.77 -35.73 -51.38
N LEU I 298 -14.29 -34.62 -51.87
CA LEU I 298 -15.31 -34.65 -52.92
C LEU I 298 -14.80 -35.29 -54.20
N ALA I 299 -13.63 -34.84 -54.65
CA ALA I 299 -13.01 -35.33 -55.89
C ALA I 299 -12.75 -36.83 -55.85
N GLU I 300 -12.34 -37.32 -54.68
CA GLU I 300 -12.01 -38.73 -54.48
C GLU I 300 -13.26 -39.60 -54.25
N GLY I 301 -14.42 -38.97 -54.15
CA GLY I 301 -15.67 -39.70 -53.92
C GLY I 301 -15.85 -40.17 -52.49
N LYS I 302 -15.00 -39.66 -51.58
CA LYS I 302 -15.08 -40.00 -50.15
C LYS I 302 -16.22 -39.26 -49.45
N LEU I 303 -16.62 -38.15 -50.04
CA LEU I 303 -17.72 -37.34 -49.50
C LEU I 303 -18.65 -36.93 -50.64
N GLN I 304 -19.95 -37.01 -50.41
CA GLN I 304 -20.97 -36.67 -51.40
C GLN I 304 -21.74 -35.42 -51.01
N SER I 305 -22.09 -34.62 -52.01
CA SER I 305 -22.88 -33.41 -51.77
C SER I 305 -24.08 -33.33 -52.71
N ARG I 306 -25.24 -33.15 -52.13
CA ARG I 306 -26.44 -33.04 -52.89
C ARG I 306 -27.07 -31.64 -52.78
N GLU I 307 -27.36 -31.05 -53.93
CA GLU I 307 -28.04 -29.74 -53.99
C GLU I 307 -29.41 -29.89 -54.66
N ASP I 308 -30.40 -29.25 -54.05
CA ASP I 308 -31.74 -29.17 -54.61
C ASP I 308 -31.92 -27.77 -55.23
N ILE I 309 -31.87 -27.71 -56.56
CA ILE I 309 -31.89 -26.43 -57.27
C ILE I 309 -33.27 -26.08 -57.82
N VAL I 310 -33.81 -24.96 -57.36
CA VAL I 310 -35.07 -24.40 -57.85
C VAL I 310 -34.80 -23.11 -58.62
N GLU I 311 -35.52 -22.90 -59.73
CA GLU I 311 -35.23 -21.79 -60.65
C GLU I 311 -36.17 -20.60 -60.54
N GLY I 312 -35.58 -19.41 -60.56
CA GLY I 312 -36.32 -18.15 -60.66
C GLY I 312 -36.40 -17.36 -59.36
N LEU I 313 -35.75 -16.20 -59.35
CA LEU I 313 -35.77 -15.29 -58.21
C LEU I 313 -37.19 -14.99 -57.72
N GLU I 314 -38.08 -14.79 -58.68
CA GLU I 314 -39.49 -14.40 -58.38
C GLU I 314 -40.24 -15.46 -57.57
N THR I 315 -39.80 -16.72 -57.66
CA THR I 315 -40.43 -17.82 -56.91
C THR I 315 -40.00 -17.89 -55.43
N PHE I 316 -39.14 -16.97 -55.01
CA PHE I 316 -38.51 -17.02 -53.67
C PHE I 316 -39.46 -17.33 -52.51
N PRO I 317 -40.54 -16.54 -52.32
CA PRO I 317 -41.43 -16.78 -51.17
C PRO I 317 -42.01 -18.19 -51.12
N GLU I 318 -42.40 -18.72 -52.28
CA GLU I 318 -42.96 -20.08 -52.36
C GLU I 318 -41.85 -21.12 -52.17
N THR I 319 -40.74 -20.93 -52.88
CA THR I 319 -39.61 -21.85 -52.78
C THR I 319 -39.06 -21.94 -51.36
N LEU I 320 -39.07 -20.82 -50.66
CA LEU I 320 -38.64 -20.78 -49.25
C LEU I 320 -39.46 -21.73 -48.36
N LEU I 321 -40.75 -21.86 -48.64
CA LEU I 321 -41.62 -22.80 -47.90
C LEU I 321 -41.20 -24.27 -48.06
N LYS I 322 -40.62 -24.61 -49.22
CA LYS I 322 -40.10 -25.96 -49.47
C LYS I 322 -39.02 -26.37 -48.46
N LEU I 323 -38.39 -25.37 -47.86
CA LEU I 323 -37.39 -25.57 -46.82
C LEU I 323 -37.99 -26.24 -45.57
N PHE I 324 -39.25 -25.95 -45.30
CA PHE I 324 -39.94 -26.47 -44.12
C PHE I 324 -40.91 -27.62 -44.43
N SER I 325 -40.69 -28.25 -45.57
CA SER I 325 -41.47 -29.36 -46.01
C SER I 325 -40.62 -30.51 -45.43
N GLY I 326 -41.16 -31.72 -45.31
CA GLY I 326 -40.35 -32.89 -44.83
C GLY I 326 -39.68 -33.59 -46.01
N GLU I 327 -39.54 -32.85 -47.11
CA GLU I 327 -38.90 -33.33 -48.33
C GLU I 327 -37.42 -32.95 -48.32
N ASN I 328 -37.16 -31.69 -48.66
CA ASN I 328 -35.82 -31.10 -48.63
C ASN I 328 -34.74 -32.06 -49.21
N PHE I 329 -34.86 -32.32 -50.51
CA PHE I 329 -33.98 -33.22 -51.29
C PHE I 329 -32.47 -32.73 -51.27
N GLY I 330 -31.90 -32.39 -50.11
CA GLY I 330 -30.55 -31.82 -50.03
C GLY I 330 -30.56 -30.31 -49.93
N LYS I 331 -29.36 -29.72 -49.95
CA LYS I 331 -29.17 -28.30 -49.73
C LYS I 331 -29.98 -27.48 -50.73
N LEU I 332 -30.87 -26.64 -50.21
CA LEU I 332 -31.79 -25.87 -51.07
C LEU I 332 -31.09 -24.65 -51.67
N VAL I 333 -31.09 -24.59 -52.99
CA VAL I 333 -30.44 -23.52 -53.74
C VAL I 333 -31.41 -22.89 -54.75
N LEU I 334 -31.47 -21.56 -54.75
CA LEU I 334 -32.31 -20.81 -55.68
C LEU I 334 -31.46 -20.24 -56.80
N LYS I 335 -31.71 -20.72 -58.02
CA LYS I 335 -31.04 -20.17 -59.20
C LYS I 335 -31.73 -18.87 -59.57
N VAL I 336 -30.95 -17.80 -59.60
CA VAL I 336 -31.47 -16.50 -59.94
C VAL I 336 -31.44 -16.42 -61.46
N GLN J 6 -11.81 -53.30 22.18
CA GLN J 6 -12.14 -51.88 21.87
C GLN J 6 -13.39 -51.78 20.99
N ILE J 7 -14.14 -50.69 21.17
CA ILE J 7 -15.43 -50.49 20.52
C ILE J 7 -15.37 -49.36 19.44
N ASN J 8 -15.89 -49.67 18.25
CA ASN J 8 -16.03 -48.70 17.16
C ASN J 8 -17.49 -48.29 17.01
N ARG J 9 -17.82 -47.06 17.40
CA ARG J 9 -19.19 -46.57 17.23
C ARG J 9 -19.35 -46.14 15.80
N GLN J 10 -20.49 -46.49 15.21
CA GLN J 10 -20.78 -46.19 13.81
C GLN J 10 -22.19 -45.68 13.62
N TYR J 11 -22.34 -44.72 12.71
CA TYR J 11 -23.65 -44.36 12.19
C TYR J 11 -23.87 -45.06 10.86
N GLN J 12 -24.86 -45.94 10.83
CA GLN J 12 -25.23 -46.65 9.62
C GLN J 12 -26.44 -46.00 8.97
N LEU J 13 -26.54 -46.12 7.65
CA LEU J 13 -27.71 -45.63 6.93
C LEU J 13 -28.88 -46.58 7.05
N ALA J 14 -30.04 -46.04 7.41
CA ALA J 14 -31.30 -46.73 7.17
C ALA J 14 -32.40 -45.76 6.78
N ARG J 23 -33.09 -38.38 11.34
CA ARG J 23 -33.66 -38.81 12.65
C ARG J 23 -33.96 -40.35 12.78
N ASP J 24 -34.75 -40.81 11.85
CA ASP J 24 -34.92 -42.23 11.59
C ASP J 24 -34.01 -42.64 10.44
N THR J 25 -33.29 -41.67 9.88
CA THR J 25 -32.45 -41.91 8.72
C THR J 25 -31.25 -42.78 9.09
N PHE J 26 -30.67 -42.56 10.26
CA PHE J 26 -29.46 -43.28 10.70
C PHE J 26 -29.67 -44.14 11.94
N SER J 27 -28.89 -45.23 12.01
CA SER J 27 -28.83 -46.10 13.20
C SER J 27 -27.46 -46.02 13.87
N PHE J 28 -27.45 -45.74 15.16
CA PHE J 28 -26.23 -45.66 15.94
C PHE J 28 -25.87 -47.03 16.49
N VAL J 29 -24.78 -47.61 16.00
CA VAL J 29 -24.40 -49.00 16.36
C VAL J 29 -23.00 -49.09 16.95
N GLU J 30 -22.82 -50.03 17.88
CA GLU J 30 -21.53 -50.31 18.46
C GLU J 30 -21.00 -51.62 17.90
N THR J 31 -19.80 -51.56 17.32
CA THR J 31 -19.18 -52.73 16.70
C THR J 31 -17.77 -52.95 17.27
N PRO J 32 -17.34 -54.22 17.37
CA PRO J 32 -15.97 -54.45 17.84
C PRO J 32 -14.94 -53.95 16.83
N LEU J 33 -13.88 -53.34 17.34
CA LEU J 33 -12.83 -52.74 16.45
C LEU J 33 -12.16 -53.45 15.24
N GLY J 34 -12.25 -54.77 15.10
CA GLY J 34 -11.65 -55.45 13.99
C GLY J 34 -10.16 -55.24 14.00
N GLU J 35 -9.54 -55.42 12.86
CA GLU J 35 -8.09 -55.07 12.84
C GLU J 35 -7.51 -55.26 11.47
N PRO J 36 -6.48 -54.49 11.08
CA PRO J 36 -6.24 -54.49 9.65
C PRO J 36 -5.60 -55.75 9.10
N ALA J 37 -6.09 -56.19 7.94
CA ALA J 37 -5.47 -57.27 7.17
C ALA J 37 -4.39 -56.68 6.27
N GLU J 38 -3.66 -57.55 5.58
CA GLU J 38 -2.62 -57.13 4.64
C GLU J 38 -3.18 -56.15 3.63
N GLY J 39 -2.39 -55.11 3.33
CA GLY J 39 -2.80 -54.08 2.39
C GLY J 39 -3.82 -53.10 2.96
N GLN J 40 -4.08 -53.20 4.26
CA GLN J 40 -5.02 -52.30 4.92
C GLN J 40 -4.34 -51.44 5.98
N ILE J 41 -5.04 -50.40 6.38
CA ILE J 41 -4.62 -49.58 7.51
C ILE J 41 -5.74 -49.42 8.54
N LEU J 42 -5.34 -49.11 9.76
CA LEU J 42 -6.26 -48.79 10.84
C LEU J 42 -6.05 -47.33 11.22
N VAL J 43 -7.14 -46.56 11.13
CA VAL J 43 -7.09 -45.13 11.40
C VAL J 43 -8.03 -44.75 12.54
N LYS J 44 -7.51 -43.94 13.46
CA LYS J 44 -8.36 -43.26 14.44
C LYS J 44 -8.93 -41.98 13.80
N ASN J 45 -10.24 -41.95 13.59
CA ASN J 45 -10.88 -40.81 12.96
C ASN J 45 -10.95 -39.63 13.92
N GLU J 46 -10.52 -38.45 13.43
CA GLU J 46 -10.43 -37.26 14.29
C GLU J 46 -11.45 -36.20 13.90
N TYR J 47 -11.54 -35.93 12.61
CA TYR J 47 -12.47 -34.96 12.06
C TYR J 47 -13.14 -35.51 10.82
N LEU J 48 -14.44 -35.28 10.71
CA LEU J 48 -15.23 -35.71 9.57
C LEU J 48 -15.82 -34.53 8.83
N SER J 49 -15.83 -34.64 7.51
CA SER J 49 -16.42 -33.62 6.65
C SER J 49 -17.92 -33.87 6.50
N LEU J 50 -18.72 -32.87 6.86
CA LEU J 50 -20.15 -32.92 6.60
C LEU J 50 -20.40 -32.11 5.33
N ASP J 51 -20.88 -32.84 4.30
CA ASP J 51 -21.03 -32.33 2.92
C ASP J 51 -22.41 -32.69 2.32
N PRO J 52 -23.02 -31.76 1.57
CA PRO J 52 -24.25 -32.08 0.84
C PRO J 52 -24.13 -33.30 -0.08
N ALA J 53 -22.94 -33.53 -0.62
CA ALA J 53 -22.66 -34.73 -1.43
C ALA J 53 -23.01 -36.04 -0.71
N MET J 54 -23.07 -35.98 0.63
CA MET J 54 -23.49 -37.15 1.45
C MET J 54 -24.87 -37.66 1.03
N ARG J 55 -25.69 -36.78 0.45
CA ARG J 55 -26.91 -37.21 -0.31
C ARG J 55 -26.54 -38.17 -1.44
N GLY J 56 -25.48 -38.87 -1.05
CA GLY J 56 -25.14 -40.19 -1.50
C GLY J 56 -25.82 -41.32 -0.74
N GLY J 69 -25.51 -47.45 1.08
CA GLY J 69 -26.72 -48.23 1.04
C GLY J 69 -27.09 -48.72 2.42
N ILE J 70 -28.18 -49.47 2.50
CA ILE J 70 -28.84 -49.69 3.78
C ILE J 70 -28.04 -50.63 4.68
N GLY J 71 -27.81 -50.20 5.91
CA GLY J 71 -27.05 -50.98 6.90
C GLY J 71 -25.53 -50.76 6.83
N GLU J 72 -25.08 -50.01 5.82
CA GLU J 72 -23.66 -49.68 5.68
C GLU J 72 -23.32 -48.45 6.51
N VAL J 73 -22.08 -48.38 6.99
CA VAL J 73 -21.59 -47.19 7.67
C VAL J 73 -21.71 -45.99 6.73
N MET J 74 -22.26 -44.89 7.23
CA MET J 74 -22.47 -43.70 6.41
C MET J 74 -21.14 -43.19 5.85
N ARG J 75 -21.15 -42.84 4.56
CA ARG J 75 -19.95 -42.35 3.89
C ARG J 75 -19.59 -40.95 4.37
N ALA J 76 -18.30 -40.73 4.62
CA ALA J 76 -17.79 -39.42 4.99
C ALA J 76 -16.30 -39.31 4.74
N LEU J 77 -15.89 -38.20 4.15
CA LEU J 77 -14.49 -37.86 4.07
C LEU J 77 -14.06 -37.39 5.43
N GLY J 78 -12.82 -37.71 5.79
CA GLY J 78 -12.32 -37.32 7.09
C GLY J 78 -10.80 -37.27 7.16
N VAL J 79 -10.34 -36.72 8.27
CA VAL J 79 -8.91 -36.73 8.59
C VAL J 79 -8.72 -37.54 9.88
N GLY J 80 -7.68 -38.36 9.88
CA GLY J 80 -7.40 -39.22 11.02
C GLY J 80 -5.94 -39.62 11.12
N LYS J 81 -5.62 -40.29 12.22
CA LYS J 81 -4.26 -40.73 12.51
C LYS J 81 -4.12 -42.22 12.29
N VAL J 82 -3.10 -42.60 11.55
CA VAL J 82 -2.81 -44.01 11.30
C VAL J 82 -2.23 -44.65 12.57
N LEU J 83 -2.94 -45.64 13.11
CA LEU J 83 -2.51 -46.36 14.32
C LEU J 83 -1.71 -47.60 13.96
N VAL J 84 -2.21 -48.35 12.98
CA VAL J 84 -1.53 -49.53 12.46
C VAL J 84 -1.60 -49.55 10.94
N SER J 85 -0.46 -49.82 10.31
CA SER J 85 -0.40 -49.98 8.86
C SER J 85 0.18 -51.31 8.42
N LYS J 86 -0.53 -51.96 7.50
CA LYS J 86 -0.01 -53.10 6.76
C LYS J 86 0.02 -52.78 5.26
N HIS J 87 0.36 -51.53 4.98
CA HIS J 87 0.42 -50.99 3.61
C HIS J 87 1.68 -50.19 3.49
N PRO J 88 2.49 -50.45 2.45
CA PRO J 88 3.82 -49.82 2.33
C PRO J 88 3.80 -48.30 2.13
N GLY J 89 2.65 -47.76 1.74
CA GLY J 89 2.50 -46.33 1.54
C GLY J 89 2.28 -45.53 2.80
N PHE J 90 2.03 -46.20 3.92
CA PHE J 90 1.63 -45.54 5.16
C PHE J 90 2.32 -46.14 6.39
N GLN J 91 2.59 -45.30 7.37
CA GLN J 91 3.18 -45.74 8.63
C GLN J 91 2.38 -45.19 9.82
N ALA J 92 2.44 -45.93 10.94
CA ALA J 92 1.85 -45.49 12.19
C ALA J 92 2.34 -44.09 12.51
N GLY J 93 1.41 -43.22 12.90
CA GLY J 93 1.75 -41.83 13.20
C GLY J 93 1.43 -40.86 12.07
N ASP J 94 1.30 -41.39 10.86
CA ASP J 94 0.89 -40.58 9.70
C ASP J 94 -0.53 -40.08 9.93
N TYR J 95 -0.77 -38.84 9.51
CA TYR J 95 -2.13 -38.32 9.40
C TYR J 95 -2.57 -38.41 7.95
N VAL J 96 -3.81 -38.86 7.75
CA VAL J 96 -4.33 -39.09 6.40
C VAL J 96 -5.70 -38.45 6.20
N ASN J 97 -5.95 -38.10 4.94
CA ASN J 97 -7.27 -37.69 4.46
C ASN J 97 -7.81 -38.81 3.60
N GLY J 98 -9.07 -39.14 3.79
CA GLY J 98 -9.71 -40.19 3.00
C GLY J 98 -11.17 -40.41 3.37
N ALA J 99 -11.80 -41.37 2.71
CA ALA J 99 -13.17 -41.77 3.03
C ALA J 99 -13.16 -42.60 4.30
N LEU J 100 -13.18 -41.93 5.45
CA LEU J 100 -13.02 -42.59 6.76
C LEU J 100 -14.35 -43.11 7.36
N GLY J 101 -15.48 -42.57 6.89
CA GLY J 101 -16.81 -43.00 7.34
C GLY J 101 -17.24 -42.32 8.63
N VAL J 102 -18.56 -42.32 8.88
CA VAL J 102 -19.11 -41.71 10.10
C VAL J 102 -18.98 -42.69 11.27
N GLN J 103 -17.77 -42.75 11.81
CA GLN J 103 -17.42 -43.74 12.82
C GLN J 103 -16.16 -43.32 13.57
N ASP J 104 -15.87 -44.01 14.66
CA ASP J 104 -14.69 -43.73 15.49
C ASP J 104 -13.39 -44.14 14.79
N TYR J 105 -13.44 -45.29 14.14
CA TYR J 105 -12.25 -45.90 13.52
C TYR J 105 -12.54 -46.36 12.11
N PHE J 106 -11.56 -46.17 11.23
CA PHE J 106 -11.59 -46.74 9.89
C PHE J 106 -10.59 -47.88 9.77
N ILE J 107 -11.06 -49.01 9.24
CA ILE J 107 -10.19 -50.11 8.86
C ILE J 107 -10.47 -50.50 7.42
N GLY J 108 -9.43 -50.51 6.60
CA GLY J 108 -9.57 -50.91 5.20
C GLY J 108 -8.42 -50.50 4.30
N GLU J 109 -8.60 -50.77 3.00
CA GLU J 109 -7.66 -50.35 1.96
C GLU J 109 -7.71 -48.83 1.84
N PRO J 110 -6.54 -48.15 1.87
CA PRO J 110 -6.53 -46.69 1.84
C PRO J 110 -6.68 -46.13 0.42
N LYS J 111 -7.73 -46.56 -0.28
CA LYS J 111 -7.98 -46.17 -1.67
C LYS J 111 -8.35 -44.70 -1.76
N GLY J 112 -7.53 -43.94 -2.50
CA GLY J 112 -7.73 -42.50 -2.65
C GLY J 112 -7.28 -41.68 -1.45
N PHE J 113 -6.65 -42.34 -0.48
CA PHE J 113 -6.16 -41.66 0.72
C PHE J 113 -4.87 -40.92 0.38
N TYR J 114 -4.66 -39.80 1.04
CA TYR J 114 -3.36 -39.14 0.97
C TYR J 114 -2.93 -38.64 2.34
N LYS J 115 -1.61 -38.63 2.54
CA LYS J 115 -1.03 -38.14 3.76
C LYS J 115 -1.16 -36.64 3.83
N VAL J 116 -1.44 -36.16 5.03
CA VAL J 116 -1.50 -34.74 5.25
C VAL J 116 -0.49 -34.35 6.32
N ASP J 117 0.08 -33.17 6.17
CA ASP J 117 1.15 -32.68 7.05
C ASP J 117 0.55 -31.73 8.10
N PRO J 118 0.43 -32.18 9.35
CA PRO J 118 -0.17 -31.33 10.40
C PRO J 118 0.68 -30.12 10.80
N SER J 119 1.93 -30.05 10.36
CA SER J 119 2.77 -28.88 10.66
C SER J 119 2.45 -27.70 9.74
N ARG J 120 1.77 -27.99 8.64
CA ARG J 120 1.51 -26.97 7.59
C ARG J 120 0.15 -26.32 7.69
N ALA J 121 -0.74 -26.94 8.42
CA ALA J 121 -2.08 -26.41 8.59
C ALA J 121 -2.81 -27.16 9.71
N PRO J 122 -3.82 -26.51 10.31
CA PRO J 122 -4.63 -27.23 11.27
C PRO J 122 -5.33 -28.41 10.61
N LEU J 123 -5.47 -29.50 11.34
CA LEU J 123 -6.05 -30.74 10.83
C LEU J 123 -7.39 -30.57 10.11
N PRO J 124 -8.35 -29.82 10.71
CA PRO J 124 -9.65 -29.65 10.04
C PRO J 124 -9.56 -28.97 8.67
N ARG J 125 -8.51 -28.19 8.47
CA ARG J 125 -8.33 -27.46 7.20
C ARG J 125 -8.06 -28.42 6.04
N TYR J 126 -7.61 -29.62 6.37
CA TYR J 126 -7.45 -30.69 5.36
C TYR J 126 -8.78 -31.29 4.93
N LEU J 127 -9.87 -30.74 5.46
CA LEU J 127 -11.22 -31.05 4.99
C LEU J 127 -11.90 -29.87 4.29
N SER J 128 -11.22 -28.72 4.28
CA SER J 128 -11.78 -27.52 3.68
C SER J 128 -10.86 -27.02 2.53
N ALA J 129 -10.16 -25.92 2.75
CA ALA J 129 -9.29 -25.30 1.73
C ALA J 129 -8.19 -26.25 1.25
N LEU J 130 -7.70 -27.10 2.14
CA LEU J 130 -6.69 -28.09 1.79
C LEU J 130 -7.29 -29.50 1.68
N GLY J 131 -8.61 -29.54 1.55
CA GLY J 131 -9.36 -30.77 1.31
C GLY J 131 -10.13 -30.72 -0.01
N MET J 132 -11.20 -31.51 -0.11
CA MET J 132 -11.91 -31.66 -1.39
C MET J 132 -12.66 -30.41 -1.86
N THR J 133 -13.18 -29.62 -0.93
CA THR J 133 -13.87 -28.40 -1.31
C THR J 133 -12.87 -27.40 -1.91
N GLY J 134 -11.73 -27.26 -1.26
CA GLY J 134 -10.68 -26.36 -1.70
C GLY J 134 -10.03 -26.77 -3.02
N MET J 135 -9.77 -28.07 -3.15
CA MET J 135 -9.22 -28.61 -4.39
C MET J 135 -10.24 -28.57 -5.54
N THR J 136 -11.52 -28.70 -5.22
CA THR J 136 -12.56 -28.48 -6.23
C THR J 136 -12.45 -27.07 -6.80
N ALA J 137 -12.40 -26.08 -5.92
CA ALA J 137 -12.26 -24.67 -6.31
C ALA J 137 -11.00 -24.45 -7.14
N TYR J 138 -9.90 -25.00 -6.66
CA TYR J 138 -8.60 -24.85 -7.29
C TYR J 138 -8.59 -25.39 -8.72
N PHE J 139 -8.95 -26.65 -8.88
CA PHE J 139 -8.85 -27.28 -10.20
C PHE J 139 -9.96 -26.88 -11.15
N ALA J 140 -11.17 -26.75 -10.64
CA ALA J 140 -12.30 -26.31 -11.46
C ALA J 140 -12.03 -24.90 -12.04
N LEU J 141 -11.64 -23.98 -11.17
CA LEU J 141 -11.38 -22.60 -11.62
C LEU J 141 -10.20 -22.55 -12.59
N LEU J 142 -9.07 -23.10 -12.16
CA LEU J 142 -7.82 -22.91 -12.89
C LEU J 142 -7.67 -23.79 -14.12
N ASP J 143 -8.11 -25.04 -14.05
CA ASP J 143 -7.96 -25.94 -15.19
C ASP J 143 -9.11 -25.81 -16.19
N VAL J 144 -10.32 -25.59 -15.71
CA VAL J 144 -11.48 -25.51 -16.60
C VAL J 144 -11.88 -24.06 -16.91
N GLY J 145 -11.99 -23.24 -15.88
CA GLY J 145 -12.31 -21.83 -16.06
C GLY J 145 -11.21 -21.04 -16.75
N GLN J 146 -9.98 -21.39 -16.45
CA GLN J 146 -8.76 -20.73 -16.98
C GLN J 146 -8.84 -19.21 -16.94
N PRO J 147 -9.07 -18.63 -15.76
CA PRO J 147 -9.22 -17.19 -15.69
C PRO J 147 -7.89 -16.51 -15.98
N LYS J 148 -8.00 -15.32 -16.55
CA LYS J 148 -6.84 -14.50 -16.88
C LYS J 148 -6.95 -13.15 -16.21
N ASN J 149 -5.80 -12.51 -16.03
CA ASN J 149 -5.75 -11.17 -15.43
C ASN J 149 -6.71 -10.21 -16.10
N GLY J 150 -7.51 -9.52 -15.30
CA GLY J 150 -8.46 -8.53 -15.81
C GLY J 150 -9.82 -9.07 -16.23
N GLU J 151 -9.96 -10.39 -16.29
CA GLU J 151 -11.23 -11.00 -16.65
C GLU J 151 -12.22 -10.92 -15.49
N THR J 152 -13.50 -10.95 -15.83
CA THR J 152 -14.56 -10.94 -14.83
C THR J 152 -15.03 -12.37 -14.54
N VAL J 153 -14.89 -12.75 -13.27
CA VAL J 153 -15.25 -14.08 -12.78
C VAL J 153 -16.46 -13.96 -11.84
N VAL J 154 -17.53 -14.65 -12.20
CA VAL J 154 -18.73 -14.72 -11.35
C VAL J 154 -18.84 -16.09 -10.69
N ILE J 155 -19.14 -16.09 -9.39
CA ILE J 155 -19.21 -17.31 -8.60
C ILE J 155 -20.58 -17.46 -7.94
N SER J 156 -21.27 -18.55 -8.26
CA SER J 156 -22.52 -18.88 -7.56
C SER J 156 -22.21 -19.75 -6.33
N GLY J 157 -23.15 -19.77 -5.39
CA GLY J 157 -22.91 -20.37 -4.06
C GLY J 157 -21.63 -19.83 -3.45
N ALA J 158 -21.43 -18.53 -3.61
CA ALA J 158 -20.12 -17.90 -3.36
C ALA J 158 -19.70 -17.91 -1.89
N ALA J 159 -20.67 -18.02 -0.99
CA ALA J 159 -20.38 -18.07 0.45
C ALA J 159 -20.13 -19.49 0.94
N GLY J 160 -20.42 -20.47 0.09
CA GLY J 160 -20.13 -21.86 0.40
C GLY J 160 -18.64 -22.17 0.42
N ALA J 161 -18.31 -23.37 0.87
CA ALA J 161 -16.92 -23.81 1.01
C ALA J 161 -16.13 -23.82 -0.32
N VAL J 162 -16.76 -24.27 -1.38
CA VAL J 162 -16.12 -24.30 -2.68
C VAL J 162 -16.00 -22.88 -3.27
N GLY J 163 -17.14 -22.20 -3.33
CA GLY J 163 -17.22 -20.88 -3.96
C GLY J 163 -16.37 -19.81 -3.30
N SER J 164 -16.34 -19.82 -1.97
CA SER J 164 -15.57 -18.81 -1.22
C SER J 164 -14.09 -18.93 -1.49
N VAL J 165 -13.61 -20.16 -1.65
CA VAL J 165 -12.21 -20.39 -2.00
C VAL J 165 -11.94 -20.01 -3.48
N ALA J 166 -12.82 -20.42 -4.38
CA ALA J 166 -12.68 -20.12 -5.81
C ALA J 166 -12.54 -18.61 -6.06
N GLY J 167 -13.38 -17.84 -5.40
CA GLY J 167 -13.38 -16.38 -5.55
C GLY J 167 -12.08 -15.75 -5.12
N GLN J 168 -11.51 -16.27 -4.04
CA GLN J 168 -10.25 -15.77 -3.51
C GLN J 168 -9.09 -16.11 -4.43
N ILE J 169 -9.10 -17.32 -4.97
CA ILE J 169 -8.09 -17.71 -5.96
C ILE J 169 -8.18 -16.78 -7.19
N ALA J 170 -9.41 -16.54 -7.66
CA ALA J 170 -9.64 -15.64 -8.79
C ALA J 170 -9.08 -14.22 -8.54
N ARG J 171 -9.27 -13.72 -7.31
CA ARG J 171 -8.72 -12.41 -6.92
C ARG J 171 -7.21 -12.43 -7.06
N LEU J 172 -6.59 -13.50 -6.58
CA LEU J 172 -5.13 -13.65 -6.65
C LEU J 172 -4.60 -13.70 -8.08
N LYS J 173 -5.43 -14.10 -9.03
CA LYS J 173 -5.04 -14.17 -10.44
C LYS J 173 -5.28 -12.84 -11.18
N GLY J 174 -5.76 -11.84 -10.44
CA GLY J 174 -5.93 -10.49 -10.97
C GLY J 174 -7.29 -10.26 -11.60
N CYS J 175 -8.26 -11.11 -11.26
CA CYS J 175 -9.59 -11.03 -11.83
C CYS J 175 -10.49 -10.10 -11.05
N ARG J 176 -11.48 -9.56 -11.73
CA ARG J 176 -12.60 -8.95 -11.08
C ARG J 176 -13.54 -10.07 -10.63
N VAL J 177 -13.86 -10.10 -9.35
CA VAL J 177 -14.56 -11.24 -8.73
C VAL J 177 -15.90 -10.82 -8.13
N VAL J 178 -16.96 -11.39 -8.70
CA VAL J 178 -18.32 -11.08 -8.29
C VAL J 178 -19.02 -12.34 -7.78
N GLY J 179 -19.50 -12.26 -6.54
CA GLY J 179 -20.16 -13.38 -5.89
C GLY J 179 -21.66 -13.26 -5.96
N ILE J 180 -22.32 -14.41 -6.05
CA ILE J 180 -23.77 -14.47 -5.94
C ILE J 180 -24.10 -15.32 -4.71
N ALA J 181 -24.80 -14.72 -3.75
CA ALA J 181 -25.14 -15.41 -2.50
C ALA J 181 -26.47 -14.89 -1.92
N GLY J 182 -27.06 -15.70 -1.07
CA GLY J 182 -28.38 -15.40 -0.49
C GLY J 182 -28.26 -14.76 0.88
N GLY J 183 -28.71 -13.52 0.98
CA GLY J 183 -28.70 -12.79 2.26
C GLY J 183 -27.64 -11.70 2.36
N ALA J 184 -27.95 -10.65 3.13
CA ALA J 184 -27.08 -9.48 3.25
C ALA J 184 -25.77 -9.76 3.96
N GLU J 185 -25.80 -10.64 4.96
CA GLU J 185 -24.61 -10.94 5.77
C GLU J 185 -23.57 -11.70 4.95
N LYS J 186 -24.03 -12.72 4.23
CA LYS J 186 -23.14 -13.49 3.34
C LYS J 186 -22.45 -12.57 2.33
N CYS J 187 -23.24 -11.70 1.71
CA CYS J 187 -22.70 -10.78 0.69
C CYS J 187 -21.70 -9.78 1.26
N ARG J 188 -22.00 -9.26 2.44
CA ARG J 188 -21.05 -8.38 3.16
C ARG J 188 -19.75 -9.11 3.44
N PHE J 189 -19.88 -10.32 3.96
CA PHE J 189 -18.72 -11.16 4.28
C PHE J 189 -17.82 -11.38 3.06
N LEU J 190 -18.43 -11.71 1.93
CA LEU J 190 -17.69 -11.92 0.68
C LEU J 190 -16.83 -10.69 0.31
N VAL J 191 -17.43 -9.51 0.38
CA VAL J 191 -16.75 -8.29 -0.05
C VAL J 191 -15.77 -7.80 1.00
N GLU J 192 -16.25 -7.65 2.23
CA GLU J 192 -15.44 -7.01 3.29
C GLU J 192 -14.36 -7.92 3.88
N GLU J 193 -14.65 -9.21 4.00
CA GLU J 193 -13.70 -10.16 4.57
C GLU J 193 -12.87 -10.91 3.54
N LEU J 194 -13.51 -11.40 2.48
CA LEU J 194 -12.80 -12.24 1.50
C LEU J 194 -12.21 -11.45 0.32
N GLY J 195 -12.58 -10.19 0.21
CA GLY J 195 -12.03 -9.32 -0.83
C GLY J 195 -12.65 -9.46 -2.21
N PHE J 196 -13.86 -10.03 -2.28
CA PHE J 196 -14.62 -10.04 -3.53
C PHE J 196 -14.84 -8.60 -3.95
N ASP J 197 -14.80 -8.34 -5.25
CA ASP J 197 -15.03 -6.98 -5.76
C ASP J 197 -16.47 -6.58 -5.61
N GLY J 198 -17.35 -7.56 -5.70
CA GLY J 198 -18.76 -7.33 -5.56
C GLY J 198 -19.51 -8.59 -5.15
N ALA J 199 -20.73 -8.39 -4.65
CA ALA J 199 -21.60 -9.50 -4.25
C ALA J 199 -23.04 -9.14 -4.52
N ILE J 200 -23.75 -10.04 -5.17
CA ILE J 200 -25.15 -9.82 -5.50
C ILE J 200 -26.03 -10.69 -4.60
N ASP J 201 -26.92 -10.05 -3.86
CA ASP J 201 -27.85 -10.74 -2.98
C ASP J 201 -29.11 -11.09 -3.77
N TYR J 202 -29.14 -12.30 -4.32
CA TYR J 202 -30.22 -12.70 -5.24
C TYR J 202 -31.58 -12.82 -4.54
N LYS J 203 -31.56 -12.98 -3.21
CA LYS J 203 -32.80 -13.07 -2.44
C LYS J 203 -33.45 -11.72 -2.20
N ASN J 204 -32.65 -10.66 -2.21
CA ASN J 204 -33.12 -9.30 -1.88
C ASN J 204 -33.00 -8.30 -3.03
N GLU J 205 -32.53 -8.77 -4.17
CA GLU J 205 -32.22 -7.92 -5.30
C GLU J 205 -32.37 -8.70 -6.60
N ASP J 206 -32.78 -8.03 -7.68
CA ASP J 206 -32.90 -8.68 -8.98
C ASP J 206 -31.51 -9.04 -9.52
N LEU J 207 -31.32 -10.32 -9.83
CA LEU J 207 -30.01 -10.84 -10.21
C LEU J 207 -29.50 -10.18 -11.50
N ALA J 208 -30.35 -10.13 -12.51
CA ALA J 208 -30.01 -9.53 -13.81
C ALA J 208 -29.51 -8.09 -13.66
N ALA J 209 -30.23 -7.30 -12.87
CA ALA J 209 -29.84 -5.93 -12.58
C ALA J 209 -28.51 -5.88 -11.85
N GLY J 210 -28.35 -6.78 -10.88
CA GLY J 210 -27.09 -6.90 -10.13
C GLY J 210 -25.91 -7.21 -11.05
N LEU J 211 -26.11 -8.17 -11.95
CA LEU J 211 -25.08 -8.55 -12.92
C LEU J 211 -24.72 -7.40 -13.87
N LYS J 212 -25.74 -6.68 -14.32
CA LYS J 212 -25.55 -5.51 -15.17
C LYS J 212 -24.65 -4.47 -14.47
N ARG J 213 -24.93 -4.23 -13.20
CA ARG J 213 -24.15 -3.29 -12.40
C ARG J 213 -22.71 -3.79 -12.15
N GLU J 214 -22.61 -5.03 -11.67
CA GLU J 214 -21.34 -5.58 -11.19
C GLU J 214 -20.43 -6.10 -12.29
N CYS J 215 -21.00 -6.42 -13.45
CA CYS J 215 -20.25 -6.98 -14.58
C CYS J 215 -20.41 -6.17 -15.88
N PRO J 216 -19.90 -4.92 -15.89
CA PRO J 216 -20.14 -4.03 -17.03
C PRO J 216 -19.52 -4.52 -18.33
N LYS J 217 -18.46 -5.30 -18.25
CA LYS J 217 -17.78 -5.86 -19.43
C LYS J 217 -18.16 -7.33 -19.71
N GLY J 218 -19.28 -7.76 -19.16
CA GLY J 218 -19.74 -9.15 -19.34
C GLY J 218 -19.01 -10.11 -18.41
N ILE J 219 -19.38 -11.37 -18.52
CA ILE J 219 -18.84 -12.42 -17.65
C ILE J 219 -17.94 -13.36 -18.45
N ASP J 220 -16.68 -13.41 -18.08
CA ASP J 220 -15.69 -14.26 -18.74
C ASP J 220 -15.66 -15.69 -18.20
N VAL J 221 -15.81 -15.82 -16.89
CA VAL J 221 -15.83 -17.14 -16.24
C VAL J 221 -16.97 -17.19 -15.24
N PHE J 222 -17.82 -18.21 -15.38
CA PHE J 222 -18.85 -18.49 -14.41
C PHE J 222 -18.56 -19.83 -13.71
N PHE J 223 -18.32 -19.73 -12.41
CA PHE J 223 -18.10 -20.88 -11.54
C PHE J 223 -19.44 -21.23 -10.89
N ASP J 224 -20.05 -22.31 -11.37
CA ASP J 224 -21.43 -22.66 -10.95
C ASP J 224 -21.50 -23.81 -9.95
N ASN J 225 -21.99 -23.48 -8.77
CA ASN J 225 -22.25 -24.45 -7.71
C ASN J 225 -23.75 -24.71 -7.46
N VAL J 226 -24.61 -23.91 -8.10
CA VAL J 226 -26.05 -23.91 -7.75
C VAL J 226 -26.99 -24.28 -8.91
N GLY J 227 -26.66 -23.84 -10.12
CA GLY J 227 -27.48 -24.14 -11.29
C GLY J 227 -28.78 -23.37 -11.30
N GLY J 228 -29.81 -23.99 -11.86
CA GLY J 228 -31.16 -23.42 -11.85
C GLY J 228 -31.26 -22.05 -12.50
N GLU J 229 -32.12 -21.22 -11.92
CA GLU J 229 -32.42 -19.89 -12.47
C GLU J 229 -31.19 -18.95 -12.44
N ILE J 230 -30.35 -19.12 -11.43
CA ILE J 230 -29.11 -18.32 -11.33
C ILE J 230 -28.21 -18.56 -12.55
N LEU J 231 -28.01 -19.83 -12.89
CA LEU J 231 -27.25 -20.18 -14.09
C LEU J 231 -27.89 -19.58 -15.34
N ASP J 232 -29.20 -19.73 -15.45
CA ASP J 232 -29.93 -19.27 -16.65
C ASP J 232 -29.80 -17.76 -16.84
N THR J 233 -29.85 -17.02 -15.74
CA THR J 233 -29.69 -15.57 -15.78
C THR J 233 -28.24 -15.16 -16.10
N VAL J 234 -27.28 -15.87 -15.52
CA VAL J 234 -25.86 -15.59 -15.79
C VAL J 234 -25.53 -15.78 -17.29
N LEU J 235 -26.15 -16.78 -17.90
CA LEU J 235 -25.97 -17.06 -19.33
C LEU J 235 -26.30 -15.87 -20.23
N THR J 236 -27.25 -15.04 -19.82
CA THR J 236 -27.61 -13.84 -20.61
C THR J 236 -26.51 -12.78 -20.62
N ARG J 237 -25.53 -12.92 -19.72
CA ARG J 237 -24.49 -11.88 -19.56
C ARG J 237 -23.07 -12.34 -19.83
N ILE J 238 -22.91 -13.57 -20.32
CA ILE J 238 -21.58 -14.08 -20.61
C ILE J 238 -20.96 -13.36 -21.80
N ALA J 239 -19.64 -13.24 -21.75
CA ALA J 239 -18.88 -12.60 -22.82
C ALA J 239 -18.48 -13.60 -23.90
N PHE J 240 -18.00 -13.06 -25.01
CA PHE J 240 -17.39 -13.83 -26.08
C PHE J 240 -16.31 -14.75 -25.49
N LYS J 241 -16.38 -16.03 -25.84
CA LYS J 241 -15.42 -17.05 -25.38
C LYS J 241 -15.42 -17.28 -23.86
N ALA J 242 -16.57 -17.04 -23.24
CA ALA J 242 -16.72 -17.31 -21.82
C ALA J 242 -16.57 -18.81 -21.53
N ARG J 243 -16.14 -19.09 -20.30
CA ARG J 243 -16.07 -20.45 -19.80
C ARG J 243 -17.00 -20.57 -18.59
N ILE J 244 -17.90 -21.54 -18.67
CA ILE J 244 -18.77 -21.91 -17.56
C ILE J 244 -18.33 -23.25 -17.01
N VAL J 245 -17.93 -23.29 -15.74
CA VAL J 245 -17.55 -24.56 -15.10
C VAL J 245 -18.64 -25.01 -14.13
N LEU J 246 -19.14 -26.22 -14.38
CA LEU J 246 -20.20 -26.82 -13.55
C LEU J 246 -19.58 -27.73 -12.51
N CYS J 247 -19.77 -27.37 -11.24
CA CYS J 247 -19.28 -28.17 -10.11
C CYS J 247 -20.38 -28.82 -9.30
N GLY J 248 -21.59 -28.27 -9.40
CA GLY J 248 -22.75 -28.82 -8.73
C GLY J 248 -24.01 -28.06 -9.06
N ALA J 249 -25.12 -28.48 -8.48
CA ALA J 249 -26.42 -27.81 -8.63
C ALA J 249 -27.27 -28.09 -7.39
N ILE J 250 -28.09 -27.13 -6.98
CA ILE J 250 -28.91 -27.26 -5.77
C ILE J 250 -29.91 -28.39 -5.92
N SER J 251 -30.39 -28.59 -7.15
CA SER J 251 -31.38 -29.63 -7.45
C SER J 251 -30.81 -31.05 -7.33
N GLN J 252 -29.49 -31.19 -7.20
CA GLN J 252 -28.85 -32.57 -7.15
C GLN J 252 -29.65 -33.57 -6.26
N ARG J 260 -35.14 -28.13 -13.65
CA ARG J 260 -35.31 -27.14 -14.73
C ARG J 260 -33.97 -26.90 -15.48
N GLY J 261 -34.06 -26.78 -16.81
CA GLY J 261 -32.89 -26.65 -17.68
C GLY J 261 -32.73 -25.20 -18.10
N PRO J 262 -31.49 -24.80 -18.46
CA PRO J 262 -31.25 -23.40 -18.84
C PRO J 262 -31.82 -23.05 -20.22
N ALA J 263 -32.91 -22.28 -20.21
CA ALA J 263 -33.56 -21.83 -21.43
C ALA J 263 -32.67 -20.91 -22.28
N ASN J 264 -31.68 -20.30 -21.64
CA ASN J 264 -30.76 -19.38 -22.32
C ASN J 264 -29.46 -20.04 -22.80
N TYR J 265 -29.47 -21.37 -22.92
CA TYR J 265 -28.26 -22.12 -23.25
C TYR J 265 -27.67 -21.73 -24.61
N LEU J 266 -28.51 -21.24 -25.52
CA LEU J 266 -28.05 -20.81 -26.85
C LEU J 266 -27.14 -19.57 -26.81
N SER J 267 -27.09 -18.91 -25.66
CA SER J 267 -26.06 -17.90 -25.40
C SER J 267 -24.65 -18.47 -25.64
N LEU J 268 -24.49 -19.77 -25.38
CA LEU J 268 -23.21 -20.47 -25.66
C LEU J 268 -22.85 -20.44 -27.16
N LEU J 269 -23.87 -20.47 -27.99
CA LEU J 269 -23.69 -20.36 -29.45
C LEU J 269 -23.38 -18.90 -29.85
N VAL J 270 -24.26 -17.99 -29.45
CA VAL J 270 -24.11 -16.56 -29.74
C VAL J 270 -22.72 -16.05 -29.35
N ASN J 271 -22.28 -16.48 -28.17
CA ASN J 271 -21.00 -16.02 -27.60
C ASN J 271 -19.84 -16.99 -27.82
N ARG J 272 -20.12 -18.07 -28.53
CA ARG J 272 -19.11 -19.11 -28.82
C ARG J 272 -18.34 -19.44 -27.55
N ALA J 273 -19.12 -19.79 -26.55
CA ALA J 273 -18.65 -20.04 -25.22
C ALA J 273 -18.74 -21.52 -24.89
N ARG J 274 -18.12 -21.89 -23.77
CA ARG J 274 -17.96 -23.28 -23.36
C ARG J 274 -18.57 -23.52 -21.99
N MET J 275 -19.34 -24.60 -21.87
CA MET J 275 -19.89 -25.05 -20.60
C MET J 275 -19.40 -26.46 -20.34
N GLU J 276 -18.74 -26.64 -19.20
CA GLU J 276 -18.02 -27.90 -18.93
C GLU J 276 -18.13 -28.34 -17.48
N GLY J 277 -18.39 -29.63 -17.30
CA GLY J 277 -18.47 -30.22 -15.97
C GLY J 277 -17.14 -30.75 -15.51
N MET J 278 -16.96 -30.78 -14.19
CA MET J 278 -15.76 -31.36 -13.59
C MET J 278 -16.08 -32.03 -12.26
N VAL J 279 -15.20 -32.94 -11.88
CA VAL J 279 -15.24 -33.64 -10.60
C VAL J 279 -13.81 -33.66 -10.04
N VAL J 280 -13.65 -33.29 -8.77
CA VAL J 280 -12.30 -33.09 -8.19
C VAL J 280 -11.43 -34.35 -8.19
N MET J 281 -12.03 -35.51 -8.01
CA MET J 281 -11.24 -36.76 -7.96
C MET J 281 -10.52 -37.07 -9.28
N ASP J 282 -10.99 -36.51 -10.39
CA ASP J 282 -10.27 -36.62 -11.68
C ASP J 282 -8.88 -35.97 -11.64
N TYR J 283 -8.65 -35.10 -10.66
CA TYR J 283 -7.37 -34.40 -10.51
C TYR J 283 -6.46 -34.97 -9.41
N ALA J 284 -6.80 -36.15 -8.89
CA ALA J 284 -6.08 -36.78 -7.77
C ALA J 284 -4.55 -36.77 -7.94
N GLN J 285 -4.08 -37.07 -9.14
CA GLN J 285 -2.64 -37.10 -9.42
C GLN J 285 -1.93 -35.76 -9.24
N ARG J 286 -2.70 -34.69 -9.29
CA ARG J 286 -2.14 -33.33 -9.20
C ARG J 286 -2.40 -32.69 -7.84
N PHE J 287 -3.00 -33.44 -6.93
CA PHE J 287 -3.24 -32.94 -5.57
C PHE J 287 -1.98 -32.38 -4.89
N PRO J 288 -0.84 -33.08 -4.97
CA PRO J 288 0.32 -32.58 -4.22
C PRO J 288 0.74 -31.15 -4.59
N GLU J 289 0.76 -30.83 -5.88
CA GLU J 289 1.14 -29.48 -6.31
C GLU J 289 0.05 -28.47 -5.95
N GLY J 290 -1.19 -28.88 -6.08
CA GLY J 290 -2.33 -28.04 -5.71
C GLY J 290 -2.36 -27.71 -4.22
N LEU J 291 -2.21 -28.75 -3.40
CA LEU J 291 -2.18 -28.59 -1.93
C LEU J 291 -1.03 -27.72 -1.50
N LYS J 292 0.13 -27.95 -2.11
CA LYS J 292 1.35 -27.18 -1.81
C LYS J 292 1.14 -25.69 -2.05
N GLU J 293 0.57 -25.34 -3.20
CA GLU J 293 0.31 -23.93 -3.50
C GLU J 293 -0.74 -23.32 -2.58
N MET J 294 -1.84 -24.05 -2.39
CA MET J 294 -2.90 -23.61 -1.48
C MET J 294 -2.37 -23.34 -0.07
N ALA J 295 -1.53 -24.24 0.43
CA ALA J 295 -0.94 -24.10 1.77
C ALA J 295 -0.14 -22.81 1.94
N THR J 296 0.61 -22.43 0.90
CA THR J 296 1.38 -21.17 0.96
C THR J 296 0.46 -19.94 0.94
N TRP J 297 -0.61 -19.98 0.14
CA TRP J 297 -1.57 -18.88 0.12
C TRP J 297 -2.18 -18.69 1.48
N LEU J 298 -2.56 -19.80 2.10
CA LEU J 298 -3.13 -19.77 3.46
C LEU J 298 -2.13 -19.22 4.46
N ALA J 299 -0.91 -19.74 4.43
CA ALA J 299 0.15 -19.34 5.37
C ALA J 299 0.48 -17.86 5.26
N GLU J 300 0.44 -17.34 4.04
CA GLU J 300 0.77 -15.92 3.77
C GLU J 300 -0.40 -14.98 4.05
N GLY J 301 -1.56 -15.55 4.37
CA GLY J 301 -2.77 -14.76 4.62
C GLY J 301 -3.45 -14.22 3.37
N LYS J 302 -3.03 -14.72 2.20
CA LYS J 302 -3.60 -14.30 0.92
C LYS J 302 -4.96 -14.94 0.68
N LEU J 303 -5.19 -16.05 1.35
CA LEU J 303 -6.44 -16.78 1.23
C LEU J 303 -6.90 -17.21 2.63
N GLN J 304 -8.19 -17.02 2.89
CA GLN J 304 -8.79 -17.35 4.18
C GLN J 304 -9.73 -18.54 4.07
N SER J 305 -9.70 -19.38 5.08
CA SER J 305 -10.55 -20.56 5.13
C SER J 305 -11.24 -20.61 6.49
N ARG J 306 -12.54 -20.77 6.47
CA ARG J 306 -13.30 -20.87 7.71
C ARG J 306 -13.93 -22.24 7.88
N GLU J 307 -13.70 -22.82 9.04
CA GLU J 307 -14.31 -24.10 9.38
C GLU J 307 -15.25 -23.93 10.57
N ASP J 308 -16.42 -24.53 10.44
CA ASP J 308 -17.39 -24.57 11.53
C ASP J 308 -17.31 -25.95 12.19
N ILE J 309 -16.69 -25.99 13.36
CA ILE J 309 -16.40 -27.25 14.03
C ILE J 309 -17.42 -27.54 15.13
N VAL J 310 -18.13 -28.66 14.97
CA VAL J 310 -19.05 -29.15 15.99
C VAL J 310 -18.49 -30.43 16.59
N GLU J 311 -18.65 -30.59 17.91
CA GLU J 311 -18.00 -31.68 18.65
C GLU J 311 -18.93 -32.84 18.97
N GLY J 312 -18.42 -34.05 18.76
CA GLY J 312 -19.09 -35.27 19.20
C GLY J 312 -19.73 -36.07 18.08
N LEU J 313 -19.16 -37.25 17.83
CA LEU J 313 -19.68 -38.18 16.81
C LEU J 313 -21.18 -38.42 16.99
N GLU J 314 -21.58 -38.58 18.26
CA GLU J 314 -22.97 -38.89 18.63
C GLU J 314 -23.98 -37.83 18.16
N THR J 315 -23.53 -36.59 17.99
CA THR J 315 -24.40 -35.50 17.54
C THR J 315 -24.64 -35.47 16.01
N PHE J 316 -24.05 -36.43 15.30
CA PHE J 316 -24.05 -36.42 13.83
C PHE J 316 -25.39 -36.11 13.14
N PRO J 317 -26.46 -36.88 13.46
CA PRO J 317 -27.75 -36.63 12.80
C PRO J 317 -28.28 -35.19 12.95
N GLU J 318 -28.14 -34.62 14.15
CA GLU J 318 -28.58 -33.24 14.41
C GLU J 318 -27.63 -32.25 13.71
N THR J 319 -26.33 -32.47 13.88
CA THR J 319 -25.31 -31.58 13.29
C THR J 319 -25.42 -31.56 11.75
N LEU J 320 -25.75 -32.69 11.16
CA LEU J 320 -25.99 -32.77 9.70
C LEU J 320 -27.09 -31.81 9.22
N LEU J 321 -28.13 -31.63 10.02
CA LEU J 321 -29.21 -30.68 9.68
C LEU J 321 -28.73 -29.23 9.60
N LYS J 322 -27.71 -28.90 10.39
CA LYS J 322 -27.11 -27.55 10.36
C LYS J 322 -26.56 -27.17 8.98
N LEU J 323 -26.27 -28.18 8.17
CA LEU J 323 -25.83 -27.96 6.78
C LEU J 323 -26.84 -27.14 6.01
N PHE J 324 -28.10 -27.15 6.45
CA PHE J 324 -29.22 -26.52 5.72
C PHE J 324 -29.87 -25.31 6.41
N SER J 325 -29.16 -24.68 7.34
CA SER J 325 -29.70 -23.61 8.19
C SER J 325 -29.38 -22.20 7.70
N GLY J 326 -28.44 -22.10 6.78
CA GLY J 326 -27.79 -20.86 6.40
C GLY J 326 -26.79 -20.44 7.46
N PHE J 329 -22.39 -21.32 8.71
CA PHE J 329 -21.29 -20.42 8.37
C PHE J 329 -19.85 -20.98 8.44
N GLY J 330 -19.41 -21.37 7.24
CA GLY J 330 -18.12 -21.97 7.01
C GLY J 330 -18.27 -23.47 6.86
N LYS J 331 -17.21 -24.09 6.34
CA LYS J 331 -17.19 -25.52 6.03
C LYS J 331 -17.51 -26.34 7.29
N LEU J 332 -18.54 -27.17 7.21
CA LEU J 332 -19.03 -27.92 8.38
C LEU J 332 -18.18 -29.15 8.64
N VAL J 333 -17.63 -29.17 9.85
CA VAL J 333 -16.74 -30.24 10.27
C VAL J 333 -17.17 -30.84 11.62
N LEU J 334 -17.22 -32.16 11.69
CA LEU J 334 -17.57 -32.87 12.92
C LEU J 334 -16.32 -33.44 13.59
N LYS J 335 -16.00 -32.92 14.78
CA LYS J 335 -14.89 -33.47 15.56
C LYS J 335 -15.37 -34.74 16.24
N VAL J 336 -14.67 -35.83 15.97
CA VAL J 336 -15.01 -37.12 16.54
C VAL J 336 -14.34 -37.17 17.90
N ILE K 7 25.88 -70.49 15.03
CA ILE K 7 26.88 -69.69 14.25
C ILE K 7 26.20 -68.72 13.28
N ASN K 8 26.64 -67.46 13.26
CA ASN K 8 26.28 -66.53 12.20
C ASN K 8 27.57 -66.14 11.48
N ARG K 9 27.72 -66.52 10.20
CA ARG K 9 28.86 -66.08 9.39
C ARG K 9 28.57 -64.71 8.82
N GLN K 10 29.55 -63.82 8.86
CA GLN K 10 29.39 -62.43 8.42
C GLN K 10 30.56 -61.97 7.58
N TYR K 11 30.27 -61.20 6.53
CA TYR K 11 31.31 -60.47 5.81
C TYR K 11 31.45 -59.03 6.30
N THR K 25 39.97 -56.62 2.07
CA THR K 25 38.84 -55.94 1.45
C THR K 25 37.54 -56.23 2.24
N PHE K 26 37.09 -57.47 2.19
CA PHE K 26 36.13 -57.99 3.16
C PHE K 26 36.79 -59.03 4.05
N SER K 27 36.29 -59.09 5.28
CA SER K 27 36.71 -60.07 6.25
C SER K 27 35.59 -61.03 6.59
N PHE K 28 35.88 -62.33 6.50
CA PHE K 28 34.89 -63.38 6.74
C PHE K 28 34.98 -63.86 8.20
N VAL K 29 33.98 -63.50 8.99
CA VAL K 29 34.02 -63.75 10.43
C VAL K 29 32.85 -64.59 10.93
N GLU K 30 33.10 -65.43 11.93
CA GLU K 30 32.07 -66.24 12.56
C GLU K 30 31.74 -65.68 13.93
N THR K 31 30.46 -65.41 14.14
CA THR K 31 29.97 -64.85 15.39
C THR K 31 28.88 -65.76 15.96
N PRO K 32 28.84 -65.92 17.29
CA PRO K 32 27.73 -66.69 17.85
C PRO K 32 26.40 -65.99 17.61
N LEU K 33 25.40 -66.76 17.20
CA LEU K 33 24.09 -66.21 16.89
C LEU K 33 23.41 -65.78 18.18
N GLY K 34 23.12 -64.49 18.29
CA GLY K 34 22.46 -63.95 19.46
C GLY K 34 20.96 -64.12 19.42
N GLU K 35 20.30 -63.38 20.30
CA GLU K 35 18.84 -63.40 20.44
C GLU K 35 18.30 -62.02 20.17
N PRO K 36 17.12 -61.94 19.52
CA PRO K 36 16.56 -60.61 19.34
C PRO K 36 16.10 -60.02 20.66
N ALA K 37 16.35 -58.73 20.82
CA ALA K 37 15.81 -57.96 21.93
C ALA K 37 14.42 -57.44 21.56
N GLU K 38 13.74 -56.80 22.51
CA GLU K 38 12.40 -56.24 22.24
C GLU K 38 12.43 -55.29 21.06
N GLY K 39 11.38 -55.37 20.27
CA GLY K 39 11.26 -54.54 19.08
C GLY K 39 12.16 -55.00 17.94
N GLN K 40 12.80 -56.16 18.11
CA GLN K 40 13.65 -56.73 17.08
C GLN K 40 13.10 -58.05 16.54
N ILE K 41 13.63 -58.43 15.38
CA ILE K 41 13.35 -59.75 14.82
C ILE K 41 14.66 -60.47 14.51
N LEU K 42 14.56 -61.80 14.47
CA LEU K 42 15.66 -62.66 14.04
C LEU K 42 15.23 -63.31 12.73
N VAL K 43 16.05 -63.08 11.70
CA VAL K 43 15.76 -63.55 10.35
C VAL K 43 16.86 -64.46 9.84
N LYS K 44 16.46 -65.61 9.31
CA LYS K 44 17.38 -66.45 8.56
C LYS K 44 17.47 -65.91 7.15
N ASN K 45 18.63 -65.40 6.76
CA ASN K 45 18.81 -64.83 5.43
C ASN K 45 18.85 -65.93 4.38
N GLU K 46 18.05 -65.76 3.32
CA GLU K 46 17.92 -66.81 2.29
C GLU K 46 18.51 -66.39 0.95
N TYR K 47 18.18 -65.18 0.52
CA TYR K 47 18.69 -64.62 -0.73
C TYR K 47 19.10 -63.19 -0.53
N LEU K 48 20.24 -62.84 -1.11
CA LEU K 48 20.76 -61.48 -1.05
C LEU K 48 20.82 -60.86 -2.43
N SER K 49 20.45 -59.60 -2.49
CA SER K 49 20.42 -58.87 -3.73
C SER K 49 21.79 -58.28 -3.99
N LEU K 50 22.36 -58.60 -5.14
CA LEU K 50 23.57 -57.87 -5.50
C LEU K 50 23.08 -56.63 -6.23
N ASP K 51 23.38 -55.44 -5.68
CA ASP K 51 22.92 -54.11 -6.18
C ASP K 51 24.10 -53.20 -6.48
N PRO K 52 24.03 -52.42 -7.59
CA PRO K 52 25.07 -51.42 -7.87
C PRO K 52 25.30 -50.41 -6.72
N ALA K 53 24.26 -50.08 -5.97
CA ALA K 53 24.35 -49.15 -4.83
C ALA K 53 25.40 -49.55 -3.78
N MET K 54 25.80 -50.81 -3.79
CA MET K 54 26.73 -51.35 -2.77
C MET K 54 28.07 -50.56 -2.67
N ARG K 55 28.27 -49.51 -3.48
CA ARG K 55 29.59 -48.86 -3.62
C ARG K 55 29.95 -47.92 -2.46
N GLU K 72 31.80 -53.10 10.51
CA GLU K 72 30.39 -53.42 10.33
C GLU K 72 30.13 -54.51 9.26
N VAL K 73 29.10 -55.29 9.50
CA VAL K 73 28.62 -56.26 8.52
C VAL K 73 28.26 -55.51 7.23
N MET K 74 28.74 -56.00 6.09
CA MET K 74 28.47 -55.34 4.81
C MET K 74 26.97 -55.21 4.53
N ARG K 75 26.54 -54.04 4.05
CA ARG K 75 25.09 -53.81 3.77
C ARG K 75 24.65 -54.61 2.53
N ALA K 76 23.43 -55.11 2.61
CA ALA K 76 22.83 -55.80 1.48
C ALA K 76 21.33 -55.98 1.69
N LEU K 77 20.57 -55.71 0.63
CA LEU K 77 19.14 -56.00 0.65
C LEU K 77 18.97 -57.50 0.45
N GLY K 78 17.98 -58.06 1.10
CA GLY K 78 17.76 -59.49 1.00
C GLY K 78 16.35 -59.90 1.33
N VAL K 79 16.09 -61.18 1.08
CA VAL K 79 14.87 -61.81 1.51
C VAL K 79 15.23 -62.93 2.50
N GLY K 80 14.46 -63.02 3.57
CA GLY K 80 14.70 -64.02 4.60
C GLY K 80 13.46 -64.42 5.35
N LYS K 81 13.61 -65.45 6.18
CA LYS K 81 12.50 -66.00 6.96
C LYS K 81 12.62 -65.58 8.41
N VAL K 82 11.53 -65.08 8.96
CA VAL K 82 11.50 -64.70 10.38
C VAL K 82 11.45 -65.96 11.23
N LEU K 83 12.48 -66.15 12.06
CA LEU K 83 12.55 -67.29 12.98
C LEU K 83 11.96 -66.94 14.34
N VAL K 84 12.33 -65.76 14.83
CA VAL K 84 11.82 -65.24 16.11
C VAL K 84 11.46 -63.77 15.94
N SER K 85 10.28 -63.40 16.42
CA SER K 85 9.86 -62.00 16.42
C SER K 85 9.50 -61.50 17.81
N LYS K 86 10.07 -60.34 18.15
CA LYS K 86 9.64 -59.56 19.32
C LYS K 86 9.14 -58.19 18.86
N HIS K 87 8.46 -58.22 17.71
CA HIS K 87 7.91 -57.03 17.07
C HIS K 87 6.52 -57.36 16.61
N PRO K 88 5.52 -56.53 16.98
CA PRO K 88 4.10 -56.85 16.68
C PRO K 88 3.74 -56.89 15.19
N GLY K 89 4.58 -56.31 14.35
CA GLY K 89 4.34 -56.30 12.90
C GLY K 89 4.75 -57.57 12.16
N PHE K 90 5.43 -58.47 12.87
CA PHE K 90 6.01 -59.67 12.25
C PHE K 90 5.84 -60.91 13.11
N GLN K 91 5.68 -62.04 12.46
CA GLN K 91 5.54 -63.31 13.15
C GLN K 91 6.52 -64.32 12.59
N ALA K 92 6.90 -65.28 13.43
CA ALA K 92 7.70 -66.43 13.02
C ALA K 92 7.03 -67.11 11.82
N GLY K 93 7.83 -67.40 10.80
CA GLY K 93 7.30 -68.01 9.57
C GLY K 93 7.06 -67.00 8.45
N ASP K 94 6.94 -65.72 8.79
CA ASP K 94 6.87 -64.64 7.78
C ASP K 94 8.16 -64.59 6.97
N TYR K 95 8.03 -64.33 5.68
CA TYR K 95 9.16 -63.98 4.84
C TYR K 95 9.17 -62.48 4.63
N VAL K 96 10.36 -61.89 4.74
CA VAL K 96 10.51 -60.45 4.67
C VAL K 96 11.58 -60.03 3.68
N ASN K 97 11.39 -58.83 3.13
CA ASN K 97 12.40 -58.11 2.35
C ASN K 97 12.93 -56.96 3.20
N GLY K 98 14.24 -56.78 3.23
CA GLY K 98 14.86 -55.72 4.02
C GLY K 98 16.37 -55.68 3.89
N ALA K 99 16.99 -54.75 4.60
CA ALA K 99 18.45 -54.65 4.64
C ALA K 99 18.97 -55.72 5.59
N LEU K 100 19.17 -56.93 5.07
CA LEU K 100 19.50 -58.10 5.90
C LEU K 100 21.00 -58.26 6.14
N GLY K 101 21.80 -57.66 5.27
CA GLY K 101 23.25 -57.70 5.41
C GLY K 101 23.88 -58.96 4.85
N VAL K 102 25.19 -58.88 4.58
CA VAL K 102 25.93 -60.01 4.01
C VAL K 102 26.32 -60.97 5.14
N GLN K 103 25.35 -61.77 5.54
CA GLN K 103 25.50 -62.66 6.68
C GLN K 103 24.44 -63.76 6.65
N ASP K 104 24.61 -64.75 7.51
CA ASP K 104 23.66 -65.89 7.61
C ASP K 104 22.35 -65.46 8.24
N TYR K 105 22.46 -64.64 9.27
CA TYR K 105 21.31 -64.23 10.08
C TYR K 105 21.29 -62.72 10.30
N PHE K 106 20.11 -62.14 10.23
CA PHE K 106 19.89 -60.76 10.62
C PHE K 106 19.18 -60.70 11.96
N ILE K 107 19.73 -59.90 12.87
CA ILE K 107 19.06 -59.57 14.13
C ILE K 107 19.01 -58.06 14.27
N GLY K 108 17.80 -57.53 14.44
CA GLY K 108 17.64 -56.09 14.62
C GLY K 108 16.24 -55.59 14.41
N GLU K 109 16.10 -54.27 14.46
CA GLU K 109 14.84 -53.59 14.20
C GLU K 109 14.52 -53.71 12.72
N PRO K 110 13.28 -54.15 12.37
CA PRO K 110 12.94 -54.35 10.97
C PRO K 110 12.56 -53.06 10.26
N LYS K 111 13.42 -52.06 10.35
CA LYS K 111 13.16 -50.73 9.79
C LYS K 111 13.11 -50.77 8.27
N GLY K 112 11.97 -50.41 7.69
CA GLY K 112 11.80 -50.42 6.24
C GLY K 112 11.60 -51.82 5.65
N PHE K 113 11.42 -52.80 6.53
CA PHE K 113 11.18 -54.18 6.09
C PHE K 113 9.73 -54.30 5.67
N TYR K 114 9.47 -55.15 4.68
CA TYR K 114 8.10 -55.53 4.35
C TYR K 114 7.96 -57.04 4.09
N LYS K 115 6.78 -57.56 4.40
CA LYS K 115 6.49 -58.97 4.20
C LYS K 115 6.30 -59.27 2.73
N VAL K 116 6.75 -60.44 2.28
CA VAL K 116 6.44 -60.93 0.93
C VAL K 116 5.84 -62.33 1.00
N ASP K 117 4.96 -62.65 0.05
CA ASP K 117 4.17 -63.90 0.10
C ASP K 117 4.80 -64.94 -0.85
N PRO K 118 5.50 -65.96 -0.30
CA PRO K 118 6.13 -66.98 -1.15
C PRO K 118 5.16 -67.90 -1.90
N SER K 119 3.89 -67.88 -1.57
CA SER K 119 2.89 -68.68 -2.29
C SER K 119 2.50 -68.04 -3.62
N ARG K 120 2.83 -66.76 -3.78
CA ARG K 120 2.46 -65.99 -4.99
C ARG K 120 3.57 -65.84 -6.03
N ALA K 121 4.80 -66.09 -5.62
CA ALA K 121 5.97 -65.93 -6.49
C ALA K 121 7.20 -66.53 -5.80
N PRO K 122 8.17 -67.04 -6.57
CA PRO K 122 9.37 -67.56 -5.93
C PRO K 122 10.09 -66.44 -5.19
N LEU K 123 10.72 -66.78 -4.07
CA LEU K 123 11.37 -65.82 -3.19
C LEU K 123 12.32 -64.88 -3.89
N PRO K 124 13.22 -65.40 -4.74
CA PRO K 124 14.17 -64.49 -5.38
C PRO K 124 13.52 -63.47 -6.29
N ARG K 125 12.33 -63.77 -6.78
CA ARG K 125 11.61 -62.87 -7.67
C ARG K 125 11.15 -61.58 -6.96
N TYR K 126 11.06 -61.65 -5.64
CA TYR K 126 10.78 -60.46 -4.85
C TYR K 126 11.99 -59.53 -4.73
N LEU K 127 13.09 -59.90 -5.39
CA LEU K 127 14.26 -59.04 -5.52
C LEU K 127 14.44 -58.58 -6.97
N SER K 128 13.59 -59.06 -7.86
CA SER K 128 13.70 -58.71 -9.29
C SER K 128 12.40 -58.05 -9.78
N ALA K 129 11.63 -58.76 -10.59
CA ALA K 129 10.39 -58.24 -11.18
C ALA K 129 9.37 -57.78 -10.15
N LEU K 130 9.32 -58.48 -9.01
CA LEU K 130 8.44 -58.12 -7.89
C LEU K 130 9.21 -57.46 -6.76
N GLY K 131 10.41 -56.98 -7.10
CA GLY K 131 11.24 -56.22 -6.18
C GLY K 131 11.49 -54.82 -6.72
N MET K 132 12.56 -54.20 -6.23
CA MET K 132 12.84 -52.79 -6.53
C MET K 132 13.26 -52.56 -7.97
N THR K 133 13.95 -53.52 -8.58
CA THR K 133 14.33 -53.39 -9.98
C THR K 133 13.09 -53.39 -10.88
N GLY K 134 12.19 -54.33 -10.64
CA GLY K 134 10.96 -54.45 -11.40
C GLY K 134 10.04 -53.26 -11.24
N MET K 135 9.89 -52.79 -10.01
CA MET K 135 9.07 -51.62 -9.75
C MET K 135 9.72 -50.34 -10.29
N THR K 136 11.04 -50.30 -10.33
CA THR K 136 11.74 -49.20 -10.99
C THR K 136 11.35 -49.16 -12.47
N ALA K 137 11.44 -50.30 -13.13
CA ALA K 137 11.08 -50.45 -14.55
C ALA K 137 9.62 -50.04 -14.76
N TYR K 138 8.76 -50.57 -13.91
CA TYR K 138 7.32 -50.33 -14.01
C TYR K 138 6.97 -48.84 -13.91
N PHE K 139 7.38 -48.20 -12.82
CA PHE K 139 6.99 -46.81 -12.58
C PHE K 139 7.75 -45.83 -13.47
N ALA K 140 9.04 -46.07 -13.67
CA ALA K 140 9.85 -45.20 -14.50
C ALA K 140 9.32 -45.19 -15.94
N LEU K 141 9.09 -46.37 -16.50
CA LEU K 141 8.58 -46.46 -17.87
C LEU K 141 7.17 -45.88 -18.00
N LEU K 142 6.26 -46.36 -17.16
CA LEU K 142 4.84 -46.04 -17.32
C LEU K 142 4.45 -44.64 -16.83
N ASP K 143 5.01 -44.22 -15.70
CA ASP K 143 4.65 -42.89 -15.16
C ASP K 143 5.46 -41.75 -15.79
N VAL K 144 6.74 -42.00 -16.07
CA VAL K 144 7.61 -40.94 -16.60
C VAL K 144 7.76 -41.04 -18.12
N GLY K 145 8.06 -42.24 -18.61
CA GLY K 145 8.20 -42.46 -20.05
C GLY K 145 6.88 -42.33 -20.80
N GLN K 146 5.80 -42.77 -20.16
CA GLN K 146 4.44 -42.77 -20.74
C GLN K 146 4.41 -43.26 -22.19
N PRO K 147 4.89 -44.49 -22.42
CA PRO K 147 4.93 -44.98 -23.79
C PRO K 147 3.53 -45.25 -24.33
N LYS K 148 3.38 -45.06 -25.63
CA LYS K 148 2.10 -45.30 -26.31
C LYS K 148 2.26 -46.33 -27.42
N ASN K 149 1.16 -46.96 -27.77
CA ASN K 149 1.14 -47.96 -28.85
C ASN K 149 1.83 -47.43 -30.11
N GLY K 150 2.73 -48.23 -30.66
CA GLY K 150 3.43 -47.87 -31.90
C GLY K 150 4.66 -46.99 -31.74
N GLU K 151 4.89 -46.48 -30.53
CA GLU K 151 6.08 -45.67 -30.29
C GLU K 151 7.32 -46.54 -30.22
N THR K 152 8.46 -45.92 -30.50
CA THR K 152 9.75 -46.60 -30.38
C THR K 152 10.39 -46.30 -29.03
N VAL K 153 10.63 -47.37 -28.28
CA VAL K 153 11.25 -47.32 -26.96
C VAL K 153 12.65 -47.93 -27.01
N VAL K 154 13.64 -47.13 -26.62
CA VAL K 154 15.01 -47.60 -26.53
C VAL K 154 15.42 -47.74 -25.07
N ILE K 155 16.08 -48.86 -24.77
CA ILE K 155 16.50 -49.15 -23.40
C ILE K 155 17.99 -49.39 -23.32
N SER K 156 18.66 -48.59 -22.48
CA SER K 156 20.07 -48.84 -22.18
C SER K 156 20.19 -49.77 -20.97
N GLY K 157 21.36 -50.40 -20.83
CA GLY K 157 21.55 -51.48 -19.84
C GLY K 157 20.44 -52.52 -19.96
N ALA K 158 20.08 -52.83 -21.20
CA ALA K 158 18.84 -53.56 -21.51
C ALA K 158 18.81 -55.01 -21.00
N ALA K 159 19.99 -55.59 -20.80
CA ALA K 159 20.10 -56.96 -20.27
C ALA K 159 20.11 -56.98 -18.75
N GLY K 160 20.24 -55.82 -18.13
CA GLY K 160 20.18 -55.71 -16.67
C GLY K 160 18.79 -55.96 -16.13
N ALA K 161 18.70 -56.04 -14.81
CA ALA K 161 17.44 -56.35 -14.11
C ALA K 161 16.34 -55.32 -14.36
N VAL K 162 16.71 -54.05 -14.35
CA VAL K 162 15.73 -52.98 -14.59
C VAL K 162 15.34 -52.94 -16.08
N GLY K 163 16.35 -52.85 -16.93
CA GLY K 163 16.15 -52.70 -18.36
C GLY K 163 15.40 -53.84 -19.04
N SER K 164 15.73 -55.06 -18.64
CA SER K 164 15.11 -56.25 -19.24
C SER K 164 13.61 -56.30 -18.94
N VAL K 165 13.23 -55.88 -17.74
CA VAL K 165 11.82 -55.78 -17.37
C VAL K 165 11.13 -54.62 -18.11
N ALA K 166 11.78 -53.46 -18.13
CA ALA K 166 11.24 -52.28 -18.79
C ALA K 166 10.90 -52.54 -20.27
N GLY K 167 11.81 -53.19 -20.97
CA GLY K 167 11.62 -53.53 -22.39
C GLY K 167 10.42 -54.43 -22.63
N GLN K 168 10.22 -55.38 -21.72
CA GLN K 168 9.10 -56.31 -21.84
C GLN K 168 7.77 -55.60 -21.58
N ILE K 169 7.75 -54.72 -20.59
CA ILE K 169 6.56 -53.90 -20.32
C ILE K 169 6.21 -53.07 -21.56
N ALA K 170 7.24 -52.47 -22.15
CA ALA K 170 7.07 -51.67 -23.37
C ALA K 170 6.47 -52.49 -24.52
N ARG K 171 6.96 -53.72 -24.68
CA ARG K 171 6.41 -54.64 -25.69
C ARG K 171 4.92 -54.87 -25.45
N LEU K 172 4.56 -55.10 -24.19
CA LEU K 172 3.16 -55.33 -23.80
C LEU K 172 2.25 -54.13 -24.09
N LYS K 173 2.83 -52.93 -24.14
CA LYS K 173 2.08 -51.71 -24.44
C LYS K 173 1.99 -51.42 -25.95
N GLY K 174 2.56 -52.31 -26.75
CA GLY K 174 2.47 -52.22 -28.21
C GLY K 174 3.58 -51.41 -28.85
N CYS K 175 4.66 -51.23 -28.11
CA CYS K 175 5.79 -50.45 -28.60
C CYS K 175 6.79 -51.26 -29.40
N ARG K 176 7.50 -50.58 -30.27
CA ARG K 176 8.72 -51.12 -30.86
C ARG K 176 9.83 -50.96 -29.82
N VAL K 177 10.48 -52.07 -29.48
CA VAL K 177 11.43 -52.10 -28.37
C VAL K 177 12.85 -52.44 -28.83
N VAL K 178 13.76 -51.51 -28.62
CA VAL K 178 15.16 -51.66 -29.03
C VAL K 178 16.09 -51.54 -27.82
N GLY K 179 16.88 -52.59 -27.63
CA GLY K 179 17.80 -52.67 -26.50
C GLY K 179 19.21 -52.27 -26.89
N ILE K 180 19.92 -51.66 -25.95
CA ILE K 180 21.36 -51.40 -26.10
C ILE K 180 22.08 -52.17 -25.00
N ALA K 181 23.00 -53.03 -25.43
CA ALA K 181 23.76 -53.84 -24.48
C ALA K 181 25.13 -54.18 -25.03
N GLY K 182 26.03 -54.55 -24.11
CA GLY K 182 27.40 -54.89 -24.45
C GLY K 182 27.61 -56.39 -24.63
N GLY K 183 27.95 -56.79 -25.84
CA GLY K 183 28.24 -58.20 -26.15
C GLY K 183 27.16 -58.90 -26.95
N ALA K 184 27.58 -59.88 -27.76
CA ALA K 184 26.68 -60.57 -28.70
C ALA K 184 25.64 -61.44 -27.98
N GLU K 185 26.04 -62.04 -26.88
CA GLU K 185 25.22 -62.96 -26.14
C GLU K 185 24.04 -62.24 -25.45
N LYS K 186 24.34 -61.13 -24.79
CA LYS K 186 23.31 -60.26 -24.19
C LYS K 186 22.28 -59.82 -25.23
N CYS K 187 22.77 -59.36 -26.37
CA CYS K 187 21.88 -58.88 -27.45
C CYS K 187 20.99 -59.99 -28.02
N ARG K 188 21.57 -61.19 -28.23
CA ARG K 188 20.84 -62.41 -28.68
C ARG K 188 19.72 -62.71 -27.66
N PHE K 189 20.09 -62.70 -26.38
CA PHE K 189 19.14 -62.96 -25.29
C PHE K 189 17.94 -61.99 -25.30
N LEU K 190 18.23 -60.70 -25.46
CA LEU K 190 17.18 -59.67 -25.50
C LEU K 190 16.15 -59.94 -26.61
N VAL K 191 16.65 -60.25 -27.80
CA VAL K 191 15.77 -60.46 -28.95
C VAL K 191 15.09 -61.83 -28.91
N GLU K 192 15.88 -62.89 -28.74
CA GLU K 192 15.36 -64.26 -28.87
C GLU K 192 14.58 -64.74 -27.65
N GLU K 193 15.00 -64.33 -26.46
CA GLU K 193 14.34 -64.77 -25.22
C GLU K 193 13.31 -63.77 -24.68
N LEU K 194 13.65 -62.49 -24.65
CA LEU K 194 12.76 -61.47 -24.07
C LEU K 194 11.80 -60.83 -25.08
N GLY K 195 12.02 -61.07 -26.37
CA GLY K 195 11.12 -60.57 -27.42
C GLY K 195 11.34 -59.12 -27.82
N PHE K 196 12.51 -58.57 -27.51
CA PHE K 196 12.88 -57.24 -28.00
C PHE K 196 12.86 -57.27 -29.53
N ASP K 197 12.40 -56.18 -30.15
CA ASP K 197 12.35 -56.07 -31.61
C ASP K 197 13.74 -55.97 -32.20
N GLY K 198 14.65 -55.36 -31.44
CA GLY K 198 16.03 -55.23 -31.88
C GLY K 198 16.96 -55.02 -30.71
N ALA K 199 18.25 -55.23 -30.97
CA ALA K 199 19.28 -55.06 -29.96
C ALA K 199 20.56 -54.58 -30.62
N ILE K 200 21.16 -53.53 -30.06
CA ILE K 200 22.39 -52.96 -30.61
C ILE K 200 23.55 -53.28 -29.68
N ASP K 201 24.57 -53.94 -30.23
CA ASP K 201 25.78 -54.29 -29.48
C ASP K 201 26.79 -53.16 -29.60
N TYR K 202 26.76 -52.24 -28.64
CA TYR K 202 27.59 -51.03 -28.71
C TYR K 202 29.10 -51.31 -28.63
N LYS K 203 29.46 -52.46 -28.08
CA LYS K 203 30.87 -52.85 -27.98
C LYS K 203 31.45 -53.38 -29.30
N ASN K 204 30.58 -53.91 -30.16
CA ASN K 204 31.00 -54.54 -31.42
C ASN K 204 30.48 -53.84 -32.67
N GLU K 205 29.75 -52.76 -32.47
CA GLU K 205 29.07 -52.07 -33.56
C GLU K 205 28.92 -50.59 -33.24
N ASP K 206 28.97 -49.73 -34.25
CA ASP K 206 28.77 -48.29 -34.04
C ASP K 206 27.32 -48.01 -33.60
N LEU K 207 27.18 -47.35 -32.45
CA LEU K 207 25.86 -47.13 -31.85
C LEU K 207 24.94 -46.30 -32.74
N ALA K 208 25.48 -45.18 -33.24
CA ALA K 208 24.71 -44.28 -34.12
C ALA K 208 24.16 -45.02 -35.35
N ALA K 209 25.01 -45.82 -35.99
CA ALA K 209 24.60 -46.62 -37.14
C ALA K 209 23.52 -47.64 -36.73
N GLY K 210 23.71 -48.27 -35.58
CA GLY K 210 22.74 -49.21 -35.04
C GLY K 210 21.39 -48.55 -34.81
N LEU K 211 21.41 -47.37 -34.21
CA LEU K 211 20.17 -46.62 -33.93
C LEU K 211 19.48 -46.20 -35.22
N LYS K 212 20.26 -45.78 -36.19
CA LYS K 212 19.72 -45.41 -37.52
C LYS K 212 18.96 -46.60 -38.14
N ARG K 213 19.57 -47.77 -38.05
CA ARG K 213 18.95 -49.00 -38.57
C ARG K 213 17.71 -49.42 -37.78
N GLU K 214 17.86 -49.47 -36.46
CA GLU K 214 16.82 -50.05 -35.58
C GLU K 214 15.68 -49.09 -35.24
N CYS K 215 15.95 -47.78 -35.36
CA CYS K 215 14.97 -46.75 -35.02
C CYS K 215 14.70 -45.78 -36.17
N PRO K 216 14.09 -46.28 -37.28
CA PRO K 216 13.91 -45.46 -38.48
C PRO K 216 12.99 -44.25 -38.27
N LYS K 217 12.07 -44.34 -37.32
CA LYS K 217 11.15 -43.22 -37.01
C LYS K 217 11.59 -42.40 -35.78
N GLY K 218 12.86 -42.51 -35.41
CA GLY K 218 13.37 -41.82 -34.23
C GLY K 218 13.02 -42.53 -32.93
N ILE K 219 13.46 -41.95 -31.82
CA ILE K 219 13.28 -42.54 -30.49
C ILE K 219 12.28 -41.73 -29.67
N ASP K 220 11.16 -42.35 -29.32
CA ASP K 220 10.08 -41.69 -28.56
C ASP K 220 10.31 -41.74 -27.05
N VAL K 221 10.81 -42.87 -26.58
CA VAL K 221 11.14 -43.02 -25.16
C VAL K 221 12.51 -43.65 -25.03
N PHE K 222 13.37 -42.99 -24.25
CA PHE K 222 14.66 -43.55 -23.88
C PHE K 222 14.69 -43.83 -22.38
N PHE K 223 14.81 -45.11 -22.05
CA PHE K 223 14.92 -45.58 -20.66
C PHE K 223 16.41 -45.74 -20.39
N ASP K 224 16.96 -44.83 -19.59
CA ASP K 224 18.42 -44.78 -19.37
C ASP K 224 18.86 -45.31 -18.01
N ASN K 225 19.63 -46.39 -18.06
CA ASN K 225 20.26 -46.99 -16.88
C ASN K 225 21.77 -46.79 -16.81
N VAL K 226 22.36 -46.26 -17.88
CA VAL K 226 23.83 -46.24 -18.00
C VAL K 226 24.45 -44.84 -18.15
N GLY K 227 23.75 -43.95 -18.86
CA GLY K 227 24.24 -42.58 -19.04
C GLY K 227 25.42 -42.49 -19.98
N GLY K 228 26.31 -41.54 -19.71
CA GLY K 228 27.55 -41.39 -20.46
C GLY K 228 27.36 -41.21 -21.96
N GLU K 229 28.28 -41.80 -22.72
CA GLU K 229 28.32 -41.62 -24.18
C GLU K 229 27.10 -42.25 -24.86
N ILE K 230 26.58 -43.33 -24.29
CA ILE K 230 25.38 -43.97 -24.82
C ILE K 230 24.20 -43.00 -24.81
N LEU K 231 23.99 -42.33 -23.67
CA LEU K 231 22.94 -41.32 -23.54
C LEU K 231 23.15 -40.19 -24.56
N ASP K 232 24.39 -39.71 -24.65
CA ASP K 232 24.72 -38.60 -25.54
C ASP K 232 24.42 -38.94 -27.01
N THR K 233 24.72 -40.17 -27.40
CA THR K 233 24.45 -40.63 -28.77
C THR K 233 22.96 -40.82 -29.02
N VAL K 234 22.25 -41.36 -28.04
CA VAL K 234 20.80 -41.55 -28.16
C VAL K 234 20.08 -40.21 -28.35
N LEU K 235 20.58 -39.18 -27.66
CA LEU K 235 20.03 -37.81 -27.77
C LEU K 235 20.00 -37.28 -29.21
N THR K 236 20.96 -37.70 -30.03
CA THR K 236 20.99 -37.27 -31.44
C THR K 236 19.84 -37.85 -32.27
N ARG K 237 19.15 -38.86 -31.74
CA ARG K 237 18.13 -39.58 -32.50
C ARG K 237 16.72 -39.55 -31.90
N ILE K 238 16.55 -38.76 -30.84
CA ILE K 238 15.22 -38.65 -30.23
C ILE K 238 14.24 -37.96 -31.17
N ALA K 239 12.98 -38.37 -31.08
CA ALA K 239 11.91 -37.78 -31.86
C ALA K 239 11.31 -36.56 -31.16
N PHE K 240 10.50 -35.84 -31.91
CA PHE K 240 9.67 -34.76 -31.40
C PHE K 240 8.85 -35.25 -30.20
N LYS K 241 8.92 -34.49 -29.11
CA LYS K 241 8.20 -34.80 -27.85
C LYS K 241 8.64 -36.10 -27.18
N ALA K 242 9.90 -36.48 -27.40
CA ALA K 242 10.47 -37.65 -26.75
C ALA K 242 10.54 -37.46 -25.24
N ARG K 243 10.50 -38.59 -24.54
CA ARG K 243 10.69 -38.63 -23.11
C ARG K 243 11.90 -39.49 -22.78
N ILE K 244 12.82 -38.90 -22.03
CA ILE K 244 13.99 -39.60 -21.53
C ILE K 244 13.86 -39.75 -20.03
N VAL K 245 13.84 -41.00 -19.56
CA VAL K 245 13.75 -41.27 -18.14
C VAL K 245 15.11 -41.74 -17.62
N LEU K 246 15.62 -41.02 -16.64
CA LEU K 246 16.90 -41.34 -16.00
C LEU K 246 16.68 -42.13 -14.72
N CYS K 247 17.19 -43.36 -14.72
CA CYS K 247 17.09 -44.27 -13.56
C CYS K 247 18.42 -44.55 -12.90
N GLY K 248 19.50 -44.35 -13.65
CA GLY K 248 20.84 -44.53 -13.13
C GLY K 248 21.89 -44.18 -14.16
N ALA K 249 23.15 -44.31 -13.77
CA ALA K 249 24.26 -44.01 -14.67
C ALA K 249 25.53 -44.67 -14.16
N ILE K 250 26.37 -45.20 -15.06
CA ILE K 250 27.66 -45.82 -14.65
C ILE K 250 28.70 -44.79 -14.16
N GLY K 261 29.04 -35.42 -18.97
CA GLY K 261 27.75 -34.79 -19.25
C GLY K 261 27.38 -34.81 -20.73
N PRO K 262 26.07 -34.88 -21.04
CA PRO K 262 25.65 -34.98 -22.43
C PRO K 262 25.80 -33.68 -23.23
N ALA K 263 26.79 -33.67 -24.12
CA ALA K 263 27.04 -32.52 -25.01
C ALA K 263 25.87 -32.26 -25.98
N ASN K 264 25.07 -33.28 -26.24
CA ASN K 264 23.92 -33.16 -27.16
C ASN K 264 22.59 -32.84 -26.47
N TYR K 265 22.67 -32.29 -25.24
CA TYR K 265 21.47 -32.04 -24.43
C TYR K 265 20.49 -31.06 -25.10
N LEU K 266 21.01 -30.18 -25.95
CA LEU K 266 20.16 -29.22 -26.68
C LEU K 266 19.22 -29.89 -27.68
N SER K 267 19.45 -31.16 -27.96
CA SER K 267 18.46 -31.95 -28.71
C SER K 267 17.08 -31.89 -28.03
N LEU K 268 17.09 -31.74 -26.70
CA LEU K 268 15.84 -31.57 -25.94
C LEU K 268 15.07 -30.30 -26.34
N LEU K 269 15.83 -29.27 -26.70
CA LEU K 269 15.25 -28.02 -27.23
C LEU K 269 14.74 -28.21 -28.65
N VAL K 270 15.64 -28.68 -29.52
CA VAL K 270 15.31 -28.90 -30.94
C VAL K 270 14.06 -29.78 -31.10
N ASN K 271 13.98 -30.82 -30.30
CA ASN K 271 12.88 -31.79 -30.36
C ASN K 271 11.78 -31.55 -29.32
N ARG K 272 11.93 -30.48 -28.55
CA ARG K 272 10.95 -30.11 -27.52
C ARG K 272 10.58 -31.34 -26.69
N ALA K 273 11.63 -31.95 -26.18
CA ALA K 273 11.58 -33.22 -25.48
C ALA K 273 11.86 -33.00 -24.01
N ARG K 274 11.62 -34.05 -23.23
CA ARG K 274 11.72 -34.01 -21.78
C ARG K 274 12.71 -35.06 -21.26
N MET K 275 13.57 -34.63 -20.35
CA MET K 275 14.49 -35.52 -19.65
C MET K 275 14.20 -35.42 -18.16
N GLU K 276 13.88 -36.57 -17.54
CA GLU K 276 13.41 -36.57 -16.16
C GLU K 276 13.96 -37.74 -15.35
N GLY K 277 14.37 -37.42 -14.12
CA GLY K 277 14.88 -38.41 -13.20
C GLY K 277 13.78 -38.99 -12.32
N MET K 278 13.99 -40.22 -11.88
CA MET K 278 13.07 -40.87 -10.95
C MET K 278 13.80 -41.82 -9.99
N VAL K 279 13.16 -42.05 -8.86
CA VAL K 279 13.62 -42.99 -7.83
C VAL K 279 12.42 -43.81 -7.38
N VAL K 280 12.57 -45.13 -7.32
CA VAL K 280 11.42 -46.04 -7.12
C VAL K 280 10.72 -45.84 -5.78
N MET K 281 11.47 -45.47 -4.74
CA MET K 281 10.86 -45.30 -3.41
C MET K 281 9.84 -44.15 -3.36
N ASP K 282 9.94 -43.19 -4.29
CA ASP K 282 8.91 -42.15 -4.41
C ASP K 282 7.53 -42.71 -4.75
N TYR K 283 7.49 -43.93 -5.28
CA TYR K 283 6.23 -44.58 -5.67
C TYR K 283 5.71 -45.60 -4.67
N ALA K 284 6.30 -45.62 -3.46
CA ALA K 284 5.97 -46.62 -2.43
C ALA K 284 4.46 -46.80 -2.21
N GLN K 285 3.72 -45.69 -2.19
CA GLN K 285 2.27 -45.73 -1.95
C GLN K 285 1.51 -46.47 -3.05
N ARG K 286 2.12 -46.60 -4.21
CA ARG K 286 1.48 -47.24 -5.35
C ARG K 286 2.01 -48.66 -5.61
N PHE K 287 2.90 -49.13 -4.75
CA PHE K 287 3.44 -50.49 -4.89
C PHE K 287 2.36 -51.57 -5.01
N PRO K 288 1.32 -51.55 -4.16
CA PRO K 288 0.34 -52.63 -4.24
C PRO K 288 -0.31 -52.81 -5.61
N GLU K 289 -0.70 -51.71 -6.25
CA GLU K 289 -1.34 -51.81 -7.59
C GLU K 289 -0.30 -52.22 -8.63
N GLY K 290 0.92 -51.71 -8.49
CA GLY K 290 2.01 -52.06 -9.40
C GLY K 290 2.40 -53.53 -9.32
N LEU K 291 2.57 -54.01 -8.09
CA LEU K 291 2.89 -55.42 -7.84
C LEU K 291 1.77 -56.34 -8.36
N LYS K 292 0.53 -55.93 -8.09
CA LYS K 292 -0.66 -56.70 -8.53
C LYS K 292 -0.67 -56.85 -10.06
N GLU K 293 -0.45 -55.76 -10.78
CA GLU K 293 -0.41 -55.83 -12.25
C GLU K 293 0.75 -56.65 -12.76
N MET K 294 1.94 -56.41 -12.20
CA MET K 294 3.14 -57.18 -12.57
C MET K 294 2.90 -58.69 -12.38
N ALA K 295 2.28 -59.05 -11.26
CA ALA K 295 2.00 -60.47 -10.97
C ALA K 295 1.11 -61.14 -12.03
N THR K 296 0.12 -60.41 -12.52
CA THR K 296 -0.77 -60.94 -13.56
C THR K 296 -0.04 -61.07 -14.91
N TRP K 297 0.83 -60.11 -15.24
CA TRP K 297 1.64 -60.23 -16.47
C TRP K 297 2.51 -61.44 -16.43
N LEU K 298 3.13 -61.67 -15.28
CA LEU K 298 3.96 -62.87 -15.09
C LEU K 298 3.13 -64.14 -15.21
N ALA K 299 2.00 -64.17 -14.51
CA ALA K 299 1.10 -65.35 -14.49
C ALA K 299 0.58 -65.71 -15.87
N GLU K 300 0.29 -64.69 -16.67
CA GLU K 300 -0.24 -64.87 -18.03
C GLU K 300 0.85 -65.16 -19.06
N GLY K 301 2.11 -65.14 -18.64
CA GLY K 301 3.23 -65.39 -19.54
C GLY K 301 3.56 -64.23 -20.48
N LYS K 302 2.99 -63.07 -20.20
CA LYS K 302 3.23 -61.87 -21.02
C LYS K 302 4.59 -61.23 -20.68
N LEU K 303 5.08 -61.53 -19.48
CA LEU K 303 6.36 -61.02 -19.03
C LEU K 303 7.15 -62.13 -18.39
N GLN K 304 8.44 -62.19 -18.70
CA GLN K 304 9.37 -63.11 -18.05
C GLN K 304 10.24 -62.33 -17.10
N SER K 305 10.60 -62.97 -16.01
CA SER K 305 11.63 -62.42 -15.14
C SER K 305 12.74 -63.44 -14.99
N ARG K 306 13.97 -63.02 -15.25
CA ARG K 306 15.12 -63.90 -15.13
C ARG K 306 15.99 -63.48 -13.94
N GLU K 307 16.28 -64.44 -13.08
CA GLU K 307 17.21 -64.24 -11.99
C GLU K 307 18.44 -65.12 -12.20
N ASP K 308 19.60 -64.53 -11.97
CA ASP K 308 20.85 -65.28 -11.99
C ASP K 308 21.24 -65.58 -10.54
N ILE K 309 21.04 -66.83 -10.14
CA ILE K 309 21.24 -67.23 -8.75
C ILE K 309 22.58 -67.95 -8.59
N VAL K 310 23.45 -67.34 -7.81
CA VAL K 310 24.72 -67.95 -7.45
C VAL K 310 24.60 -68.41 -6.01
N GLU K 311 25.15 -69.58 -5.72
CA GLU K 311 24.96 -70.23 -4.42
C GLU K 311 26.18 -70.09 -3.50
N GLY K 312 25.90 -69.78 -2.24
CA GLY K 312 26.90 -69.78 -1.18
C GLY K 312 27.35 -68.41 -0.71
N LEU K 313 26.99 -68.08 0.54
CA LEU K 313 27.39 -66.82 1.18
C LEU K 313 28.89 -66.58 1.08
N GLU K 314 29.65 -67.65 1.28
CA GLU K 314 31.13 -67.60 1.27
C GLU K 314 31.72 -67.12 -0.06
N THR K 315 30.97 -67.28 -1.16
CA THR K 315 31.41 -66.82 -2.49
C THR K 315 31.20 -65.31 -2.73
N PHE K 316 30.67 -64.59 -1.74
CA PHE K 316 30.29 -63.17 -1.89
C PHE K 316 31.30 -62.26 -2.61
N PRO K 317 32.56 -62.20 -2.12
CA PRO K 317 33.54 -61.31 -2.75
C PRO K 317 33.76 -61.57 -4.25
N GLU K 318 33.79 -62.85 -4.64
CA GLU K 318 33.95 -63.21 -6.07
C GLU K 318 32.66 -62.90 -6.81
N THR K 319 31.54 -63.34 -6.23
CA THR K 319 30.20 -63.13 -6.78
C THR K 319 29.69 -61.73 -6.49
N LEU K 320 30.52 -60.73 -6.76
CA LEU K 320 30.24 -59.33 -6.65
C LEU K 320 31.03 -58.76 -7.81
N LEU K 321 32.22 -59.32 -8.06
CA LEU K 321 33.01 -59.00 -9.26
C LEU K 321 32.27 -59.35 -10.56
N LYS K 322 31.45 -60.41 -10.51
CA LYS K 322 30.64 -60.87 -11.68
C LYS K 322 29.67 -59.76 -12.13
N LEU K 323 29.35 -58.87 -11.20
CA LEU K 323 28.43 -57.76 -11.43
C LEU K 323 29.04 -56.77 -12.43
N PHE K 329 23.99 -60.96 -15.27
CA PHE K 329 23.38 -61.23 -16.60
C PHE K 329 21.83 -61.02 -16.70
N GLY K 330 21.12 -61.59 -15.72
CA GLY K 330 19.61 -61.42 -15.56
C GLY K 330 19.24 -60.39 -14.51
N LYS K 331 19.39 -60.80 -13.26
CA LYS K 331 19.21 -60.02 -12.02
C LYS K 331 19.99 -60.88 -11.07
N LEU K 332 21.08 -60.33 -10.55
CA LEU K 332 22.02 -61.10 -9.75
C LEU K 332 21.54 -61.27 -8.31
N VAL K 333 21.44 -62.53 -7.92
CA VAL K 333 21.01 -62.93 -6.58
C VAL K 333 21.97 -63.96 -5.97
N LEU K 334 22.35 -63.72 -4.72
CA LEU K 334 23.19 -64.66 -3.98
C LEU K 334 22.34 -65.48 -3.01
N LYS K 335 22.27 -66.79 -3.25
CA LYS K 335 21.58 -67.70 -2.35
C LYS K 335 22.48 -67.99 -1.16
N VAL K 336 21.99 -67.68 0.03
CA VAL K 336 22.74 -67.92 1.24
C VAL K 336 22.48 -69.37 1.64
N GLN L 6 6.02 0.12 -58.35
CA GLN L 6 6.59 0.25 -56.98
C GLN L 6 7.73 -0.75 -56.75
N ILE L 7 8.69 -0.37 -55.90
CA ILE L 7 9.89 -1.17 -55.65
C ILE L 7 9.91 -1.79 -54.25
N ASN L 8 10.23 -3.08 -54.18
CA ASN L 8 10.42 -3.80 -52.92
C ASN L 8 11.91 -4.05 -52.71
N ARG L 9 12.50 -3.33 -51.76
CA ARG L 9 13.90 -3.55 -51.43
C ARG L 9 13.99 -4.76 -50.51
N GLN L 10 14.97 -5.62 -50.78
CA GLN L 10 15.14 -6.87 -50.06
C GLN L 10 16.59 -7.14 -49.72
N TYR L 11 16.80 -7.71 -48.54
CA TYR L 11 18.09 -8.30 -48.21
C TYR L 11 17.99 -9.80 -48.38
N GLN L 12 18.79 -10.32 -49.30
CA GLN L 12 18.85 -11.75 -49.56
C GLN L 12 20.08 -12.33 -48.88
N LEU L 13 19.99 -13.61 -48.52
CA LEU L 13 21.13 -14.33 -47.96
C LEU L 13 22.08 -14.68 -49.12
N ALA L 14 23.31 -14.16 -49.05
CA ALA L 14 24.27 -14.26 -50.16
C ALA L 14 25.27 -15.39 -49.90
N GLN L 15 25.74 -15.49 -48.67
CA GLN L 15 26.57 -16.62 -48.25
C GLN L 15 26.40 -16.93 -46.77
N ARG L 16 26.49 -18.21 -46.43
CA ARG L 16 26.37 -18.65 -45.05
C ARG L 16 27.63 -18.23 -44.30
N PRO L 17 27.48 -17.49 -43.19
CA PRO L 17 28.65 -16.99 -42.50
C PRO L 17 29.36 -18.07 -41.69
N SER L 18 30.69 -17.97 -41.61
CA SER L 18 31.47 -18.69 -40.61
C SER L 18 31.62 -17.74 -39.44
N GLY L 19 31.18 -18.21 -38.28
CA GLY L 19 31.10 -17.37 -37.12
C GLY L 19 30.02 -16.30 -37.28
N LEU L 20 30.38 -15.04 -37.01
CA LEU L 20 29.43 -13.92 -37.04
C LEU L 20 29.14 -13.46 -38.48
N PRO L 21 27.94 -12.92 -38.72
CA PRO L 21 27.65 -12.34 -40.04
C PRO L 21 28.40 -11.05 -40.29
N GLY L 22 28.70 -10.81 -41.56
CA GLY L 22 29.50 -9.67 -41.97
C GLY L 22 28.90 -8.94 -43.15
N ARG L 23 29.73 -8.14 -43.81
CA ARG L 23 29.25 -7.29 -44.89
C ARG L 23 29.07 -8.06 -46.22
N ASP L 24 29.56 -9.31 -46.30
CA ASP L 24 29.38 -10.15 -47.50
C ASP L 24 28.26 -11.19 -47.34
N THR L 25 27.69 -11.24 -46.15
CA THR L 25 26.67 -12.24 -45.81
C THR L 25 25.38 -12.00 -46.60
N PHE L 26 25.01 -10.73 -46.75
CA PHE L 26 23.76 -10.37 -47.42
C PHE L 26 23.96 -9.58 -48.72
N SER L 27 22.99 -9.74 -49.63
CA SER L 27 22.92 -8.95 -50.86
C SER L 27 21.68 -8.03 -50.85
N PHE L 28 21.89 -6.74 -51.07
CA PHE L 28 20.79 -5.78 -51.15
C PHE L 28 20.26 -5.72 -52.57
N VAL L 29 19.01 -6.11 -52.76
CA VAL L 29 18.40 -6.13 -54.09
C VAL L 29 17.10 -5.34 -54.18
N GLU L 30 16.87 -4.76 -55.35
CA GLU L 30 15.61 -4.08 -55.65
C GLU L 30 14.78 -4.94 -56.57
N THR L 31 13.56 -5.24 -56.14
CA THR L 31 12.65 -6.10 -56.89
C THR L 31 11.33 -5.38 -57.15
N PRO L 32 10.74 -5.56 -58.34
CA PRO L 32 9.44 -4.93 -58.56
C PRO L 32 8.39 -5.53 -57.65
N LEU L 33 7.56 -4.68 -57.06
CA LEU L 33 6.52 -5.13 -56.14
C LEU L 33 5.42 -5.78 -56.95
N GLY L 34 5.20 -7.06 -56.69
CA GLY L 34 4.17 -7.81 -57.40
C GLY L 34 2.79 -7.58 -56.85
N GLU L 35 1.87 -8.43 -57.28
CA GLU L 35 0.50 -8.44 -56.80
C GLU L 35 0.28 -9.77 -56.08
N PRO L 36 -0.50 -9.77 -55.00
CA PRO L 36 -0.77 -11.06 -54.37
C PRO L 36 -1.64 -11.93 -55.27
N ALA L 37 -1.34 -13.22 -55.31
CA ALA L 37 -2.19 -14.21 -55.97
C ALA L 37 -3.28 -14.65 -54.99
N GLU L 38 -4.19 -15.47 -55.48
CA GLU L 38 -5.26 -16.00 -54.66
C GLU L 38 -4.71 -16.75 -53.43
N GLY L 39 -5.35 -16.54 -52.28
CA GLY L 39 -4.88 -17.11 -51.02
C GLY L 39 -3.66 -16.41 -50.42
N GLN L 40 -3.28 -15.29 -51.02
CA GLN L 40 -2.14 -14.51 -50.53
C GLN L 40 -2.57 -13.14 -50.03
N ILE L 41 -1.67 -12.52 -49.27
CA ILE L 41 -1.83 -11.13 -48.86
C ILE L 41 -0.58 -10.31 -49.22
N LEU L 42 -0.80 -9.01 -49.36
CA LEU L 42 0.27 -8.04 -49.54
C LEU L 42 0.34 -7.15 -48.30
N VAL L 43 1.52 -7.15 -47.67
CA VAL L 43 1.73 -6.44 -46.41
C VAL L 43 2.84 -5.41 -46.56
N LYS L 44 2.58 -4.21 -46.09
CA LYS L 44 3.64 -3.20 -45.93
C LYS L 44 4.33 -3.46 -44.59
N ASN L 45 5.60 -3.86 -44.65
CA ASN L 45 6.35 -4.12 -43.44
C ASN L 45 6.70 -2.83 -42.71
N GLU L 46 6.44 -2.80 -41.40
CA GLU L 46 6.68 -1.61 -40.60
C GLU L 46 7.82 -1.74 -39.63
N TYR L 47 7.83 -2.85 -38.92
CA TYR L 47 8.89 -3.16 -37.95
C TYR L 47 9.28 -4.61 -38.07
N LEU L 48 10.59 -4.84 -38.00
CA LEU L 48 11.15 -6.19 -38.06
C LEU L 48 11.87 -6.54 -36.76
N SER L 49 11.75 -7.81 -36.38
CA SER L 49 12.45 -8.33 -35.23
C SER L 49 13.85 -8.78 -35.61
N LEU L 50 14.85 -8.21 -34.95
CA LEU L 50 16.22 -8.70 -35.07
C LEU L 50 16.51 -9.60 -33.86
N ASP L 51 16.80 -10.87 -34.15
CA ASP L 51 16.94 -11.93 -33.13
C ASP L 51 18.21 -12.76 -33.32
N PRO L 52 18.90 -13.13 -32.22
CA PRO L 52 20.04 -14.06 -32.33
C PRO L 52 19.72 -15.37 -33.05
N ALA L 53 18.47 -15.83 -32.95
CA ALA L 53 18.01 -17.02 -33.69
C ALA L 53 18.25 -16.92 -35.21
N MET L 54 18.38 -15.70 -35.69
CA MET L 54 18.69 -15.45 -37.12
C MET L 54 19.98 -16.14 -37.55
N ARG L 55 20.92 -16.26 -36.61
CA ARG L 55 22.18 -16.95 -36.88
C ARG L 55 21.93 -18.41 -37.24
N GLY L 56 21.06 -19.06 -36.49
CA GLY L 56 20.70 -20.45 -36.75
C GLY L 56 20.01 -20.61 -38.08
N TRP L 57 19.15 -19.65 -38.41
CA TRP L 57 18.40 -19.68 -39.68
C TRP L 57 19.29 -19.57 -40.89
N MET L 58 20.48 -18.98 -40.69
CA MET L 58 21.46 -18.83 -41.76
C MET L 58 22.35 -20.07 -41.95
N ASN L 59 22.48 -20.87 -40.89
CA ASN L 59 23.28 -22.10 -40.91
C ASN L 59 22.61 -23.29 -41.59
N ASP L 60 23.41 -24.15 -42.21
CA ASP L 60 22.89 -25.36 -42.86
C ASP L 60 22.63 -26.53 -41.92
N ALA L 61 22.78 -26.31 -40.61
CA ALA L 61 22.45 -27.31 -39.60
C ALA L 61 20.94 -27.50 -39.45
N ARG L 62 20.54 -28.74 -39.19
CA ARG L 62 19.14 -29.03 -39.01
C ARG L 62 18.63 -28.41 -37.72
N SER L 63 17.47 -27.79 -37.80
CA SER L 63 16.81 -27.18 -36.65
C SER L 63 15.30 -27.35 -36.81
N TYR L 64 14.55 -26.72 -35.93
CA TYR L 64 13.08 -26.78 -35.98
C TYR L 64 12.54 -25.85 -37.07
N ILE L 65 13.34 -24.86 -37.46
CA ILE L 65 13.06 -24.01 -38.61
C ILE L 65 14.07 -24.35 -39.71
N PRO L 66 13.60 -24.71 -40.93
CA PRO L 66 14.54 -24.98 -42.01
C PRO L 66 15.43 -23.79 -42.33
N PRO L 67 16.68 -24.03 -42.77
CA PRO L 67 17.55 -22.92 -43.07
C PRO L 67 17.04 -22.03 -44.21
N VAL L 68 17.41 -20.75 -44.16
CA VAL L 68 17.16 -19.83 -45.27
C VAL L 68 18.01 -20.26 -46.46
N GLY L 69 17.39 -20.30 -47.64
CA GLY L 69 18.12 -20.64 -48.87
C GLY L 69 19.01 -19.50 -49.34
N ILE L 70 20.10 -19.85 -50.02
CA ILE L 70 20.96 -18.87 -50.67
C ILE L 70 20.16 -18.18 -51.78
N GLY L 71 20.20 -16.86 -51.80
CA GLY L 71 19.41 -16.08 -52.77
C GLY L 71 17.98 -15.77 -52.33
N GLU L 72 17.56 -16.36 -51.21
CA GLU L 72 16.22 -16.10 -50.66
C GLU L 72 16.25 -14.86 -49.79
N VAL L 73 15.12 -14.16 -49.75
CA VAL L 73 14.96 -13.04 -48.81
C VAL L 73 15.22 -13.53 -47.39
N MET L 74 16.05 -12.80 -46.66
CA MET L 74 16.38 -13.19 -45.30
C MET L 74 15.12 -13.27 -44.42
N ARG L 75 15.05 -14.33 -43.61
CA ARG L 75 13.90 -14.56 -42.73
C ARG L 75 13.88 -13.55 -41.59
N ALA L 76 12.72 -12.99 -41.29
CA ALA L 76 12.54 -12.09 -40.15
C ALA L 76 11.07 -12.04 -39.75
N LEU L 77 10.82 -12.14 -38.45
CA LEU L 77 9.50 -11.88 -37.92
C LEU L 77 9.30 -10.37 -37.94
N GLY L 78 8.06 -9.96 -38.20
CA GLY L 78 7.76 -8.55 -38.22
C GLY L 78 6.31 -8.24 -38.01
N VAL L 79 6.05 -6.94 -37.87
CA VAL L 79 4.69 -6.41 -37.89
C VAL L 79 4.50 -5.51 -39.08
N GLY L 80 3.33 -5.60 -39.70
CA GLY L 80 3.02 -4.79 -40.84
C GLY L 80 1.54 -4.62 -41.09
N LYS L 81 1.23 -3.78 -42.08
CA LYS L 81 -0.16 -3.45 -42.42
C LYS L 81 -0.57 -4.15 -43.71
N VAL L 82 -1.73 -4.81 -43.68
CA VAL L 82 -2.28 -5.45 -44.87
C VAL L 82 -2.79 -4.38 -45.84
N LEU L 83 -2.21 -4.35 -47.04
CA LEU L 83 -2.63 -3.39 -48.10
C LEU L 83 -3.65 -4.00 -49.05
N VAL L 84 -3.38 -5.25 -49.44
CA VAL L 84 -4.27 -6.01 -50.30
C VAL L 84 -4.39 -7.44 -49.78
N SER L 85 -5.62 -7.92 -49.68
CA SER L 85 -5.87 -9.31 -49.31
C SER L 85 -6.67 -10.07 -50.35
N LYS L 86 -6.18 -11.26 -50.69
CA LYS L 86 -6.98 -12.27 -51.42
C LYS L 86 -7.12 -13.54 -50.56
N HIS L 87 -7.28 -13.32 -49.27
CA HIS L 87 -7.40 -14.38 -48.27
C HIS L 87 -8.52 -14.02 -47.35
N PRO L 88 -9.50 -14.91 -47.14
CA PRO L 88 -10.70 -14.59 -46.35
C PRO L 88 -10.45 -14.26 -44.87
N GLY L 89 -9.28 -14.64 -44.35
CA GLY L 89 -8.92 -14.38 -42.96
C GLY L 89 -8.42 -12.97 -42.68
N PHE L 90 -8.16 -12.20 -43.74
CA PHE L 90 -7.49 -10.90 -43.61
C PHE L 90 -8.11 -9.87 -44.52
N GLN L 91 -8.13 -8.64 -44.05
CA GLN L 91 -8.65 -7.52 -44.80
C GLN L 91 -7.67 -6.37 -44.83
N ALA L 92 -7.75 -5.57 -45.89
CA ALA L 92 -6.98 -4.35 -46.00
C ALA L 92 -7.18 -3.51 -44.76
N GLY L 93 -6.08 -3.00 -44.20
CA GLY L 93 -6.15 -2.19 -42.98
C GLY L 93 -5.81 -2.98 -41.72
N ASP L 94 -5.90 -4.30 -41.78
CA ASP L 94 -5.48 -5.16 -40.66
C ASP L 94 -3.98 -5.01 -40.45
N TYR L 95 -3.58 -5.05 -39.19
CA TYR L 95 -2.17 -5.17 -38.83
C TYR L 95 -1.89 -6.59 -38.43
N VAL L 96 -0.77 -7.13 -38.92
CA VAL L 96 -0.43 -8.52 -38.70
C VAL L 96 0.99 -8.71 -38.18
N ASN L 97 1.16 -9.78 -37.42
CA ASN L 97 2.47 -10.31 -37.04
C ASN L 97 2.72 -11.58 -37.84
N GLY L 98 3.93 -11.74 -38.35
CA GLY L 98 4.27 -12.92 -39.14
C GLY L 98 5.71 -12.89 -39.63
N ALA L 99 6.09 -13.93 -40.37
CA ALA L 99 7.42 -14.00 -40.98
C ALA L 99 7.42 -13.11 -42.23
N LEU L 100 7.66 -11.82 -42.03
CA LEU L 100 7.50 -10.80 -43.10
C LEU L 100 8.75 -10.65 -43.96
N GLY L 101 9.88 -11.07 -43.43
CA GLY L 101 11.14 -11.05 -44.17
C GLY L 101 11.84 -9.70 -44.10
N VAL L 102 13.15 -9.69 -44.38
CA VAL L 102 13.94 -8.47 -44.35
C VAL L 102 13.75 -7.73 -45.67
N GLN L 103 12.63 -7.03 -45.76
CA GLN L 103 12.20 -6.37 -46.97
C GLN L 103 11.14 -5.31 -46.67
N ASP L 104 10.85 -4.49 -47.68
CA ASP L 104 9.84 -3.43 -47.55
C ASP L 104 8.43 -4.00 -47.50
N TYR L 105 8.20 -5.01 -48.33
CA TYR L 105 6.86 -5.56 -48.53
C TYR L 105 6.91 -7.08 -48.49
N PHE L 106 5.89 -7.67 -47.87
CA PHE L 106 5.69 -9.11 -47.90
C PHE L 106 4.52 -9.44 -48.79
N ILE L 107 4.76 -10.39 -49.69
CA ILE L 107 3.68 -10.98 -50.50
C ILE L 107 3.74 -12.48 -50.36
N GLY L 108 2.63 -13.08 -49.95
CA GLY L 108 2.56 -14.52 -49.84
C GLY L 108 1.41 -15.02 -48.99
N GLU L 109 1.41 -16.34 -48.78
CA GLU L 109 0.43 -16.98 -47.93
C GLU L 109 0.71 -16.60 -46.48
N PRO L 110 -0.32 -16.18 -45.74
CA PRO L 110 -0.10 -15.70 -44.38
C PRO L 110 0.01 -16.85 -43.36
N LYS L 111 0.89 -17.79 -43.63
CA LYS L 111 1.05 -19.00 -42.81
C LYS L 111 1.65 -18.63 -41.46
N GLY L 112 0.92 -18.94 -40.40
CA GLY L 112 1.34 -18.62 -39.03
C GLY L 112 1.15 -17.15 -38.65
N PHE L 113 0.52 -16.38 -39.53
CA PHE L 113 0.29 -14.97 -39.26
C PHE L 113 -0.87 -14.83 -38.30
N TYR L 114 -0.81 -13.81 -37.45
CA TYR L 114 -1.98 -13.41 -36.68
C TYR L 114 -2.18 -11.90 -36.65
N LYS L 115 -3.44 -11.50 -36.56
CA LYS L 115 -3.80 -10.10 -36.49
C LYS L 115 -3.41 -9.54 -35.13
N VAL L 116 -2.91 -8.30 -35.14
CA VAL L 116 -2.54 -7.60 -33.90
C VAL L 116 -3.34 -6.32 -33.83
N ASP L 117 -3.69 -5.94 -32.62
CA ASP L 117 -4.57 -4.80 -32.36
C ASP L 117 -3.76 -3.57 -31.93
N PRO L 118 -3.61 -2.59 -32.83
CA PRO L 118 -2.75 -1.42 -32.53
C PRO L 118 -3.34 -0.47 -31.48
N SER L 119 -4.60 -0.66 -31.12
CA SER L 119 -5.21 0.12 -30.04
C SER L 119 -4.79 -0.36 -28.64
N ARG L 120 -4.26 -1.57 -28.56
CA ARG L 120 -3.94 -2.20 -27.28
C ARG L 120 -2.49 -2.09 -26.86
N ALA L 121 -1.61 -1.77 -27.81
CA ALA L 121 -0.18 -1.67 -27.53
C ALA L 121 0.53 -0.97 -28.68
N PRO L 122 1.71 -0.37 -28.40
CA PRO L 122 2.48 0.14 -29.54
C PRO L 122 2.88 -0.98 -30.46
N LEU L 123 2.91 -0.68 -31.75
CA LEU L 123 3.24 -1.68 -32.78
C LEU L 123 4.50 -2.49 -32.52
N PRO L 124 5.63 -1.83 -32.19
CA PRO L 124 6.86 -2.61 -31.97
C PRO L 124 6.77 -3.60 -30.83
N ARG L 125 5.85 -3.36 -29.90
CA ARG L 125 5.70 -4.24 -28.74
C ARG L 125 5.15 -5.60 -29.15
N TYR L 126 4.52 -5.66 -30.32
CA TYR L 126 4.07 -6.94 -30.91
C TYR L 126 5.24 -7.75 -31.47
N LEU L 127 6.45 -7.24 -31.28
CA LEU L 127 7.67 -8.00 -31.57
C LEU L 127 8.47 -8.34 -30.30
N SER L 128 8.02 -7.85 -29.16
CA SER L 128 8.72 -8.04 -27.90
C SER L 128 7.81 -8.78 -26.89
N ALA L 129 7.32 -8.07 -25.87
CA ALA L 129 6.45 -8.66 -24.84
C ALA L 129 5.18 -9.27 -25.41
N LEU L 130 4.64 -8.66 -26.46
CA LEU L 130 3.43 -9.18 -27.13
C LEU L 130 3.79 -9.87 -28.44
N GLY L 131 5.06 -10.22 -28.59
CA GLY L 131 5.57 -10.97 -29.73
C GLY L 131 6.22 -12.27 -29.29
N MET L 132 7.14 -12.79 -30.10
CA MET L 132 7.68 -14.14 -29.87
C MET L 132 8.57 -14.25 -28.62
N THR L 133 9.32 -13.22 -28.29
CA THR L 133 10.15 -13.25 -27.08
C THR L 133 9.25 -13.31 -25.85
N GLY L 134 8.24 -12.48 -25.83
CA GLY L 134 7.32 -12.40 -24.70
C GLY L 134 6.48 -13.66 -24.55
N MET L 135 6.01 -14.20 -25.67
CA MET L 135 5.21 -15.43 -25.66
C MET L 135 6.09 -16.65 -25.33
N THR L 136 7.37 -16.60 -25.70
CA THR L 136 8.32 -17.62 -25.28
C THR L 136 8.39 -17.65 -23.74
N ALA L 137 8.60 -16.47 -23.14
CA ALA L 137 8.63 -16.35 -21.68
C ALA L 137 7.34 -16.88 -21.06
N TYR L 138 6.22 -16.41 -21.59
CA TYR L 138 4.89 -16.72 -21.07
C TYR L 138 4.63 -18.24 -21.05
N PHE L 139 4.76 -18.87 -22.22
CA PHE L 139 4.43 -20.28 -22.34
C PHE L 139 5.49 -21.20 -21.74
N ALA L 140 6.76 -20.86 -21.94
CA ALA L 140 7.84 -21.65 -21.38
C ALA L 140 7.76 -21.68 -19.85
N LEU L 141 7.61 -20.50 -19.26
CA LEU L 141 7.54 -20.43 -17.80
C LEU L 141 6.29 -21.13 -17.27
N LEU L 142 5.13 -20.73 -17.79
CA LEU L 142 3.84 -21.15 -17.21
C LEU L 142 3.43 -22.59 -17.57
N ASP L 143 3.68 -22.99 -18.80
CA ASP L 143 3.29 -24.33 -19.22
C ASP L 143 4.33 -25.40 -18.89
N VAL L 144 5.61 -25.06 -19.00
CA VAL L 144 6.68 -26.04 -18.76
C VAL L 144 7.27 -25.90 -17.36
N GLY L 145 7.61 -24.68 -16.95
CA GLY L 145 8.13 -24.44 -15.62
C GLY L 145 7.09 -24.66 -14.51
N GLN L 146 5.85 -24.31 -14.81
CA GLN L 146 4.74 -24.41 -13.86
C GLN L 146 5.08 -23.89 -12.46
N PRO L 147 5.50 -22.61 -12.38
CA PRO L 147 5.88 -22.11 -11.07
C PRO L 147 4.65 -21.96 -10.17
N LYS L 148 4.88 -22.12 -8.88
CA LYS L 148 3.83 -21.95 -7.87
C LYS L 148 4.21 -20.88 -6.86
N ASN L 149 3.20 -20.30 -6.22
CA ASN L 149 3.41 -19.31 -5.18
C ASN L 149 4.45 -19.76 -4.16
N GLY L 150 5.42 -18.89 -3.87
CA GLY L 150 6.45 -19.16 -2.88
C GLY L 150 7.65 -19.96 -3.38
N GLU L 151 7.57 -20.47 -4.59
CA GLU L 151 8.70 -21.20 -5.17
C GLU L 151 9.81 -20.23 -5.59
N THR L 152 11.02 -20.77 -5.67
CA THR L 152 12.17 -19.99 -6.13
C THR L 152 12.45 -20.26 -7.60
N VAL L 153 12.39 -19.19 -8.37
CA VAL L 153 12.60 -19.23 -9.81
C VAL L 153 13.90 -18.52 -10.16
N VAL L 154 14.78 -19.23 -10.83
CA VAL L 154 16.03 -18.64 -11.31
C VAL L 154 15.99 -18.50 -12.83
N ILE L 155 16.42 -17.33 -13.31
CA ILE L 155 16.41 -17.03 -14.75
C ILE L 155 17.79 -16.66 -15.27
N SER L 156 18.26 -17.41 -16.25
CA SER L 156 19.49 -17.07 -16.93
C SER L 156 19.19 -16.13 -18.12
N GLY L 157 20.22 -15.43 -18.59
CA GLY L 157 20.05 -14.37 -19.59
C GLY L 157 18.96 -13.41 -19.19
N ALA L 158 18.93 -13.10 -17.89
CA ALA L 158 17.76 -12.48 -17.25
C ALA L 158 17.49 -11.04 -17.74
N ALA L 159 18.51 -10.37 -18.26
CA ALA L 159 18.36 -9.01 -18.80
C ALA L 159 17.92 -9.04 -20.25
N GLY L 160 17.99 -10.20 -20.89
CA GLY L 160 17.51 -10.35 -22.26
C GLY L 160 16.01 -10.20 -22.41
N ALA L 161 15.54 -10.15 -23.66
CA ALA L 161 14.11 -9.95 -23.97
C ALA L 161 13.20 -11.08 -23.43
N VAL L 162 13.64 -12.31 -23.53
CA VAL L 162 12.86 -13.45 -23.01
C VAL L 162 12.92 -13.50 -21.49
N GLY L 163 14.15 -13.50 -20.97
CA GLY L 163 14.37 -13.62 -19.52
C GLY L 163 13.76 -12.53 -18.68
N SER L 164 13.87 -11.29 -19.15
CA SER L 164 13.37 -10.14 -18.39
C SER L 164 11.88 -10.22 -18.22
N VAL L 165 11.20 -10.68 -19.26
CA VAL L 165 9.75 -10.89 -19.20
C VAL L 165 9.39 -12.09 -18.29
N ALA L 166 10.11 -13.20 -18.46
CA ALA L 166 9.88 -14.42 -17.66
C ALA L 166 9.97 -14.15 -16.15
N GLY L 167 10.99 -13.40 -15.75
CA GLY L 167 11.17 -13.04 -14.34
C GLY L 167 10.04 -12.21 -13.77
N GLN L 168 9.52 -11.29 -14.57
CA GLN L 168 8.42 -10.44 -14.14
C GLN L 168 7.12 -11.24 -14.00
N ILE L 169 6.89 -12.15 -14.94
CA ILE L 169 5.72 -13.05 -14.86
C ILE L 169 5.82 -13.88 -13.58
N ALA L 170 7.01 -14.42 -13.32
CA ALA L 170 7.26 -15.21 -12.11
C ALA L 170 6.97 -14.42 -10.83
N ARG L 171 7.37 -13.15 -10.81
CA ARG L 171 7.07 -12.26 -9.67
C ARG L 171 5.56 -12.16 -9.47
N LEU L 172 4.83 -12.00 -10.57
CA LEU L 172 3.37 -11.87 -10.52
C LEU L 172 2.68 -13.13 -10.00
N LYS L 173 3.33 -14.28 -10.14
CA LYS L 173 2.80 -15.55 -9.66
C LYS L 173 3.18 -15.83 -8.19
N GLY L 174 3.87 -14.88 -7.57
CA GLY L 174 4.18 -14.94 -6.15
C GLY L 174 5.47 -15.66 -5.85
N CYS L 175 6.32 -15.78 -6.86
CA CYS L 175 7.58 -16.49 -6.72
C CYS L 175 8.69 -15.58 -6.23
N ARG L 176 9.67 -16.20 -5.60
CA ARG L 176 10.95 -15.55 -5.37
C ARG L 176 11.74 -15.65 -6.66
N VAL L 177 12.17 -14.51 -7.17
CA VAL L 177 12.78 -14.44 -8.50
C VAL L 177 14.22 -13.96 -8.46
N VAL L 178 15.11 -14.81 -8.94
CA VAL L 178 16.53 -14.54 -8.96
C VAL L 178 17.07 -14.59 -10.38
N GLY L 179 17.68 -13.47 -10.79
CA GLY L 179 18.23 -13.35 -12.13
C GLY L 179 19.71 -13.60 -12.17
N ILE L 180 20.18 -14.15 -13.27
CA ILE L 180 21.60 -14.30 -13.52
C ILE L 180 21.92 -13.48 -14.77
N ALA L 181 22.81 -12.51 -14.62
CA ALA L 181 23.19 -11.62 -15.71
C ALA L 181 24.64 -11.13 -15.58
N GLY L 182 25.19 -10.69 -16.69
CA GLY L 182 26.59 -10.24 -16.75
C GLY L 182 26.71 -8.73 -16.62
N GLY L 183 27.36 -8.29 -15.54
CA GLY L 183 27.62 -6.86 -15.31
C GLY L 183 26.75 -6.24 -14.23
N ALA L 184 27.31 -5.24 -13.55
CA ALA L 184 26.65 -4.61 -12.38
C ALA L 184 25.39 -3.84 -12.76
N GLU L 185 25.41 -3.20 -13.92
CA GLU L 185 24.31 -2.35 -14.35
C GLU L 185 23.07 -3.19 -14.70
N LYS L 186 23.27 -4.26 -15.46
CA LYS L 186 22.19 -5.21 -15.76
C LYS L 186 21.54 -5.75 -14.49
N CYS L 187 22.36 -6.15 -13.52
CA CYS L 187 21.87 -6.74 -12.28
C CYS L 187 21.09 -5.75 -11.45
N ARG L 188 21.59 -4.52 -11.40
CA ARG L 188 20.88 -3.44 -10.74
C ARG L 188 19.51 -3.20 -11.39
N PHE L 189 19.51 -3.12 -12.71
CA PHE L 189 18.28 -2.92 -13.48
C PHE L 189 17.23 -4.00 -13.15
N LEU L 190 17.67 -5.25 -13.11
CA LEU L 190 16.78 -6.38 -12.80
C LEU L 190 16.08 -6.19 -11.45
N VAL L 191 16.85 -5.82 -10.45
CA VAL L 191 16.33 -5.70 -9.07
C VAL L 191 15.54 -4.40 -8.90
N GLU L 192 16.16 -3.28 -9.24
CA GLU L 192 15.59 -1.95 -8.96
C GLU L 192 14.46 -1.54 -9.90
N GLU L 193 14.56 -1.93 -11.16
CA GLU L 193 13.53 -1.56 -12.16
C GLU L 193 12.48 -2.66 -12.40
N LEU L 194 12.93 -3.89 -12.56
CA LEU L 194 12.01 -5.00 -12.92
C LEU L 194 11.43 -5.74 -11.71
N GLY L 195 11.97 -5.48 -10.52
CA GLY L 195 11.44 -6.04 -9.29
C GLY L 195 11.87 -7.47 -9.00
N PHE L 196 12.95 -7.92 -9.64
CA PHE L 196 13.57 -9.20 -9.28
C PHE L 196 13.98 -9.14 -7.80
N ASP L 197 13.83 -10.25 -7.09
CA ASP L 197 14.19 -10.30 -5.66
C ASP L 197 15.69 -10.28 -5.49
N GLY L 198 16.38 -10.84 -6.46
CA GLY L 198 17.82 -10.84 -6.45
C GLY L 198 18.40 -11.01 -7.82
N ALA L 199 19.68 -10.68 -7.93
CA ALA L 199 20.38 -10.76 -9.19
C ALA L 199 21.83 -11.12 -8.93
N ILE L 200 22.34 -12.10 -9.64
CA ILE L 200 23.71 -12.55 -9.46
C ILE L 200 24.53 -12.15 -10.68
N ASP L 201 25.59 -11.39 -10.44
CA ASP L 201 26.51 -10.96 -11.49
C ASP L 201 27.59 -12.01 -11.68
N TYR L 202 27.38 -12.91 -12.61
CA TYR L 202 28.28 -14.07 -12.78
C TYR L 202 29.67 -13.67 -13.28
N LYS L 203 29.77 -12.50 -13.89
CA LYS L 203 31.07 -11.99 -14.38
C LYS L 203 31.94 -11.41 -13.28
N ASN L 204 31.31 -10.94 -12.20
CA ASN L 204 32.03 -10.27 -11.10
C ASN L 204 31.95 -11.00 -9.77
N GLU L 205 31.27 -12.13 -9.75
CA GLU L 205 30.98 -12.85 -8.53
C GLU L 205 30.86 -14.35 -8.82
N ASP L 206 31.26 -15.19 -7.87
CA ASP L 206 31.13 -16.64 -8.03
C ASP L 206 29.65 -17.03 -8.04
N LEU L 207 29.22 -17.70 -9.10
CA LEU L 207 27.81 -18.04 -9.29
C LEU L 207 27.27 -18.94 -8.17
N ALA L 208 28.00 -20.00 -7.86
CA ALA L 208 27.62 -20.94 -6.80
C ALA L 208 27.39 -20.23 -5.46
N ALA L 209 28.31 -19.35 -5.09
CA ALA L 209 28.18 -18.57 -3.85
C ALA L 209 26.95 -17.67 -3.92
N GLY L 210 26.75 -17.05 -5.08
CA GLY L 210 25.58 -16.20 -5.32
C GLY L 210 24.28 -16.98 -5.14
N LEU L 211 24.24 -18.16 -5.73
CA LEU L 211 23.05 -19.03 -5.65
C LEU L 211 22.78 -19.48 -4.22
N LYS L 212 23.85 -19.81 -3.50
CA LYS L 212 23.75 -20.18 -2.09
C LYS L 212 23.11 -19.04 -1.27
N ARG L 213 23.56 -17.81 -1.52
CA ARG L 213 23.01 -16.64 -0.84
C ARG L 213 21.56 -16.34 -1.25
N GLU L 214 21.32 -16.30 -2.55
CA GLU L 214 20.03 -15.84 -3.11
C GLU L 214 18.93 -16.91 -3.10
N CYS L 215 19.32 -18.19 -3.06
CA CYS L 215 18.38 -19.31 -3.12
C CYS L 215 18.53 -20.28 -1.93
N PRO L 216 18.26 -19.80 -0.71
CA PRO L 216 18.47 -20.61 0.49
C PRO L 216 17.64 -21.89 0.54
N LYS L 217 16.48 -21.91 -0.11
CA LYS L 217 15.62 -23.09 -0.15
C LYS L 217 15.76 -23.90 -1.45
N GLY L 218 16.86 -23.71 -2.16
CA GLY L 218 17.07 -24.39 -3.44
C GLY L 218 16.30 -23.75 -4.59
N ILE L 219 16.47 -24.32 -5.78
CA ILE L 219 15.88 -23.77 -7.00
C ILE L 219 14.76 -24.67 -7.52
N ASP L 220 13.55 -24.14 -7.55
CA ASP L 220 12.36 -24.90 -7.98
C ASP L 220 12.15 -24.87 -9.49
N VAL L 221 12.42 -23.71 -10.08
CA VAL L 221 12.33 -23.54 -11.54
C VAL L 221 13.53 -22.82 -12.07
N PHE L 222 14.17 -23.41 -13.08
CA PHE L 222 15.24 -22.75 -13.79
C PHE L 222 14.82 -22.51 -15.24
N PHE L 223 14.74 -21.23 -15.58
CA PHE L 223 14.43 -20.78 -16.93
C PHE L 223 15.74 -20.49 -17.64
N ASP L 224 16.12 -21.37 -18.57
CA ASP L 224 17.46 -21.32 -19.18
C ASP L 224 17.45 -20.77 -20.60
N ASN L 225 18.11 -19.62 -20.76
CA ASN L 225 18.32 -19.00 -22.07
C ASN L 225 19.77 -19.08 -22.55
N VAL L 226 20.68 -19.53 -21.68
CA VAL L 226 22.12 -19.43 -21.95
C VAL L 226 22.88 -20.77 -21.99
N GLY L 227 22.49 -21.71 -21.14
CA GLY L 227 23.13 -23.02 -21.10
C GLY L 227 24.53 -22.98 -20.53
N GLY L 228 25.39 -23.85 -21.03
CA GLY L 228 26.79 -23.89 -20.66
C GLY L 228 27.04 -24.06 -19.17
N GLU L 229 28.07 -23.37 -18.68
CA GLU L 229 28.52 -23.49 -17.29
C GLU L 229 27.47 -22.98 -16.30
N ILE L 230 26.72 -21.96 -16.71
CA ILE L 230 25.66 -21.42 -15.86
C ILE L 230 24.61 -22.50 -15.55
N LEU L 231 24.18 -23.20 -16.58
CA LEU L 231 23.23 -24.32 -16.42
C LEU L 231 23.82 -25.38 -15.50
N ASP L 232 25.07 -25.74 -15.75
CA ASP L 232 25.73 -26.81 -14.99
C ASP L 232 25.81 -26.46 -13.51
N THR L 233 26.09 -25.19 -13.21
CA THR L 233 26.18 -24.73 -11.83
C THR L 233 24.80 -24.67 -11.16
N VAL L 234 23.79 -24.20 -11.90
CA VAL L 234 22.43 -24.15 -11.39
C VAL L 234 21.91 -25.57 -11.01
N LEU L 235 22.30 -26.56 -11.81
CA LEU L 235 21.93 -27.95 -11.55
C LEU L 235 22.35 -28.45 -10.16
N THR L 236 23.46 -27.93 -9.64
CA THR L 236 23.93 -28.34 -8.30
C THR L 236 23.03 -27.84 -7.17
N ARG L 237 22.13 -26.89 -7.49
CA ARG L 237 21.31 -26.24 -6.46
C ARG L 237 19.80 -26.43 -6.64
N ILE L 238 19.40 -27.25 -7.60
CA ILE L 238 17.97 -27.49 -7.82
C ILE L 238 17.34 -28.27 -6.68
N ALA L 239 16.08 -27.97 -6.41
CA ALA L 239 15.32 -28.63 -5.37
C ALA L 239 14.66 -29.91 -5.88
N PHE L 240 14.17 -30.69 -4.93
CA PHE L 240 13.32 -31.84 -5.21
C PHE L 240 12.17 -31.42 -6.15
N LYS L 241 12.00 -32.18 -7.23
CA LYS L 241 10.93 -31.97 -8.23
C LYS L 241 11.06 -30.64 -9.00
N ALA L 242 12.29 -30.16 -9.12
CA ALA L 242 12.57 -28.94 -9.86
C ALA L 242 12.22 -29.13 -11.33
N ARG L 243 11.89 -28.02 -11.98
CA ARG L 243 11.65 -28.00 -13.43
C ARG L 243 12.63 -27.05 -14.10
N ILE L 244 13.35 -27.57 -15.07
CA ILE L 244 14.26 -26.80 -15.89
C ILE L 244 13.68 -26.68 -17.28
N VAL L 245 13.41 -25.45 -17.71
CA VAL L 245 12.93 -25.21 -19.08
C VAL L 245 14.03 -24.64 -19.95
N LEU L 246 14.30 -25.33 -21.05
CA LEU L 246 15.32 -24.94 -22.01
C LEU L 246 14.69 -24.18 -23.17
N CYS L 247 15.07 -22.91 -23.30
CA CYS L 247 14.56 -22.04 -24.39
C CYS L 247 15.65 -21.65 -25.39
N GLY L 248 16.89 -21.76 -24.97
CA GLY L 248 18.03 -21.49 -25.84
C GLY L 248 19.35 -21.72 -25.14
N ALA L 249 20.44 -21.47 -25.87
CA ALA L 249 21.80 -21.59 -25.33
C ALA L 249 22.72 -20.66 -26.10
N ILE L 250 23.72 -20.09 -25.44
CA ILE L 250 24.65 -19.15 -26.08
C ILE L 250 25.47 -19.84 -27.17
N SER L 251 25.80 -21.10 -26.94
CA SER L 251 26.59 -21.90 -27.88
C SER L 251 25.80 -22.31 -29.11
N GLN L 252 24.48 -22.14 -29.02
CA GLN L 252 23.53 -22.76 -29.91
C GLN L 252 23.65 -22.32 -31.33
N TYR L 253 24.19 -21.11 -31.53
CA TYR L 253 24.21 -20.42 -32.81
C TYR L 253 25.64 -20.01 -33.16
N ARG L 260 29.94 -28.48 -25.33
CA ARG L 260 29.97 -29.23 -24.06
C ARG L 260 28.64 -29.34 -23.34
N GLY L 261 28.58 -30.37 -22.50
CA GLY L 261 27.36 -30.80 -21.82
C GLY L 261 27.39 -30.62 -20.32
N PRO L 262 26.21 -30.58 -19.68
CA PRO L 262 26.15 -30.42 -18.22
C PRO L 262 26.60 -31.67 -17.47
N ALA L 263 27.79 -31.60 -16.88
CA ALA L 263 28.37 -32.69 -16.10
C ALA L 263 27.54 -33.04 -14.87
N ASN L 264 26.75 -32.07 -14.40
CA ASN L 264 25.90 -32.26 -13.21
C ASN L 264 24.47 -32.72 -13.52
N TYR L 265 24.26 -33.26 -14.71
CA TYR L 265 22.92 -33.63 -15.16
C TYR L 265 22.25 -34.68 -14.26
N LEU L 266 23.05 -35.49 -13.59
CA LEU L 266 22.52 -36.52 -12.68
C LEU L 266 21.82 -35.92 -11.46
N SER L 267 22.01 -34.63 -11.25
CA SER L 267 21.21 -33.91 -10.25
C SER L 267 19.72 -34.09 -10.53
N LEU L 268 19.37 -34.27 -11.80
CA LEU L 268 17.98 -34.56 -12.20
C LEU L 268 17.47 -35.88 -11.60
N LEU L 269 18.38 -36.84 -11.47
CA LEU L 269 18.08 -38.14 -10.82
C LEU L 269 17.97 -37.97 -9.31
N VAL L 270 19.01 -37.42 -8.71
CA VAL L 270 19.07 -37.20 -7.27
C VAL L 270 17.84 -36.44 -6.74
N ASN L 271 17.46 -35.40 -7.50
CA ASN L 271 16.34 -34.54 -7.13
C ASN L 271 15.02 -34.87 -7.83
N ARG L 272 15.04 -35.94 -8.63
CA ARG L 272 13.85 -36.41 -9.36
C ARG L 272 13.16 -35.23 -10.04
N ALA L 273 13.98 -34.54 -10.80
CA ALA L 273 13.63 -33.29 -11.44
C ALA L 273 13.51 -33.49 -12.93
N ARG L 274 12.95 -32.49 -13.60
CA ARG L 274 12.63 -32.55 -15.02
C ARG L 274 13.35 -31.43 -15.80
N MET L 275 13.93 -31.80 -16.93
CA MET L 275 14.53 -30.86 -17.86
C MET L 275 13.85 -31.01 -19.21
N GLU L 276 13.29 -29.90 -19.70
CA GLU L 276 12.43 -29.95 -20.89
C GLU L 276 12.62 -28.76 -21.81
N GLY L 277 12.68 -29.07 -23.10
CA GLY L 277 12.81 -28.04 -24.14
C GLY L 277 11.46 -27.59 -24.65
N MET L 278 11.42 -26.34 -25.12
CA MET L 278 10.20 -25.80 -25.73
C MET L 278 10.53 -24.83 -26.87
N VAL L 279 9.55 -24.67 -27.75
CA VAL L 279 9.61 -23.68 -28.83
C VAL L 279 8.24 -23.00 -28.94
N VAL L 280 8.26 -21.67 -29.02
CA VAL L 280 7.04 -20.88 -28.85
C VAL L 280 5.98 -21.15 -29.92
N MET L 281 6.40 -21.47 -31.14
CA MET L 281 5.41 -21.73 -32.21
C MET L 281 4.51 -22.95 -31.94
N ASP L 282 4.97 -23.85 -31.08
CA ASP L 282 4.11 -24.99 -30.65
C ASP L 282 2.87 -24.52 -29.90
N TYR L 283 2.89 -23.28 -29.41
CA TYR L 283 1.76 -22.71 -28.67
C TYR L 283 0.87 -21.74 -29.45
N ALA L 284 1.05 -21.72 -30.78
CA ALA L 284 0.34 -20.76 -31.66
C ALA L 284 -1.16 -20.69 -31.43
N GLN L 285 -1.80 -21.84 -31.23
CA GLN L 285 -3.25 -21.91 -31.01
C GLN L 285 -3.70 -21.21 -29.69
N ARG L 286 -2.76 -21.00 -28.78
CA ARG L 286 -3.06 -20.34 -27.49
C ARG L 286 -2.56 -18.89 -27.41
N PHE L 287 -2.00 -18.39 -28.51
CA PHE L 287 -1.55 -17.00 -28.56
C PHE L 287 -2.61 -15.99 -28.13
N PRO L 288 -3.85 -16.11 -28.60
CA PRO L 288 -4.82 -15.07 -28.26
C PRO L 288 -5.01 -14.86 -26.76
N GLU L 289 -5.12 -15.95 -26.00
CA GLU L 289 -5.32 -15.84 -24.54
C GLU L 289 -4.05 -15.33 -23.87
N GLY L 290 -2.90 -15.78 -24.36
CA GLY L 290 -1.61 -15.34 -23.86
C GLY L 290 -1.38 -13.86 -24.09
N LEU L 291 -1.61 -13.42 -25.32
CA LEU L 291 -1.45 -12.02 -25.71
C LEU L 291 -2.39 -11.13 -24.93
N LYS L 292 -3.64 -11.59 -24.78
CA LYS L 292 -4.64 -10.85 -24.05
C LYS L 292 -4.20 -10.61 -22.60
N GLU L 293 -3.73 -11.65 -21.93
CA GLU L 293 -3.29 -11.49 -20.55
C GLU L 293 -2.06 -10.59 -20.45
N MET L 294 -1.07 -10.85 -21.31
CA MET L 294 0.15 -10.05 -21.34
C MET L 294 -0.17 -8.55 -21.54
N ALA L 295 -1.09 -8.26 -22.46
CA ALA L 295 -1.48 -6.88 -22.75
C ALA L 295 -2.02 -6.16 -21.52
N THR L 296 -2.82 -6.86 -20.71
CA THR L 296 -3.37 -6.26 -19.48
C THR L 296 -2.26 -6.01 -18.44
N TRP L 297 -1.32 -6.93 -18.31
CA TRP L 297 -0.20 -6.74 -17.40
C TRP L 297 0.62 -5.53 -17.77
N LEU L 298 0.88 -5.39 -19.07
CA LEU L 298 1.57 -4.21 -19.60
C LEU L 298 0.79 -2.92 -19.32
N ALA L 299 -0.50 -2.92 -19.66
CA ALA L 299 -1.36 -1.74 -19.51
C ALA L 299 -1.44 -1.29 -18.06
N GLU L 300 -1.48 -2.26 -17.14
CA GLU L 300 -1.60 -1.97 -15.71
C GLU L 300 -0.26 -1.58 -15.07
N GLY L 301 0.82 -1.67 -15.82
CA GLY L 301 2.16 -1.36 -15.31
C GLY L 301 2.76 -2.46 -14.44
N LYS L 302 2.14 -3.63 -14.45
CA LYS L 302 2.62 -4.78 -13.67
C LYS L 302 3.82 -5.43 -14.33
N LEU L 303 3.95 -5.22 -15.63
CA LEU L 303 5.04 -5.78 -16.40
C LEU L 303 5.59 -4.71 -17.35
N GLN L 304 6.91 -4.62 -17.45
CA GLN L 304 7.58 -3.64 -18.30
C GLN L 304 8.28 -4.31 -19.47
N SER L 305 8.23 -3.66 -20.61
CA SER L 305 8.86 -4.12 -21.83
C SER L 305 9.66 -3.00 -22.48
N ARG L 306 10.91 -3.29 -22.80
CA ARG L 306 11.77 -2.32 -23.46
C ARG L 306 12.18 -2.73 -24.87
N GLU L 307 12.00 -1.82 -25.81
CA GLU L 307 12.41 -2.05 -27.19
C GLU L 307 13.51 -1.07 -27.58
N ASP L 308 14.53 -1.58 -28.25
CA ASP L 308 15.57 -0.76 -28.86
C ASP L 308 15.30 -0.64 -30.36
N ILE L 309 14.78 0.51 -30.77
CA ILE L 309 14.35 0.73 -32.15
C ILE L 309 15.42 1.45 -32.97
N VAL L 310 15.91 0.77 -34.01
CA VAL L 310 16.85 1.34 -34.97
C VAL L 310 16.13 1.54 -36.31
N GLU L 311 16.41 2.66 -36.99
CA GLU L 311 15.65 3.06 -38.17
C GLU L 311 16.39 2.78 -39.48
N GLY L 312 15.65 2.24 -40.44
CA GLY L 312 16.13 2.10 -41.81
C GLY L 312 16.47 0.68 -42.22
N LEU L 313 15.68 0.13 -43.13
CA LEU L 313 15.89 -1.21 -43.69
C LEU L 313 17.34 -1.38 -44.20
N GLU L 314 17.85 -0.34 -44.86
CA GLU L 314 19.18 -0.35 -45.48
C GLU L 314 20.31 -0.58 -44.47
N THR L 315 20.08 -0.23 -43.21
CA THR L 315 21.09 -0.43 -42.15
C THR L 315 21.16 -1.86 -41.61
N PHE L 316 20.33 -2.75 -42.14
CA PHE L 316 20.17 -4.10 -41.59
C PHE L 316 21.47 -4.86 -41.23
N PRO L 317 22.40 -5.01 -42.19
CA PRO L 317 23.64 -5.75 -41.90
C PRO L 317 24.45 -5.20 -40.72
N GLU L 318 24.55 -3.89 -40.63
CA GLU L 318 25.25 -3.24 -39.52
C GLU L 318 24.44 -3.36 -38.21
N THR L 319 23.15 -3.06 -38.29
CA THR L 319 22.26 -3.12 -37.12
C THR L 319 22.21 -4.53 -36.51
N LEU L 320 22.25 -5.54 -37.38
CA LEU L 320 22.31 -6.93 -36.95
C LEU L 320 23.51 -7.24 -36.04
N LEU L 321 24.65 -6.62 -36.32
CA LEU L 321 25.85 -6.78 -35.48
C LEU L 321 25.65 -6.26 -34.06
N LYS L 322 24.81 -5.24 -33.90
CA LYS L 322 24.48 -4.69 -32.57
C LYS L 322 23.88 -5.76 -31.63
N LEU L 323 23.33 -6.79 -32.23
CA LEU L 323 22.79 -7.94 -31.51
C LEU L 323 23.88 -8.68 -30.72
N PHE L 324 25.10 -8.66 -31.25
CA PHE L 324 26.25 -9.34 -30.64
C PHE L 324 27.23 -8.41 -29.92
N SER L 325 26.75 -7.22 -29.54
CA SER L 325 27.55 -6.24 -28.81
C SER L 325 27.50 -6.46 -27.30
N GLY L 326 26.56 -7.29 -26.86
CA GLY L 326 26.43 -7.70 -25.47
C GLY L 326 25.89 -6.64 -24.56
N GLU L 327 26.01 -5.39 -24.99
CA GLU L 327 25.70 -4.22 -24.18
C GLU L 327 24.32 -3.68 -24.62
N ASN L 328 23.75 -4.35 -25.62
CA ASN L 328 22.38 -4.05 -26.13
C ASN L 328 21.46 -3.73 -24.99
N PHE L 329 20.59 -2.71 -25.11
CA PHE L 329 19.54 -2.50 -24.10
C PHE L 329 18.09 -2.57 -24.60
N GLY L 330 17.59 -3.79 -24.52
CA GLY L 330 16.23 -4.12 -24.85
C GLY L 330 16.11 -4.80 -26.20
N LYS L 331 14.91 -5.32 -26.45
CA LYS L 331 14.61 -6.10 -27.64
C LYS L 331 14.90 -5.28 -28.90
N LEU L 332 15.75 -5.85 -29.77
CA LEU L 332 16.21 -5.12 -30.95
C LEU L 332 15.18 -5.18 -32.09
N VAL L 333 14.74 -3.99 -32.50
CA VAL L 333 13.70 -3.85 -33.51
C VAL L 333 14.17 -2.89 -34.61
N LEU L 334 13.98 -3.30 -35.86
CA LEU L 334 14.34 -2.48 -37.02
C LEU L 334 13.08 -1.87 -37.63
N LYS L 335 12.99 -0.55 -37.57
CA LYS L 335 11.91 0.17 -38.24
C LYS L 335 12.23 0.25 -39.73
N VAL L 336 11.31 -0.29 -40.56
CA VAL L 336 11.51 -0.38 -42.02
C VAL L 336 10.77 0.73 -42.77
O1 MES M . -14.85 12.63 28.45
C2 MES M . -14.16 12.81 29.67
C3 MES M . -13.03 13.82 29.43
N4 MES M . -13.37 14.86 28.43
C5 MES M . -14.83 15.06 28.19
C6 MES M . -15.65 13.77 28.14
C7 MES M . -12.61 16.13 28.76
C8 MES M . -13.09 17.44 28.13
S MES M . -11.94 18.69 28.27
O1S MES M . -12.62 19.94 27.91
O2S MES M . -10.82 18.39 27.40
O3S MES M . -11.42 18.73 29.64
O1 MES N . 30.40 28.12 -32.56
C2 MES N . 29.32 27.20 -32.67
C3 MES N . 29.21 26.59 -34.07
N4 MES N . 30.29 26.99 -35.01
C5 MES N . 31.63 27.04 -34.38
C6 MES N . 31.63 27.51 -32.93
C7 MES N . 30.26 26.04 -36.15
C8 MES N . 31.38 26.21 -37.19
S MES N . 30.83 25.65 -38.67
O1S MES N . 32.25 25.58 -39.18
O2S MES N . 30.90 24.20 -39.00
O3S MES N . 30.56 26.64 -39.75
O1 MES O . 13.04 -18.31 27.07
C2 MES O . 12.35 -18.66 28.26
C3 MES O . 11.20 -19.60 27.89
N4 MES O . 11.42 -20.45 26.68
C5 MES O . 12.86 -20.63 26.32
C6 MES O . 13.74 -19.40 26.51
C7 MES O . 10.69 -21.74 26.83
C8 MES O . 11.25 -22.96 26.08
S MES O . 10.14 -24.22 25.99
O1S MES O . 9.03 -23.84 25.08
O2S MES O . 9.62 -24.49 27.34
O3S MES O . 10.84 -25.41 25.41
O1 MES P . 23.30 10.55 45.12
C2 MES P . 24.32 11.11 45.95
C3 MES P . 23.85 12.36 46.68
N4 MES P . 23.25 13.33 45.74
C5 MES P . 22.13 12.71 44.99
C6 MES P . 22.02 11.20 45.19
C7 MES P . 22.76 14.54 46.45
C8 MES P . 23.89 15.30 47.13
S MES P . 23.75 16.95 46.92
O1S MES P . 25.15 17.08 47.38
O2S MES P . 24.29 17.47 45.63
O3S MES P . 23.53 17.87 48.08
O1 MES Q . -26.45 -23.14 -39.11
C2 MES Q . -27.32 -23.50 -40.19
C3 MES Q . -26.64 -23.32 -41.55
N4 MES Q . -25.79 -22.12 -41.57
C5 MES Q . -24.68 -22.27 -40.58
C6 MES Q . -25.06 -23.21 -39.42
C7 MES Q . -25.21 -21.88 -42.92
C8 MES Q . -26.33 -21.69 -43.96
S MES Q . -25.90 -20.61 -45.18
O1S MES Q . -27.11 -21.06 -45.92
O2S MES Q . -26.61 -19.31 -45.23
O3S MES Q . -25.17 -21.13 -46.39
#